data_6SWD
#
_entry.id   6SWD
#
_cell.length_a   1.00
_cell.length_b   1.00
_cell.length_c   1.00
_cell.angle_alpha   90.00
_cell.angle_beta   90.00
_cell.angle_gamma   90.00
#
_symmetry.space_group_name_H-M   'P 1'
#
loop_
_entity.id
_entity.type
_entity.pdbx_description
1 polymer '16S ribosomal RNA'
2 polymer '30S ribosomal protein S3Ae'
3 polymer '30S ribosomal protein S2'
4 polymer 'Zn-ribbon RNA-binding protein involved in translation'
5 polymer '30S ribosomal protein S4'
6 polymer '30S ribosomal protein S4e'
7 polymer '30S ribosomal protein S5'
8 polymer '30S ribosomal protein S6e'
9 polymer '30S ribosomal protein S8'
10 polymer '30S ribosomal protein S8e'
11 polymer '30S ribosomal protein S11'
12 polymer '30S ribosomal protein S12'
13 polymer '30S ribosomal protein S15'
14 polymer '30S ribosomal protein S17'
15 polymer '30S ribosomal protein S24e'
16 polymer '30S ribosomal protein S27e'
17 polymer '30S ribosomal protein aL41'
18 polymer mRNA
19 polymer 'Translation initiation factor 1A'
20 non-polymer 'MAGNESIUM ION'
21 non-polymer 'ZINC ION'
22 water water
#
loop_
_entity_poly.entity_id
_entity_poly.type
_entity_poly.pdbx_seq_one_letter_code
_entity_poly.pdbx_strand_id
1 'polyribonucleotide'
;AUUC(4AC)GGUUGAUCCUGCCGGAGGCCACUGCUAUGGGGGUC(4AC)GACUAAGCCAUGCGAGUCAAGGGGGCGUCCC
UUCUGGGACGCCACCGGCGGACGGCUCAGUAACACGUCGGUAACCUACCCUCGGGAGGGGGAUAACCCCGGGAAACUGGG
GCUAAUCCCCCAUAGGCCUGGGGUACUGGAAGGUCCCCAGGCCGAAAGGGAGCCGUAAGGCUCCGCCCGAGGAUGGGCCG
GCGGC(LHH)GAUUAGGUAGUUGGUGGGGUAACGGCCCACCAAGC(4AC)GAAGAUCGGUACGGGC(4AC)GUGAGAGCG
GGAGCC(4AC)GGAGAUGGACACUGAGACACGGGUCCAGGCCCUACGGGGCGCAGCAGGCGCGA(A2M)ACCUC(4AC)G
CAAUGCGGGAAAC(4AC)GCGACGGGGGGACCCCCAGUGCCGUGCCUCUGGCACGGCUUUUCCGGAGUGUAAAAAGCUCC
GGGAAUAAGGGCUGGGCAAGGC(4AC)GGUGGCAGCCGCCGCGGUAAUACCGGCGGCC(4AC)GAGUGGUGGCCACUAUU
AUUGGGCCUAAAGCGGC(4AC)GUAGCCGGGCCCGUAAGUCCCUGGCGAAAUCCCACGGCUCAAC(4AC)GUGGGGCUCG
CUGGGGAUACUGCGGGCCUUGGGAC(4AC)GGGAGAGGC(4AC)GGGGGUACCCC(4AC)GGGGUAGGGGUGAAAUCCUA
UAAUCCCGGGGGGACCGCCAGUGGCGAAGGCGCC(4AC)GGCUGGAACGGGUC(4AC)GACGGUGAGGGC(4AC)GAAGG
CCAGGGGAGCGAAC(4AC)GGAUUAGAUACCCGGGUAGUCCUGGCUGUAAAGGAUGCGGGCUAGGUGUCGGGCGAGCUUC
GAGCUCGCCCGGUGC(4AC)GUAGGGAAGC(4AC)GUUAAGCC(4AC)GC(4AC)GCCUGGGGAGUACGGC(4AC)GCAA
GGCUGAAACUUAAAGGAAUUGGCGGGGGAGCCUGCUCCUUGCACACACCG(OMC)C(5HM)GUCACUCCACCCGAGCGGG
GCCUAGGUGAGGCCCGAUCUCCUUCGGGAGGUCGGGUCGAGCCUAGGCUCCGUGAGGGGGGAGAAGUCG(UR3)A(6MZ)
CAAGGUAGC(4AC)GUAGGGG(MA6)(MA6)CCUACGGCUCGAUCACCUCCU
;
2
2 'polypeptide(L)'
;MAAKRRVSAAKDKWKLKQWYVIYAPDFFGGVEVGLTPADDPEKVLNRVVEVTLKDITGDFLKGHVKLYFQVYDVKGQNAY
TKFKGMKLARSYIRSLVRRRTTRIDGIFNITTKDGYKLRVMAMVIAARRIQTSQERAIRKIMQEIIYKKAEELNFKDFVL
EAVNGKIAAEIAKEAKKIYPLKKAEIRKIKVLGEPEVAA
;
A
3 'polypeptide(L)'
;MADEYLVPLDQYLAAGVHIGTQQKTKDMKKFIYRVRQDGLYVLDVRKTDERLKVAGKFLARFDPQSILAVSVRLYGQKPV
KKFGEVTGARAIPGRFLPGTMTNPAVKNFFEPDVIIITDPRADHQAMKEAIEIGIPIVALVDTENLLSYVDLAIPTNNKG
RKALALIYWILAREILYNRGEISSREEFKIPVEEFEMKIVRR
;
B
4 'polypeptide(L)' MAENVELKFEIPVCTSCGREITPREHATHFVCPNCGEAIIWRCETCRLLAKPYKCPKCGWEGP C
5 'polypeptide(L)'
;MGDPKRQRKKYETPPHPWIKERLDRERVLMDKYELKNKKELWKHETQLKNFRRRARRLLAARGKQAEIEREQLLARLKRL
GLLPEDAVLDDVLSLTIEDILERRLQTIVYKKGLARTMRQARQLIVHGHIEVNGQIIRSPSYLVLKEEEDTITYARTSPF
ANPQHPERMMIEKAKQGGEA
;
D
6 'polypeptide(L)'
;MARKGPKRHLKRLAAPTSWYIERKAYKWAVRPRPGPHNMRTSIPLLYIVRDYLGYAKTAREARKILNEGKFLVDGRVRKD
YKFPVGIMDVVSIPETGEHYRVLPNRIGKLILHPISEEEANIKPLRIRNKRMVKGAKIQLNFHDGTNHLIPLSEKDNYFT
SYTVLMKVPEREILEVLPFEKGAYVFVTQGKNVARKGRIVEIKKFPMGWPDVVTIEDEEGELFDTLKEYAFVVGRDKPRI
SLP
;
E
7 'polypeptide(L)'
;MSQEWKEYAKRVLDEWQPKTKLGMLVKEGQITDIHEIFRKGYQIKEPEIIDVLLPEVNARENQEILDIALTVRMTDSGRR
VRFRVLAAVGNRDGYVGLGIGHGREVGIAIRKAINYAKLNIIEIKRGCGSWECRCRRPHSVPFTVEGKEGSVRVKLIPGP
RGLGLVIGDVGKKILRLAGIQDVWSQTLGETRTTVNFAKAVFNALYNTNKVVVTPEMIERYGIVVGRAMPASFTLE
;
F
8 'polypeptide(L)'
;MATFKLVISDPKTGIAKQIEITGPEAEKLIGKRIGDQIPVKELGINLNELFGKEFPEDVKMEIRGGTDKDGFPMRPDIHG
PRRVRILLSKGPGFRPKEKGERRKKTVRGNTISPEIVQVNVKLVY
;
G
9 'polypeptide(L)'
;MTLLDPLANALSHITNSERVGKREVYIKPASKLIGEVLRVMQKYGYIGEFEFIDDGRAGVYRVQLLGKINKAGAIKPRFP
VKARDYERWEKRFLPAFEFGILIVSTSQGVMSHKEAREKGIGGRLIAYVY
;
I
10 'polypeptide(L)'
;MAIWQGRSLRKPSGGRIVLARKKRKRELGREPSNTRVAEQDKRKIIRTYGGNKKVRLTAAAYANVFDKSGKGRKVRIIRV
IENPANRQFARRNIITKGAIIETEIGKAKVTSRPGQDGVVNAILLEE
;
J
11 'polypeptide(L)'
;MSEEQVNIKKKEKWGIAHIYSSYNNTIIHITDITGAETISRWSGGMVVKADRDEPSPYAAMLAARRAAEEALEKGIVGVH
IRVRAPGGSKSKTPGPGAQAAIRALARAGLKIGRVEDVTPIPHDGTRPKGGRRGRRV
;
M
12 'polypeptide(L)'
;MPGKKAPNGEFAGRKLKLKRKKFRWSDIRYKRRVLRLKEKSDPLEGAPQARGIVLEKIAVEAKQPNSGMRKAVRVQLIKN
GKVVTAFCPGDGAIKFIDEHDEVIIEGIGGPKGGSMGDIPGIRYKVVKVNRVSLKELVKGRKEKPRR
;
N
13 'polypeptide(L)'
;MARMHARKRGKSGSKRPPRTAPPIWLEYTVEDIENLVVKLRKEGYSTAMIGTILRDQYGIPTVKLFRDPDNPNRKLTITR
ILEKHGLAPEIPEDLMFLIKRAVNLRKHLEQHPKDLHSMRGLQLIESKIRRLVKYYKRKGKLPKDWRYDPEQAKLLVR
;
Q
14 'polypeptide(L)'
;MVRDIGLRIQPPAEKCDDPKCPWHGHLKIHGRVFEGIVVSDKPRKTVTVERQYYHYLKKYERYELRRSRIHAHNPPCINA
KVGDRVLIAETRPLSKTKHFVVVAVLERAEERR
;
R
15 'polypeptide(L)'
;MEIKITEVKENKLIGRKEIYFEIYHPGEPTPSRKDVKGKLVAMLDLNPETTVIQYIRSYFGSYKSKGYAKYYYDKDRMLY
IEPEYILIRDGIIEKKEGE
;
V
16 'polypeptide(L)' MALPRNVIPMPRSRFLRVKCIDCGNEQIVFSHPATRVRCNVCGATLVEPTGGKGIIRAKILEVLE W
17 'polypeptide(L)' MKRRPRKWKKKGRMRWKWIKKRIRRLKRQRKKERGL 0
18 'polyribonucleotide' UGGAGGUGAUUUAAAUGCCA 5
19 'polypeptide(L)'
;MPKKERKVEGDEVIRVPLPEGNQLFGVVEQALGAGWMDVRCEDGKIRRCRIPGKLRRRVWIRVGDLVIVQPWPVQSDKRG
DIVYRYTQTQVDWLLRKGKITQEFLTGGSLLVE
;
6
#
loop_
_chem_comp.id
_chem_comp.type
_chem_comp.name
_chem_comp.formula
4AC RNA linking N(4)-ACETYLCYTIDINE-5'-MONOPHOSPHATE 'C11 H16 N3 O9 P'
5HM RNA linking '5-(hydroxymethyl)cytidine 5'-(dihydrogen phosphate)' 'C10 H16 N3 O9 P'
6MZ RNA linking N6-METHYLADENOSINE-5'-MONOPHOSPHATE 'C11 H16 N5 O7 P'
A RNA linking ADENOSINE-5'-MONOPHOSPHATE 'C10 H14 N5 O7 P'
A2M RNA linking '2'-O-methyladenosine 5'-(dihydrogen phosphate)' 'C11 H16 N5 O7 P'
C RNA linking CYTIDINE-5'-MONOPHOSPHATE 'C9 H14 N3 O8 P'
G RNA linking GUANOSINE-5'-MONOPHOSPHATE 'C10 H14 N5 O8 P'
LHH RNA linking '[(2~{R},3~{R},4~{R},5~{R})-5-(4-acetamido-2-oxidanylidene-pyrimidin-1-yl)-4-methoxy-3-oxidanyl-oxolan-2-yl]methyl dihydrogen phosphate' 'C12 H18 N3 O9 P'
MA6 RNA linking 6N-DIMETHYLADENOSINE-5'-MONOPHOSHATE 'C12 H18 N5 O7 P'
MG non-polymer 'MAGNESIUM ION' 'Mg 2'
OMC RNA linking O2'-METHYLYCYTIDINE-5'-MONOPHOSPHATE 'C10 H16 N3 O8 P'
U RNA linking URIDINE-5'-MONOPHOSPHATE 'C9 H13 N2 O9 P'
UR3 RNA linking 3-METHYLURIDINE-5'-MONOPHOSHATE 'C10 H15 N2 O9 P'
ZN non-polymer 'ZINC ION' 'Zn 2'
#
# COMPACT_ATOMS: atom_id res chain seq x y z
P 4AC A 5 2.57 -0.25 -27.98
OP1 4AC A 5 3.80 -0.24 -28.82
OP2 4AC A 5 2.32 0.87 -27.04
O5' 4AC A 5 1.34 -0.41 -28.95
C5' 4AC A 5 1.04 0.56 -29.93
C4' 4AC A 5 -0.37 0.42 -30.42
O4' 4AC A 5 -1.17 -0.21 -29.40
C3' 4AC A 5 -1.10 1.72 -30.69
O3' 4AC A 5 -0.78 2.28 -31.94
C2' 4AC A 5 -2.55 1.28 -30.59
O2' 4AC A 5 -2.93 0.59 -31.75
C1' 4AC A 5 -2.49 0.30 -29.44
N1 4AC A 5 -2.78 0.93 -28.13
C2 4AC A 5 -4.03 1.52 -27.89
O2 4AC A 5 -4.91 1.54 -28.73
N3 4AC A 5 -4.29 2.08 -26.67
C4 4AC A 5 -3.41 2.08 -25.77
N4 4AC A 5 -3.73 2.66 -24.57
C5 4AC A 5 -2.10 1.49 -25.95
C6 4AC A 5 -1.85 0.95 -27.12
C7 4AC A 5 -3.00 2.81 -23.43
O7 4AC A 5 -1.86 2.44 -23.21
CM7 4AC A 5 -3.78 3.52 -22.38
P 4AC A 41 -35.55 -22.56 -14.09
OP1 4AC A 41 -35.71 -21.72 -12.87
OP2 4AC A 41 -36.08 -23.95 -14.10
O5' 4AC A 41 -36.28 -21.79 -15.26
C5' 4AC A 41 -36.01 -20.42 -15.51
C4' 4AC A 41 -36.86 -19.91 -16.64
O4' 4AC A 41 -36.50 -20.58 -17.86
C3' 4AC A 41 -38.34 -20.13 -16.53
O3' 4AC A 41 -38.98 -19.21 -15.67
C2' 4AC A 41 -38.79 -20.01 -17.97
O2' 4AC A 41 -38.78 -18.66 -18.37
C1' 4AC A 41 -37.63 -20.69 -18.69
N1 4AC A 41 -37.88 -22.12 -18.96
C2 4AC A 41 -38.59 -22.48 -20.11
O2 4AC A 41 -39.03 -21.61 -20.85
N3 4AC A 41 -38.81 -23.80 -20.41
C4 4AC A 41 -38.37 -24.69 -19.62
N4 4AC A 41 -38.61 -26.00 -19.95
C5 4AC A 41 -37.61 -24.39 -18.42
C6 4AC A 41 -37.39 -23.12 -18.16
C7 4AC A 41 -38.24 -27.15 -19.30
O7 4AC A 41 -37.61 -27.27 -18.27
CM7 4AC A 41 -38.73 -28.35 -20.02
C4 LHH A 238 -23.75 0.63 8.18
C5 LHH A 238 -22.60 -0.03 7.82
C6 LHH A 238 -22.07 0.21 6.54
N1 LHH A 238 -22.69 1.04 5.74
C7 LHH A 238 -23.99 -0.39 10.59
N3 LHH A 238 -24.31 1.45 7.32
N4 LHH A 238 -24.44 0.48 9.49
C1 LHH A 238 -22.92 3.90 2.82
C2 LHH A 238 -23.79 1.66 6.14
C1' LHH A 238 -22.22 1.39 4.39
C2' LHH A 238 -21.49 2.73 4.39
C3' LHH A 238 -20.07 2.25 4.61
C4' LHH A 238 -20.02 1.06 3.70
C5' LHH A 238 -18.92 0.08 3.96
CM7 LHH A 238 -24.79 -0.44 11.90
O2 LHH A 238 -24.31 2.39 5.42
O2' LHH A 238 -21.63 3.29 3.09
O3' LHH A 238 -19.08 3.22 4.36
O4' LHH A 238 -21.29 0.42 3.95
O5' LHH A 238 -19.23 -0.68 5.10
O7 LHH A 238 -23.00 -1.04 10.48
OP1 LHH A 238 -16.87 -1.19 5.07
OP2 LHH A 238 -18.31 -1.50 7.25
P LHH A 238 -18.14 -1.61 5.76
P 4AC A 274 -21.14 -2.88 30.38
OP1 4AC A 274 -20.53 -4.22 30.13
OP2 4AC A 274 -20.25 -1.79 30.91
O5' 4AC A 274 -21.77 -2.37 29.04
C5' 4AC A 274 -20.98 -2.23 27.87
C4' 4AC A 274 -21.79 -1.63 26.77
O4' 4AC A 274 -22.91 -0.91 27.32
C3' 4AC A 274 -21.06 -0.59 25.95
O3' 4AC A 274 -20.19 -1.16 25.00
C2' 4AC A 274 -22.21 0.20 25.36
O2' 4AC A 274 -22.82 -0.51 24.30
C1' 4AC A 274 -23.18 0.23 26.54
N1 4AC A 274 -22.96 1.42 27.38
C2 4AC A 274 -23.20 2.70 26.85
O2 4AC A 274 -23.62 2.81 25.71
N3 4AC A 274 -22.99 3.81 27.61
C4 4AC A 274 -22.56 3.66 28.80
N4 4AC A 274 -22.35 4.78 29.55
C5 4AC A 274 -22.28 2.38 29.39
C6 4AC A 274 -22.48 1.30 28.65
C7 4AC A 274 -21.90 4.89 30.84
O7 4AC A 274 -21.58 4.02 31.61
CM7 4AC A 274 -21.82 6.34 31.24
P 4AC A 291 -18.37 -23.42 -7.68
OP1 4AC A 291 -18.36 -24.48 -8.72
OP2 4AC A 291 -17.06 -22.97 -7.11
O5' 4AC A 291 -19.10 -22.15 -8.28
C5' 4AC A 291 -20.21 -22.29 -9.14
C4' 4AC A 291 -20.70 -20.96 -9.62
O4' 4AC A 291 -20.96 -20.11 -8.48
C3' 4AC A 291 -19.74 -20.13 -10.46
O3' 4AC A 291 -19.66 -20.55 -11.81
C2' 4AC A 291 -20.29 -18.73 -10.28
O2' 4AC A 291 -21.46 -18.56 -11.05
C1' 4AC A 291 -20.70 -18.77 -8.82
N1 4AC A 291 -19.65 -18.24 -7.94
C2 4AC A 291 -19.46 -16.86 -7.91
O2 4AC A 291 -20.12 -16.15 -8.62
N3 4AC A 291 -18.50 -16.33 -7.09
C4 4AC A 291 -17.81 -17.10 -6.35
N4 4AC A 291 -16.86 -16.55 -5.54
C5 4AC A 291 -17.96 -18.54 -6.33
C6 4AC A 291 -18.89 -19.05 -7.12
C7 4AC A 291 -15.99 -17.15 -4.67
O7 4AC A 291 -15.86 -18.34 -4.42
CM7 4AC A 291 -15.11 -16.15 -3.98
P 4AC A 307 -32.05 -30.59 1.69
OP1 4AC A 307 -32.52 -31.72 2.52
OP2 4AC A 307 -33.06 -29.69 1.07
O5' 4AC A 307 -31.08 -29.73 2.60
C5' 4AC A 307 -30.23 -30.35 3.53
C4' 4AC A 307 -29.41 -29.33 4.28
O4' 4AC A 307 -28.84 -28.39 3.34
C3' 4AC A 307 -30.15 -28.45 5.22
O3' 4AC A 307 -30.50 -29.10 6.43
C2' 4AC A 307 -29.20 -27.28 5.39
O2' 4AC A 307 -28.09 -27.67 6.17
C1' 4AC A 307 -28.69 -27.14 3.97
N1 4AC A 307 -29.41 -26.13 3.19
C2 4AC A 307 -28.96 -24.81 3.22
O2 4AC A 307 -28.00 -24.52 3.90
N3 4AC A 307 -29.61 -23.84 2.50
C4 4AC A 307 -30.61 -24.16 1.80
N4 4AC A 307 -31.24 -23.16 1.08
C5 4AC A 307 -31.11 -25.51 1.71
C6 4AC A 307 -30.50 -26.43 2.42
C7 4AC A 307 -32.34 -23.24 0.25
O7 4AC A 307 -33.01 -24.22 -0.03
CM7 4AC A 307 -32.70 -21.92 -0.34
P A2M A 361 -42.22 -6.35 -23.27
OP1 A2M A 361 -42.92 -7.10 -24.36
O5' A2M A 361 -41.35 -7.41 -22.48
C5' A2M A 361 -41.18 -8.67 -23.08
C4' A2M A 361 -40.05 -9.36 -22.36
O4' A2M A 361 -39.34 -8.35 -21.68
C3' A2M A 361 -40.54 -10.28 -21.28
O3' A2M A 361 -40.87 -11.59 -21.76
C2' A2M A 361 -39.47 -10.19 -20.21
O2' A2M A 361 -38.45 -11.16 -20.36
C1' A2M A 361 -38.84 -8.84 -20.44
CM' A2M A 361 -37.81 -11.37 -19.10
N9 A2M A 361 -39.16 -7.81 -19.44
C8 A2M A 361 -40.04 -6.85 -19.66
N7 A2M A 361 -40.13 -6.01 -18.61
C5 A2M A 361 -39.28 -6.43 -17.70
C6 A2M A 361 -38.90 -5.99 -16.36
N6 A2M A 361 -39.46 -4.89 -15.80
N1 A2M A 361 -37.98 -6.69 -15.71
C2 A2M A 361 -37.42 -7.77 -16.27
N3 A2M A 361 -37.73 -8.22 -17.48
C4 A2M A 361 -38.64 -7.61 -18.24
OP2 A2M A 361 -43.02 -5.53 -22.32
P 4AC A 367 -54.92 -35.86 -20.02
OP1 4AC A 367 -56.19 -36.55 -20.42
OP2 4AC A 367 -54.79 -35.35 -18.63
O5' 4AC A 367 -53.73 -36.87 -20.31
C5' 4AC A 367 -53.94 -38.04 -21.09
C4' 4AC A 367 -52.80 -39.02 -21.01
O4' 4AC A 367 -51.53 -38.33 -21.11
C3' 4AC A 367 -52.65 -39.79 -19.72
O3' 4AC A 367 -53.57 -40.86 -19.58
C2' 4AC A 367 -51.21 -40.26 -19.81
O2' 4AC A 367 -51.09 -41.26 -20.78
C1' 4AC A 367 -50.56 -39.01 -20.35
N1 4AC A 367 -50.10 -38.13 -19.26
C2 4AC A 367 -48.99 -38.49 -18.48
O2 4AC A 367 -48.39 -39.54 -18.70
N3 4AC A 367 -48.57 -37.65 -17.47
C4 4AC A 367 -49.20 -36.57 -17.26
N4 4AC A 367 -48.80 -35.73 -16.26
C5 4AC A 367 -50.36 -36.15 -18.04
C6 4AC A 367 -50.76 -36.95 -19.01
C7 4AC A 367 -49.34 -34.52 -15.87
O7 4AC A 367 -50.29 -33.91 -16.32
CM7 4AC A 367 -48.59 -33.93 -14.72
P 4AC A 382 -54.17 -51.62 -6.76
OP1 4AC A 382 -55.06 -51.86 -7.94
OP2 4AC A 382 -52.85 -50.95 -6.98
O5' 4AC A 382 -55.05 -50.85 -5.70
C5' 4AC A 382 -55.88 -49.76 -6.08
C4' 4AC A 382 -56.06 -48.82 -4.92
O4' 4AC A 382 -55.35 -49.33 -3.76
C3' 4AC A 382 -55.48 -47.44 -5.10
O3' 4AC A 382 -56.34 -46.61 -5.86
C2' 4AC A 382 -55.29 -46.97 -3.67
O2' 4AC A 382 -56.53 -46.54 -3.16
C1' 4AC A 382 -54.93 -48.27 -2.96
N1 4AC A 382 -53.48 -48.40 -2.69
C2 4AC A 382 -52.96 -47.87 -1.52
O2 4AC A 382 -53.67 -47.29 -0.73
N3 4AC A 382 -51.62 -47.98 -1.23
C4 4AC A 382 -50.86 -48.59 -2.05
N4 4AC A 382 -49.52 -48.68 -1.71
C5 4AC A 382 -51.34 -49.17 -3.29
C6 4AC A 382 -52.63 -49.06 -3.55
C7 4AC A 382 -48.48 -49.26 -2.37
O7 4AC A 382 -48.47 -49.84 -3.45
CM7 4AC A 382 -47.20 -49.09 -1.60
P 4AC A 467 -12.38 3.84 -61.93
OP1 4AC A 467 -11.83 4.46 -63.19
OP2 4AC A 467 -12.14 4.51 -60.60
O5' 4AC A 467 -13.93 3.63 -62.17
C5' 4AC A 467 -14.39 3.10 -63.39
C4' 4AC A 467 -15.83 2.64 -63.31
O4' 4AC A 467 -15.98 1.73 -62.21
C3' 4AC A 467 -16.87 3.72 -63.01
O3' 4AC A 467 -17.21 4.52 -64.14
C2' 4AC A 467 -18.03 2.90 -62.48
O2' 4AC A 467 -18.72 2.28 -63.56
C1' 4AC A 467 -17.29 1.81 -61.68
N1 4AC A 467 -17.25 2.17 -60.26
C2 4AC A 467 -18.22 1.64 -59.39
O2 4AC A 467 -19.07 0.87 -59.83
N3 4AC A 467 -18.22 1.98 -58.05
C4 4AC A 467 -17.34 2.78 -57.60
N4 4AC A 467 -17.34 3.12 -56.28
C5 4AC A 467 -16.31 3.37 -58.45
C6 4AC A 467 -16.32 3.04 -59.73
C7 4AC A 467 -16.49 3.96 -55.59
O7 4AC A 467 -15.54 4.61 -55.99
CM7 4AC A 467 -16.87 4.03 -54.13
P 4AC A 499 -11.04 -16.28 -38.93
OP1 4AC A 499 -9.78 -16.87 -38.37
OP2 4AC A 499 -11.62 -16.82 -40.20
O5' 4AC A 499 -12.13 -16.32 -37.80
C5' 4AC A 499 -12.95 -17.46 -37.60
C4' 4AC A 499 -14.28 -17.08 -37.03
O4' 4AC A 499 -14.79 -15.94 -37.75
C3' 4AC A 499 -15.37 -18.11 -37.18
O3' 4AC A 499 -15.29 -19.12 -36.21
C2' 4AC A 499 -16.60 -17.26 -37.05
O2' 4AC A 499 -16.72 -16.82 -35.72
C1' 4AC A 499 -16.19 -16.06 -37.88
N1 4AC A 499 -16.51 -16.24 -39.31
C2 4AC A 499 -17.83 -16.14 -39.73
O2 4AC A 499 -18.70 -15.88 -38.92
N3 4AC A 499 -18.16 -16.33 -41.05
C4 4AC A 499 -17.26 -16.60 -41.89
N4 4AC A 499 -17.62 -16.77 -43.21
C5 4AC A 499 -15.87 -16.72 -41.54
C6 4AC A 499 -15.56 -16.54 -40.27
C7 4AC A 499 -16.85 -17.06 -44.32
O7 4AC A 499 -15.65 -17.24 -44.38
CM7 4AC A 499 -17.68 -17.17 -45.57
P 4AC A 534 7.86 21.46 19.17
OP1 4AC A 534 9.23 21.04 19.55
OP2 4AC A 534 6.97 20.44 18.56
O5' 4AC A 534 7.21 22.13 20.45
C5' 4AC A 534 7.29 21.52 21.72
C4' 4AC A 534 6.02 21.69 22.51
O4' 4AC A 534 5.03 22.33 21.69
C3' 4AC A 534 5.36 20.41 22.95
O3' 4AC A 534 5.97 19.85 24.10
C2' 4AC A 534 3.92 20.85 23.18
O2' 4AC A 534 3.80 21.49 24.44
C1' 4AC A 534 3.75 21.92 22.10
N1 4AC A 534 2.97 21.43 20.95
C2 4AC A 534 1.59 21.35 21.10
O2 4AC A 534 1.09 21.69 22.17
N3 4AC A 534 0.81 20.93 20.06
C4 4AC A 534 1.34 20.58 18.96
N4 4AC A 534 0.52 20.15 17.95
C5 4AC A 534 2.77 20.64 18.73
C6 4AC A 534 3.52 21.06 19.75
C7 4AC A 534 0.81 19.73 16.67
O7 4AC A 534 1.89 19.65 16.14
CM7 4AC A 534 -0.42 19.36 15.92
P 4AC A 578 -23.24 -35.99 -13.81
OP1 4AC A 578 -24.32 -35.63 -12.85
OP2 4AC A 578 -21.85 -35.52 -13.57
O5' 4AC A 578 -23.19 -37.56 -13.88
C5' 4AC A 578 -24.26 -38.34 -13.37
C4' 4AC A 578 -23.96 -39.81 -13.50
O4' 4AC A 578 -23.37 -40.06 -14.81
C3' 4AC A 578 -22.92 -40.36 -12.56
O3' 4AC A 578 -23.41 -40.60 -11.25
C2' 4AC A 578 -22.49 -41.62 -13.28
O2' 4AC A 578 -23.47 -42.63 -13.19
C1' 4AC A 578 -22.47 -41.12 -14.72
N1 4AC A 578 -21.11 -40.67 -15.10
C2 4AC A 578 -20.21 -41.69 -15.35
O2 4AC A 578 -20.58 -42.84 -15.28
N3 4AC A 578 -18.92 -41.41 -15.71
C4 4AC A 578 -18.54 -40.20 -15.78
N4 4AC A 578 -17.23 -39.96 -16.14
C5 4AC A 578 -19.42 -39.08 -15.51
C6 4AC A 578 -20.68 -39.36 -15.18
C7 4AC A 578 -16.52 -38.80 -16.31
O7 4AC A 578 -16.88 -37.65 -16.19
CM7 4AC A 578 -15.11 -39.10 -16.71
P 4AC A 614 25.42 25.20 37.40
OP1 4AC A 614 25.31 25.98 38.65
OP2 4AC A 614 24.81 25.72 36.13
O5' 4AC A 614 26.97 24.99 37.13
C5' 4AC A 614 27.90 25.07 38.18
C4' 4AC A 614 29.31 24.81 37.68
O4' 4AC A 614 29.30 23.66 36.81
C3' 4AC A 614 29.93 25.89 36.83
O3' 4AC A 614 30.44 26.96 37.61
C2' 4AC A 614 30.99 25.13 36.07
O2' 4AC A 614 32.10 24.86 36.91
C1' 4AC A 614 30.28 23.81 35.82
N1 4AC A 614 29.64 23.77 34.49
C2 4AC A 614 30.39 23.26 33.43
O2 4AC A 614 31.52 22.85 33.63
N3 4AC A 614 29.84 23.21 32.17
C4 4AC A 614 28.66 23.63 31.97
N4 4AC A 614 28.14 23.57 30.70
C5 4AC A 614 27.84 24.18 33.04
C6 4AC A 614 28.37 24.24 34.24
C7 4AC A 614 26.92 23.95 30.20
O7 4AC A 614 25.99 24.45 30.79
CM7 4AC A 614 26.84 23.67 28.73
P 4AC A 624 7.45 46.85 27.51
OP1 4AC A 624 6.10 47.40 27.21
OP2 4AC A 624 8.63 47.35 26.74
O5' 4AC A 624 7.77 47.06 29.05
C5' 4AC A 624 7.77 48.36 29.60
C4' 4AC A 624 8.46 48.41 30.92
O4' 4AC A 624 9.47 47.37 30.99
C3' 4AC A 624 9.23 49.68 31.20
O3' 4AC A 624 8.40 50.72 31.67
C2' 4AC A 624 10.25 49.24 32.22
O2' 4AC A 624 9.66 49.12 33.50
C1' 4AC A 624 10.59 47.84 31.70
N1 4AC A 624 11.73 47.87 30.78
C2 4AC A 624 13.02 48.05 31.28
O2 4AC A 624 13.20 48.16 32.48
N3 4AC A 624 14.08 48.06 30.42
C4 4AC A 624 13.88 47.92 29.18
N4 4AC A 624 14.95 47.95 28.36
C5 4AC A 624 12.56 47.75 28.59
C6 4AC A 624 11.54 47.73 29.43
C7 4AC A 624 15.05 47.84 27.00
O7 4AC A 624 14.17 47.68 26.16
CM7 4AC A 624 16.47 47.91 26.61
P 4AC A 636 2.62 83.98 14.16
OP1 4AC A 636 1.48 84.95 14.27
OP2 4AC A 636 3.27 83.74 12.82
O5' 4AC A 636 3.78 84.45 15.15
C5' 4AC A 636 3.48 84.79 16.50
C4' 4AC A 636 4.69 85.26 17.24
O4' 4AC A 636 5.63 84.17 17.38
C3' 4AC A 636 5.51 86.32 16.52
O3' 4AC A 636 4.98 87.63 16.62
C2' 4AC A 636 6.88 86.17 17.16
O2' 4AC A 636 6.90 86.76 18.45
C1' 4AC A 636 6.95 84.65 17.34
N1 4AC A 636 7.68 84.00 16.23
C2 4AC A 636 8.89 83.34 16.49
O2 4AC A 636 9.33 83.30 17.64
N3 4AC A 636 9.59 82.73 15.48
C4 4AC A 636 9.12 82.77 14.28
N4 4AC A 636 9.80 82.16 13.27
C5 4AC A 636 7.87 83.44 13.95
C6 4AC A 636 7.21 84.01 14.93
C7 4AC A 636 9.46 82.09 11.93
O7 4AC A 636 8.47 82.56 11.36
CM7 4AC A 636 10.49 81.33 11.13
P 4AC A 691 26.30 51.05 24.80
OP1 4AC A 691 27.75 50.81 25.06
OP2 4AC A 691 25.44 49.91 24.34
O5' 4AC A 691 25.74 51.64 26.16
C5' 4AC A 691 26.61 52.30 27.05
C4' 4AC A 691 25.91 52.75 28.31
O4' 4AC A 691 24.73 53.52 27.96
C3' 4AC A 691 25.35 51.66 29.20
O3' 4AC A 691 26.34 51.08 30.03
C2' 4AC A 691 24.28 52.41 29.98
O2' 4AC A 691 24.89 53.21 30.98
C1' 4AC A 691 23.73 53.34 28.92
N1 4AC A 691 22.56 52.77 28.24
C2 4AC A 691 21.25 52.98 28.72
O2 4AC A 691 21.08 53.65 29.72
N3 4AC A 691 20.17 52.44 28.05
C4 4AC A 691 20.39 51.74 27.01
N4 4AC A 691 19.37 51.17 26.30
C5 4AC A 691 21.71 51.50 26.48
C6 4AC A 691 22.73 52.02 27.11
C7 4AC A 691 19.49 50.40 25.15
O7 4AC A 691 20.48 50.05 24.53
CM7 4AC A 691 18.15 49.95 24.67
P 4AC A 706 25.37 9.17 39.23
OP1 4AC A 706 24.98 8.60 40.55
OP2 4AC A 706 26.29 8.42 38.34
O5' 4AC A 706 24.02 9.42 38.44
C5' 4AC A 706 22.77 9.48 39.12
C4' 4AC A 706 21.67 9.85 38.17
O4' 4AC A 706 22.19 10.70 37.15
C3' 4AC A 706 21.07 8.70 37.39
O3' 4AC A 706 20.11 7.97 38.13
C2' 4AC A 706 20.47 9.41 36.17
O2' 4AC A 706 19.19 9.91 36.47
C1' 4AC A 706 21.40 10.59 36.00
N1 4AC A 706 22.29 10.48 34.82
C2 4AC A 706 21.75 10.74 33.55
O2 4AC A 706 20.57 11.02 33.44
N3 4AC A 706 22.56 10.66 32.44
C4 4AC A 706 23.78 10.37 32.58
N4 4AC A 706 24.56 10.30 31.45
C5 4AC A 706 24.40 10.10 33.87
C6 4AC A 706 23.62 10.16 34.92
C7 4AC A 706 25.89 10.00 31.30
O7 4AC A 706 26.71 9.73 32.15
CM7 4AC A 706 26.29 10.06 29.86
P 4AC A 719 -1.40 33.02 23.13
OP1 4AC A 719 -1.16 34.22 23.99
OP2 4AC A 719 -2.70 32.83 22.43
O5' 4AC A 719 -0.29 33.04 22.01
C5' 4AC A 719 1.04 33.46 22.28
C4' 4AC A 719 1.91 33.33 21.08
O4' 4AC A 719 1.81 31.98 20.56
C3' 4AC A 719 1.54 34.18 19.88
O3' 4AC A 719 1.96 35.52 19.97
C2' 4AC A 719 2.20 33.43 18.75
O2' 4AC A 719 3.59 33.66 18.77
C1' 4AC A 719 1.95 31.99 19.16
N1 4AC A 719 0.71 31.45 18.56
C2 4AC A 719 0.62 31.26 17.18
O2 4AC A 719 1.54 31.52 16.42
N3 4AC A 719 -0.53 30.76 16.63
C4 4AC A 719 -1.53 30.47 17.37
N4 4AC A 719 -2.64 29.96 16.75
C5 4AC A 719 -1.50 30.66 18.81
C6 4AC A 719 -0.38 31.14 19.34
C7 4AC A 719 -3.85 29.56 17.25
O7 4AC A 719 -4.20 29.56 18.40
CM7 4AC A 719 -4.76 29.10 16.16
P 4AC A 739 -17.39 63.89 -4.41
OP1 4AC A 739 -18.81 64.23 -4.73
OP2 4AC A 739 -16.61 63.00 -5.33
O5' 4AC A 739 -16.55 65.21 -4.22
C5' 4AC A 739 -17.04 66.25 -3.37
C4' 4AC A 739 -16.11 67.44 -3.31
O4' 4AC A 739 -14.85 67.04 -2.72
C3' 4AC A 739 -15.70 68.03 -4.64
O3' 4AC A 739 -16.69 68.87 -5.20
C2' 4AC A 739 -14.44 68.78 -4.26
O2' 4AC A 739 -14.78 69.96 -3.56
C1' 4AC A 739 -13.81 67.82 -3.26
N1 4AC A 739 -12.81 66.93 -3.90
C2 4AC A 739 -11.50 67.40 -4.09
O2 4AC A 739 -11.20 68.54 -3.75
N3 4AC A 739 -10.55 66.58 -4.67
C4 4AC A 739 -10.87 65.40 -5.04
N4 4AC A 739 -9.90 64.61 -5.61
C5 4AC A 739 -12.21 64.86 -4.86
C6 4AC A 739 -13.11 65.64 -4.30
C7 4AC A 739 -9.94 63.32 -6.09
O7 4AC A 739 -10.89 62.56 -6.11
CM7 4AC A 739 -8.62 62.88 -6.63
P 4AC A 816 26.59 26.94 -8.29
OP1 4AC A 816 26.03 27.46 -9.56
OP2 4AC A 816 25.91 25.84 -7.53
O5' 4AC A 816 28.02 26.36 -8.62
C5' 4AC A 816 28.73 26.80 -9.75
C4' 4AC A 816 30.00 26.00 -9.95
O4' 4AC A 816 30.74 25.96 -8.70
C3' 4AC A 816 29.85 24.54 -10.29
O3' 4AC A 816 29.50 24.29 -11.64
C2' 4AC A 816 31.23 24.03 -9.94
O2' 4AC A 816 32.17 24.52 -10.88
C1' 4AC A 816 31.48 24.77 -8.64
N1 4AC A 816 31.03 23.99 -7.46
C2 4AC A 816 31.82 22.91 -7.07
O2 4AC A 816 32.85 22.62 -7.66
N3 4AC A 816 31.44 22.16 -5.96
C4 4AC A 816 30.37 22.45 -5.34
N4 4AC A 816 30.04 21.69 -4.26
C5 4AC A 816 29.51 23.55 -5.72
C6 4AC A 816 29.89 24.27 -6.76
C7 4AC A 816 28.96 21.77 -3.41
O7 4AC A 816 28.05 22.58 -3.43
CM7 4AC A 816 29.02 20.72 -2.36
P 4AC A 827 20.16 23.03 -8.77
OP1 4AC A 827 20.22 24.21 -7.86
OP2 4AC A 827 21.44 22.44 -9.25
O5' 4AC A 827 19.30 21.92 -8.04
C5' 4AC A 827 19.16 21.90 -6.63
C4' 4AC A 827 18.94 20.51 -6.15
O4' 4AC A 827 18.68 19.64 -7.27
C3' 4AC A 827 20.13 19.85 -5.49
O3' 4AC A 827 20.30 20.27 -4.15
C2' 4AC A 827 19.82 18.39 -5.63
O2' 4AC A 827 18.82 17.98 -4.69
C1' 4AC A 827 19.18 18.36 -7.01
N1 4AC A 827 20.12 17.95 -8.06
C2 4AC A 827 20.41 16.61 -8.17
O2 4AC A 827 19.88 15.81 -7.41
N3 4AC A 827 21.28 16.16 -9.12
C4 4AC A 827 21.83 16.99 -9.91
N4 4AC A 827 22.69 16.49 -10.85
C5 4AC A 827 21.59 18.41 -9.85
C6 4AC A 827 20.75 18.81 -8.93
C7 4AC A 827 23.42 17.14 -11.81
O7 4AC A 827 23.45 18.32 -12.07
CM7 4AC A 827 24.22 16.18 -12.62
P 4AC A 836 13.68 -0.39 4.31
OP1 4AC A 836 13.31 -1.82 4.40
OP2 4AC A 836 12.99 0.54 3.37
O5' 4AC A 836 13.58 0.10 5.80
C5' 4AC A 836 14.03 -0.75 6.83
C4' 4AC A 836 14.05 -0.06 8.17
O4' 4AC A 836 14.87 1.13 8.09
C3' 4AC A 836 12.73 0.47 8.67
O3' 4AC A 836 11.88 -0.53 9.21
C2' 4AC A 836 13.18 1.47 9.70
O2' 4AC A 836 13.58 0.79 10.88
C1' 4AC A 836 14.42 2.06 9.04
N1 4AC A 836 14.13 3.33 8.36
C2 4AC A 836 14.22 4.49 9.13
O2 4AC A 836 14.53 4.44 10.31
N3 4AC A 836 13.95 5.70 8.54
C4 4AC A 836 13.62 5.76 7.32
N4 4AC A 836 13.37 7.01 6.83
C5 4AC A 836 13.52 4.60 6.46
C6 4AC A 836 13.77 3.44 7.03
C7 4AC A 836 13.01 7.45 5.58
O7 4AC A 836 12.79 6.80 4.58
CM7 4AC A 836 12.86 8.94 5.55
P 4AC A 839 0.62 6.52 11.69
OP1 4AC A 839 -0.42 5.68 12.35
OP2 4AC A 839 1.17 6.10 10.38
O5' 4AC A 839 0.08 7.98 11.46
C5' 4AC A 839 -0.28 8.81 12.55
C4' 4AC A 839 -0.07 10.27 12.25
O4' 4AC A 839 1.29 10.45 11.81
C3' 4AC A 839 -0.87 10.86 11.09
O3' 4AC A 839 -2.22 11.14 11.39
C2' 4AC A 839 -0.05 12.09 10.76
O2' 4AC A 839 -0.25 13.10 11.72
C1' 4AC A 839 1.37 11.57 10.95
N1 4AC A 839 1.96 11.18 9.66
C2 4AC A 839 2.59 12.21 8.97
O2 4AC A 839 2.65 13.31 9.46
N3 4AC A 839 3.15 11.97 7.75
C4 4AC A 839 3.07 10.80 7.25
N4 4AC A 839 3.65 10.62 6.04
C5 4AC A 839 2.42 9.70 7.92
C6 4AC A 839 1.88 9.95 9.09
C7 4AC A 839 3.71 9.49 5.26
O7 4AC A 839 3.28 8.38 5.46
CM7 4AC A 839 4.46 9.78 3.99
P 4AC A 856 -21.14 27.22 19.39
OP1 4AC A 856 -21.60 27.16 20.81
OP2 4AC A 856 -21.84 28.13 18.46
O5' 4AC A 856 -19.61 27.62 19.38
C5' 4AC A 856 -19.24 28.97 19.52
C4' 4AC A 856 -17.99 29.28 18.74
O4' 4AC A 856 -18.08 28.72 17.41
C3' 4AC A 856 -17.73 30.75 18.49
O3' 4AC A 856 -17.23 31.43 19.63
C2' 4AC A 856 -16.80 30.70 17.29
O2' 4AC A 856 -15.51 30.29 17.69
C1' 4AC A 856 -17.43 29.57 16.48
N1 4AC A 856 -18.42 30.06 15.51
C2 4AC A 856 -18.02 30.86 14.43
O2 4AC A 856 -16.84 31.17 14.26
N3 4AC A 856 -18.97 31.32 13.54
C4 4AC A 856 -20.20 31.03 13.71
N4 4AC A 856 -21.10 31.52 12.80
C5 4AC A 856 -20.67 30.20 14.80
C6 4AC A 856 -19.76 29.78 15.65
C7 4AC A 856 -22.48 31.36 12.72
O7 4AC A 856 -23.21 30.74 13.48
CM7 4AC A 856 -23.06 32.08 11.53
N1 OMC A 911 -5.21 37.11 -29.58
C2 OMC A 911 -5.29 38.07 -28.56
N3 OMC A 911 -5.81 39.29 -28.80
C4 OMC A 911 -6.24 39.62 -30.02
C5 OMC A 911 -6.16 38.70 -31.05
C6 OMC A 911 -5.63 37.45 -30.81
O2 OMC A 911 -4.92 37.82 -27.41
N4 OMC A 911 -6.74 40.86 -30.23
C1' OMC A 911 -4.64 35.77 -29.34
C2' OMC A 911 -5.41 34.97 -28.31
O2' OMC A 911 -4.49 34.20 -27.56
CM2 OMC A 911 -4.20 34.86 -26.33
C3' OMC A 911 -6.29 34.08 -29.19
C4' OMC A 911 -5.41 33.84 -30.41
O4' OMC A 911 -4.63 35.05 -30.55
O3' OMC A 911 -6.71 32.87 -28.57
C5' OMC A 911 -6.13 33.58 -31.71
O5' OMC A 911 -5.30 33.93 -32.82
P OMC A 911 -5.90 34.22 -34.25
OP1 OMC A 911 -6.40 32.93 -34.83
OP2 OMC A 911 -6.82 35.41 -34.16
P 5HM A 913 -11.56 34.24 -23.41
OP1 5HM A 913 -11.92 33.01 -22.66
OP2 5HM A 913 -12.29 34.56 -24.67
O5' 5HM A 913 -11.74 35.43 -22.39
C5' 5HM A 913 -11.36 35.31 -21.05
C4' 5HM A 913 -11.61 36.58 -20.30
O4' 5HM A 913 -11.09 37.66 -21.09
C3' 5HM A 913 -13.06 36.95 -20.09
O3' 5HM A 913 -13.63 36.31 -18.98
C2' 5HM A 913 -13.00 38.45 -19.95
O2' 5HM A 913 -12.51 38.82 -18.69
C1' 5HM A 913 -11.92 38.78 -20.96
N1 5HM A 913 -12.43 39.17 -22.29
C2 5HM A 913 -12.86 40.55 -22.48
O2 5HM A 913 -12.83 41.28 -21.57
C6 5HM A 913 -12.46 38.26 -23.40
C5 5HM A 913 -12.95 38.68 -24.74
CM5 5HM A 913 -13.00 37.73 -25.93
OM5 5HM A 913 -14.11 36.90 -25.88
C4 5HM A 913 -13.38 40.08 -24.90
N3 5HM A 913 -13.35 41.00 -23.79
N4 5HM A 913 -13.87 40.52 -26.23
P UR3 A 1002 -11.36 51.33 -24.98
OP1 UR3 A 1002 -10.50 52.38 -24.33
OP2 UR3 A 1002 -11.40 51.28 -26.49
O5' UR3 A 1002 -10.83 49.97 -24.38
C5' UR3 A 1002 -10.40 49.89 -23.03
C4' UR3 A 1002 -9.81 48.55 -22.72
O4' UR3 A 1002 -10.62 47.53 -23.34
C1' UR3 A 1002 -9.80 46.71 -24.14
N1 UR3 A 1002 -10.59 46.20 -25.26
C6 UR3 A 1002 -11.24 47.06 -26.03
C2 UR3 A 1002 -10.64 44.83 -25.52
O2 UR3 A 1002 -10.03 44.01 -24.80
N3 UR3 A 1002 -11.38 44.37 -26.58
C3U UR3 A 1002 -11.41 42.93 -26.83
C4 UR3 A 1002 -12.07 45.27 -27.40
O4 UR3 A 1002 -12.73 44.86 -28.38
C5 UR3 A 1002 -11.98 46.62 -27.12
C2' UR3 A 1002 -8.65 47.60 -24.54
O2' UR3 A 1002 -7.55 46.85 -25.00
C3' UR3 A 1002 -8.40 48.34 -23.25
O3' UR3 A 1002 -7.69 47.47 -22.37
C2 6MZ A 1004 -4.86 37.94 -23.66
C4 6MZ A 1004 -4.85 39.59 -22.00
C5 6MZ A 1004 -5.23 40.57 -23.03
O1P 6MZ A 1004 -2.97 45.81 -18.17
O2P 6MZ A 1004 -4.35 45.18 -20.25
N9 6MZ A 1004 -4.73 40.25 -20.85
N3 6MZ A 1004 -4.68 38.32 -22.39
N1 6MZ A 1004 -5.19 38.78 -24.62
C6 6MZ A 1004 -5.40 40.08 -24.41
N6 6MZ A 1004 -5.76 40.84 -25.46
C9 6MZ A 1004 -6.00 42.25 -25.41
N7 6MZ A 1004 -5.33 41.73 -22.38
C8 6MZ A 1004 -5.04 41.51 -21.09
O5' 6MZ A 1004 -3.52 43.41 -18.74
C5' 6MZ A 1004 -3.78 42.66 -17.58
C4' 6MZ A 1004 -3.64 41.18 -17.84
O4' 6MZ A 1004 -4.79 40.70 -18.57
C1' 6MZ A 1004 -4.40 39.73 -19.51
C2' 6MZ A 1004 -2.93 39.47 -19.29
O2' 6MZ A 1004 -2.79 38.44 -18.34
C3' 6MZ A 1004 -2.47 40.81 -18.73
O3' 6MZ A 1004 -1.25 40.78 -18.01
P 6MZ A 1004 -3.97 44.92 -18.83
P 4AC A 1014 -4.69 37.42 -7.61
OP1 4AC A 1014 -5.85 36.51 -7.73
OP2 4AC A 1014 -4.82 38.89 -7.76
O5' 4AC A 1014 -4.01 37.08 -6.24
C5' 4AC A 1014 -3.92 35.75 -5.79
C4' 4AC A 1014 -3.24 35.66 -4.46
O4' 4AC A 1014 -2.03 36.44 -4.52
C3' 4AC A 1014 -3.98 36.25 -3.27
O3' 4AC A 1014 -4.97 35.39 -2.75
C2' 4AC A 1014 -2.84 36.51 -2.32
O2' 4AC A 1014 -2.35 35.30 -1.81
C1' 4AC A 1014 -1.78 37.03 -3.27
N1 4AC A 1014 -1.78 38.50 -3.42
C2 4AC A 1014 -1.21 39.26 -2.42
O2 4AC A 1014 -0.73 38.74 -1.43
N3 4AC A 1014 -1.18 40.63 -2.53
C4 4AC A 1014 -1.68 41.19 -3.56
N4 4AC A 1014 -1.61 42.55 -3.61
C5 4AC A 1014 -2.29 40.45 -4.64
C6 4AC A 1014 -2.31 39.14 -4.51
C7 4AC A 1014 -2.05 43.42 -4.55
O7 4AC A 1014 -2.62 43.16 -5.58
CM7 4AC A 1014 -1.75 44.84 -4.18
C2 MA6 A 1022 -16.02 48.08 -20.42
C4 MA6 A 1022 -17.15 47.83 -18.41
C5 MA6 A 1022 -16.67 49.14 -17.99
P MA6 A 1022 -20.46 48.04 -12.96
OP1 MA6 A 1022 -21.01 47.34 -11.77
OP2 MA6 A 1022 -19.56 49.22 -12.85
O5' MA6 A 1022 -19.72 46.99 -13.87
C5' MA6 A 1022 -20.37 45.81 -14.31
C4' MA6 A 1022 -19.68 45.25 -15.53
O4' MA6 A 1022 -19.72 46.21 -16.60
C1' MA6 A 1022 -18.57 46.07 -17.40
N9 MA6 A 1022 -17.88 47.36 -17.42
N3 MA6 A 1022 -16.80 47.37 -19.62
N1 MA6 A 1022 -15.55 49.29 -20.11
C6 MA6 A 1022 -15.82 49.87 -18.94
N6 MA6 A 1022 -15.28 51.13 -18.71
C9 MA6 A 1022 -14.46 51.70 -19.77
C10 MA6 A 1022 -15.50 51.87 -17.48
N7 MA6 A 1022 -17.18 49.34 -16.78
C8 MA6 A 1022 -17.89 48.26 -16.45
C2' MA6 A 1022 -17.73 44.96 -16.80
O2' MA6 A 1022 -18.06 43.76 -17.45
C3' MA6 A 1022 -18.22 44.94 -15.38
O3' MA6 A 1022 -18.00 43.71 -14.73
C2 MA6 A 1023 -12.06 47.03 -20.50
C4 MA6 A 1023 -13.08 46.20 -18.60
C5 MA6 A 1023 -12.83 47.46 -17.91
P MA6 A 1023 -16.88 43.58 -13.61
OP1 MA6 A 1023 -17.47 42.89 -12.44
OP2 MA6 A 1023 -16.24 44.90 -13.46
O5' MA6 A 1023 -15.82 42.62 -14.25
C5' MA6 A 1023 -14.54 43.10 -14.64
C4' MA6 A 1023 -14.22 42.75 -16.06
O4' MA6 A 1023 -14.93 43.67 -16.93
C1' MA6 A 1023 -14.12 44.05 -18.00
N9 MA6 A 1023 -13.70 45.43 -17.75
N3 MA6 A 1023 -12.68 46.05 -19.86
N1 MA6 A 1023 -11.80 48.21 -19.94
C6 MA6 A 1023 -12.13 48.49 -18.68
N6 MA6 A 1023 -11.82 49.75 -18.18
C9 MA6 A 1023 -11.14 50.69 -19.06
C10 MA6 A 1023 -12.16 50.16 -16.82
N7 MA6 A 1023 -13.34 47.33 -16.68
C8 MA6 A 1023 -13.85 46.09 -16.60
C2' MA6 A 1023 -12.90 43.14 -17.97
O2' MA6 A 1023 -13.23 41.95 -18.64
C3' MA6 A 1023 -12.77 42.90 -16.49
O3' MA6 A 1023 -11.97 41.78 -16.15
N LYS B 11 17.64 100.52 -1.86
CA LYS B 11 16.93 101.78 -1.69
C LYS B 11 17.66 102.70 -0.75
N ASP B 12 16.97 103.77 -0.36
CA ASP B 12 17.52 104.70 0.63
C ASP B 12 17.64 104.04 1.99
N LYS B 13 16.94 102.92 2.19
CA LYS B 13 17.06 102.21 3.46
C LYS B 13 18.47 101.71 3.67
N TRP B 14 19.23 101.53 2.59
CA TRP B 14 20.60 101.05 2.73
C TRP B 14 21.56 102.18 3.08
N LYS B 15 21.19 103.43 2.77
CA LYS B 15 22.01 104.58 3.14
C LYS B 15 21.96 104.87 4.62
N LEU B 16 21.18 104.12 5.40
CA LEU B 16 21.10 104.29 6.84
C LEU B 16 21.90 103.24 7.60
N LYS B 17 22.76 102.47 6.94
CA LYS B 17 23.43 101.37 7.60
C LYS B 17 24.74 101.82 8.25
N GLN B 18 25.47 100.85 8.79
CA GLN B 18 26.72 101.08 9.49
C GLN B 18 27.47 99.76 9.65
N TRP B 19 28.77 99.74 9.39
CA TRP B 19 29.57 98.51 9.45
C TRP B 19 30.22 98.36 10.81
N TYR B 20 30.24 97.14 11.33
CA TYR B 20 30.82 96.80 12.62
C TYR B 20 31.88 95.74 12.43
N VAL B 21 32.88 95.74 13.31
CA VAL B 21 33.99 94.79 13.28
C VAL B 21 33.77 93.73 14.34
N ILE B 22 33.77 92.47 13.93
CA ILE B 22 33.56 91.36 14.85
C ILE B 22 34.91 90.88 15.36
N TYR B 23 34.95 90.42 16.59
CA TYR B 23 36.20 90.04 17.24
C TYR B 23 36.09 88.63 17.80
N ALA B 24 37.10 87.81 17.56
CA ALA B 24 37.14 86.46 18.11
C ALA B 24 37.17 86.54 19.63
N PRO B 25 37.01 85.42 20.36
CA PRO B 25 37.07 85.51 21.82
C PRO B 25 38.43 85.97 22.32
N ASP B 26 38.60 86.01 23.64
CA ASP B 26 39.89 86.38 24.19
C ASP B 26 40.89 85.23 24.10
N PHE B 27 40.45 84.01 24.42
CA PHE B 27 41.42 82.93 24.50
C PHE B 27 41.75 82.33 23.17
N PHE B 28 41.31 82.95 22.08
CA PHE B 28 41.84 82.68 20.76
C PHE B 28 42.68 83.84 20.26
N GLY B 29 42.75 84.93 21.01
CA GLY B 29 43.45 86.13 20.58
C GLY B 29 42.53 87.03 19.80
N GLY B 30 42.14 88.17 20.35
CA GLY B 30 41.19 89.03 19.67
C GLY B 30 41.69 89.49 18.32
N VAL B 31 41.05 88.98 17.27
CA VAL B 31 41.46 89.25 15.89
C VAL B 31 40.20 89.51 15.08
N GLU B 32 40.32 90.38 14.09
CA GLU B 32 39.13 90.73 13.32
C GLU B 32 38.73 89.59 12.41
N VAL B 33 37.44 89.25 12.43
CA VAL B 33 36.90 88.24 11.54
C VAL B 33 35.63 88.77 10.88
N GLY B 34 35.80 89.52 9.80
CA GLY B 34 34.67 90.04 9.03
C GLY B 34 34.08 91.36 9.48
N LEU B 35 33.26 91.95 8.62
CA LEU B 35 32.50 93.15 8.89
C LEU B 35 31.02 92.80 8.89
N THR B 36 30.17 93.70 9.39
CA THR B 36 28.74 93.42 9.50
C THR B 36 27.91 94.69 9.44
N PRO B 37 26.93 94.80 8.55
CA PRO B 37 26.12 96.02 8.51
C PRO B 37 24.89 95.91 9.39
N ALA B 38 24.47 97.05 9.92
CA ALA B 38 23.24 97.12 10.70
C ALA B 38 22.79 98.56 10.82
N ASP B 39 21.53 98.74 11.25
CA ASP B 39 20.97 100.07 11.50
C ASP B 39 21.38 100.60 12.87
N ASP B 40 20.86 99.98 13.93
CA ASP B 40 21.26 100.32 15.27
C ASP B 40 21.81 99.11 16.00
N PRO B 41 22.72 99.31 16.95
CA PRO B 41 23.43 98.17 17.54
C PRO B 41 22.53 97.13 18.16
N GLU B 42 21.34 97.48 18.62
CA GLU B 42 20.48 96.53 19.31
C GLU B 42 20.05 95.38 18.42
N LYS B 43 20.27 95.48 17.11
CA LYS B 43 19.93 94.42 16.17
C LYS B 43 21.05 93.41 15.98
N VAL B 44 22.30 93.87 16.01
CA VAL B 44 23.46 92.97 15.86
C VAL B 44 23.87 92.56 17.26
N LEU B 45 23.11 91.60 17.82
CA LEU B 45 23.39 91.18 19.18
C LEU B 45 23.34 89.68 19.40
N ASN B 46 22.83 88.89 18.46
CA ASN B 46 22.89 87.45 18.65
C ASN B 46 23.28 86.74 17.36
N ARG B 47 23.98 87.41 16.46
CA ARG B 47 24.38 86.82 15.20
C ARG B 47 25.56 85.89 15.40
N VAL B 48 25.70 84.92 14.49
CA VAL B 48 26.66 83.82 14.63
C VAL B 48 27.56 83.78 13.40
N VAL B 49 28.87 83.78 13.60
CA VAL B 49 29.83 83.77 12.51
C VAL B 49 30.55 82.43 12.49
N GLU B 50 30.92 81.97 11.29
CA GLU B 50 31.62 80.71 11.16
C GLU B 50 32.98 80.95 10.52
N VAL B 51 34.04 80.62 11.25
CA VAL B 51 35.41 80.75 10.77
C VAL B 51 36.13 79.44 11.02
N THR B 52 37.13 79.14 10.18
CA THR B 52 37.89 77.90 10.31
C THR B 52 39.10 78.09 11.20
N LEU B 53 39.73 76.97 11.60
CA LEU B 53 40.91 77.07 12.45
C LEU B 53 42.14 77.50 11.65
N LYS B 54 42.14 77.26 10.34
CA LYS B 54 43.22 77.78 9.50
C LYS B 54 43.24 79.30 9.47
N ASP B 55 42.13 79.95 9.80
CA ASP B 55 42.05 81.41 9.75
C ASP B 55 42.51 82.08 11.04
N ILE B 56 42.68 81.34 12.12
CA ILE B 56 43.19 81.90 13.38
C ILE B 56 44.39 81.04 13.77
N THR B 57 45.55 81.66 13.92
CA THR B 57 46.82 80.95 14.06
C THR B 57 47.04 80.01 12.88
N GLY B 58 47.09 80.62 11.70
CA GLY B 58 46.98 79.92 10.45
C GLY B 58 48.01 78.86 10.12
N ASP B 59 47.59 77.60 10.11
CA ASP B 59 48.37 76.52 9.56
C ASP B 59 47.52 75.80 8.52
N PHE B 60 48.19 75.18 7.55
CA PHE B 60 47.46 74.61 6.42
C PHE B 60 46.99 73.19 6.66
N LEU B 61 47.03 72.71 7.89
CA LEU B 61 46.54 71.36 8.12
C LEU B 61 45.11 71.36 8.64
N LYS B 62 44.82 72.20 9.62
CA LYS B 62 43.50 72.22 10.23
C LYS B 62 42.58 73.25 9.58
N GLY B 63 42.30 73.03 8.30
CA GLY B 63 41.28 73.79 7.61
C GLY B 63 39.97 73.07 7.48
N HIS B 64 39.77 71.99 8.23
CA HIS B 64 38.50 71.27 8.27
C HIS B 64 37.84 71.37 9.64
N VAL B 65 38.37 72.19 10.52
CA VAL B 65 37.76 72.45 11.82
C VAL B 65 37.05 73.80 11.72
N LYS B 66 35.77 73.81 12.03
CA LYS B 66 34.99 75.04 11.98
C LYS B 66 34.56 75.41 13.38
N LEU B 67 34.54 76.73 13.64
CA LEU B 67 34.27 77.29 14.95
C LEU B 67 33.20 78.36 14.82
N TYR B 68 32.28 78.37 15.77
CA TYR B 68 31.16 79.29 15.78
C TYR B 68 31.33 80.27 16.93
N PHE B 69 31.14 81.55 16.65
CA PHE B 69 31.23 82.62 17.63
C PHE B 69 29.92 83.38 17.64
N GLN B 70 29.42 83.70 18.83
CA GLN B 70 28.13 84.34 18.99
C GLN B 70 28.30 85.68 19.71
N VAL B 71 27.76 86.75 19.13
CA VAL B 71 28.02 88.09 19.64
C VAL B 71 27.31 88.29 20.98
N TYR B 72 27.92 89.12 21.84
CA TYR B 72 27.30 89.48 23.11
C TYR B 72 27.51 90.92 23.54
N ASP B 73 28.24 91.75 22.79
CA ASP B 73 28.52 93.09 23.27
C ASP B 73 28.71 94.02 22.08
N VAL B 74 28.27 95.27 22.24
CA VAL B 74 28.44 96.31 21.23
C VAL B 74 28.92 97.57 21.93
N LYS B 75 30.23 97.77 22.00
CA LYS B 75 30.80 98.99 22.55
C LYS B 75 31.38 99.85 21.43
N GLY B 76 30.50 100.48 20.67
CA GLY B 76 30.97 101.48 19.73
C GLY B 76 31.76 100.96 18.55
N GLN B 77 31.09 100.25 17.62
CA GLN B 77 31.67 99.77 16.38
C GLN B 77 32.65 98.61 16.63
N ASN B 78 32.47 97.93 17.75
CA ASN B 78 33.29 96.76 18.06
C ASN B 78 32.37 95.72 18.66
N ALA B 79 32.22 94.59 17.98
CA ALA B 79 31.31 93.54 18.40
C ALA B 79 32.13 92.37 18.90
N TYR B 80 32.14 92.18 20.22
CA TYR B 80 32.90 91.11 20.83
C TYR B 80 32.05 89.85 20.93
N THR B 81 32.69 88.69 20.80
CA THR B 81 32.00 87.43 20.60
C THR B 81 32.20 86.52 21.80
N LYS B 82 31.72 85.29 21.66
CA LYS B 82 31.82 84.29 22.71
C LYS B 82 31.75 82.92 22.02
N PHE B 83 32.47 81.94 22.54
CA PHE B 83 32.49 80.63 21.92
C PHE B 83 31.09 80.02 21.96
N LYS B 84 30.74 79.29 20.92
CA LYS B 84 29.44 78.64 20.89
C LYS B 84 29.49 77.17 20.54
N GLY B 85 30.37 76.76 19.64
CA GLY B 85 30.42 75.37 19.28
C GLY B 85 31.61 75.07 18.40
N MET B 86 31.66 73.83 17.93
CA MET B 86 32.75 73.37 17.07
C MET B 86 32.20 72.23 16.23
N LYS B 87 32.64 72.14 14.97
CA LYS B 87 32.20 71.06 14.12
C LYS B 87 33.25 70.74 13.06
N LEU B 88 33.46 69.46 12.79
CA LEU B 88 34.27 69.02 11.67
C LEU B 88 33.43 69.08 10.40
N ALA B 89 34.07 69.12 9.25
CA ALA B 89 33.40 69.35 7.98
C ALA B 89 32.89 68.04 7.41
N ARG B 90 31.77 68.10 6.69
CA ARG B 90 31.07 66.89 6.28
C ARG B 90 31.90 66.03 5.35
N SER B 91 32.52 66.64 4.35
CA SER B 91 33.30 65.89 3.38
C SER B 91 34.54 65.28 4.02
N TYR B 92 34.90 65.72 5.21
CA TYR B 92 36.07 65.17 5.88
C TYR B 92 35.73 63.85 6.57
N ILE B 93 34.79 63.87 7.51
CA ILE B 93 34.36 62.64 8.15
C ILE B 93 33.55 61.75 7.23
N ARG B 94 33.30 62.19 6.01
CA ARG B 94 32.67 61.35 5.00
C ARG B 94 33.67 60.43 4.32
N SER B 95 34.96 60.76 4.38
CA SER B 95 36.00 59.97 3.75
C SER B 95 36.69 59.02 4.70
N LEU B 96 36.34 59.03 5.97
CA LEU B 96 36.94 58.12 6.93
C LEU B 96 36.14 56.85 7.13
N VAL B 97 34.86 56.87 6.81
CA VAL B 97 33.97 55.74 7.04
C VAL B 97 33.94 54.93 5.75
N ARG B 98 34.86 54.01 5.61
CA ARG B 98 34.91 53.15 4.45
C ARG B 98 34.30 51.81 4.80
N ARG B 99 33.93 51.06 3.78
CA ARG B 99 33.46 49.71 3.97
C ARG B 99 34.58 48.85 4.53
N ARG B 100 34.25 48.03 5.52
CA ARG B 100 35.19 47.21 6.30
C ARG B 100 36.03 48.04 7.26
N THR B 101 35.39 48.83 8.14
CA THR B 101 36.14 49.54 9.17
C THR B 101 35.49 49.63 10.55
N THR B 102 34.17 49.58 10.70
CA THR B 102 33.52 49.64 12.01
C THR B 102 33.81 50.96 12.72
N ARG B 103 33.10 52.01 12.31
CA ARG B 103 33.12 53.25 13.08
C ARG B 103 32.49 53.05 14.46
N ILE B 104 33.00 53.79 15.45
CA ILE B 104 32.52 53.74 16.82
C ILE B 104 32.22 55.16 17.27
N ASP B 105 31.06 55.37 17.87
CA ASP B 105 30.54 56.71 18.10
C ASP B 105 30.08 56.85 19.53
N GLY B 106 30.50 57.92 20.20
CA GLY B 106 30.07 58.19 21.56
C GLY B 106 29.58 59.62 21.70
N ILE B 107 28.59 59.80 22.56
CA ILE B 107 27.99 61.11 22.83
C ILE B 107 27.79 61.24 24.33
N PHE B 108 28.38 62.28 24.93
CA PHE B 108 28.42 62.39 26.39
C PHE B 108 28.04 63.79 26.83
N ASN B 109 27.48 63.88 28.04
CA ASN B 109 27.18 65.16 28.69
C ASN B 109 28.16 65.38 29.85
N ILE B 110 28.74 66.58 29.92
CA ILE B 110 29.77 66.88 30.90
C ILE B 110 29.49 68.25 31.53
N THR B 111 30.25 68.57 32.57
CA THR B 111 30.31 69.90 33.15
C THR B 111 31.74 70.21 33.57
N THR B 112 32.12 71.48 33.48
CA THR B 112 33.46 71.89 33.86
C THR B 112 33.45 72.69 35.15
N LYS B 113 34.63 73.03 35.65
CA LYS B 113 34.74 73.62 36.98
C LYS B 113 33.90 74.88 37.11
N ASP B 114 33.90 75.72 36.07
CA ASP B 114 33.16 76.98 36.14
C ASP B 114 31.68 76.76 36.30
N GLY B 115 31.14 75.70 35.70
CA GLY B 115 29.71 75.49 35.64
C GLY B 115 29.17 75.39 34.24
N TYR B 116 30.00 75.56 33.21
CA TYR B 116 29.53 75.34 31.85
C TYR B 116 29.23 73.87 31.61
N LYS B 117 27.98 73.57 31.28
CA LYS B 117 27.58 72.21 30.94
C LYS B 117 27.61 72.06 29.42
N LEU B 118 28.21 70.95 28.96
CA LEU B 118 28.55 70.75 27.55
C LEU B 118 28.10 69.37 27.10
N ARG B 119 28.11 69.15 25.79
CA ARG B 119 27.82 67.86 25.19
C ARG B 119 28.86 67.59 24.12
N VAL B 120 29.73 66.61 24.34
CA VAL B 120 30.82 66.32 23.41
C VAL B 120 30.58 64.98 22.74
N MET B 121 31.09 64.85 21.51
CA MET B 121 30.79 63.72 20.64
C MET B 121 32.08 63.21 20.01
N ALA B 122 32.67 62.17 20.57
CA ALA B 122 33.88 61.59 20.05
C ALA B 122 33.57 60.66 18.90
N MET B 123 34.61 60.16 18.26
CA MET B 123 34.48 59.21 17.16
C MET B 123 35.80 58.48 16.97
N VAL B 124 35.75 57.16 16.92
CA VAL B 124 36.91 56.34 16.64
C VAL B 124 36.59 55.52 15.39
N ILE B 125 37.64 55.09 14.69
CA ILE B 125 37.46 54.29 13.49
C ILE B 125 38.47 53.16 13.53
N ALA B 126 37.98 51.93 13.65
CA ALA B 126 38.86 50.78 13.70
C ALA B 126 39.39 50.49 12.31
N ALA B 127 40.52 49.80 12.24
CA ALA B 127 41.13 49.50 10.97
C ALA B 127 40.53 48.28 10.30
N ARG B 128 39.62 47.58 10.96
CA ARG B 128 39.03 46.36 10.42
C ARG B 128 37.77 46.06 11.23
N ARG B 129 36.85 45.29 10.66
CA ARG B 129 35.60 44.92 11.34
C ARG B 129 35.89 44.14 12.61
N ILE B 130 35.26 44.57 13.71
CA ILE B 130 35.47 43.99 15.03
C ILE B 130 34.12 43.56 15.59
N GLN B 131 34.17 42.86 16.72
CA GLN B 131 32.96 42.38 17.36
C GLN B 131 32.38 43.44 18.29
N THR B 132 31.08 43.34 18.55
CA THR B 132 30.35 44.34 19.30
C THR B 132 30.71 44.38 20.77
N SER B 133 31.42 43.37 21.27
CA SER B 133 31.87 43.45 22.65
C SER B 133 33.20 44.15 22.77
N GLN B 134 34.03 44.11 21.73
CA GLN B 134 35.21 44.94 21.61
C GLN B 134 34.86 46.38 21.30
N GLU B 135 33.65 46.63 20.85
CA GLU B 135 33.21 47.93 20.38
C GLU B 135 32.62 48.79 21.48
N ARG B 136 32.02 48.19 22.50
CA ARG B 136 31.54 48.95 23.64
C ARG B 136 32.62 49.16 24.68
N ALA B 137 33.65 48.31 24.71
CA ALA B 137 34.79 48.54 25.57
C ALA B 137 35.51 49.82 25.19
N ILE B 138 35.64 50.08 23.89
CA ILE B 138 36.26 51.32 23.45
C ILE B 138 35.39 52.52 23.83
N ARG B 139 34.08 52.37 23.80
CA ARG B 139 33.21 53.46 24.24
C ARG B 139 33.36 53.72 25.73
N LYS B 140 33.50 52.66 26.52
CA LYS B 140 33.79 52.83 27.94
C LYS B 140 35.08 53.60 28.14
N ILE B 141 36.13 53.27 27.39
CA ILE B 141 37.39 54.00 27.49
C ILE B 141 37.18 55.47 27.19
N MET B 142 36.46 55.77 26.12
CA MET B 142 36.21 57.15 25.73
C MET B 142 35.54 57.92 26.86
N GLN B 143 34.46 57.38 27.40
CA GLN B 143 33.76 58.05 28.51
C GLN B 143 34.68 58.29 29.69
N GLU B 144 35.49 57.28 30.03
CA GLU B 144 36.27 57.33 31.26
C GLU B 144 37.45 58.27 31.16
N ILE B 145 37.94 58.57 29.95
CA ILE B 145 38.97 59.59 29.87
C ILE B 145 38.43 60.95 29.48
N ILE B 146 37.15 61.04 29.12
CA ILE B 146 36.57 62.36 28.86
C ILE B 146 36.12 62.99 30.17
N TYR B 147 35.32 62.26 30.96
CA TYR B 147 34.92 62.81 32.25
C TYR B 147 36.13 63.20 33.08
N LYS B 148 37.08 62.28 33.23
CA LYS B 148 38.28 62.53 34.02
C LYS B 148 38.99 63.79 33.58
N LYS B 149 39.10 63.98 32.26
CA LYS B 149 39.67 65.21 31.76
C LYS B 149 38.85 66.42 32.15
N ALA B 150 37.53 66.27 32.26
CA ALA B 150 36.65 67.40 32.50
C ALA B 150 36.48 67.74 33.98
N GLU B 151 37.40 67.29 34.83
CA GLU B 151 37.35 67.62 36.25
C GLU B 151 38.30 68.73 36.64
N GLU B 152 39.57 68.60 36.30
CA GLU B 152 40.57 69.59 36.67
C GLU B 152 40.82 70.60 35.57
N LEU B 153 39.91 70.74 34.61
CA LEU B 153 40.06 71.72 33.55
C LEU B 153 38.86 72.65 33.51
N ASN B 154 39.13 73.95 33.37
CA ASN B 154 38.11 74.95 33.19
C ASN B 154 37.62 74.95 31.75
N PHE B 155 36.65 75.82 31.48
CA PHE B 155 36.07 75.86 30.15
C PHE B 155 37.09 76.33 29.12
N LYS B 156 37.96 77.27 29.49
CA LYS B 156 38.87 77.83 28.51
C LYS B 156 39.94 76.83 28.11
N ASP B 157 40.23 75.85 28.96
CA ASP B 157 41.26 74.86 28.63
C ASP B 157 40.68 73.58 28.03
N PHE B 158 39.52 73.13 28.47
CA PHE B 158 38.89 71.98 27.84
C PHE B 158 38.64 72.24 26.37
N VAL B 159 38.14 73.43 26.04
CA VAL B 159 37.87 73.75 24.64
C VAL B 159 39.16 73.89 23.86
N LEU B 160 40.16 74.53 24.45
CA LEU B 160 41.37 74.86 23.70
C LEU B 160 42.07 73.62 23.21
N GLU B 161 41.94 72.51 23.93
CA GLU B 161 42.60 71.26 23.57
C GLU B 161 41.66 70.24 22.94
N ALA B 162 40.36 70.53 22.88
CA ALA B 162 39.46 69.69 22.10
C ALA B 162 39.67 69.92 20.60
N VAL B 163 39.78 71.18 20.19
CA VAL B 163 39.95 71.51 18.79
C VAL B 163 41.39 71.27 18.34
N ASN B 164 42.33 71.15 19.28
CA ASN B 164 43.72 70.96 18.91
C ASN B 164 44.03 69.51 18.59
N GLY B 165 43.57 68.59 19.45
CA GLY B 165 43.80 67.19 19.25
C GLY B 165 44.54 66.57 20.40
N LYS B 166 44.55 67.24 21.55
CA LYS B 166 45.25 66.73 22.72
C LYS B 166 44.44 65.73 23.51
N ILE B 167 43.11 65.74 23.40
CA ILE B 167 42.29 64.68 23.96
C ILE B 167 42.24 63.46 23.05
N ALA B 168 42.10 63.66 21.74
CA ALA B 168 42.06 62.53 20.83
C ALA B 168 43.35 61.74 20.86
N ALA B 169 44.47 62.43 20.98
CA ALA B 169 45.77 61.76 21.02
C ALA B 169 46.01 60.98 22.29
N GLU B 170 45.00 60.87 23.15
CA GLU B 170 45.06 60.04 24.34
C GLU B 170 44.08 58.88 24.27
N ILE B 171 42.88 59.12 23.75
CA ILE B 171 42.01 58.01 23.37
C ILE B 171 42.77 57.06 22.46
N ALA B 172 43.54 57.63 21.53
CA ALA B 172 44.22 56.80 20.55
C ALA B 172 45.28 55.94 21.21
N LYS B 173 45.70 56.29 22.43
CA LYS B 173 46.74 55.53 23.11
C LYS B 173 46.15 54.48 24.05
N GLU B 174 45.14 54.85 24.83
CA GLU B 174 44.46 53.86 25.65
C GLU B 174 43.71 52.82 24.84
N ALA B 175 42.97 53.21 23.80
CA ALA B 175 42.10 52.29 23.11
C ALA B 175 42.85 51.27 22.28
N LYS B 176 44.06 51.61 21.85
CA LYS B 176 44.83 50.71 21.01
C LYS B 176 45.18 49.40 21.69
N LYS B 177 45.07 49.31 23.01
CA LYS B 177 45.27 48.03 23.68
C LYS B 177 43.99 47.24 23.82
N ILE B 178 43.00 47.51 22.99
CA ILE B 178 41.89 46.61 22.74
C ILE B 178 41.88 46.18 21.28
N TYR B 179 42.09 47.12 20.39
CA TYR B 179 42.18 46.82 18.97
C TYR B 179 42.89 47.95 18.25
N PRO B 180 43.88 47.68 17.41
CA PRO B 180 44.57 48.75 16.69
C PRO B 180 43.63 49.55 15.80
N LEU B 181 43.73 50.87 15.88
CA LEU B 181 42.79 51.76 15.23
C LEU B 181 43.51 52.70 14.27
N LYS B 182 42.73 53.58 13.65
CA LYS B 182 43.27 54.70 12.93
C LYS B 182 42.31 55.87 13.03
N LYS B 183 42.86 57.04 13.35
CA LYS B 183 42.08 58.26 13.43
C LYS B 183 41.03 58.21 14.54
N ALA B 184 41.47 58.56 15.74
CA ALA B 184 40.56 59.03 16.80
C ALA B 184 40.45 60.55 16.75
N GLU B 185 39.25 61.08 16.98
CA GLU B 185 39.10 62.54 17.08
C GLU B 185 37.77 62.89 17.73
N ILE B 186 37.64 64.17 18.09
CA ILE B 186 36.42 64.76 18.61
C ILE B 186 35.71 65.48 17.47
N ARG B 187 34.40 65.36 17.41
CA ARG B 187 33.67 65.59 16.17
C ARG B 187 32.69 66.75 16.24
N LYS B 188 32.22 67.13 17.43
CA LYS B 188 31.27 68.21 17.57
C LYS B 188 31.19 68.62 19.03
N ILE B 189 31.17 69.93 19.28
CA ILE B 189 30.90 70.46 20.61
C ILE B 189 29.80 71.51 20.51
N LYS B 190 28.96 71.55 21.53
CA LYS B 190 27.88 72.52 21.62
C LYS B 190 27.65 72.84 23.10
N VAL B 191 27.84 74.10 23.48
CA VAL B 191 27.62 74.48 24.87
C VAL B 191 26.13 74.53 25.11
N LEU B 192 25.73 74.37 26.36
CA LEU B 192 24.31 74.36 26.71
C LEU B 192 23.92 75.52 27.62
N GLY B 193 24.67 75.75 28.68
CA GLY B 193 24.40 76.85 29.58
C GLY B 193 25.68 77.54 29.98
N GLU B 194 25.54 78.42 30.95
CA GLU B 194 26.64 79.14 31.56
C GLU B 194 26.53 78.91 33.06
N PRO B 195 27.51 79.33 33.85
CA PRO B 195 27.28 79.36 35.29
C PRO B 195 26.19 80.36 35.62
N GLU B 196 25.19 79.90 36.38
CA GLU B 196 24.12 80.78 36.82
C GLU B 196 24.64 82.02 37.52
N VAL B 197 25.75 81.89 38.25
CA VAL B 197 26.37 83.01 38.95
C VAL B 197 27.22 83.80 37.97
N ALA B 198 27.60 85.00 38.36
CA ALA B 198 28.51 85.85 37.58
C ALA B 198 28.03 86.06 36.16
N GLU C 4 70.58 5.51 -7.74
CA GLU C 4 69.77 6.51 -7.04
C GLU C 4 70.10 7.93 -7.50
N TYR C 5 69.10 8.81 -7.45
CA TYR C 5 69.29 10.24 -7.66
C TYR C 5 69.91 10.51 -9.03
N LEU C 6 69.09 10.29 -10.05
CA LEU C 6 69.44 10.51 -11.45
C LEU C 6 70.22 11.81 -11.63
N VAL C 7 69.91 12.83 -10.83
CA VAL C 7 70.72 14.05 -10.74
C VAL C 7 70.90 14.37 -9.27
N PRO C 8 71.92 15.13 -8.88
CA PRO C 8 72.07 15.50 -7.46
C PRO C 8 70.87 16.30 -6.95
N LEU C 9 70.63 16.21 -5.64
CA LEU C 9 69.49 16.91 -5.04
C LEU C 9 69.61 18.41 -5.21
N ASP C 10 70.81 18.94 -5.08
CA ASP C 10 71.01 20.35 -5.33
C ASP C 10 70.65 20.75 -6.71
N GLN C 11 70.39 19.83 -7.64
CA GLN C 11 69.95 20.19 -8.97
C GLN C 11 68.45 20.07 -9.16
N TYR C 12 67.81 19.09 -8.50
CA TYR C 12 66.36 19.08 -8.46
C TYR C 12 65.84 20.34 -7.80
N LEU C 13 66.37 20.67 -6.63
CA LEU C 13 65.93 21.87 -5.93
C LEU C 13 66.26 23.14 -6.67
N ALA C 14 67.42 23.19 -7.34
CA ALA C 14 67.82 24.40 -8.03
C ALA C 14 66.87 24.74 -9.16
N ALA C 15 66.28 23.72 -9.80
CA ALA C 15 65.28 23.96 -10.84
C ALA C 15 63.98 24.46 -10.23
N GLY C 16 63.51 23.79 -9.18
CA GLY C 16 62.24 24.11 -8.58
C GLY C 16 61.23 23.01 -8.80
N VAL C 17 61.72 21.78 -9.00
CA VAL C 17 60.84 20.65 -9.27
C VAL C 17 59.89 20.44 -8.11
N HIS C 18 60.28 20.87 -6.91
CA HIS C 18 59.54 20.51 -5.71
C HIS C 18 58.52 21.56 -5.26
N ILE C 19 58.53 22.75 -5.87
CA ILE C 19 57.62 23.81 -5.45
C ILE C 19 56.23 23.57 -6.01
N GLY C 20 55.23 23.66 -5.15
CA GLY C 20 53.87 23.38 -5.57
C GLY C 20 52.97 24.60 -5.64
N THR C 21 51.81 24.51 -5.01
CA THR C 21 50.79 25.53 -5.15
C THR C 21 50.11 25.72 -3.80
N GLN C 22 49.09 26.56 -3.76
CA GLN C 22 48.39 26.81 -2.52
C GLN C 22 47.08 26.04 -2.46
N GLN C 23 46.99 24.91 -3.15
CA GLN C 23 45.77 24.13 -3.19
C GLN C 23 46.15 22.67 -3.05
N LYS C 24 45.37 21.91 -2.29
CA LYS C 24 45.68 20.52 -2.02
C LYS C 24 44.71 19.63 -2.78
N THR C 25 44.72 18.34 -2.44
CA THR C 25 43.76 17.36 -2.91
C THR C 25 44.01 16.07 -2.14
N LYS C 26 42.94 15.34 -1.83
CA LYS C 26 43.09 14.08 -1.13
C LYS C 26 43.81 13.05 -1.97
N ASP C 27 43.75 13.14 -3.29
CA ASP C 27 44.51 12.23 -4.12
C ASP C 27 46.01 12.39 -3.94
N MET C 28 46.51 13.63 -4.01
CA MET C 28 47.93 13.91 -3.94
C MET C 28 48.48 13.79 -2.53
N LYS C 29 47.71 13.28 -1.58
CA LYS C 29 48.13 13.36 -0.19
C LYS C 29 49.37 12.52 0.09
N LYS C 30 49.73 11.66 -0.82
CA LYS C 30 50.94 10.90 -0.58
C LYS C 30 52.14 11.50 -1.20
N PHE C 31 52.00 12.56 -1.98
CA PHE C 31 53.14 13.18 -2.64
C PHE C 31 53.49 14.50 -1.98
N ILE C 32 52.57 15.05 -1.19
CA ILE C 32 52.85 16.24 -0.40
C ILE C 32 53.84 15.84 0.68
N TYR C 33 54.57 16.80 1.20
CA TYR C 33 55.60 16.51 2.18
C TYR C 33 55.50 17.40 3.41
N ARG C 34 55.21 18.68 3.24
CA ARG C 34 54.88 19.55 4.36
C ARG C 34 54.25 20.85 3.86
N VAL C 35 53.92 21.75 4.77
CA VAL C 35 53.30 23.03 4.44
C VAL C 35 54.26 24.10 4.92
N ARG C 36 54.52 25.09 4.07
CA ARG C 36 55.25 26.26 4.54
C ARG C 36 54.32 27.19 5.30
N GLN C 37 54.89 27.90 6.29
CA GLN C 37 54.10 28.89 7.02
C GLN C 37 53.48 29.91 6.11
N ASP C 38 53.96 30.02 4.87
CA ASP C 38 53.32 30.87 3.88
C ASP C 38 52.01 30.29 3.37
N GLY C 39 51.80 28.98 3.54
CA GLY C 39 50.59 28.34 3.08
C GLY C 39 50.72 27.64 1.75
N LEU C 40 51.92 27.23 1.37
CA LEU C 40 52.22 26.71 0.05
C LEU C 40 52.84 25.34 0.21
N TYR C 41 52.27 24.35 -0.46
CA TYR C 41 52.67 22.97 -0.23
C TYR C 41 53.96 22.64 -0.95
N VAL C 42 54.66 21.63 -0.44
CA VAL C 42 55.97 21.20 -0.92
C VAL C 42 55.84 19.73 -1.28
N LEU C 43 56.39 19.35 -2.43
CA LEU C 43 56.31 17.95 -2.83
C LEU C 43 57.53 17.16 -2.36
N ASP C 44 57.42 15.84 -2.45
CA ASP C 44 58.55 14.98 -2.17
C ASP C 44 59.46 14.93 -3.39
N VAL C 45 60.75 14.67 -3.17
CA VAL C 45 61.66 14.50 -4.29
C VAL C 45 62.17 13.09 -4.43
N ARG C 46 62.29 12.33 -3.35
CA ARG C 46 62.59 10.92 -3.48
C ARG C 46 61.56 10.23 -4.36
N LYS C 47 60.31 10.67 -4.28
CA LYS C 47 59.28 10.04 -5.08
C LYS C 47 59.32 10.49 -6.54
N THR C 48 59.63 11.76 -6.80
CA THR C 48 59.85 12.18 -8.18
C THR C 48 60.94 11.35 -8.83
N ASP C 49 62.04 11.12 -8.12
CA ASP C 49 63.07 10.22 -8.63
C ASP C 49 62.52 8.83 -8.85
N GLU C 50 62.05 8.18 -7.80
CA GLU C 50 61.71 6.77 -7.95
C GLU C 50 60.56 6.54 -8.90
N ARG C 51 59.87 7.59 -9.33
CA ARG C 51 58.87 7.45 -10.39
C ARG C 51 59.44 7.72 -11.77
N LEU C 52 60.43 8.59 -11.89
CA LEU C 52 61.02 8.87 -13.20
C LEU C 52 61.69 7.63 -13.78
N LYS C 53 62.33 6.82 -12.93
CA LYS C 53 62.97 5.59 -13.40
C LYS C 53 61.95 4.60 -13.95
N VAL C 54 60.85 4.42 -13.23
CA VAL C 54 59.82 3.49 -13.68
C VAL C 54 59.17 4.01 -14.96
N ALA C 55 58.97 5.32 -15.07
CA ALA C 55 58.37 5.88 -16.27
C ALA C 55 59.30 5.74 -17.46
N GLY C 56 60.61 5.75 -17.21
CA GLY C 56 61.54 5.55 -18.30
C GLY C 56 61.61 4.11 -18.78
N LYS C 57 61.68 3.18 -17.83
CA LYS C 57 61.79 1.78 -18.26
C LYS C 57 60.45 1.17 -18.62
N PHE C 58 59.35 1.90 -18.44
CA PHE C 58 58.06 1.47 -18.97
C PHE C 58 57.87 1.96 -20.39
N LEU C 59 58.37 3.15 -20.71
CA LEU C 59 58.18 3.71 -22.04
C LEU C 59 59.14 3.15 -23.07
N ALA C 60 60.24 2.54 -22.65
CA ALA C 60 61.18 1.95 -23.59
C ALA C 60 60.73 0.56 -24.05
N ARG C 61 59.44 0.25 -23.95
CA ARG C 61 58.91 -1.01 -24.46
C ARG C 61 57.98 -0.84 -25.64
N PHE C 62 57.70 0.38 -26.06
CA PHE C 62 56.85 0.58 -27.22
C PHE C 62 57.69 0.87 -28.45
N ASP C 63 57.09 0.68 -29.60
CA ASP C 63 57.72 1.08 -30.85
C ASP C 63 57.83 2.59 -30.91
N PRO C 64 59.02 3.14 -31.18
CA PRO C 64 59.27 4.55 -30.86
C PRO C 64 58.41 5.52 -31.64
N GLN C 65 57.79 5.11 -32.73
CA GLN C 65 57.00 6.02 -33.53
C GLN C 65 55.56 6.08 -33.10
N SER C 66 55.24 5.59 -31.92
CA SER C 66 53.88 5.53 -31.41
C SER C 66 53.81 6.06 -29.99
N ILE C 67 54.35 7.26 -29.78
CA ILE C 67 54.25 7.96 -28.50
C ILE C 67 53.66 9.32 -28.79
N LEU C 68 52.97 9.89 -27.80
CA LEU C 68 52.53 11.26 -27.86
C LEU C 68 53.09 12.03 -26.68
N ALA C 69 53.67 13.19 -26.96
CA ALA C 69 53.88 14.22 -25.98
C ALA C 69 52.96 15.37 -26.35
N VAL C 70 52.31 15.96 -25.37
CA VAL C 70 51.37 17.04 -25.61
C VAL C 70 51.64 18.17 -24.63
N SER C 71 51.38 19.40 -25.05
CA SER C 71 51.36 20.51 -24.11
C SER C 71 50.68 21.71 -24.75
N VAL C 72 49.75 22.30 -24.01
CA VAL C 72 49.06 23.51 -24.48
C VAL C 72 49.57 24.76 -23.79
N ARG C 73 50.27 24.64 -22.67
CA ARG C 73 50.94 25.77 -22.07
C ARG C 73 52.05 26.26 -22.98
N LEU C 74 52.66 27.36 -22.60
CA LEU C 74 53.65 27.99 -23.46
C LEU C 74 55.07 27.66 -23.03
N TYR C 75 55.29 27.51 -21.73
CA TYR C 75 56.63 27.19 -21.25
C TYR C 75 57.01 25.75 -21.48
N GLY C 76 56.04 24.89 -21.78
CA GLY C 76 56.36 23.49 -21.97
C GLY C 76 56.22 23.05 -23.41
N GLN C 77 56.52 23.93 -24.35
CA GLN C 77 56.41 23.63 -25.76
C GLN C 77 57.75 23.34 -26.43
N LYS C 78 58.79 24.06 -26.09
CA LYS C 78 60.11 23.72 -26.61
C LYS C 78 60.64 22.43 -26.01
N PRO C 79 60.41 22.10 -24.73
CA PRO C 79 60.82 20.78 -24.23
C PRO C 79 60.02 19.62 -24.80
N VAL C 80 58.94 19.90 -25.51
CA VAL C 80 58.18 18.84 -26.16
C VAL C 80 58.78 18.51 -27.51
N LYS C 81 59.27 19.52 -28.24
CA LYS C 81 59.85 19.27 -29.55
C LYS C 81 61.23 18.64 -29.43
N LYS C 82 62.03 19.07 -28.46
CA LYS C 82 63.34 18.45 -28.30
C LYS C 82 63.21 17.00 -27.86
N PHE C 83 62.31 16.72 -26.92
CA PHE C 83 62.02 15.34 -26.55
C PHE C 83 61.48 14.55 -27.73
N GLY C 84 60.71 15.20 -28.58
CA GLY C 84 60.18 14.50 -29.74
C GLY C 84 61.27 14.14 -30.72
N GLU C 85 62.29 14.99 -30.82
CA GLU C 85 63.35 14.76 -31.79
C GLU C 85 64.42 13.79 -31.30
N VAL C 86 64.76 13.82 -30.01
CA VAL C 86 65.81 12.96 -29.49
C VAL C 86 65.40 11.49 -29.55
N THR C 87 64.26 11.15 -28.96
CA THR C 87 63.68 9.84 -29.17
C THR C 87 62.94 9.86 -30.50
N GLY C 88 62.28 8.78 -30.86
CA GLY C 88 61.60 8.79 -32.14
C GLY C 88 60.18 9.29 -32.06
N ALA C 89 59.77 9.71 -30.87
CA ALA C 89 58.37 9.94 -30.56
C ALA C 89 57.81 11.05 -31.42
N ARG C 90 56.49 11.18 -31.39
CA ARG C 90 55.78 12.26 -32.05
C ARG C 90 55.36 13.27 -30.99
N ALA C 91 55.23 14.53 -31.39
CA ALA C 91 54.91 15.59 -30.46
C ALA C 91 53.96 16.58 -31.11
N ILE C 92 53.00 17.07 -30.33
CA ILE C 92 52.04 18.07 -30.79
C ILE C 92 52.05 19.25 -29.82
N PRO C 93 52.77 20.32 -30.12
CA PRO C 93 52.70 21.50 -29.26
C PRO C 93 51.66 22.48 -29.77
N GLY C 94 51.08 23.22 -28.83
CA GLY C 94 50.01 24.14 -29.18
C GLY C 94 48.64 23.57 -28.88
N ARG C 95 47.67 23.99 -29.67
CA ARG C 95 46.29 23.52 -29.48
C ARG C 95 46.09 22.14 -30.09
N PHE C 96 45.54 21.24 -29.29
CA PHE C 96 45.13 19.91 -29.74
C PHE C 96 43.74 20.01 -30.33
N LEU C 97 43.66 20.01 -31.66
CA LEU C 97 42.37 20.21 -32.32
C LEU C 97 41.58 18.91 -32.35
N PRO C 98 40.29 18.93 -31.99
CA PRO C 98 39.59 17.69 -31.67
C PRO C 98 39.30 16.84 -32.90
N GLY C 99 39.17 15.54 -32.66
CA GLY C 99 39.00 14.59 -33.73
C GLY C 99 40.29 14.01 -34.26
N THR C 100 41.40 14.22 -33.58
CA THR C 100 42.67 13.67 -34.02
C THR C 100 42.71 12.16 -33.82
N MET C 101 42.10 11.68 -32.73
CA MET C 101 42.05 10.26 -32.44
C MET C 101 40.67 9.66 -32.69
N THR C 102 39.66 10.47 -32.95
CA THR C 102 38.30 9.98 -33.14
C THR C 102 37.77 10.12 -34.56
N ASN C 103 38.22 11.12 -35.33
CA ASN C 103 37.68 11.40 -36.65
C ASN C 103 38.62 10.87 -37.73
N PRO C 104 38.26 9.78 -38.42
CA PRO C 104 39.08 9.34 -39.55
C PRO C 104 38.90 10.16 -40.82
N ALA C 105 38.08 11.20 -40.78
CA ALA C 105 37.87 12.07 -41.92
C ALA C 105 38.79 13.29 -41.92
N VAL C 106 39.86 13.27 -41.12
CA VAL C 106 40.77 14.40 -40.99
C VAL C 106 42.14 13.97 -41.49
N LYS C 107 42.96 14.95 -41.90
CA LYS C 107 44.28 14.69 -42.43
C LYS C 107 45.30 14.33 -41.35
N ASN C 108 45.03 14.65 -40.08
CA ASN C 108 46.01 14.42 -39.02
C ASN C 108 45.68 13.18 -38.18
N PHE C 109 44.97 12.21 -38.77
CA PHE C 109 44.60 11.01 -38.03
C PHE C 109 45.83 10.22 -37.59
N PHE C 110 45.84 9.88 -36.31
CA PHE C 110 46.95 9.13 -35.72
C PHE C 110 46.49 8.44 -34.44
N GLU C 111 46.78 7.15 -34.31
CA GLU C 111 46.34 6.36 -33.16
C GLU C 111 47.57 5.90 -32.41
N PRO C 112 47.80 6.39 -31.20
CA PRO C 112 49.04 6.08 -30.50
C PRO C 112 48.98 4.76 -29.76
N ASP C 113 49.99 4.48 -28.97
CA ASP C 113 49.97 3.37 -28.03
C ASP C 113 50.02 3.81 -26.58
N VAL C 114 50.72 4.89 -26.26
CA VAL C 114 50.58 5.60 -25.00
C VAL C 114 50.45 7.08 -25.28
N ILE C 115 50.30 7.86 -24.21
CA ILE C 115 50.20 9.30 -24.33
C ILE C 115 50.74 9.92 -23.05
N ILE C 116 51.57 10.94 -23.22
CA ILE C 116 52.17 11.67 -22.11
C ILE C 116 51.51 13.04 -22.04
N ILE C 117 51.01 13.38 -20.86
CA ILE C 117 50.27 14.61 -20.66
C ILE C 117 51.00 15.44 -19.62
N THR C 118 51.29 16.68 -19.96
CA THR C 118 52.05 17.56 -19.10
C THR C 118 51.19 18.13 -17.98
N ASP C 119 49.95 18.48 -18.28
CA ASP C 119 49.03 19.03 -17.29
C ASP C 119 47.60 18.56 -17.55
N PRO C 120 47.06 17.66 -16.73
CA PRO C 120 45.72 17.13 -17.00
C PRO C 120 44.62 18.17 -17.00
N ARG C 121 44.90 19.39 -16.55
CA ARG C 121 43.88 20.42 -16.46
C ARG C 121 43.81 21.27 -17.71
N ALA C 122 44.98 21.64 -18.24
CA ALA C 122 45.01 22.41 -19.48
C ALA C 122 44.90 21.51 -20.69
N ASP C 123 45.38 20.28 -20.59
CA ASP C 123 45.32 19.31 -21.68
C ASP C 123 44.20 18.30 -21.46
N HIS C 124 42.98 18.78 -21.24
CA HIS C 124 41.89 17.85 -20.92
C HIS C 124 41.19 17.32 -22.16
N GLN C 125 41.32 17.98 -23.31
CA GLN C 125 40.79 17.46 -24.57
C GLN C 125 41.46 16.14 -24.96
N ALA C 126 42.80 16.13 -24.97
CA ALA C 126 43.53 14.92 -25.30
C ALA C 126 43.34 13.84 -24.25
N MET C 127 43.17 14.24 -22.99
CA MET C 127 42.85 13.27 -21.94
C MET C 127 41.52 12.58 -22.23
N LYS C 128 40.48 13.35 -22.60
CA LYS C 128 39.18 12.76 -22.91
C LYS C 128 39.27 11.84 -24.13
N GLU C 129 39.90 12.31 -25.21
CA GLU C 129 40.10 11.48 -26.38
C GLU C 129 40.90 10.23 -26.09
N ALA C 130 41.80 10.25 -25.10
CA ALA C 130 42.54 9.05 -24.72
C ALA C 130 41.68 8.09 -23.93
N ILE C 131 40.80 8.61 -23.07
CA ILE C 131 39.88 7.72 -22.37
C ILE C 131 39.01 6.97 -23.36
N GLU C 132 38.60 7.64 -24.44
CA GLU C 132 37.68 6.99 -25.36
C GLU C 132 38.31 5.85 -26.15
N ILE C 133 39.62 5.61 -26.03
CA ILE C 133 40.32 4.73 -26.95
C ILE C 133 41.02 3.59 -26.23
N GLY C 134 41.27 3.70 -24.94
CA GLY C 134 41.73 2.57 -24.15
C GLY C 134 43.23 2.37 -24.18
N ILE C 135 43.99 3.44 -23.98
CA ILE C 135 45.44 3.37 -24.02
C ILE C 135 45.95 3.94 -22.70
N PRO C 136 47.07 3.43 -22.19
CA PRO C 136 47.60 3.93 -20.93
C PRO C 136 47.86 5.42 -20.97
N ILE C 137 47.97 6.02 -19.79
CA ILE C 137 48.18 7.46 -19.70
C ILE C 137 49.25 7.77 -18.67
N VAL C 138 50.30 8.48 -19.09
CA VAL C 138 51.39 8.89 -18.22
C VAL C 138 51.35 10.41 -18.09
N ALA C 139 51.13 10.91 -16.88
CA ALA C 139 50.87 12.33 -16.70
C ALA C 139 51.77 12.90 -15.61
N LEU C 140 52.05 14.20 -15.73
CA LEU C 140 52.85 14.90 -14.74
C LEU C 140 51.91 15.68 -13.82
N VAL C 141 51.76 15.21 -12.59
CA VAL C 141 50.76 15.76 -11.68
C VAL C 141 51.44 16.68 -10.68
N ASP C 142 50.77 17.79 -10.37
CA ASP C 142 51.18 18.78 -9.39
C ASP C 142 50.26 18.67 -8.18
N THR C 143 50.49 19.50 -7.16
CA THR C 143 49.76 19.34 -5.90
C THR C 143 48.27 19.55 -6.05
N GLU C 144 47.83 20.08 -7.18
CA GLU C 144 46.46 20.55 -7.34
C GLU C 144 45.62 19.64 -8.21
N ASN C 145 46.24 18.70 -8.91
CA ASN C 145 45.54 17.88 -9.88
C ASN C 145 44.96 16.63 -9.24
N LEU C 146 43.97 16.07 -9.91
CA LEU C 146 43.40 14.79 -9.54
C LEU C 146 44.05 13.68 -10.33
N LEU C 147 44.02 12.47 -9.79
CA LEU C 147 44.56 11.31 -10.48
C LEU C 147 43.47 10.54 -11.18
N SER C 148 42.47 11.23 -11.71
CA SER C 148 41.36 10.57 -12.38
C SER C 148 41.79 10.13 -13.76
N TYR C 149 41.77 8.82 -14.00
CA TYR C 149 42.09 8.12 -15.24
C TYR C 149 43.60 8.03 -15.48
N VAL C 150 44.43 8.63 -14.64
CA VAL C 150 45.87 8.51 -14.81
C VAL C 150 46.32 7.13 -14.36
N ASP C 151 47.10 6.45 -15.22
CA ASP C 151 47.57 5.11 -14.96
C ASP C 151 48.98 5.04 -14.38
N LEU C 152 49.75 6.11 -14.49
CA LEU C 152 51.09 6.22 -13.92
C LEU C 152 51.33 7.71 -13.70
N ALA C 153 51.53 8.09 -12.45
CA ALA C 153 51.67 9.50 -12.12
C ALA C 153 53.11 9.84 -11.81
N ILE C 154 53.47 11.10 -12.03
CA ILE C 154 54.81 11.60 -11.77
C ILE C 154 54.69 12.94 -11.06
N PRO C 155 54.94 13.03 -9.76
CA PRO C 155 54.67 14.27 -9.04
C PRO C 155 55.73 15.31 -9.32
N THR C 156 55.31 16.45 -9.88
CA THR C 156 56.31 17.39 -10.34
C THR C 156 55.67 18.75 -10.56
N ASN C 157 56.41 19.80 -10.21
CA ASN C 157 55.95 21.16 -10.50
C ASN C 157 55.86 21.33 -12.01
N ASN C 158 54.66 21.23 -12.58
CA ASN C 158 54.50 21.25 -14.03
C ASN C 158 54.09 22.60 -14.58
N LYS C 159 54.56 23.69 -13.99
CA LYS C 159 54.20 25.03 -14.47
C LYS C 159 55.39 25.92 -14.79
N GLY C 160 56.44 25.89 -13.99
CA GLY C 160 57.59 26.74 -14.23
C GLY C 160 58.35 26.34 -15.49
N ARG C 161 59.21 27.26 -15.92
CA ARG C 161 59.92 27.14 -17.18
C ARG C 161 61.22 26.35 -17.05
N LYS C 162 61.88 26.44 -15.90
CA LYS C 162 63.14 25.72 -15.72
C LYS C 162 62.91 24.30 -15.23
N ALA C 163 61.72 23.99 -14.72
CA ALA C 163 61.46 22.65 -14.21
C ALA C 163 60.90 21.75 -15.30
N LEU C 164 60.24 22.32 -16.30
CA LEU C 164 59.73 21.50 -17.38
C LEU C 164 60.86 21.03 -18.29
N ALA C 165 61.99 21.72 -18.27
CA ALA C 165 63.13 21.29 -19.06
C ALA C 165 63.96 20.24 -18.36
N LEU C 166 63.90 20.18 -17.04
CA LEU C 166 64.72 19.20 -16.34
C LEU C 166 64.02 17.85 -16.30
N ILE C 167 62.69 17.85 -16.38
CA ILE C 167 61.93 16.61 -16.35
C ILE C 167 62.08 15.88 -17.67
N TYR C 168 61.81 16.56 -18.77
CA TYR C 168 61.85 15.94 -20.07
C TYR C 168 63.26 15.55 -20.47
N TRP C 169 64.26 16.27 -19.97
CA TRP C 169 65.64 15.88 -20.21
C TRP C 169 65.95 14.52 -19.61
N ILE C 170 65.64 14.35 -18.32
CA ILE C 170 65.87 13.09 -17.64
C ILE C 170 65.06 11.98 -18.28
N LEU C 171 63.80 12.27 -18.65
CA LEU C 171 62.99 11.24 -19.26
C LEU C 171 63.56 10.81 -20.60
N ALA C 172 64.04 11.76 -21.40
CA ALA C 172 64.58 11.42 -22.71
C ALA C 172 65.89 10.68 -22.61
N ARG C 173 66.69 10.97 -21.58
CA ARG C 173 67.93 10.21 -21.41
C ARG C 173 67.65 8.80 -20.95
N GLU C 174 66.82 8.63 -19.94
CA GLU C 174 66.57 7.29 -19.40
C GLU C 174 65.87 6.38 -20.39
N ILE C 175 65.16 6.92 -21.37
CA ILE C 175 64.55 6.08 -22.41
C ILE C 175 65.63 5.50 -23.31
N LEU C 176 66.65 6.30 -23.61
CA LEU C 176 67.76 5.81 -24.41
C LEU C 176 68.52 4.72 -23.69
N TYR C 177 68.77 4.88 -22.40
CA TYR C 177 69.61 3.96 -21.67
C TYR C 177 68.97 2.59 -21.52
N ASN C 178 67.67 2.47 -21.73
CA ASN C 178 66.97 1.21 -21.49
C ASN C 178 66.66 0.44 -22.76
N ARG C 179 66.95 1.01 -23.93
CA ARG C 179 66.74 0.31 -25.19
C ARG C 179 68.04 0.04 -25.93
N GLY C 180 69.19 0.25 -25.29
CA GLY C 180 70.47 -0.10 -25.86
C GLY C 180 71.06 0.95 -26.77
N GLU C 181 70.46 2.13 -26.86
CA GLU C 181 71.03 3.15 -27.72
C GLU C 181 72.28 3.77 -27.10
N ILE C 182 72.52 3.52 -25.81
CA ILE C 182 73.58 4.19 -25.07
C ILE C 182 74.25 3.18 -24.15
N SER C 183 75.56 3.33 -23.96
CA SER C 183 76.30 2.45 -23.07
C SER C 183 76.10 2.82 -21.61
N SER C 184 76.48 4.04 -21.24
CA SER C 184 76.39 4.51 -19.87
C SER C 184 75.71 5.86 -19.84
N ARG C 185 75.19 6.20 -18.66
CA ARG C 185 74.43 7.42 -18.47
C ARG C 185 75.22 8.68 -18.78
N GLU C 186 76.55 8.67 -18.66
CA GLU C 186 77.37 9.82 -18.98
C GLU C 186 77.80 9.86 -20.44
N GLU C 187 77.03 9.26 -21.33
CA GLU C 187 77.28 9.28 -22.76
C GLU C 187 76.17 10.04 -23.48
N PHE C 188 75.49 10.92 -22.76
CA PHE C 188 74.41 11.75 -23.29
C PHE C 188 74.93 13.18 -23.28
N LYS C 189 75.48 13.63 -24.40
CA LYS C 189 76.17 14.91 -24.47
C LYS C 189 75.28 15.96 -25.13
N ILE C 190 74.15 16.22 -24.50
CA ILE C 190 73.25 17.29 -24.98
C ILE C 190 72.90 18.19 -23.81
N PRO C 191 73.35 19.44 -23.81
CA PRO C 191 73.19 20.29 -22.63
C PRO C 191 71.73 20.71 -22.42
N VAL C 192 71.37 20.81 -21.14
CA VAL C 192 69.97 20.94 -20.76
C VAL C 192 69.37 22.22 -21.32
N GLU C 193 70.18 23.28 -21.44
CA GLU C 193 69.67 24.56 -21.92
C GLU C 193 69.02 24.46 -23.29
N GLU C 194 69.30 23.39 -24.03
CA GLU C 194 68.71 23.26 -25.36
C GLU C 194 67.23 22.94 -25.26
N PHE C 195 66.79 22.38 -24.14
CA PHE C 195 65.40 22.00 -23.95
C PHE C 195 64.54 23.18 -23.56
N GLU C 196 65.04 24.09 -22.73
CA GLU C 196 64.16 25.09 -22.17
C GLU C 196 63.86 26.18 -23.19
N MET C 197 62.73 26.83 -22.98
CA MET C 197 62.31 27.94 -23.81
C MET C 197 63.16 29.15 -23.47
N LYS C 198 63.62 29.87 -24.49
CA LYS C 198 64.42 31.06 -24.25
C LYS C 198 63.53 32.21 -23.83
N ILE C 199 64.06 33.10 -23.00
CA ILE C 199 63.31 34.25 -22.53
C ILE C 199 63.06 35.19 -23.71
N GLU D 3 30.47 -25.68 -29.76
CA GLU D 3 31.20 -25.46 -31.01
C GLU D 3 32.68 -25.63 -30.74
N ASN D 4 33.09 -26.84 -30.37
CA ASN D 4 34.45 -27.15 -29.94
C ASN D 4 34.80 -26.41 -28.65
N VAL D 5 34.05 -26.75 -27.60
CA VAL D 5 34.13 -26.04 -26.32
C VAL D 5 35.19 -26.67 -25.43
N GLU D 6 36.43 -26.27 -25.64
CA GLU D 6 37.57 -26.68 -24.81
C GLU D 6 38.08 -25.50 -24.02
N LEU D 7 37.13 -24.75 -23.42
CA LEU D 7 37.30 -23.37 -22.98
C LEU D 7 37.63 -22.47 -24.17
N LYS D 8 36.61 -22.29 -25.01
CA LYS D 8 36.76 -21.49 -26.23
C LYS D 8 37.34 -20.12 -25.93
N PHE D 9 36.86 -19.43 -24.90
CA PHE D 9 37.61 -18.32 -24.39
C PHE D 9 37.35 -18.18 -22.90
N GLU D 10 38.01 -17.19 -22.31
CA GLU D 10 37.80 -16.75 -20.95
C GLU D 10 37.52 -15.26 -20.98
N ILE D 11 37.09 -14.71 -19.85
CA ILE D 11 36.73 -13.30 -19.72
C ILE D 11 37.72 -12.63 -18.77
N PRO D 12 38.21 -11.44 -19.09
CA PRO D 12 39.18 -10.78 -18.23
C PRO D 12 38.54 -10.11 -17.02
N VAL D 13 39.28 -10.04 -15.92
CA VAL D 13 38.81 -9.48 -14.67
C VAL D 13 39.77 -8.37 -14.23
N CYS D 14 39.25 -7.39 -13.50
CA CYS D 14 40.08 -6.29 -13.03
C CYS D 14 41.01 -6.76 -11.92
N THR D 15 42.25 -6.28 -11.95
CA THR D 15 43.27 -6.75 -11.03
C THR D 15 43.22 -6.08 -9.67
N SER D 16 42.19 -5.29 -9.39
CA SER D 16 42.05 -4.65 -8.10
C SER D 16 40.85 -5.19 -7.34
N CYS D 17 39.74 -5.40 -8.04
CA CYS D 17 38.48 -5.82 -7.42
C CYS D 17 38.00 -7.17 -7.88
N GLY D 18 38.46 -7.68 -9.02
CA GLY D 18 38.09 -9.01 -9.44
C GLY D 18 36.77 -9.12 -10.17
N ARG D 19 36.22 -8.01 -10.64
CA ARG D 19 34.92 -7.99 -11.32
C ARG D 19 35.12 -7.96 -12.81
N GLU D 20 34.56 -8.94 -13.50
CA GLU D 20 34.84 -9.08 -14.93
C GLU D 20 34.30 -7.89 -15.70
N ILE D 21 34.77 -7.75 -16.94
CA ILE D 21 34.67 -6.51 -17.70
C ILE D 21 33.57 -6.65 -18.75
N THR D 22 32.67 -5.58 -18.86
CA THR D 22 31.54 -5.66 -19.78
C THR D 22 31.99 -5.24 -21.19
N PRO D 23 31.25 -5.64 -22.23
CA PRO D 23 31.81 -5.55 -23.59
C PRO D 23 32.22 -4.17 -24.06
N ARG D 24 31.59 -3.09 -23.63
CA ARG D 24 31.87 -1.81 -24.28
C ARG D 24 32.31 -0.71 -23.33
N GLU D 25 33.04 -1.01 -22.27
CA GLU D 25 33.38 0.04 -21.34
C GLU D 25 34.83 0.50 -21.52
N HIS D 26 35.14 1.65 -20.93
CA HIS D 26 36.42 2.31 -21.10
C HIS D 26 37.45 1.74 -20.13
N ALA D 27 37.83 0.49 -20.38
CA ALA D 27 38.87 -0.16 -19.60
C ALA D 27 40.21 -0.01 -20.30
N THR D 28 41.24 -0.62 -19.75
CA THR D 28 42.57 -0.55 -20.35
C THR D 28 43.37 -1.74 -19.87
N HIS D 29 44.46 -2.04 -20.58
CA HIS D 29 45.40 -3.03 -20.09
C HIS D 29 46.78 -2.68 -20.61
N PHE D 30 47.80 -3.08 -19.85
CA PHE D 30 49.17 -2.77 -20.20
C PHE D 30 50.11 -3.65 -19.40
N VAL D 31 51.35 -3.74 -19.85
CA VAL D 31 52.32 -4.60 -19.17
C VAL D 31 52.82 -3.90 -17.92
N CYS D 32 53.10 -4.69 -16.90
CA CYS D 32 53.49 -4.14 -15.61
C CYS D 32 54.72 -3.27 -15.72
N PRO D 33 54.66 -2.00 -15.33
CA PRO D 33 55.88 -1.21 -15.23
C PRO D 33 56.76 -1.78 -14.14
N ASN D 34 58.07 -1.62 -14.29
CA ASN D 34 59.07 -2.06 -13.35
C ASN D 34 59.30 -3.57 -13.38
N CYS D 35 58.44 -4.35 -14.02
CA CYS D 35 58.64 -5.79 -14.14
C CYS D 35 58.66 -6.25 -15.60
N GLY D 36 57.58 -6.02 -16.34
CA GLY D 36 57.47 -6.50 -17.70
C GLY D 36 56.89 -7.89 -17.85
N GLU D 37 56.42 -8.52 -16.78
CA GLU D 37 55.99 -9.91 -16.84
C GLU D 37 54.50 -10.14 -16.67
N ALA D 38 53.72 -9.17 -16.20
CA ALA D 38 52.30 -9.38 -15.97
C ALA D 38 51.50 -8.33 -16.73
N ILE D 39 50.31 -8.72 -17.18
CA ILE D 39 49.38 -7.79 -17.80
C ILE D 39 48.40 -7.33 -16.73
N ILE D 40 48.07 -6.04 -16.74
CA ILE D 40 47.31 -5.41 -15.68
C ILE D 40 46.05 -4.81 -16.28
N TRP D 41 44.89 -5.10 -15.68
CA TRP D 41 43.61 -4.60 -16.13
C TRP D 41 43.05 -3.59 -15.14
N ARG D 42 42.32 -2.62 -15.66
CA ARG D 42 41.63 -1.65 -14.82
C ARG D 42 40.25 -1.42 -15.39
N CYS D 43 39.21 -1.61 -14.58
CA CYS D 43 37.85 -1.34 -15.01
C CYS D 43 37.62 0.16 -15.00
N GLU D 44 36.50 0.57 -15.60
CA GLU D 44 36.23 2.00 -15.72
C GLU D 44 36.03 2.65 -14.35
N THR D 45 35.37 1.94 -13.44
CA THR D 45 35.09 2.53 -12.15
C THR D 45 36.28 2.51 -11.21
N CYS D 46 37.30 1.71 -11.48
CA CYS D 46 38.52 1.78 -10.68
C CYS D 46 39.52 2.75 -11.27
N ARG D 47 39.37 3.10 -12.55
CA ARG D 47 40.12 4.20 -13.13
C ARG D 47 39.55 5.55 -12.77
N LEU D 48 38.22 5.66 -12.65
CA LEU D 48 37.60 6.96 -12.44
C LEU D 48 37.89 7.52 -11.06
N LEU D 49 37.76 6.69 -10.04
CA LEU D 49 38.23 7.03 -8.70
C LEU D 49 39.52 6.26 -8.48
N ALA D 50 40.64 6.97 -8.46
CA ALA D 50 41.93 6.34 -8.67
C ALA D 50 42.31 5.41 -7.53
N LYS D 51 41.97 4.15 -7.69
CA LYS D 51 42.26 3.05 -6.78
C LYS D 51 43.62 2.46 -7.07
N PRO D 52 44.37 2.09 -6.05
CA PRO D 52 45.68 1.47 -6.27
C PRO D 52 45.56 0.02 -6.74
N TYR D 53 46.55 -0.40 -7.51
CA TYR D 53 46.71 -1.79 -7.91
C TYR D 53 48.11 -2.24 -7.52
N LYS D 54 48.36 -3.56 -7.56
CA LYS D 54 49.71 -4.02 -7.36
C LYS D 54 49.96 -5.25 -8.20
N CYS D 55 51.15 -5.31 -8.79
CA CYS D 55 51.48 -6.40 -9.70
C CYS D 55 51.52 -7.72 -8.94
N PRO D 56 50.95 -8.79 -9.49
CA PRO D 56 50.93 -10.06 -8.79
C PRO D 56 52.29 -10.75 -8.69
N LYS D 57 53.32 -10.20 -9.32
CA LYS D 57 54.63 -10.82 -9.33
C LYS D 57 55.63 -10.09 -8.46
N CYS D 58 55.92 -8.83 -8.76
CA CYS D 58 56.66 -7.98 -7.84
C CYS D 58 55.67 -7.27 -6.93
N GLY D 59 56.12 -6.27 -6.20
CA GLY D 59 55.19 -5.62 -5.29
C GLY D 59 54.84 -4.20 -5.65
N TRP D 60 55.28 -3.74 -6.81
CA TRP D 60 55.12 -2.34 -7.17
C TRP D 60 53.65 -1.98 -7.17
N GLU D 61 53.33 -0.84 -6.56
CA GLU D 61 51.95 -0.51 -6.23
C GLU D 61 51.52 0.81 -6.86
N GLY D 62 50.23 0.86 -7.20
CA GLY D 62 49.53 2.10 -7.40
C GLY D 62 49.83 2.79 -8.70
N PRO D 63 48.98 3.74 -9.08
CA PRO D 63 49.18 4.65 -10.20
C PRO D 63 50.34 5.61 -9.98
N GLY E 2 -25.32 -19.68 -2.95
CA GLY E 2 -24.87 -19.01 -4.13
C GLY E 2 -25.53 -19.64 -5.32
N ASP E 3 -24.81 -19.70 -6.44
CA ASP E 3 -25.33 -20.22 -7.69
C ASP E 3 -24.91 -21.66 -7.86
N PRO E 4 -25.62 -22.42 -8.66
CA PRO E 4 -25.24 -23.80 -8.90
C PRO E 4 -24.34 -23.95 -10.11
N LYS E 5 -24.01 -25.19 -10.49
CA LYS E 5 -23.02 -25.44 -11.52
C LYS E 5 -23.52 -25.03 -12.89
N ARG E 6 -22.65 -24.40 -13.66
CA ARG E 6 -22.85 -24.14 -15.08
C ARG E 6 -21.89 -25.03 -15.87
N GLN E 7 -22.32 -25.47 -17.03
CA GLN E 7 -21.42 -26.20 -17.90
C GLN E 7 -20.62 -25.23 -18.75
N ARG E 8 -19.33 -25.53 -18.92
CA ARG E 8 -18.37 -24.57 -19.43
C ARG E 8 -17.82 -25.01 -20.77
N LYS E 9 -17.24 -24.05 -21.50
CA LYS E 9 -16.66 -24.35 -22.80
C LYS E 9 -15.30 -24.99 -22.62
N LYS E 10 -14.98 -25.92 -23.50
CA LYS E 10 -13.72 -26.65 -23.47
C LYS E 10 -12.77 -26.18 -24.56
N TYR E 11 -12.83 -24.92 -24.95
CA TYR E 11 -11.84 -24.33 -25.83
C TYR E 11 -11.74 -22.84 -25.50
N GLU E 12 -10.80 -22.17 -26.16
CA GLU E 12 -10.55 -20.75 -25.91
C GLU E 12 -10.28 -20.04 -27.22
N THR E 13 -10.82 -18.84 -27.36
CA THR E 13 -10.65 -18.02 -28.54
C THR E 13 -9.34 -17.23 -28.45
N PRO E 14 -8.93 -16.55 -29.51
CA PRO E 14 -7.73 -15.74 -29.44
C PRO E 14 -7.98 -14.42 -28.76
N PRO E 15 -6.94 -13.79 -28.18
CA PRO E 15 -7.14 -12.53 -27.48
C PRO E 15 -7.46 -11.39 -28.41
N HIS E 16 -6.80 -11.32 -29.55
CA HIS E 16 -7.12 -10.38 -30.59
C HIS E 16 -7.55 -11.17 -31.81
N PRO E 17 -8.58 -10.75 -32.53
CA PRO E 17 -9.07 -11.56 -33.65
C PRO E 17 -8.38 -11.32 -34.99
N TRP E 18 -7.54 -10.30 -35.13
CA TRP E 18 -7.06 -9.87 -36.44
C TRP E 18 -5.56 -9.65 -36.44
N ILE E 19 -4.80 -10.56 -35.86
CA ILE E 19 -3.34 -10.47 -35.92
C ILE E 19 -2.86 -11.20 -37.18
N LYS E 20 -2.07 -10.51 -38.00
CA LYS E 20 -1.77 -11.00 -39.34
C LYS E 20 -0.86 -12.22 -39.31
N GLU E 21 0.17 -12.17 -38.49
CA GLU E 21 1.16 -13.22 -38.40
C GLU E 21 0.62 -14.49 -37.74
N ARG E 22 -0.64 -14.46 -37.32
CA ARG E 22 -1.33 -15.61 -36.75
C ARG E 22 -2.44 -16.13 -37.65
N LEU E 23 -3.20 -15.25 -38.28
CA LEU E 23 -4.08 -15.70 -39.35
C LEU E 23 -3.29 -16.43 -40.42
N ASP E 24 -2.07 -15.95 -40.69
CA ASP E 24 -1.18 -16.58 -41.65
C ASP E 24 -0.69 -17.94 -41.19
N ARG E 25 -0.57 -18.15 -39.89
CA ARG E 25 -0.07 -19.41 -39.38
C ARG E 25 -1.17 -20.45 -39.25
N GLU E 26 -2.40 -20.00 -38.99
CA GLU E 26 -3.51 -20.92 -38.90
C GLU E 26 -4.13 -21.23 -40.25
N ARG E 27 -3.91 -20.40 -41.26
CA ARG E 27 -4.45 -20.71 -42.59
C ARG E 27 -3.76 -21.91 -43.21
N VAL E 28 -2.62 -22.31 -42.68
CA VAL E 28 -1.88 -23.44 -43.25
C VAL E 28 -2.34 -24.76 -42.63
N LEU E 29 -2.49 -24.79 -41.32
CA LEU E 29 -2.93 -26.00 -40.62
C LEU E 29 -4.35 -26.39 -41.00
N MET E 30 -5.11 -25.50 -41.62
CA MET E 30 -6.50 -25.82 -41.95
C MET E 30 -6.62 -26.40 -43.34
N ASP E 31 -5.68 -26.08 -44.23
CA ASP E 31 -5.68 -26.67 -45.56
C ASP E 31 -4.91 -27.97 -45.61
N LYS E 32 -4.01 -28.20 -44.67
CA LYS E 32 -3.19 -29.40 -44.67
C LYS E 32 -3.92 -30.57 -44.04
N TYR E 33 -4.79 -30.32 -43.06
CA TYR E 33 -5.57 -31.36 -42.41
C TYR E 33 -7.06 -31.27 -42.69
N GLU E 34 -7.52 -30.23 -43.38
CA GLU E 34 -8.90 -30.08 -43.86
C GLU E 34 -9.91 -30.13 -42.73
N LEU E 35 -9.69 -29.30 -41.72
CA LEU E 35 -10.60 -29.14 -40.60
C LEU E 35 -11.75 -28.23 -41.02
N LYS E 36 -12.90 -28.37 -40.36
CA LYS E 36 -14.12 -27.76 -40.88
C LYS E 36 -14.26 -26.27 -40.60
N ASN E 37 -13.99 -25.85 -39.37
CA ASN E 37 -14.09 -24.45 -38.97
C ASN E 37 -12.92 -24.18 -38.04
N LYS E 38 -12.91 -23.01 -37.42
CA LYS E 38 -11.79 -22.69 -36.55
C LYS E 38 -11.97 -23.27 -35.15
N LYS E 39 -13.19 -23.23 -34.61
CA LYS E 39 -13.40 -23.74 -33.26
C LYS E 39 -12.98 -25.18 -33.14
N GLU E 40 -12.87 -25.88 -34.26
CA GLU E 40 -12.32 -27.23 -34.29
C GLU E 40 -10.82 -27.24 -34.13
N LEU E 41 -10.14 -26.14 -34.44
CA LEU E 41 -8.70 -26.04 -34.28
C LEU E 41 -8.30 -25.58 -32.89
N TRP E 42 -9.02 -24.63 -32.30
CA TRP E 42 -8.64 -24.14 -30.98
C TRP E 42 -8.85 -25.20 -29.90
N LYS E 43 -9.71 -26.18 -30.14
CA LYS E 43 -9.92 -27.24 -29.17
C LYS E 43 -8.67 -28.09 -29.00
N HIS E 44 -7.94 -28.33 -30.08
CA HIS E 44 -6.71 -29.11 -29.98
C HIS E 44 -5.59 -28.29 -29.35
N GLU E 45 -5.49 -27.01 -29.67
CA GLU E 45 -4.55 -26.15 -28.97
C GLU E 45 -4.76 -26.21 -27.47
N THR E 46 -6.03 -26.19 -27.04
CA THR E 46 -6.31 -26.25 -25.61
C THR E 46 -5.95 -27.62 -25.02
N GLN E 47 -6.25 -28.69 -25.75
CA GLN E 47 -5.82 -30.01 -25.30
C GLN E 47 -4.32 -30.07 -25.05
N LEU E 48 -3.54 -29.35 -25.83
CA LEU E 48 -2.09 -29.33 -25.61
C LEU E 48 -1.66 -28.38 -24.49
N LYS E 49 -2.29 -27.20 -24.40
CA LYS E 49 -1.91 -26.22 -23.39
C LYS E 49 -2.24 -26.70 -21.99
N ASN E 50 -3.23 -27.57 -21.84
CA ASN E 50 -3.50 -28.12 -20.51
C ASN E 50 -2.43 -29.12 -20.08
N PHE E 51 -1.97 -29.98 -20.98
CA PHE E 51 -0.82 -30.83 -20.66
C PHE E 51 0.39 -29.99 -20.27
N ARG E 52 0.72 -29.00 -21.08
CA ARG E 52 1.87 -28.17 -20.78
C ARG E 52 1.74 -27.53 -19.41
N ARG E 53 0.58 -26.95 -19.09
CA ARG E 53 0.39 -26.32 -17.78
C ARG E 53 0.38 -27.31 -16.63
N ARG E 54 0.10 -28.59 -16.88
CA ARG E 54 0.23 -29.60 -15.82
C ARG E 54 1.68 -29.94 -15.56
N ALA E 55 2.48 -30.04 -16.62
CA ALA E 55 3.87 -30.40 -16.39
C ALA E 55 4.66 -29.30 -15.72
N ARG E 56 4.17 -28.07 -15.73
CA ARG E 56 4.86 -26.97 -15.10
C ARG E 56 4.66 -26.95 -13.60
N ARG E 57 3.59 -27.53 -13.10
CA ARG E 57 3.33 -27.60 -11.67
C ARG E 57 3.93 -28.83 -11.00
N LEU E 58 3.90 -29.98 -11.63
CA LEU E 58 4.58 -31.15 -11.09
C LEU E 58 6.08 -31.05 -11.21
N LEU E 59 6.58 -29.96 -11.76
CA LEU E 59 8.00 -29.79 -11.99
C LEU E 59 8.66 -28.98 -10.90
N ALA E 60 7.95 -28.03 -10.31
CA ALA E 60 8.39 -27.31 -9.14
C ALA E 60 7.99 -27.99 -7.85
N ALA E 61 6.98 -28.84 -7.87
CA ALA E 61 6.38 -29.36 -6.66
C ALA E 61 7.12 -30.58 -6.14
N ARG E 62 6.90 -30.87 -4.86
CA ARG E 62 7.48 -32.04 -4.24
C ARG E 62 6.60 -32.45 -3.08
N GLY E 63 6.51 -33.75 -2.85
CA GLY E 63 5.65 -34.27 -1.81
C GLY E 63 5.33 -35.71 -2.10
N LYS E 64 4.37 -36.25 -1.37
CA LYS E 64 4.04 -37.66 -1.54
C LYS E 64 3.11 -37.91 -2.71
N GLN E 65 2.00 -37.21 -2.76
CA GLN E 65 1.03 -37.43 -3.81
C GLN E 65 1.35 -36.67 -5.09
N ALA E 66 2.13 -35.59 -5.00
CA ALA E 66 2.60 -34.93 -6.22
C ALA E 66 3.44 -35.87 -7.06
N GLU E 67 4.20 -36.75 -6.41
CA GLU E 67 4.87 -37.81 -7.14
C GLU E 67 3.87 -38.68 -7.89
N ILE E 68 2.80 -39.10 -7.23
CA ILE E 68 1.84 -39.99 -7.87
C ILE E 68 1.18 -39.28 -9.04
N GLU E 69 0.94 -37.98 -8.90
CA GLU E 69 0.34 -37.26 -10.01
C GLU E 69 1.33 -37.03 -11.14
N ARG E 70 2.63 -37.11 -10.86
CA ARG E 70 3.62 -36.90 -11.90
C ARG E 70 3.65 -38.03 -12.90
N GLU E 71 3.68 -39.27 -12.42
CA GLU E 71 3.83 -40.42 -13.29
C GLU E 71 2.50 -40.98 -13.80
N GLN E 72 1.39 -40.32 -13.52
CA GLN E 72 0.17 -40.60 -14.25
C GLN E 72 0.05 -39.77 -15.50
N LEU E 73 0.74 -38.64 -15.57
CA LEU E 73 0.82 -37.81 -16.76
C LEU E 73 1.69 -38.44 -17.84
N LEU E 74 2.82 -39.05 -17.48
CA LEU E 74 3.62 -39.77 -18.46
C LEU E 74 2.88 -41.00 -18.97
N ALA E 75 2.24 -41.73 -18.07
CA ALA E 75 1.63 -42.99 -18.46
C ALA E 75 0.56 -42.79 -19.51
N ARG E 76 -0.37 -41.87 -19.26
CA ARG E 76 -1.36 -41.59 -20.29
C ARG E 76 -0.73 -40.92 -21.49
N LEU E 77 0.16 -39.95 -21.26
CA LEU E 77 0.67 -39.15 -22.36
C LEU E 77 1.44 -40.00 -23.36
N LYS E 78 1.92 -41.17 -22.95
CA LYS E 78 2.51 -42.09 -23.91
C LYS E 78 1.59 -43.27 -24.26
N ARG E 79 0.53 -43.51 -23.48
CA ARG E 79 -0.51 -44.43 -23.94
C ARG E 79 -1.26 -43.87 -25.12
N LEU E 80 -1.18 -42.57 -25.33
CA LEU E 80 -1.87 -41.91 -26.42
C LEU E 80 -1.01 -41.80 -27.66
N GLY E 81 0.22 -42.27 -27.61
CA GLY E 81 1.11 -42.26 -28.75
C GLY E 81 1.88 -40.98 -28.97
N LEU E 82 1.74 -39.99 -28.08
CA LEU E 82 2.41 -38.70 -28.22
C LEU E 82 3.81 -38.67 -27.64
N LEU E 83 4.25 -39.68 -26.89
CA LEU E 83 5.61 -39.80 -26.39
C LEU E 83 6.10 -41.22 -26.57
N PRO E 84 7.42 -41.44 -26.55
CA PRO E 84 7.95 -42.80 -26.62
C PRO E 84 8.09 -43.45 -25.25
N GLU E 85 8.56 -44.68 -25.22
CA GLU E 85 8.62 -45.46 -23.99
C GLU E 85 9.82 -45.11 -23.11
N ASP E 86 10.62 -44.12 -23.48
CA ASP E 86 11.82 -43.81 -22.72
C ASP E 86 11.82 -42.38 -22.21
N ALA E 87 10.71 -41.66 -22.39
CA ALA E 87 10.71 -40.22 -22.19
C ALA E 87 10.57 -39.86 -20.73
N VAL E 88 11.35 -38.86 -20.32
CA VAL E 88 11.28 -38.26 -19.00
C VAL E 88 10.34 -37.07 -19.03
N LEU E 89 10.02 -36.52 -17.87
CA LEU E 89 9.01 -35.46 -17.78
C LEU E 89 9.39 -34.24 -18.60
N ASP E 90 10.66 -33.91 -18.69
CA ASP E 90 11.04 -32.68 -19.39
C ASP E 90 10.74 -32.73 -20.87
N ASP E 91 10.27 -33.87 -21.39
CA ASP E 91 9.95 -33.90 -22.81
C ASP E 91 8.50 -33.54 -23.08
N VAL E 92 7.71 -33.27 -22.04
CA VAL E 92 6.38 -32.73 -22.24
C VAL E 92 6.44 -31.28 -22.70
N LEU E 93 7.51 -30.57 -22.38
CA LEU E 93 7.55 -29.15 -22.68
C LEU E 93 7.92 -28.86 -24.12
N SER E 94 8.52 -29.81 -24.81
CA SER E 94 8.77 -29.67 -26.25
C SER E 94 7.88 -30.58 -27.06
N LEU E 95 6.57 -30.44 -26.89
CA LEU E 95 5.57 -31.06 -27.74
C LEU E 95 4.89 -29.97 -28.56
N THR E 96 4.41 -30.34 -29.74
CA THR E 96 3.90 -29.36 -30.68
C THR E 96 2.46 -29.64 -31.04
N ILE E 97 1.82 -28.65 -31.64
CA ILE E 97 0.44 -28.83 -32.08
C ILE E 97 0.36 -29.84 -33.20
N GLU E 98 1.31 -29.83 -34.12
CA GLU E 98 1.20 -30.82 -35.19
C GLU E 98 1.46 -32.24 -34.74
N ASP E 99 1.67 -32.49 -33.45
CA ASP E 99 1.74 -33.83 -32.90
C ASP E 99 0.39 -34.36 -32.46
N ILE E 100 -0.54 -33.46 -32.11
CA ILE E 100 -1.86 -33.88 -31.71
C ILE E 100 -2.79 -33.93 -32.90
N LEU E 101 -2.51 -33.11 -33.90
CA LEU E 101 -3.28 -33.15 -35.13
C LEU E 101 -2.95 -34.37 -35.96
N GLU E 102 -1.96 -35.15 -35.55
CA GLU E 102 -1.58 -36.36 -36.24
C GLU E 102 -2.27 -37.58 -35.69
N ARG E 103 -3.07 -37.42 -34.65
CA ARG E 103 -3.70 -38.54 -33.96
C ARG E 103 -5.19 -38.59 -34.19
N ARG E 104 -5.77 -37.65 -34.91
CA ARG E 104 -7.18 -37.75 -35.27
C ARG E 104 -7.41 -38.99 -36.11
N LEU E 105 -8.66 -39.48 -36.09
CA LEU E 105 -8.96 -40.66 -36.89
C LEU E 105 -8.92 -40.36 -38.37
N GLN E 106 -9.20 -39.12 -38.76
CA GLN E 106 -9.14 -38.74 -40.17
C GLN E 106 -7.73 -38.92 -40.71
N THR E 107 -6.77 -38.25 -40.08
CA THR E 107 -5.40 -38.27 -40.58
C THR E 107 -4.81 -39.67 -40.55
N ILE E 108 -5.24 -40.50 -39.62
CA ILE E 108 -4.72 -41.86 -39.52
C ILE E 108 -5.32 -42.76 -40.58
N VAL E 109 -6.63 -42.65 -40.83
CA VAL E 109 -7.21 -43.49 -41.87
C VAL E 109 -6.75 -43.03 -43.24
N TYR E 110 -6.16 -41.84 -43.35
CA TYR E 110 -5.53 -41.45 -44.60
C TYR E 110 -4.07 -41.85 -44.67
N LYS E 111 -3.32 -41.78 -43.58
CA LYS E 111 -1.93 -42.20 -43.58
C LYS E 111 -1.75 -43.69 -43.54
N LYS E 112 -2.83 -44.46 -43.63
CA LYS E 112 -2.71 -45.92 -43.72
C LYS E 112 -3.13 -46.44 -45.08
N GLY E 113 -3.45 -45.54 -46.02
CA GLY E 113 -3.79 -45.96 -47.35
C GLY E 113 -5.22 -46.36 -47.55
N LEU E 114 -6.10 -46.10 -46.59
CA LEU E 114 -7.49 -46.49 -46.74
C LEU E 114 -8.30 -45.46 -47.51
N ALA E 115 -7.74 -44.29 -47.78
CA ALA E 115 -8.41 -43.26 -48.55
C ALA E 115 -7.44 -42.67 -49.55
N ARG E 116 -7.99 -42.14 -50.63
CA ARG E 116 -7.20 -41.60 -51.71
C ARG E 116 -6.72 -40.18 -51.40
N THR E 117 -7.42 -39.45 -50.54
CA THR E 117 -7.07 -38.09 -50.20
C THR E 117 -7.59 -37.79 -48.80
N MET E 118 -7.45 -36.54 -48.36
CA MET E 118 -7.81 -36.23 -46.98
C MET E 118 -9.26 -35.81 -46.85
N ARG E 119 -9.85 -35.23 -47.89
CA ARG E 119 -11.26 -34.87 -47.84
C ARG E 119 -12.15 -36.04 -48.17
N GLN E 120 -11.60 -37.19 -48.56
CA GLN E 120 -12.37 -38.41 -48.75
C GLN E 120 -12.42 -39.27 -47.51
N ALA E 121 -11.39 -39.17 -46.66
CA ALA E 121 -11.42 -39.89 -45.40
C ALA E 121 -12.51 -39.36 -44.49
N ARG E 122 -12.80 -38.06 -44.56
CA ARG E 122 -13.91 -37.53 -43.78
C ARG E 122 -15.22 -38.18 -44.18
N GLN E 123 -15.44 -38.36 -45.47
CA GLN E 123 -16.69 -38.96 -45.90
C GLN E 123 -16.74 -40.42 -45.50
N LEU E 124 -15.61 -41.11 -45.59
CA LEU E 124 -15.62 -42.50 -45.21
C LEU E 124 -15.93 -42.66 -43.73
N ILE E 125 -15.49 -41.72 -42.89
CA ILE E 125 -15.76 -41.83 -41.46
C ILE E 125 -17.21 -41.47 -41.16
N VAL E 126 -17.70 -40.38 -41.74
CA VAL E 126 -19.05 -39.91 -41.46
C VAL E 126 -20.14 -40.79 -42.03
N HIS E 127 -19.93 -41.44 -43.17
CA HIS E 127 -20.94 -42.34 -43.69
C HIS E 127 -20.86 -43.73 -43.09
N GLY E 128 -19.88 -44.01 -42.24
CA GLY E 128 -19.84 -45.24 -41.50
C GLY E 128 -19.29 -46.42 -42.25
N HIS E 129 -18.08 -46.33 -42.76
CA HIS E 129 -17.40 -47.42 -43.46
C HIS E 129 -16.19 -47.94 -42.71
N ILE E 130 -15.44 -47.06 -42.05
CA ILE E 130 -14.33 -47.46 -41.23
C ILE E 130 -14.85 -48.17 -39.98
N GLU E 131 -13.94 -48.82 -39.26
CA GLU E 131 -14.29 -49.39 -37.97
C GLU E 131 -13.03 -49.36 -37.12
N VAL E 132 -13.18 -49.16 -35.83
CA VAL E 132 -12.04 -49.09 -34.91
C VAL E 132 -12.25 -50.16 -33.85
N ASN E 133 -11.55 -51.28 -33.98
CA ASN E 133 -11.59 -52.36 -33.00
C ASN E 133 -12.97 -53.01 -32.96
N GLY E 134 -13.45 -53.46 -34.11
CA GLY E 134 -14.74 -54.11 -34.17
C GLY E 134 -15.90 -53.24 -33.76
N GLN E 135 -15.92 -52.00 -34.23
CA GLN E 135 -16.84 -50.98 -33.73
C GLN E 135 -16.85 -49.84 -34.74
N ILE E 136 -18.01 -49.59 -35.35
CA ILE E 136 -18.14 -48.40 -36.17
C ILE E 136 -18.06 -47.17 -35.29
N ILE E 137 -17.29 -46.17 -35.72
CA ILE E 137 -17.23 -44.88 -35.08
C ILE E 137 -17.38 -43.83 -36.16
N ARG E 138 -18.20 -42.81 -35.91
CA ARG E 138 -18.58 -41.84 -36.94
C ARG E 138 -18.19 -40.41 -36.58
N SER E 139 -17.01 -40.19 -36.01
CA SER E 139 -16.59 -38.86 -35.62
C SER E 139 -15.13 -38.62 -35.98
N PRO E 140 -14.84 -37.77 -36.98
CA PRO E 140 -13.48 -37.66 -37.47
C PRO E 140 -12.48 -37.05 -36.52
N SER E 141 -12.89 -36.44 -35.41
CA SER E 141 -11.95 -35.76 -34.53
C SER E 141 -11.48 -36.62 -33.38
N TYR E 142 -11.81 -37.90 -33.41
CA TYR E 142 -11.50 -38.81 -32.31
C TYR E 142 -10.02 -39.13 -32.32
N LEU E 143 -9.38 -39.04 -31.15
CA LEU E 143 -7.94 -39.32 -31.04
C LEU E 143 -7.71 -40.81 -30.83
N VAL E 144 -6.95 -41.42 -31.73
CA VAL E 144 -6.73 -42.86 -31.67
C VAL E 144 -5.60 -43.18 -30.72
N LEU E 145 -5.80 -44.18 -29.88
CA LEU E 145 -4.77 -44.61 -28.94
C LEU E 145 -3.71 -45.40 -29.68
N LYS E 146 -2.73 -45.93 -28.97
CA LYS E 146 -1.59 -46.61 -29.59
C LYS E 146 -1.78 -48.11 -29.71
N GLU E 147 -2.44 -48.74 -28.75
CA GLU E 147 -2.66 -50.18 -28.79
C GLU E 147 -3.66 -50.59 -29.83
N GLU E 148 -4.24 -49.66 -30.58
CA GLU E 148 -5.24 -50.03 -31.57
C GLU E 148 -5.13 -49.24 -32.86
N GLU E 149 -4.00 -48.58 -33.12
CA GLU E 149 -3.84 -47.93 -34.41
C GLU E 149 -3.48 -48.91 -35.50
N ASP E 150 -3.43 -50.20 -35.20
CA ASP E 150 -3.20 -51.20 -36.22
C ASP E 150 -4.42 -52.06 -36.54
N THR E 151 -5.45 -52.03 -35.70
CA THR E 151 -6.63 -52.87 -35.93
C THR E 151 -7.76 -52.10 -36.61
N ILE E 152 -7.45 -51.36 -37.66
CA ILE E 152 -8.40 -50.46 -38.31
C ILE E 152 -8.60 -50.95 -39.74
N THR E 153 -9.86 -51.17 -40.12
CA THR E 153 -10.17 -51.68 -41.45
C THR E 153 -11.45 -51.03 -41.95
N TYR E 154 -12.00 -51.59 -43.01
CA TYR E 154 -13.33 -51.26 -43.48
C TYR E 154 -14.34 -52.10 -42.72
N ALA E 155 -15.57 -51.59 -42.65
CA ALA E 155 -16.62 -52.32 -41.95
C ALA E 155 -16.91 -53.62 -42.66
N ARG E 156 -17.31 -54.62 -41.89
CA ARG E 156 -17.60 -55.93 -42.46
C ARG E 156 -18.78 -55.92 -43.40
N THR E 157 -19.62 -54.91 -43.34
CA THR E 157 -20.86 -54.86 -44.08
C THR E 157 -20.88 -53.66 -45.01
N SER E 158 -19.71 -53.24 -45.45
CA SER E 158 -19.56 -52.10 -46.32
C SER E 158 -19.28 -52.57 -47.73
N PRO E 159 -19.73 -51.84 -48.74
CA PRO E 159 -19.36 -52.19 -50.12
C PRO E 159 -17.88 -52.16 -50.36
N PHE E 160 -17.13 -51.41 -49.56
CA PHE E 160 -15.70 -51.35 -49.73
C PHE E 160 -15.01 -52.61 -49.26
N ALA E 161 -15.69 -53.46 -48.50
CA ALA E 161 -15.05 -54.68 -48.04
C ALA E 161 -15.11 -55.77 -49.10
N ASN E 162 -14.77 -55.42 -50.33
CA ASN E 162 -14.66 -56.41 -51.40
C ASN E 162 -13.68 -55.90 -52.44
N PRO E 163 -12.56 -56.58 -52.66
CA PRO E 163 -11.55 -56.06 -53.59
C PRO E 163 -11.98 -56.19 -55.04
N GLN E 164 -13.20 -55.79 -55.33
CA GLN E 164 -13.65 -55.65 -56.70
C GLN E 164 -14.54 -54.43 -56.87
N HIS E 165 -14.71 -53.62 -55.84
CA HIS E 165 -15.55 -52.44 -55.93
C HIS E 165 -14.93 -51.43 -56.87
N PRO E 166 -15.71 -50.75 -57.70
CA PRO E 166 -15.12 -49.78 -58.63
C PRO E 166 -14.47 -48.60 -57.96
N GLU E 167 -14.78 -48.34 -56.69
CA GLU E 167 -14.25 -47.18 -55.98
C GLU E 167 -13.09 -47.54 -55.07
N ARG E 168 -13.03 -48.78 -54.61
CA ARG E 168 -11.85 -49.27 -53.94
C ARG E 168 -10.71 -49.50 -54.91
N MET E 169 -11.00 -49.83 -56.16
CA MET E 169 -9.99 -50.04 -57.18
C MET E 169 -9.34 -48.75 -57.63
N MET E 170 -9.93 -47.61 -57.31
CA MET E 170 -9.25 -46.36 -57.55
C MET E 170 -8.41 -45.95 -56.36
N ILE E 171 -8.57 -46.61 -55.22
CA ILE E 171 -7.79 -46.25 -54.03
C ILE E 171 -6.44 -46.94 -54.06
N GLU E 172 -6.42 -48.27 -54.16
CA GLU E 172 -5.13 -48.95 -54.24
C GLU E 172 -4.37 -48.60 -55.50
N LYS E 173 -4.96 -47.85 -56.42
CA LYS E 173 -4.26 -47.44 -57.61
C LYS E 173 -3.25 -46.35 -57.33
N ALA E 174 -3.25 -45.80 -56.12
CA ALA E 174 -2.27 -44.82 -55.69
C ALA E 174 -1.13 -45.43 -54.87
N LYS E 175 -1.42 -46.46 -54.07
CA LYS E 175 -0.39 -47.12 -53.26
C LYS E 175 0.55 -47.90 -54.17
N GLN E 176 1.76 -47.38 -54.33
CA GLN E 176 2.85 -48.11 -54.96
C GLN E 176 4.12 -47.88 -54.15
N ALA F 2 -39.21 -28.11 8.32
CA ALA F 2 -38.65 -28.26 9.66
C ALA F 2 -39.32 -27.27 10.60
N ARG F 3 -40.54 -26.87 10.26
CA ARG F 3 -41.22 -25.77 10.96
C ARG F 3 -42.14 -26.26 12.08
N LYS F 4 -43.19 -27.00 11.73
CA LYS F 4 -44.21 -27.32 12.71
C LYS F 4 -43.99 -28.68 13.36
N GLY F 5 -43.24 -29.56 12.73
CA GLY F 5 -43.10 -30.90 13.26
C GLY F 5 -41.87 -31.61 12.76
N PRO F 6 -41.88 -32.93 12.88
CA PRO F 6 -40.70 -33.71 12.52
C PRO F 6 -40.59 -33.96 11.03
N LYS F 7 -39.35 -34.17 10.59
CA LYS F 7 -39.05 -34.49 9.21
C LYS F 7 -39.49 -35.91 8.90
N ARG F 8 -39.81 -36.16 7.65
CA ARG F 8 -40.42 -37.40 7.25
C ARG F 8 -39.85 -38.00 5.97
N HIS F 9 -39.17 -37.22 5.16
CA HIS F 9 -38.56 -37.67 3.92
C HIS F 9 -37.04 -37.64 4.06
N LEU F 10 -36.32 -37.97 2.98
CA LEU F 10 -34.87 -37.87 2.94
C LEU F 10 -34.45 -37.79 1.48
N LYS F 11 -33.41 -37.03 1.21
CA LYS F 11 -32.90 -36.77 -0.13
C LYS F 11 -31.68 -37.66 -0.41
N ARG F 12 -31.42 -37.92 -1.70
CA ARG F 12 -30.22 -38.67 -2.03
C ARG F 12 -28.97 -37.85 -1.77
N LEU F 13 -29.04 -36.54 -2.02
CA LEU F 13 -27.86 -35.70 -1.80
C LEU F 13 -27.48 -35.69 -0.33
N ALA F 14 -28.44 -35.47 0.55
CA ALA F 14 -28.18 -35.33 1.97
C ALA F 14 -28.32 -36.63 2.75
N ALA F 15 -27.73 -37.69 2.28
CA ALA F 15 -27.79 -39.00 2.89
C ALA F 15 -26.51 -39.28 3.65
N PRO F 16 -26.50 -40.22 4.59
CA PRO F 16 -25.29 -40.51 5.34
C PRO F 16 -24.21 -41.10 4.46
N THR F 17 -22.99 -40.62 4.66
CA THR F 17 -21.88 -41.01 3.80
C THR F 17 -21.17 -42.24 4.32
N SER F 18 -21.92 -43.30 4.54
CA SER F 18 -21.35 -44.62 4.76
C SER F 18 -22.23 -45.69 4.15
N TRP F 19 -22.82 -45.43 2.99
CA TRP F 19 -23.94 -46.23 2.54
C TRP F 19 -23.76 -46.97 1.22
N TYR F 20 -22.88 -46.55 0.32
CA TYR F 20 -22.80 -47.19 -1.00
C TYR F 20 -24.15 -47.09 -1.72
N ILE F 21 -24.47 -45.86 -2.10
CA ILE F 21 -25.68 -45.53 -2.83
C ILE F 21 -25.26 -44.61 -3.96
N GLU F 22 -26.06 -44.56 -5.02
CA GLU F 22 -25.79 -43.70 -6.16
C GLU F 22 -26.58 -42.42 -6.02
N ARG F 23 -25.89 -41.30 -5.78
CA ARG F 23 -26.51 -40.09 -5.29
C ARG F 23 -27.15 -39.22 -6.36
N LYS F 24 -27.05 -39.59 -7.63
CA LYS F 24 -27.62 -38.78 -8.68
C LYS F 24 -28.62 -39.54 -9.53
N ALA F 25 -28.87 -40.80 -9.22
CA ALA F 25 -29.77 -41.61 -10.02
C ALA F 25 -31.23 -41.25 -9.81
N TYR F 26 -31.64 -40.95 -8.59
CA TYR F 26 -33.03 -40.62 -8.27
C TYR F 26 -33.03 -39.48 -7.26
N LYS F 27 -34.21 -39.16 -6.74
CA LYS F 27 -34.38 -38.02 -5.86
C LYS F 27 -34.47 -38.38 -4.39
N TRP F 28 -35.19 -39.46 -4.03
CA TRP F 28 -35.43 -39.79 -2.63
C TRP F 28 -34.70 -41.06 -2.22
N ALA F 29 -34.35 -41.12 -0.93
CA ALA F 29 -33.85 -42.31 -0.29
C ALA F 29 -34.82 -42.72 0.81
N VAL F 30 -34.50 -43.76 1.55
CA VAL F 30 -35.39 -44.24 2.60
C VAL F 30 -35.04 -43.55 3.91
N ARG F 31 -36.05 -43.02 4.60
CA ARG F 31 -35.89 -42.41 5.91
C ARG F 31 -35.89 -43.50 6.97
N PRO F 32 -34.76 -43.79 7.62
CA PRO F 32 -34.72 -44.98 8.49
C PRO F 32 -35.55 -44.79 9.75
N ARG F 33 -36.37 -45.79 10.05
CA ARG F 33 -37.15 -45.83 11.27
C ARG F 33 -36.22 -45.79 12.49
N PRO F 34 -36.66 -45.22 13.62
CA PRO F 34 -35.87 -45.33 14.84
C PRO F 34 -35.71 -46.78 15.30
N GLY F 35 -34.59 -47.08 15.93
CA GLY F 35 -34.30 -48.44 16.30
C GLY F 35 -33.02 -48.64 17.05
N PRO F 36 -32.30 -49.71 16.75
CA PRO F 36 -31.13 -50.05 17.54
C PRO F 36 -29.95 -49.07 17.49
N HIS F 37 -29.26 -48.92 16.37
CA HIS F 37 -28.07 -48.09 16.38
C HIS F 37 -28.43 -46.69 15.92
N ASN F 38 -27.45 -45.80 15.88
CA ASN F 38 -27.69 -44.45 15.43
C ASN F 38 -27.68 -44.40 13.90
N MET F 39 -27.67 -43.18 13.34
CA MET F 39 -27.82 -43.03 11.90
C MET F 39 -26.50 -42.86 11.17
N ARG F 40 -25.42 -42.53 11.86
CA ARG F 40 -24.14 -42.51 11.18
C ARG F 40 -23.41 -43.84 11.27
N THR F 41 -24.03 -44.89 11.81
CA THR F 41 -23.42 -46.20 11.86
C THR F 41 -24.41 -47.31 11.53
N SER F 42 -25.33 -47.09 10.61
CA SER F 42 -26.31 -48.12 10.30
C SER F 42 -26.95 -47.82 8.96
N ILE F 43 -27.70 -48.79 8.44
CA ILE F 43 -28.26 -48.72 7.09
C ILE F 43 -29.63 -49.40 7.08
N PRO F 44 -30.62 -48.88 6.34
CA PRO F 44 -31.93 -49.53 6.29
C PRO F 44 -31.83 -50.98 5.84
N LEU F 45 -32.94 -51.70 5.94
CA LEU F 45 -32.92 -53.11 5.57
C LEU F 45 -33.13 -53.34 4.09
N LEU F 46 -33.67 -52.36 3.36
CA LEU F 46 -33.90 -52.55 1.94
C LEU F 46 -32.60 -52.53 1.16
N TYR F 47 -31.67 -51.68 1.55
CA TYR F 47 -30.44 -51.55 0.78
C TYR F 47 -29.53 -52.74 0.96
N ILE F 48 -29.94 -53.74 1.74
CA ILE F 48 -29.18 -54.98 1.80
C ILE F 48 -29.85 -56.04 0.94
N VAL F 49 -31.18 -56.04 0.88
CA VAL F 49 -31.87 -57.02 0.07
C VAL F 49 -31.74 -56.73 -1.41
N ARG F 50 -31.58 -55.50 -1.76
CA ARG F 50 -31.70 -55.10 -3.15
C ARG F 50 -30.41 -54.61 -3.76
N ASP F 51 -29.68 -53.76 -3.07
CA ASP F 51 -28.47 -53.18 -3.64
C ASP F 51 -27.21 -53.96 -3.33
N TYR F 52 -27.05 -54.43 -2.10
CA TYR F 52 -25.84 -55.12 -1.72
C TYR F 52 -25.80 -56.56 -2.22
N LEU F 53 -26.84 -57.33 -1.96
CA LEU F 53 -26.85 -58.74 -2.31
C LEU F 53 -27.56 -59.03 -3.62
N GLY F 54 -28.50 -58.21 -4.04
CA GLY F 54 -29.07 -58.34 -5.36
C GLY F 54 -30.20 -59.32 -5.49
N TYR F 55 -30.87 -59.68 -4.42
CA TYR F 55 -31.93 -60.67 -4.51
C TYR F 55 -33.19 -60.07 -5.12
N ALA F 56 -33.24 -58.77 -5.28
CA ALA F 56 -34.38 -58.14 -5.91
C ALA F 56 -33.91 -57.04 -6.85
N LYS F 57 -34.83 -56.59 -7.68
CA LYS F 57 -34.57 -55.59 -8.71
C LYS F 57 -35.36 -54.31 -8.46
N THR F 58 -36.61 -54.42 -8.06
CA THR F 58 -37.38 -53.29 -7.59
C THR F 58 -37.65 -53.45 -6.10
N ALA F 59 -38.25 -52.44 -5.50
CA ALA F 59 -38.60 -52.55 -4.09
C ALA F 59 -39.86 -53.36 -3.90
N ARG F 60 -40.77 -53.34 -4.87
CA ARG F 60 -42.03 -54.05 -4.70
C ARG F 60 -41.82 -55.54 -4.63
N GLU F 61 -40.77 -56.08 -5.24
CA GLU F 61 -40.49 -57.49 -5.13
C GLU F 61 -39.46 -57.80 -4.04
N ALA F 62 -38.88 -56.79 -3.41
CA ALA F 62 -38.08 -56.99 -2.21
C ALA F 62 -38.91 -56.90 -0.95
N ARG F 63 -40.05 -56.23 -0.99
CA ARG F 63 -40.99 -56.19 0.12
C ARG F 63 -41.97 -57.34 0.09
N LYS F 64 -41.88 -58.21 -0.91
CA LYS F 64 -42.62 -59.46 -0.92
C LYS F 64 -41.84 -60.60 -0.32
N ILE F 65 -40.52 -60.61 -0.47
CA ILE F 65 -39.73 -61.64 0.19
C ILE F 65 -39.34 -61.24 1.60
N LEU F 66 -39.46 -59.95 1.95
CA LEU F 66 -39.22 -59.54 3.33
C LEU F 66 -40.33 -60.05 4.24
N ASN F 67 -41.58 -59.73 3.92
CA ASN F 67 -42.65 -60.19 4.79
C ASN F 67 -43.12 -61.58 4.36
N GLU F 68 -42.16 -62.48 4.22
CA GLU F 68 -42.40 -63.91 4.18
C GLU F 68 -41.51 -64.66 5.13
N GLY F 69 -40.70 -63.97 5.93
CA GLY F 69 -39.92 -64.61 6.96
C GLY F 69 -38.64 -65.18 6.42
N LYS F 70 -37.93 -64.40 5.61
CA LYS F 70 -36.73 -64.90 4.95
C LYS F 70 -35.45 -64.31 5.52
N PHE F 71 -35.51 -63.19 6.22
CA PHE F 71 -34.29 -62.51 6.66
C PHE F 71 -34.26 -62.45 8.18
N LEU F 72 -33.15 -62.90 8.76
CA LEU F 72 -32.98 -63.11 10.19
C LEU F 72 -31.88 -62.21 10.71
N VAL F 73 -32.22 -60.98 11.13
CA VAL F 73 -31.23 -60.06 11.66
C VAL F 73 -31.15 -60.29 13.16
N ASP F 74 -29.98 -60.74 13.62
CA ASP F 74 -29.73 -61.15 15.00
C ASP F 74 -30.69 -62.22 15.50
N GLY F 75 -30.85 -63.31 14.76
CA GLY F 75 -31.64 -64.43 15.20
C GLY F 75 -33.14 -64.27 15.11
N ARG F 76 -33.64 -63.08 14.84
CA ARG F 76 -35.08 -62.83 14.84
C ARG F 76 -35.55 -62.23 13.54
N VAL F 77 -36.82 -62.46 13.20
CA VAL F 77 -37.32 -62.15 11.87
C VAL F 77 -37.76 -60.70 11.79
N ARG F 78 -37.31 -60.00 10.76
CA ARG F 78 -37.67 -58.59 10.54
C ARG F 78 -38.43 -58.46 9.23
N LYS F 79 -39.44 -57.60 9.20
CA LYS F 79 -40.35 -57.53 8.08
C LYS F 79 -40.43 -56.16 7.43
N ASP F 80 -40.10 -55.09 8.13
CA ASP F 80 -40.24 -53.79 7.49
C ASP F 80 -38.92 -53.34 6.89
N TYR F 81 -39.04 -52.58 5.81
CA TYR F 81 -37.91 -52.18 5.00
C TYR F 81 -37.19 -50.98 5.56
N LYS F 82 -37.56 -50.51 6.76
CA LYS F 82 -36.95 -49.34 7.35
C LYS F 82 -36.14 -49.67 8.59
N PHE F 83 -35.94 -50.93 8.88
CA PHE F 83 -35.21 -51.35 10.06
C PHE F 83 -33.73 -51.03 9.88
N PRO F 84 -33.08 -50.44 10.89
CA PRO F 84 -31.63 -50.18 10.78
C PRO F 84 -30.75 -51.35 11.18
N VAL F 85 -29.83 -51.74 10.31
CA VAL F 85 -28.85 -52.78 10.58
C VAL F 85 -27.50 -52.10 10.79
N GLY F 86 -26.75 -52.58 11.79
CA GLY F 86 -25.55 -51.86 12.19
C GLY F 86 -24.36 -52.68 12.61
N ILE F 87 -23.37 -52.04 13.23
CA ILE F 87 -22.08 -52.67 13.49
C ILE F 87 -22.23 -53.90 14.34
N MET F 88 -21.53 -54.96 13.96
CA MET F 88 -21.47 -56.22 14.70
C MET F 88 -22.82 -56.94 14.73
N ASP F 89 -23.68 -56.66 13.77
CA ASP F 89 -24.88 -57.46 13.60
C ASP F 89 -24.59 -58.65 12.71
N VAL F 90 -25.41 -59.68 12.84
CA VAL F 90 -25.27 -60.90 12.07
C VAL F 90 -26.56 -61.05 11.29
N VAL F 91 -26.59 -60.56 10.06
CA VAL F 91 -27.69 -60.85 9.16
C VAL F 91 -27.51 -62.24 8.58
N SER F 92 -28.61 -62.99 8.46
CA SER F 92 -28.53 -64.40 8.13
C SER F 92 -29.74 -64.82 7.33
N ILE F 93 -29.51 -65.45 6.19
CA ILE F 93 -30.58 -65.95 5.32
C ILE F 93 -30.65 -67.45 5.50
N PRO F 94 -31.63 -67.98 6.25
CA PRO F 94 -31.54 -69.38 6.65
C PRO F 94 -31.93 -70.36 5.57
N GLU F 95 -32.50 -69.91 4.46
CA GLU F 95 -32.83 -70.85 3.40
C GLU F 95 -31.65 -71.09 2.48
N THR F 96 -31.06 -70.04 1.95
CA THR F 96 -29.90 -70.19 1.08
C THR F 96 -28.71 -70.80 1.82
N GLY F 97 -28.53 -70.43 3.09
CA GLY F 97 -27.52 -71.04 3.90
C GLY F 97 -26.26 -70.22 4.07
N GLU F 98 -26.37 -68.90 4.01
CA GLU F 98 -25.23 -68.02 4.12
C GLU F 98 -25.36 -67.10 5.33
N HIS F 99 -24.24 -66.54 5.76
CA HIS F 99 -24.18 -65.64 6.91
C HIS F 99 -23.24 -64.48 6.61
N TYR F 100 -23.40 -63.40 7.36
CA TYR F 100 -22.57 -62.23 7.13
C TYR F 100 -22.43 -61.46 8.43
N ARG F 101 -21.51 -60.51 8.46
CA ARG F 101 -21.36 -59.61 9.59
C ARG F 101 -21.17 -58.20 9.07
N VAL F 102 -21.87 -57.25 9.67
CA VAL F 102 -21.73 -55.86 9.25
C VAL F 102 -20.53 -55.24 9.95
N LEU F 103 -19.68 -54.58 9.18
CA LEU F 103 -18.46 -54.01 9.72
C LEU F 103 -18.12 -52.75 8.94
N PRO F 104 -17.33 -51.86 9.50
CA PRO F 104 -16.92 -50.68 8.75
C PRO F 104 -15.72 -50.96 7.88
N ASN F 105 -15.65 -50.25 6.78
CA ASN F 105 -14.61 -50.43 5.78
C ASN F 105 -13.30 -49.83 6.29
N ARG F 106 -12.32 -49.70 5.41
CA ARG F 106 -11.08 -49.02 5.75
C ARG F 106 -11.13 -47.54 5.42
N ILE F 107 -12.12 -47.12 4.65
CA ILE F 107 -12.35 -45.70 4.37
C ILE F 107 -13.64 -45.19 4.96
N GLY F 108 -14.44 -46.05 5.57
CA GLY F 108 -15.58 -45.62 6.35
C GLY F 108 -16.92 -46.20 5.97
N LYS F 109 -17.07 -46.85 4.82
CA LYS F 109 -18.38 -47.36 4.44
C LYS F 109 -18.64 -48.72 5.07
N LEU F 110 -19.83 -49.26 4.84
CA LEU F 110 -20.24 -50.50 5.45
C LEU F 110 -20.15 -51.65 4.45
N ILE F 111 -19.82 -52.83 4.94
CA ILE F 111 -19.65 -54.01 4.10
C ILE F 111 -20.40 -55.18 4.71
N LEU F 112 -20.24 -56.37 4.14
CA LEU F 112 -20.91 -57.59 4.60
C LEU F 112 -19.94 -58.76 4.62
N HIS F 113 -18.86 -58.63 5.37
CA HIS F 113 -17.83 -59.66 5.48
C HIS F 113 -18.42 -61.03 5.87
N PRO F 114 -18.24 -62.06 5.04
CA PRO F 114 -18.88 -63.35 5.32
C PRO F 114 -18.15 -64.18 6.35
N ILE F 115 -18.92 -64.79 7.24
CA ILE F 115 -18.40 -65.49 8.41
C ILE F 115 -18.95 -66.91 8.43
N SER F 116 -18.53 -67.67 9.44
CA SER F 116 -18.86 -69.09 9.59
C SER F 116 -20.31 -69.25 10.04
N GLU F 117 -20.72 -70.49 10.32
CA GLU F 117 -22.04 -70.73 10.90
C GLU F 117 -22.00 -70.94 12.41
N GLU F 118 -20.98 -71.59 12.93
CA GLU F 118 -20.84 -71.74 14.37
C GLU F 118 -20.39 -70.46 15.04
N GLU F 119 -20.10 -69.43 14.27
CA GLU F 119 -19.77 -68.09 14.76
C GLU F 119 -20.88 -67.10 14.46
N ALA F 120 -21.88 -67.48 13.69
CA ALA F 120 -23.05 -66.64 13.46
C ALA F 120 -24.00 -66.65 14.65
N ASN F 121 -23.55 -67.19 15.78
CA ASN F 121 -24.38 -67.35 16.95
C ASN F 121 -24.00 -66.47 18.12
N ILE F 122 -22.90 -65.73 18.07
CA ILE F 122 -22.54 -64.88 19.20
C ILE F 122 -22.39 -63.46 18.70
N LYS F 123 -22.67 -62.51 19.56
CA LYS F 123 -22.57 -61.12 19.18
C LYS F 123 -21.82 -60.35 20.26
N PRO F 124 -20.83 -59.54 19.90
CA PRO F 124 -20.18 -58.70 20.90
C PRO F 124 -20.96 -57.42 21.15
N LEU F 125 -20.88 -56.95 22.40
CA LEU F 125 -21.61 -55.79 22.85
C LEU F 125 -20.75 -54.99 23.83
N ARG F 126 -20.60 -53.69 23.57
CA ARG F 126 -19.83 -52.80 24.42
C ARG F 126 -20.74 -52.19 25.48
N ILE F 127 -20.18 -51.92 26.66
CA ILE F 127 -20.96 -51.34 27.76
C ILE F 127 -20.83 -49.82 27.70
N ARG F 128 -21.96 -49.12 27.58
CA ARG F 128 -21.94 -47.67 27.46
C ARG F 128 -22.22 -46.97 28.78
N ASN F 129 -23.13 -47.49 29.60
CA ASN F 129 -23.41 -46.92 30.90
C ASN F 129 -23.78 -48.03 31.87
N LYS F 130 -24.11 -47.63 33.09
CA LYS F 130 -24.38 -48.57 34.17
C LYS F 130 -25.11 -47.83 35.28
N ARG F 131 -26.25 -48.37 35.72
CA ARG F 131 -27.07 -47.67 36.69
C ARG F 131 -27.82 -48.67 37.56
N MET F 132 -28.51 -48.14 38.57
CA MET F 132 -29.27 -48.93 39.53
C MET F 132 -30.76 -48.66 39.39
N VAL F 133 -31.55 -49.73 39.33
CA VAL F 133 -32.98 -49.63 39.14
C VAL F 133 -33.70 -50.19 40.35
N LYS F 134 -35.02 -50.06 40.36
CA LYS F 134 -35.82 -50.40 41.52
C LYS F 134 -35.57 -51.83 41.97
N GLY F 135 -35.60 -52.03 43.28
CA GLY F 135 -35.18 -53.28 43.86
C GLY F 135 -33.70 -53.37 44.09
N ALA F 136 -32.95 -52.32 43.79
CA ALA F 136 -31.50 -52.33 43.89
C ALA F 136 -30.92 -53.47 43.06
N LYS F 137 -31.10 -53.36 41.75
CA LYS F 137 -30.48 -54.21 40.77
C LYS F 137 -29.61 -53.34 39.88
N ILE F 138 -28.85 -53.96 38.99
CA ILE F 138 -27.95 -53.26 38.10
C ILE F 138 -28.42 -53.45 36.67
N GLN F 139 -28.54 -52.37 35.93
CA GLN F 139 -28.91 -52.41 34.53
C GLN F 139 -27.72 -51.99 33.69
N LEU F 140 -27.31 -52.85 32.78
CA LEU F 140 -26.21 -52.57 31.86
C LEU F 140 -26.79 -52.11 30.53
N ASN F 141 -26.36 -50.95 30.06
CA ASN F 141 -26.83 -50.36 28.83
C ASN F 141 -25.75 -50.53 27.79
N PHE F 142 -26.11 -51.04 26.61
CA PHE F 142 -25.14 -51.52 25.65
C PHE F 142 -25.00 -50.56 24.48
N HIS F 143 -24.11 -50.88 23.56
CA HIS F 143 -23.73 -49.97 22.48
C HIS F 143 -24.77 -49.90 21.37
N ASP F 144 -25.79 -50.74 21.39
CA ASP F 144 -26.88 -50.58 20.44
C ASP F 144 -28.21 -50.45 21.15
N GLY F 145 -28.23 -49.76 22.28
CA GLY F 145 -29.44 -49.47 23.02
C GLY F 145 -30.25 -50.68 23.43
N THR F 146 -29.59 -51.72 23.96
CA THR F 146 -30.28 -52.90 24.45
C THR F 146 -29.70 -53.23 25.81
N ASN F 147 -30.55 -53.73 26.71
CA ASN F 147 -30.28 -53.74 28.14
C ASN F 147 -30.23 -55.15 28.69
N HIS F 148 -29.80 -55.27 29.95
CA HIS F 148 -29.66 -56.53 30.64
C HIS F 148 -29.53 -56.25 32.14
N LEU F 149 -30.04 -57.15 32.97
CA LEU F 149 -30.03 -56.97 34.42
C LEU F 149 -29.13 -57.98 35.12
N ILE F 150 -28.38 -57.50 36.11
CA ILE F 150 -27.51 -58.37 36.90
C ILE F 150 -27.71 -58.09 38.37
N PRO F 151 -27.50 -59.09 39.22
CA PRO F 151 -27.72 -58.92 40.65
C PRO F 151 -26.83 -57.86 41.25
N LEU F 152 -27.06 -57.56 42.53
CA LEU F 152 -26.20 -56.66 43.27
C LEU F 152 -25.07 -57.38 43.99
N SER F 153 -24.68 -58.54 43.49
CA SER F 153 -23.53 -59.24 44.02
C SER F 153 -22.43 -59.44 42.98
N GLU F 154 -22.69 -59.08 41.73
CA GLU F 154 -21.70 -59.17 40.67
C GLU F 154 -21.41 -57.81 40.09
N LYS F 155 -21.58 -56.78 40.90
CA LYS F 155 -21.28 -55.42 40.46
C LYS F 155 -19.79 -55.15 40.34
N ASP F 156 -18.95 -56.19 40.41
CA ASP F 156 -17.50 -56.06 40.36
C ASP F 156 -16.90 -56.62 39.09
N ASN F 157 -17.69 -57.20 38.22
CA ASN F 157 -17.16 -57.73 36.97
C ASN F 157 -17.51 -56.88 35.76
N TYR F 158 -18.26 -55.80 35.90
CA TYR F 158 -18.94 -55.18 34.76
C TYR F 158 -18.80 -53.66 34.74
N PHE F 159 -17.57 -53.16 34.73
CA PHE F 159 -17.39 -51.73 34.58
C PHE F 159 -17.60 -51.32 33.12
N THR F 160 -17.70 -50.02 32.87
CA THR F 160 -18.02 -49.62 31.52
C THR F 160 -16.78 -49.72 30.63
N SER F 161 -17.04 -49.75 29.32
CA SER F 161 -16.07 -50.00 28.26
C SER F 161 -15.57 -51.44 28.24
N TYR F 162 -16.20 -52.34 28.98
CA TYR F 162 -15.89 -53.76 28.85
C TYR F 162 -16.56 -54.29 27.60
N THR F 163 -16.56 -55.60 27.40
CA THR F 163 -17.23 -56.21 26.26
C THR F 163 -17.88 -57.49 26.72
N VAL F 164 -19.11 -57.72 26.29
CA VAL F 164 -19.86 -58.90 26.65
C VAL F 164 -20.17 -59.70 25.39
N LEU F 165 -20.18 -61.02 25.52
CA LEU F 165 -20.44 -61.92 24.40
C LEU F 165 -21.70 -62.70 24.67
N MET F 166 -22.77 -62.40 23.94
CA MET F 166 -24.07 -63.00 24.20
C MET F 166 -24.55 -63.84 23.02
N LYS F 167 -25.22 -64.93 23.33
CA LYS F 167 -25.90 -65.74 22.31
C LYS F 167 -27.06 -64.93 21.75
N VAL F 168 -27.19 -64.88 20.43
CA VAL F 168 -28.01 -63.85 19.80
C VAL F 168 -29.50 -63.92 20.10
N PRO F 169 -30.27 -64.97 19.77
CA PRO F 169 -31.71 -64.87 19.98
C PRO F 169 -32.13 -65.12 21.42
N GLU F 170 -31.20 -65.29 22.34
CA GLU F 170 -31.55 -65.63 23.72
C GLU F 170 -30.96 -64.70 24.75
N ARG F 171 -29.78 -64.15 24.49
CA ARG F 171 -29.13 -63.21 25.39
C ARG F 171 -28.83 -63.85 26.75
N GLU F 172 -27.96 -64.86 26.73
CA GLU F 172 -27.31 -65.38 27.93
C GLU F 172 -25.83 -65.08 27.87
N ILE F 173 -25.32 -64.37 28.86
CA ILE F 173 -23.94 -63.90 28.88
C ILE F 173 -22.98 -65.09 28.86
N LEU F 174 -21.86 -64.91 28.18
CA LEU F 174 -20.72 -65.81 28.31
C LEU F 174 -19.44 -65.05 27.97
N GLU F 175 -18.43 -65.15 28.84
CA GLU F 175 -17.08 -64.68 28.56
C GLU F 175 -17.02 -63.16 28.34
N VAL F 176 -17.13 -62.43 29.47
CA VAL F 176 -16.85 -61.00 29.47
C VAL F 176 -15.39 -60.74 29.13
N LEU F 177 -15.11 -59.66 28.34
CA LEU F 177 -13.72 -59.35 28.00
C LEU F 177 -13.30 -58.05 28.66
N PRO F 178 -12.31 -58.03 29.55
CA PRO F 178 -11.95 -56.78 30.23
C PRO F 178 -11.18 -55.81 29.35
N PHE F 179 -11.24 -54.54 29.74
CA PHE F 179 -10.50 -53.46 29.09
C PHE F 179 -9.31 -53.06 29.97
N GLU F 180 -8.12 -53.12 29.40
CA GLU F 180 -6.91 -52.77 30.13
C GLU F 180 -5.76 -52.71 29.15
N LYS F 181 -4.55 -52.57 29.66
CA LYS F 181 -3.36 -52.76 28.84
C LYS F 181 -3.14 -54.25 28.60
N GLY F 182 -2.95 -54.61 27.33
CA GLY F 182 -2.74 -55.98 26.93
C GLY F 182 -3.81 -56.57 26.04
N ALA F 183 -4.97 -55.93 25.92
CA ALA F 183 -6.10 -56.49 25.21
C ALA F 183 -6.08 -56.10 23.74
N TYR F 184 -6.93 -56.78 22.97
CA TYR F 184 -6.96 -56.65 21.52
C TYR F 184 -8.16 -55.81 21.12
N VAL F 185 -7.92 -54.71 20.40
CA VAL F 185 -8.99 -53.78 20.05
C VAL F 185 -9.05 -53.63 18.54
N PHE F 186 -10.24 -53.23 18.09
CA PHE F 186 -10.59 -52.99 16.69
C PHE F 186 -11.30 -51.64 16.66
N VAL F 187 -10.81 -50.72 15.84
CA VAL F 187 -11.33 -49.36 15.87
C VAL F 187 -12.58 -49.27 14.99
N THR F 188 -13.49 -48.38 15.40
CA THR F 188 -14.83 -48.29 14.83
C THR F 188 -15.07 -47.03 14.02
N GLN F 189 -14.70 -45.86 14.53
CA GLN F 189 -14.89 -44.61 13.82
C GLN F 189 -13.60 -43.82 13.80
N GLY F 190 -13.61 -42.67 13.15
CA GLY F 190 -12.49 -41.76 13.27
C GLY F 190 -11.65 -41.70 12.03
N LYS F 191 -10.34 -41.67 12.21
CA LYS F 191 -9.41 -41.52 11.11
C LYS F 191 -8.54 -42.76 11.02
N ASN F 192 -8.44 -43.49 12.12
CA ASN F 192 -7.89 -44.85 12.13
C ASN F 192 -9.01 -45.89 12.07
N VAL F 193 -9.88 -45.82 11.07
CA VAL F 193 -10.97 -46.78 11.03
C VAL F 193 -10.43 -48.15 10.68
N ALA F 194 -10.99 -49.18 11.30
CA ALA F 194 -10.71 -50.57 10.97
C ALA F 194 -9.23 -50.91 11.02
N ARG F 195 -8.61 -50.67 12.17
CA ARG F 195 -7.25 -51.14 12.42
C ARG F 195 -7.22 -51.86 13.75
N LYS F 196 -6.42 -52.91 13.84
CA LYS F 196 -6.39 -53.78 15.02
C LYS F 196 -5.17 -53.49 15.86
N GLY F 197 -5.14 -54.05 17.07
CA GLY F 197 -3.89 -54.07 17.80
C GLY F 197 -4.06 -54.30 19.28
N ARG F 198 -2.98 -54.09 20.03
CA ARG F 198 -2.97 -54.18 21.48
C ARG F 198 -2.85 -52.80 22.12
N ILE F 199 -3.17 -52.72 23.40
CA ILE F 199 -3.24 -51.44 24.10
C ILE F 199 -1.95 -51.19 24.86
N VAL F 200 -1.48 -49.94 24.84
CA VAL F 200 -0.24 -49.55 25.47
C VAL F 200 -0.44 -48.51 26.56
N GLU F 201 -1.46 -47.65 26.44
CA GLU F 201 -1.56 -46.52 27.37
C GLU F 201 -2.98 -45.97 27.37
N ILE F 202 -3.33 -45.31 28.47
CA ILE F 202 -4.62 -44.63 28.65
C ILE F 202 -4.37 -43.30 29.35
N LYS F 203 -4.83 -42.20 28.76
CA LYS F 203 -4.52 -40.87 29.28
C LYS F 203 -5.79 -40.07 29.54
N LYS F 204 -5.82 -39.32 30.64
CA LYS F 204 -7.05 -38.68 31.12
C LYS F 204 -6.86 -37.19 31.31
N PHE F 205 -7.91 -36.42 31.05
CA PHE F 205 -7.91 -34.97 31.05
C PHE F 205 -9.03 -34.43 31.93
N PRO F 206 -8.90 -33.21 32.43
CA PRO F 206 -9.93 -32.65 33.31
C PRO F 206 -10.97 -31.84 32.55
N MET F 207 -12.11 -31.67 33.20
CA MET F 207 -13.09 -30.63 32.85
C MET F 207 -13.93 -30.98 31.63
N GLY F 208 -14.19 -32.26 31.39
CA GLY F 208 -15.15 -32.60 30.36
C GLY F 208 -14.63 -33.37 29.16
N TRP F 209 -13.39 -33.12 28.74
CA TRP F 209 -12.88 -33.69 27.50
C TRP F 209 -12.69 -35.20 27.63
N PRO F 210 -12.90 -35.95 26.55
CA PRO F 210 -12.74 -37.41 26.62
C PRO F 210 -11.28 -37.83 26.58
N ASP F 211 -11.04 -39.08 26.95
CA ASP F 211 -9.72 -39.63 27.12
C ASP F 211 -9.30 -40.48 25.91
N VAL F 212 -7.99 -40.62 25.74
CA VAL F 212 -7.42 -41.23 24.55
C VAL F 212 -6.68 -42.52 24.90
N VAL F 213 -6.52 -43.37 23.88
CA VAL F 213 -5.94 -44.69 24.01
C VAL F 213 -4.87 -44.84 22.93
N THR F 214 -3.76 -45.49 23.28
CA THR F 214 -2.67 -45.72 22.35
C THR F 214 -2.54 -47.21 22.03
N ILE F 215 -2.38 -47.52 20.74
CA ILE F 215 -2.49 -48.88 20.23
C ILE F 215 -1.25 -49.22 19.42
N GLU F 216 -0.92 -50.51 19.39
CA GLU F 216 0.22 -51.03 18.65
C GLU F 216 -0.21 -52.23 17.83
N ASP F 217 0.01 -52.19 16.53
CA ASP F 217 -0.49 -53.24 15.64
C ASP F 217 0.63 -54.23 15.32
N GLU F 218 0.35 -55.12 14.36
CA GLU F 218 1.19 -56.30 14.19
C GLU F 218 2.58 -55.94 13.68
N GLU F 219 2.67 -55.22 12.55
CA GLU F 219 3.97 -54.88 12.01
C GLU F 219 4.76 -53.94 12.91
N GLY F 220 4.08 -53.19 13.79
CA GLY F 220 4.73 -52.34 14.76
C GLY F 220 4.61 -50.88 14.41
N GLU F 221 3.61 -50.23 14.98
CA GLU F 221 3.30 -48.82 14.75
C GLU F 221 2.39 -48.38 15.88
N LEU F 222 2.81 -47.36 16.60
CA LEU F 222 1.98 -46.85 17.66
C LEU F 222 1.13 -45.70 17.12
N PHE F 223 -0.18 -45.90 17.15
CA PHE F 223 -1.12 -44.85 16.81
C PHE F 223 -2.03 -44.66 18.01
N ASP F 224 -3.01 -43.77 17.89
CA ASP F 224 -3.93 -43.61 19.01
C ASP F 224 -5.29 -43.19 18.52
N THR F 225 -6.30 -43.47 19.33
CA THR F 225 -7.69 -43.13 19.06
C THR F 225 -8.34 -42.67 20.35
N LEU F 226 -9.65 -42.41 20.29
CA LEU F 226 -10.41 -42.18 21.51
C LEU F 226 -10.62 -43.50 22.24
N LYS F 227 -10.93 -43.42 23.54
CA LYS F 227 -11.06 -44.65 24.31
C LYS F 227 -12.38 -45.34 24.03
N GLU F 228 -13.40 -44.57 23.69
CA GLU F 228 -14.66 -45.22 23.38
C GLU F 228 -14.82 -45.56 21.91
N TYR F 229 -13.78 -45.39 21.10
CA TYR F 229 -13.81 -45.92 19.74
C TYR F 229 -13.18 -47.28 19.64
N ALA F 230 -12.33 -47.64 20.60
CA ALA F 230 -11.70 -48.96 20.61
C ALA F 230 -12.70 -49.98 21.14
N PHE F 231 -13.00 -50.98 20.32
CA PHE F 231 -13.97 -52.01 20.65
C PHE F 231 -13.17 -53.24 21.08
N VAL F 232 -13.25 -53.64 22.34
CA VAL F 232 -12.43 -54.75 22.81
C VAL F 232 -13.02 -56.07 22.30
N VAL F 233 -12.28 -56.77 21.44
CA VAL F 233 -12.72 -58.04 20.89
C VAL F 233 -11.62 -59.07 21.16
N GLY F 234 -11.72 -59.78 22.27
CA GLY F 234 -10.72 -60.76 22.63
C GLY F 234 -9.56 -60.15 23.37
N ARG F 235 -8.86 -60.93 24.18
CA ARG F 235 -7.63 -60.50 24.83
C ARG F 235 -6.49 -61.40 24.34
N ASP F 236 -5.48 -60.78 23.75
CA ASP F 236 -4.28 -61.40 23.19
C ASP F 236 -4.52 -62.13 21.87
N LYS F 237 -5.76 -62.28 21.43
CA LYS F 237 -6.08 -62.89 20.14
C LYS F 237 -7.57 -62.74 19.93
N PRO F 238 -8.01 -62.14 18.82
CA PRO F 238 -9.42 -61.77 18.70
C PRO F 238 -10.35 -62.97 18.60
N ARG F 239 -11.62 -62.71 18.89
CA ARG F 239 -12.67 -63.72 18.85
C ARG F 239 -13.53 -63.64 17.61
N ILE F 240 -13.65 -62.48 17.04
CA ILE F 240 -14.49 -62.28 15.86
C ILE F 240 -13.61 -62.45 14.63
N SER F 241 -14.18 -63.02 13.58
CA SER F 241 -13.46 -63.14 12.31
C SER F 241 -13.47 -61.77 11.64
N LEU F 242 -12.59 -60.90 12.12
CA LEU F 242 -12.46 -59.56 11.55
C LEU F 242 -11.67 -59.67 10.26
N PRO F 243 -11.94 -58.79 9.29
CA PRO F 243 -11.28 -58.98 8.00
C PRO F 243 -9.91 -58.33 7.95
N SER G 2 25.92 -23.19 -45.12
CA SER G 2 26.16 -21.90 -44.48
C SER G 2 27.24 -21.12 -45.23
N GLN G 3 27.24 -21.23 -46.56
CA GLN G 3 28.37 -20.79 -47.36
C GLN G 3 28.11 -19.46 -48.06
N GLU G 4 26.87 -19.20 -48.48
CA GLU G 4 26.60 -18.01 -49.28
C GLU G 4 27.11 -16.75 -48.61
N TRP G 5 27.19 -16.75 -47.29
CA TRP G 5 27.74 -15.63 -46.54
C TRP G 5 29.19 -15.85 -46.17
N LYS G 6 29.84 -16.85 -46.76
CA LYS G 6 31.27 -17.03 -46.61
C LYS G 6 32.07 -16.67 -47.84
N GLU G 7 31.44 -16.54 -49.00
CA GLU G 7 32.09 -15.86 -50.12
C GLU G 7 31.94 -14.35 -50.02
N TYR G 8 30.89 -13.87 -49.35
CA TYR G 8 30.76 -12.44 -49.08
C TYR G 8 31.93 -11.93 -48.25
N ALA G 9 32.34 -12.70 -47.25
CA ALA G 9 33.48 -12.33 -46.43
C ALA G 9 34.75 -12.24 -47.25
N LYS G 10 35.00 -13.22 -48.12
CA LYS G 10 36.19 -13.19 -48.96
C LYS G 10 36.16 -12.03 -49.94
N ARG G 11 34.98 -11.71 -50.49
CA ARG G 11 34.92 -10.60 -51.43
C ARG G 11 35.19 -9.27 -50.74
N VAL G 12 34.62 -9.07 -49.55
CA VAL G 12 34.83 -7.79 -48.88
C VAL G 12 36.25 -7.68 -48.37
N LEU G 13 36.83 -8.77 -47.87
CA LEU G 13 38.16 -8.71 -47.27
C LEU G 13 39.26 -8.36 -48.25
N ASP G 14 38.99 -8.20 -49.54
CA ASP G 14 40.05 -7.91 -50.50
C ASP G 14 40.07 -6.47 -51.00
N GLU G 15 38.92 -5.92 -51.36
CA GLU G 15 38.88 -4.56 -51.86
C GLU G 15 38.60 -3.53 -50.78
N TRP G 16 38.97 -3.80 -49.54
CA TRP G 16 38.71 -2.90 -48.43
C TRP G 16 40.05 -2.45 -47.90
N GLN G 17 40.32 -1.15 -47.98
CA GLN G 17 41.55 -0.56 -47.48
C GLN G 17 41.32 -0.04 -46.07
N PRO G 18 41.84 -0.70 -45.04
CA PRO G 18 41.50 -0.34 -43.68
C PRO G 18 42.22 0.91 -43.22
N LYS G 19 41.54 1.70 -42.40
CA LYS G 19 42.03 3.00 -42.00
C LYS G 19 42.29 3.16 -40.50
N THR G 20 41.74 2.29 -39.65
CA THR G 20 42.06 2.32 -38.24
C THR G 20 42.93 1.12 -37.89
N LYS G 21 43.28 0.98 -36.61
CA LYS G 21 44.11 -0.11 -36.14
C LYS G 21 43.38 -1.45 -36.13
N LEU G 22 42.15 -1.48 -35.64
CA LEU G 22 41.38 -2.71 -35.64
C LEU G 22 41.21 -3.24 -37.06
N GLY G 23 41.00 -2.36 -38.02
CA GLY G 23 40.88 -2.80 -39.40
C GLY G 23 42.17 -3.45 -39.90
N MET G 24 43.29 -2.83 -39.58
CA MET G 24 44.58 -3.43 -39.91
C MET G 24 44.71 -4.82 -39.32
N LEU G 25 44.36 -4.98 -38.04
CA LEU G 25 44.45 -6.27 -37.38
C LEU G 25 43.58 -7.31 -38.05
N VAL G 26 42.35 -6.94 -38.40
CA VAL G 26 41.42 -7.91 -39.01
C VAL G 26 41.88 -8.26 -40.42
N LYS G 27 42.53 -7.33 -41.11
CA LYS G 27 42.99 -7.66 -42.44
C LYS G 27 44.26 -8.50 -42.44
N GLU G 28 45.11 -8.34 -41.43
CA GLU G 28 46.36 -9.08 -41.36
C GLU G 28 46.19 -10.44 -40.71
N GLY G 29 44.96 -10.86 -40.42
CA GLY G 29 44.74 -12.18 -39.88
C GLY G 29 45.19 -12.35 -38.45
N GLN G 30 45.37 -11.25 -37.71
CA GLN G 30 45.72 -11.35 -36.31
C GLN G 30 44.46 -11.57 -35.48
N ILE G 31 43.40 -10.86 -35.83
CA ILE G 31 42.08 -11.07 -35.23
C ILE G 31 41.24 -11.87 -36.21
N THR G 32 40.70 -12.98 -35.75
CA THR G 32 39.99 -13.85 -36.67
C THR G 32 38.69 -14.39 -36.12
N ASP G 33 38.15 -13.80 -35.05
CA ASP G 33 36.86 -14.22 -34.56
C ASP G 33 36.15 -13.04 -33.90
N ILE G 34 34.83 -13.00 -34.03
CA ILE G 34 34.06 -11.88 -33.52
C ILE G 34 34.22 -11.70 -32.03
N HIS G 35 34.49 -12.77 -31.31
CA HIS G 35 34.45 -12.73 -29.86
C HIS G 35 35.64 -12.02 -29.26
N GLU G 36 36.66 -11.67 -30.04
CA GLU G 36 37.84 -11.04 -29.46
C GLU G 36 38.06 -9.65 -29.99
N ILE G 37 37.00 -8.86 -30.12
CA ILE G 37 37.12 -7.42 -30.31
C ILE G 37 36.44 -6.65 -29.21
N PHE G 38 35.88 -7.31 -28.20
CA PHE G 38 34.96 -6.63 -27.31
C PHE G 38 35.57 -6.18 -25.99
N ARG G 39 35.96 -7.10 -25.12
CA ARG G 39 36.21 -6.69 -23.74
C ARG G 39 37.60 -6.10 -23.55
N LYS G 40 37.96 -5.10 -24.36
CA LYS G 40 39.32 -4.57 -24.38
C LYS G 40 39.40 -3.05 -24.49
N GLY G 41 38.31 -2.39 -24.75
CA GLY G 41 38.35 -0.94 -24.84
C GLY G 41 38.77 -0.44 -26.20
N TYR G 42 38.61 -1.25 -27.22
CA TYR G 42 38.88 -0.81 -28.58
C TYR G 42 37.84 0.23 -28.98
N GLN G 43 37.86 0.62 -30.23
CA GLN G 43 36.81 1.46 -30.79
C GLN G 43 36.47 0.89 -32.15
N ILE G 44 35.19 0.89 -32.49
CA ILE G 44 34.72 0.32 -33.74
C ILE G 44 34.10 1.44 -34.55
N LYS G 45 34.81 1.87 -35.61
CA LYS G 45 34.39 2.98 -36.45
C LYS G 45 34.20 2.61 -37.91
N GLU G 46 34.58 1.39 -38.32
CA GLU G 46 34.32 0.91 -39.67
C GLU G 46 33.25 -0.17 -39.62
N PRO G 47 32.24 -0.15 -40.49
CA PRO G 47 31.21 -1.17 -40.45
C PRO G 47 31.67 -2.50 -41.03
N GLU G 48 32.80 -2.48 -41.71
CA GLU G 48 33.40 -3.62 -42.37
C GLU G 48 34.20 -4.49 -41.44
N ILE G 49 34.36 -4.07 -40.18
CA ILE G 49 34.85 -5.02 -39.20
C ILE G 49 33.78 -6.07 -38.94
N ILE G 50 32.52 -5.74 -39.20
CA ILE G 50 31.43 -6.66 -38.89
C ILE G 50 30.96 -7.40 -40.14
N ASP G 51 31.07 -6.80 -41.32
CA ASP G 51 30.74 -7.56 -42.53
C ASP G 51 31.74 -8.65 -42.80
N VAL G 52 32.86 -8.67 -42.08
CA VAL G 52 33.88 -9.68 -42.31
C VAL G 52 33.92 -10.72 -41.20
N LEU G 53 33.61 -10.33 -39.96
CA LEU G 53 33.66 -11.25 -38.85
C LEU G 53 32.31 -11.87 -38.50
N LEU G 54 31.21 -11.16 -38.70
CA LEU G 54 29.86 -11.71 -38.63
C LEU G 54 29.15 -11.37 -39.94
N PRO G 55 29.33 -12.17 -40.98
CA PRO G 55 28.85 -11.77 -42.30
C PRO G 55 27.34 -11.83 -42.44
N GLU G 56 26.65 -12.70 -41.72
CA GLU G 56 25.23 -12.89 -41.94
C GLU G 56 24.38 -11.85 -41.24
N VAL G 57 25.00 -10.82 -40.65
CA VAL G 57 24.27 -9.72 -40.07
C VAL G 57 23.49 -8.96 -41.12
N ASN G 58 23.96 -8.94 -42.36
CA ASN G 58 23.19 -8.35 -43.45
C ASN G 58 22.64 -9.51 -44.29
N ALA G 59 21.54 -10.07 -43.85
CA ALA G 59 20.89 -11.16 -44.54
C ALA G 59 19.43 -10.89 -44.81
N ARG G 60 18.92 -9.70 -44.49
CA ARG G 60 17.57 -9.27 -44.82
C ARG G 60 16.49 -10.03 -44.07
N GLU G 61 16.88 -11.07 -43.33
CA GLU G 61 16.07 -11.63 -42.28
C GLU G 61 16.79 -11.67 -40.96
N ASN G 62 17.98 -11.07 -40.90
CA ASN G 62 18.58 -10.61 -39.66
C ASN G 62 18.55 -9.10 -39.54
N GLN G 63 17.70 -8.44 -40.31
CA GLN G 63 17.53 -7.00 -40.23
C GLN G 63 16.08 -6.70 -39.90
N GLU G 64 15.83 -5.44 -39.54
CA GLU G 64 14.52 -5.06 -39.04
C GLU G 64 14.42 -3.55 -38.99
N ILE G 65 13.26 -3.01 -39.33
CA ILE G 65 13.00 -1.58 -39.28
C ILE G 65 11.86 -1.36 -38.28
N LEU G 66 12.20 -0.90 -37.08
CA LEU G 66 11.26 -0.84 -35.98
C LEU G 66 10.20 0.24 -36.17
N ASP G 67 10.61 1.46 -36.50
CA ASP G 67 9.65 2.48 -36.90
C ASP G 67 10.27 3.51 -37.81
N ILE G 68 9.40 4.21 -38.53
CA ILE G 68 9.73 5.33 -39.41
C ILE G 68 8.86 6.51 -39.00
N ALA G 69 9.50 7.64 -38.71
CA ALA G 69 8.76 8.85 -38.38
C ALA G 69 9.27 9.96 -39.27
N LEU G 70 8.51 11.03 -39.38
CA LEU G 70 8.93 12.24 -40.08
C LEU G 70 8.61 13.47 -39.24
N THR G 71 9.61 14.33 -39.06
CA THR G 71 9.56 15.46 -38.14
C THR G 71 9.94 16.75 -38.86
N VAL G 72 9.67 17.89 -38.22
CA VAL G 72 9.62 19.18 -38.90
C VAL G 72 10.25 20.28 -38.04
N ARG G 73 10.89 21.25 -38.69
CA ARG G 73 11.27 22.52 -38.06
C ARG G 73 10.81 23.69 -38.92
N MET G 74 10.40 24.77 -38.26
CA MET G 74 9.74 25.91 -38.90
C MET G 74 10.74 26.93 -39.41
N THR G 75 10.34 27.66 -40.45
CA THR G 75 11.16 28.76 -40.96
C THR G 75 10.27 29.74 -41.71
N ASP G 76 10.79 30.94 -41.95
CA ASP G 76 10.02 31.96 -42.65
C ASP G 76 9.72 31.60 -44.09
N SER G 77 10.16 30.43 -44.54
CA SER G 77 9.85 29.88 -45.86
C SER G 77 9.39 28.44 -45.74
N GLY G 78 8.61 28.14 -44.70
CA GLY G 78 7.92 26.87 -44.67
C GLY G 78 8.34 25.90 -43.57
N ARG G 79 8.24 24.61 -43.87
CA ARG G 79 8.49 23.55 -42.92
C ARG G 79 9.53 22.59 -43.48
N ARG G 80 10.67 22.50 -42.79
CA ARG G 80 11.79 21.69 -43.23
C ARG G 80 11.66 20.32 -42.59
N VAL G 81 11.52 19.30 -43.41
CA VAL G 81 11.07 17.98 -42.98
C VAL G 81 12.27 17.02 -43.00
N ARG G 82 12.20 16.01 -42.14
CA ARG G 82 13.32 15.14 -41.82
C ARG G 82 12.72 13.80 -41.49
N PHE G 83 13.48 12.73 -41.67
CA PHE G 83 12.99 11.41 -41.30
C PHE G 83 13.73 10.89 -40.07
N ARG G 84 13.23 9.79 -39.52
CA ARG G 84 13.87 9.11 -38.40
C ARG G 84 13.50 7.65 -38.48
N VAL G 85 14.46 6.81 -38.86
CA VAL G 85 14.27 5.38 -38.88
C VAL G 85 14.92 4.79 -37.65
N LEU G 86 14.36 3.72 -37.12
CA LEU G 86 14.97 3.02 -36.00
C LEU G 86 15.15 1.57 -36.39
N ALA G 87 16.39 1.10 -36.44
CA ALA G 87 16.65 -0.21 -36.99
C ALA G 87 17.48 -1.02 -36.02
N ALA G 88 17.41 -2.33 -36.15
CA ALA G 88 18.18 -3.26 -35.36
C ALA G 88 18.66 -4.39 -36.25
N VAL G 89 19.83 -4.92 -35.94
CA VAL G 89 20.39 -6.06 -36.68
C VAL G 89 20.95 -7.05 -35.68
N GLY G 90 21.17 -8.27 -36.15
CA GLY G 90 21.79 -9.28 -35.32
C GLY G 90 21.64 -10.68 -35.87
N ASN G 91 22.68 -11.51 -35.71
CA ASN G 91 22.51 -12.93 -35.94
C ASN G 91 21.74 -13.53 -34.78
N ARG G 92 20.94 -14.55 -35.07
CA ARG G 92 20.10 -15.05 -34.00
C ARG G 92 20.85 -16.03 -33.12
N ASP G 93 22.08 -15.69 -32.77
CA ASP G 93 22.83 -16.54 -31.85
C ASP G 93 23.27 -15.80 -30.59
N GLY G 94 23.98 -14.70 -30.68
CA GLY G 94 24.22 -13.97 -29.46
C GLY G 94 24.46 -12.49 -29.55
N TYR G 95 24.32 -11.88 -30.71
CA TYR G 95 24.85 -10.56 -30.95
C TYR G 95 23.78 -9.65 -31.52
N VAL G 96 23.64 -8.46 -30.95
CA VAL G 96 22.58 -7.53 -31.37
C VAL G 96 23.09 -6.10 -31.41
N GLY G 97 22.45 -5.29 -32.27
CA GLY G 97 22.77 -3.88 -32.32
C GLY G 97 21.55 -3.09 -32.72
N LEU G 98 21.51 -1.84 -32.23
CA LEU G 98 20.37 -0.95 -32.45
C LEU G 98 20.87 0.45 -32.75
N GLY G 99 20.36 1.05 -33.82
CA GLY G 99 20.79 2.38 -34.21
C GLY G 99 19.65 3.13 -34.84
N ILE G 100 19.87 4.42 -35.12
CA ILE G 100 18.76 5.25 -35.56
C ILE G 100 18.93 5.84 -36.96
N GLY G 101 19.83 6.79 -37.16
CA GLY G 101 20.01 7.34 -38.50
C GLY G 101 18.93 8.27 -39.04
N HIS G 102 19.31 9.34 -39.74
CA HIS G 102 18.39 10.37 -40.23
C HIS G 102 18.64 10.66 -41.70
N GLY G 103 17.71 11.39 -42.30
CA GLY G 103 17.87 11.78 -43.70
C GLY G 103 16.73 12.67 -44.14
N ARG G 104 16.78 13.04 -45.43
CA ARG G 104 15.70 13.75 -46.07
C ARG G 104 14.77 12.83 -46.82
N GLU G 105 15.17 11.59 -47.07
CA GLU G 105 14.33 10.63 -47.78
C GLU G 105 14.33 9.31 -47.00
N VAL G 106 13.34 8.48 -47.27
CA VAL G 106 13.22 7.24 -46.53
C VAL G 106 14.34 6.27 -46.88
N GLY G 107 14.95 6.41 -48.04
CA GLY G 107 15.98 5.46 -48.43
C GLY G 107 17.30 5.72 -47.79
N ILE G 108 17.74 6.98 -47.76
CA ILE G 108 19.00 7.33 -47.14
C ILE G 108 18.93 7.07 -45.64
N ALA G 109 17.78 7.36 -45.04
CA ALA G 109 17.62 7.18 -43.60
C ALA G 109 17.73 5.72 -43.21
N ILE G 110 17.15 4.83 -44.02
CA ILE G 110 17.24 3.41 -43.73
C ILE G 110 18.68 2.94 -43.85
N ARG G 111 19.42 3.46 -44.83
CA ARG G 111 20.80 3.07 -45.01
C ARG G 111 21.63 3.47 -43.81
N LYS G 112 21.43 4.69 -43.31
CA LYS G 112 22.18 5.11 -42.15
C LYS G 112 21.76 4.35 -40.90
N ALA G 113 20.49 4.05 -40.75
CA ALA G 113 20.03 3.28 -39.61
C ALA G 113 20.72 1.94 -39.57
N ILE G 114 20.65 1.20 -40.67
CA ILE G 114 21.27 -0.11 -40.78
C ILE G 114 22.76 -0.02 -40.58
N ASN G 115 23.39 1.06 -41.03
CA ASN G 115 24.83 1.18 -40.88
C ASN G 115 25.21 1.38 -39.42
N TYR G 116 24.57 2.35 -38.75
CA TYR G 116 24.88 2.62 -37.35
C TYR G 116 24.48 1.49 -36.43
N ALA G 117 23.53 0.65 -36.82
CA ALA G 117 23.20 -0.50 -35.99
C ALA G 117 24.36 -1.45 -35.82
N LYS G 118 25.21 -1.60 -36.82
CA LYS G 118 26.32 -2.53 -36.74
C LYS G 118 27.42 -2.06 -35.81
N LEU G 119 27.64 -0.76 -35.71
CA LEU G 119 28.71 -0.23 -34.87
C LEU G 119 28.35 -0.18 -33.40
N ASN G 120 27.09 -0.33 -33.06
CA ASN G 120 26.61 -0.26 -31.69
C ASN G 120 26.19 -1.62 -31.23
N ILE G 121 26.99 -2.61 -31.56
CA ILE G 121 26.66 -4.01 -31.35
C ILE G 121 27.15 -4.41 -29.98
N ILE G 122 26.51 -5.41 -29.38
CA ILE G 122 26.91 -5.99 -28.10
C ILE G 122 26.60 -7.48 -28.09
N GLU G 123 27.28 -8.19 -27.18
CA GLU G 123 27.06 -9.61 -26.94
C GLU G 123 26.47 -9.82 -25.54
N ILE G 124 25.71 -10.92 -25.38
CA ILE G 124 24.85 -11.10 -24.22
C ILE G 124 25.01 -12.48 -23.61
N LYS G 125 24.24 -12.77 -22.58
CA LYS G 125 24.22 -14.08 -21.93
C LYS G 125 22.82 -14.68 -22.00
N ARG G 126 22.74 -15.99 -22.23
CA ARG G 126 21.48 -16.71 -22.27
C ARG G 126 21.56 -17.93 -21.36
N GLY G 127 20.41 -18.50 -21.03
CA GLY G 127 20.37 -19.58 -20.06
C GLY G 127 18.94 -19.97 -19.77
N CYS G 128 18.72 -20.54 -18.59
CA CYS G 128 17.36 -20.90 -18.18
C CYS G 128 17.23 -20.77 -16.67
N GLY G 129 16.58 -19.71 -16.20
CA GLY G 129 16.48 -19.49 -14.77
C GLY G 129 15.10 -19.55 -14.15
N SER G 130 14.14 -20.17 -14.81
CA SER G 130 12.78 -20.20 -14.29
C SER G 130 12.57 -21.34 -13.30
N TRP G 131 11.57 -21.16 -12.44
CA TRP G 131 11.20 -22.15 -11.45
C TRP G 131 10.46 -23.34 -12.04
N GLU G 132 9.76 -23.12 -13.16
CA GLU G 132 8.96 -24.17 -13.80
C GLU G 132 9.81 -25.06 -14.68
N CYS G 133 10.46 -24.49 -15.69
CA CYS G 133 11.40 -25.23 -16.51
C CYS G 133 12.77 -25.13 -15.90
N ARG G 134 13.36 -26.27 -15.54
CA ARG G 134 14.70 -26.26 -14.99
C ARG G 134 15.68 -26.97 -15.90
N CYS G 135 15.44 -26.95 -17.21
CA CYS G 135 16.41 -27.46 -18.15
C CYS G 135 17.66 -26.61 -18.08
N ARG G 136 18.66 -26.98 -18.88
CA ARG G 136 19.87 -26.17 -18.99
C ARG G 136 20.10 -25.93 -20.47
N ARG G 137 19.43 -24.93 -21.02
CA ARG G 137 19.50 -24.68 -22.45
C ARG G 137 19.39 -23.18 -22.70
N PRO G 138 20.20 -22.65 -23.58
CA PRO G 138 20.13 -21.23 -23.94
C PRO G 138 18.90 -20.84 -24.74
N HIS G 139 17.77 -20.69 -24.07
CA HIS G 139 16.56 -20.28 -24.75
C HIS G 139 15.88 -19.08 -24.14
N SER G 140 16.36 -18.57 -23.02
CA SER G 140 15.69 -17.50 -22.32
C SER G 140 16.75 -16.64 -21.66
N VAL G 141 16.33 -15.84 -20.69
CA VAL G 141 17.24 -15.00 -19.91
C VAL G 141 17.68 -15.78 -18.67
N PRO G 142 18.94 -15.80 -18.30
CA PRO G 142 19.34 -16.69 -17.21
C PRO G 142 18.87 -16.24 -15.82
N PHE G 143 18.48 -14.97 -15.67
CA PHE G 143 17.93 -14.45 -14.44
C PHE G 143 17.24 -13.13 -14.70
N THR G 144 16.59 -12.59 -13.67
CA THR G 144 15.89 -11.32 -13.80
C THR G 144 16.86 -10.17 -14.00
N VAL G 145 16.60 -9.37 -15.02
CA VAL G 145 17.40 -8.17 -15.29
C VAL G 145 16.45 -7.05 -15.68
N GLU G 146 16.89 -5.81 -15.46
CA GLU G 146 16.07 -4.67 -15.83
C GLU G 146 16.91 -3.52 -16.35
N GLY G 147 16.30 -2.70 -17.19
CA GLY G 147 16.97 -1.58 -17.80
C GLY G 147 15.98 -0.47 -18.03
N LYS G 148 16.48 0.73 -18.28
CA LYS G 148 15.64 1.91 -18.35
C LYS G 148 16.14 2.89 -19.40
N GLU G 149 15.25 3.76 -19.85
CA GLU G 149 15.55 4.79 -20.83
C GLU G 149 14.42 5.78 -20.85
N GLY G 150 14.75 7.06 -20.71
CA GLY G 150 13.74 8.09 -20.77
C GLY G 150 12.79 8.01 -19.61
N SER G 151 11.55 7.60 -19.86
CA SER G 151 10.56 7.43 -18.81
C SER G 151 10.03 6.03 -18.74
N VAL G 152 10.68 5.10 -19.42
CA VAL G 152 10.21 3.73 -19.54
C VAL G 152 11.09 2.87 -18.66
N ARG G 153 10.47 2.00 -17.88
CA ARG G 153 11.14 1.02 -17.04
C ARG G 153 10.74 -0.35 -17.56
N VAL G 154 11.72 -1.23 -17.74
CA VAL G 154 11.47 -2.56 -18.28
C VAL G 154 12.12 -3.58 -17.37
N LYS G 155 11.42 -4.69 -17.18
CA LYS G 155 11.93 -5.83 -16.42
C LYS G 155 11.64 -7.08 -17.24
N LEU G 156 12.57 -8.03 -17.26
CA LEU G 156 12.37 -9.30 -17.95
C LEU G 156 12.63 -10.43 -16.98
N ILE G 157 11.78 -11.46 -17.04
CA ILE G 157 11.75 -12.56 -16.08
C ILE G 157 11.83 -13.87 -16.87
N PRO G 158 12.57 -14.88 -16.43
CA PRO G 158 12.68 -16.10 -17.22
C PRO G 158 11.38 -16.91 -17.25
N GLY G 159 11.13 -17.58 -18.37
CA GLY G 159 9.92 -18.37 -18.51
C GLY G 159 10.18 -19.74 -19.11
N PRO G 160 9.19 -20.62 -19.02
CA PRO G 160 9.42 -22.04 -19.36
C PRO G 160 9.43 -22.29 -20.85
N ARG G 161 9.91 -23.47 -21.21
CA ARG G 161 10.20 -23.74 -22.61
C ARG G 161 8.94 -24.07 -23.38
N GLY G 162 8.62 -23.25 -24.36
CA GLY G 162 7.44 -23.45 -25.17
C GLY G 162 6.54 -22.25 -25.16
N LEU G 163 6.42 -21.60 -24.01
CA LEU G 163 5.72 -20.33 -23.90
C LEU G 163 6.32 -19.34 -24.88
N GLY G 164 5.51 -18.51 -25.49
CA GLY G 164 6.04 -17.59 -26.47
C GLY G 164 6.88 -16.51 -25.84
N LEU G 165 7.07 -15.40 -26.54
CA LEU G 165 7.70 -14.22 -25.96
C LEU G 165 6.58 -13.26 -25.59
N VAL G 166 6.15 -13.27 -24.33
CA VAL G 166 5.03 -12.42 -23.95
C VAL G 166 5.54 -11.08 -23.44
N ILE G 167 5.79 -10.19 -24.40
CA ILE G 167 6.22 -8.81 -24.18
C ILE G 167 5.51 -8.00 -25.26
N GLY G 168 5.71 -6.69 -25.29
CA GLY G 168 4.96 -5.82 -26.17
C GLY G 168 5.20 -6.06 -27.64
N ASP G 169 4.79 -5.09 -28.46
CA ASP G 169 4.77 -5.29 -29.91
C ASP G 169 6.16 -5.23 -30.52
N VAL G 170 7.08 -4.47 -29.93
CA VAL G 170 8.38 -4.25 -30.54
C VAL G 170 9.44 -5.07 -29.83
N GLY G 171 9.15 -5.51 -28.62
CA GLY G 171 10.16 -6.19 -27.85
C GLY G 171 10.44 -7.51 -28.50
N LYS G 172 9.49 -8.01 -29.27
CA LYS G 172 9.65 -9.33 -29.87
C LYS G 172 10.75 -9.32 -30.93
N LYS G 173 10.74 -8.32 -31.81
CA LYS G 173 11.79 -8.21 -32.81
C LYS G 173 13.18 -8.18 -32.17
N ILE G 174 13.40 -7.26 -31.23
CA ILE G 174 14.71 -7.14 -30.61
C ILE G 174 15.09 -8.41 -29.90
N LEU G 175 14.20 -8.98 -29.09
CA LEU G 175 14.54 -10.16 -28.32
C LEU G 175 14.71 -11.39 -29.17
N ARG G 176 14.17 -11.41 -30.37
CA ARG G 176 14.26 -12.56 -31.25
C ARG G 176 15.48 -12.50 -32.14
N LEU G 177 15.97 -11.30 -32.44
CA LEU G 177 17.25 -11.16 -33.13
C LEU G 177 18.44 -11.51 -32.26
N ALA G 178 18.28 -11.48 -30.95
CA ALA G 178 19.36 -11.82 -30.03
C ALA G 178 19.45 -13.29 -29.74
N GLY G 179 18.40 -14.05 -30.00
CA GLY G 179 18.39 -15.49 -29.82
C GLY G 179 17.46 -15.99 -28.76
N ILE G 180 16.82 -15.10 -28.00
CA ILE G 180 15.87 -15.52 -26.98
C ILE G 180 14.61 -16.04 -27.65
N GLN G 181 13.85 -16.87 -26.93
CA GLN G 181 12.59 -17.39 -27.44
C GLN G 181 11.48 -17.47 -26.40
N ASP G 182 11.76 -17.29 -25.12
CA ASP G 182 10.78 -17.39 -24.04
C ASP G 182 11.09 -16.32 -23.00
N VAL G 183 10.09 -15.56 -22.56
CA VAL G 183 10.32 -14.55 -21.54
C VAL G 183 8.97 -14.15 -20.96
N TRP G 184 9.00 -13.38 -19.87
CA TRP G 184 7.87 -12.68 -19.24
C TRP G 184 8.28 -11.22 -19.05
N SER G 185 7.34 -10.36 -18.68
CA SER G 185 7.67 -8.94 -18.70
C SER G 185 6.79 -8.16 -17.74
N GLN G 186 7.29 -6.99 -17.33
CA GLN G 186 6.62 -6.05 -16.43
C GLN G 186 7.08 -4.65 -16.79
N THR G 187 6.18 -3.75 -17.17
CA THR G 187 6.62 -2.46 -17.65
C THR G 187 5.93 -1.31 -16.91
N LEU G 188 6.65 -0.20 -16.77
CA LEU G 188 6.10 1.05 -16.28
C LEU G 188 6.47 2.13 -17.28
N GLY G 189 6.00 3.33 -17.04
CA GLY G 189 6.26 4.40 -17.97
C GLY G 189 5.46 4.29 -19.25
N GLU G 190 5.72 5.24 -20.15
CA GLU G 190 5.00 5.35 -21.40
C GLU G 190 5.66 4.49 -22.46
N THR G 191 5.01 3.40 -22.85
CA THR G 191 5.54 2.46 -23.82
C THR G 191 5.10 2.77 -25.23
N ARG G 192 4.56 3.94 -25.49
CA ARG G 192 4.13 4.29 -26.82
C ARG G 192 5.10 5.20 -27.53
N THR G 193 6.25 5.49 -26.94
CA THR G 193 7.36 6.15 -27.63
C THR G 193 8.36 5.05 -27.92
N THR G 194 8.38 4.57 -29.16
CA THR G 194 9.09 3.33 -29.43
C THR G 194 10.58 3.46 -29.30
N VAL G 195 11.14 4.67 -29.38
CA VAL G 195 12.58 4.82 -29.21
C VAL G 195 12.99 4.49 -27.79
N ASN G 196 12.28 5.05 -26.81
CA ASN G 196 12.63 4.83 -25.42
C ASN G 196 12.32 3.41 -24.99
N PHE G 197 11.22 2.84 -25.47
CA PHE G 197 10.91 1.45 -25.18
C PHE G 197 11.96 0.51 -25.76
N ALA G 198 12.35 0.75 -27.02
CA ALA G 198 13.40 -0.06 -27.65
C ALA G 198 14.73 0.06 -26.91
N LYS G 199 15.11 1.27 -26.53
CA LYS G 199 16.39 1.44 -25.84
C LYS G 199 16.36 0.89 -24.42
N ALA G 200 15.18 0.83 -23.79
CA ALA G 200 15.09 0.13 -22.51
C ALA G 200 15.34 -1.36 -22.68
N VAL G 201 14.72 -1.99 -23.67
CA VAL G 201 14.95 -3.43 -23.86
C VAL G 201 16.42 -3.70 -24.21
N PHE G 202 17.03 -2.82 -25.02
CA PHE G 202 18.45 -2.95 -25.33
C PHE G 202 19.30 -2.86 -24.08
N ASN G 203 19.03 -1.86 -23.23
CA ASN G 203 19.78 -1.72 -21.99
C ASN G 203 19.64 -2.93 -21.08
N ALA G 204 18.45 -3.54 -21.04
CA ALA G 204 18.30 -4.73 -20.21
C ALA G 204 19.17 -5.86 -20.73
N LEU G 205 19.11 -6.09 -22.05
CA LEU G 205 19.93 -7.17 -22.59
C LEU G 205 21.41 -6.92 -22.37
N TYR G 206 21.83 -5.66 -22.33
CA TYR G 206 23.23 -5.38 -22.03
C TYR G 206 23.54 -5.66 -20.57
N ASN G 207 22.67 -5.21 -19.66
CA ASN G 207 22.85 -5.46 -18.23
C ASN G 207 22.88 -6.94 -17.89
N THR G 208 22.48 -7.80 -18.82
CA THR G 208 22.60 -9.24 -18.60
C THR G 208 23.97 -9.64 -18.08
N ASN G 209 25.00 -8.85 -18.39
CA ASN G 209 26.38 -9.22 -18.04
C ASN G 209 27.01 -8.23 -17.07
N LYS G 210 26.29 -7.80 -16.05
CA LYS G 210 26.85 -7.04 -14.94
C LYS G 210 26.64 -7.73 -13.60
N VAL G 211 25.96 -8.87 -13.59
CA VAL G 211 25.63 -9.58 -12.37
C VAL G 211 26.78 -10.52 -12.03
N VAL G 212 27.27 -10.43 -10.80
CA VAL G 212 28.37 -11.30 -10.38
C VAL G 212 27.84 -12.70 -10.13
N VAL G 213 28.55 -13.70 -10.64
CA VAL G 213 28.12 -15.09 -10.55
C VAL G 213 29.33 -15.99 -10.32
N THR G 214 29.14 -17.01 -9.50
CA THR G 214 30.12 -18.01 -9.14
C THR G 214 30.24 -19.05 -10.24
N PRO G 215 31.35 -19.79 -10.32
CA PRO G 215 31.46 -20.80 -11.39
C PRO G 215 30.55 -21.99 -11.23
N GLU G 216 29.83 -22.12 -10.12
CA GLU G 216 28.87 -23.19 -9.97
C GLU G 216 27.50 -22.84 -10.49
N MET G 217 27.14 -21.56 -10.54
CA MET G 217 25.88 -21.20 -11.16
C MET G 217 25.86 -21.51 -12.63
N ILE G 218 27.02 -21.54 -13.29
CA ILE G 218 27.04 -21.71 -14.73
C ILE G 218 26.51 -23.07 -15.12
N GLU G 219 26.95 -24.13 -14.45
CA GLU G 219 26.39 -25.45 -14.68
C GLU G 219 25.21 -25.71 -13.75
N ARG G 220 24.32 -24.73 -13.69
CA ARG G 220 23.00 -24.86 -13.13
C ARG G 220 21.96 -24.13 -13.94
N TYR G 221 22.34 -23.08 -14.68
CA TYR G 221 21.47 -22.32 -15.54
C TYR G 221 21.84 -22.43 -17.01
N GLY G 222 23.03 -22.92 -17.33
CA GLY G 222 23.41 -23.13 -18.71
C GLY G 222 23.99 -21.93 -19.41
N ILE G 223 24.71 -21.07 -18.68
CA ILE G 223 25.04 -19.74 -19.18
C ILE G 223 26.03 -19.85 -20.33
N VAL G 224 25.67 -19.30 -21.48
CA VAL G 224 26.56 -19.21 -22.63
C VAL G 224 26.71 -17.74 -22.97
N VAL G 225 27.85 -17.39 -23.54
CA VAL G 225 28.17 -16.02 -23.91
C VAL G 225 28.50 -16.02 -25.39
N GLY G 226 27.83 -15.18 -26.16
CA GLY G 226 27.98 -15.25 -27.59
C GLY G 226 27.43 -16.55 -28.14
N ARG G 227 27.98 -16.97 -29.29
CA ARG G 227 27.48 -18.17 -29.94
C ARG G 227 27.48 -19.34 -28.98
N ALA G 228 26.47 -20.19 -29.11
CA ALA G 228 26.39 -21.41 -28.31
C ALA G 228 26.19 -22.56 -29.27
N MET G 229 27.29 -23.12 -29.74
CA MET G 229 27.29 -24.19 -30.74
C MET G 229 26.38 -23.82 -31.91
N PRO G 230 26.85 -22.99 -32.84
CA PRO G 230 26.13 -22.73 -34.08
C PRO G 230 25.84 -24.00 -34.87
N ALA H 2 -99.80 -16.95 14.86
CA ALA H 2 -99.85 -16.97 13.41
C ALA H 2 -100.52 -18.25 12.94
N THR H 3 -99.76 -19.04 12.19
CA THR H 3 -100.08 -20.43 11.94
C THR H 3 -98.82 -21.26 12.16
N PHE H 4 -98.99 -22.46 12.68
CA PHE H 4 -97.88 -23.33 13.04
C PHE H 4 -98.05 -24.69 12.39
N LYS H 5 -97.02 -25.52 12.47
CA LYS H 5 -97.07 -26.90 11.99
C LYS H 5 -96.61 -27.80 13.12
N LEU H 6 -97.55 -28.34 13.88
CA LEU H 6 -97.22 -29.18 15.01
C LEU H 6 -96.80 -30.56 14.55
N VAL H 7 -95.82 -31.13 15.23
CA VAL H 7 -95.31 -32.46 14.92
C VAL H 7 -95.57 -33.33 16.15
N ILE H 8 -96.73 -33.97 16.20
CA ILE H 8 -97.12 -34.80 17.32
C ILE H 8 -96.39 -36.13 17.17
N SER H 9 -95.69 -36.54 18.22
CA SER H 9 -94.95 -37.79 18.19
C SER H 9 -95.30 -38.62 19.43
N ASP H 10 -95.63 -39.88 19.20
CA ASP H 10 -96.04 -40.84 20.21
C ASP H 10 -94.84 -41.65 20.70
N PRO H 11 -94.32 -41.37 21.87
CA PRO H 11 -93.11 -42.06 22.31
C PRO H 11 -93.33 -43.54 22.58
N LYS H 12 -94.56 -43.95 22.83
CA LYS H 12 -94.84 -45.34 23.15
C LYS H 12 -94.89 -46.22 21.91
N THR H 13 -94.93 -45.64 20.72
CA THR H 13 -94.89 -46.45 19.51
C THR H 13 -94.04 -45.84 18.40
N GLY H 14 -93.42 -44.69 18.63
CA GLY H 14 -92.46 -44.17 17.67
C GLY H 14 -93.01 -43.96 16.28
N ILE H 15 -94.16 -43.29 16.16
CA ILE H 15 -94.63 -42.78 14.88
C ILE H 15 -95.16 -41.37 15.12
N ALA H 16 -95.14 -40.55 14.08
CA ALA H 16 -95.52 -39.15 14.22
C ALA H 16 -96.51 -38.76 13.13
N LYS H 17 -97.16 -37.62 13.35
CA LYS H 17 -98.08 -37.02 12.40
C LYS H 17 -97.90 -35.52 12.48
N GLN H 18 -98.44 -34.80 11.51
CA GLN H 18 -98.42 -33.35 11.60
C GLN H 18 -99.78 -32.79 11.23
N ILE H 19 -100.09 -31.63 11.80
CA ILE H 19 -101.33 -30.91 11.56
C ILE H 19 -101.01 -29.42 11.54
N GLU H 20 -101.89 -28.64 10.92
CA GLU H 20 -101.71 -27.21 10.79
C GLU H 20 -102.79 -26.50 11.60
N ILE H 21 -102.38 -25.70 12.58
CA ILE H 21 -103.32 -24.96 13.40
C ILE H 21 -103.08 -23.46 13.20
N THR H 22 -104.12 -22.68 13.46
CA THR H 22 -104.10 -21.24 13.24
C THR H 22 -105.24 -20.62 14.04
N GLY H 23 -105.48 -19.33 13.80
CA GLY H 23 -106.61 -18.63 14.37
C GLY H 23 -106.61 -18.60 15.87
N PRO H 24 -107.63 -19.21 16.48
CA PRO H 24 -107.69 -19.24 17.95
C PRO H 24 -106.63 -20.12 18.55
N GLU H 25 -106.20 -21.15 17.83
CA GLU H 25 -105.19 -22.06 18.34
C GLU H 25 -103.85 -21.36 18.52
N ALA H 26 -103.47 -20.57 17.53
CA ALA H 26 -102.18 -19.89 17.58
C ALA H 26 -102.24 -18.65 18.45
N GLU H 27 -102.81 -18.78 19.64
CA GLU H 27 -102.71 -17.73 20.64
C GLU H 27 -102.55 -18.28 22.05
N LYS H 28 -102.86 -19.56 22.28
CA LYS H 28 -102.75 -20.15 23.61
C LYS H 28 -101.43 -20.88 23.83
N LEU H 29 -100.54 -20.89 22.83
CA LEU H 29 -99.17 -21.31 23.05
C LEU H 29 -98.18 -20.31 22.47
N ILE H 30 -98.55 -19.03 22.40
CA ILE H 30 -97.68 -18.05 21.76
C ILE H 30 -96.51 -17.68 22.66
N GLY H 31 -96.67 -17.79 23.97
CA GLY H 31 -95.60 -17.34 24.85
C GLY H 31 -94.97 -18.44 25.67
N LYS H 32 -95.13 -19.68 25.24
CA LYS H 32 -94.72 -20.83 26.02
C LYS H 32 -93.24 -21.15 25.80
N ARG H 33 -92.57 -21.53 26.88
CA ARG H 33 -91.16 -21.87 26.84
C ARG H 33 -91.02 -23.37 26.63
N ILE H 34 -89.79 -23.84 26.55
CA ILE H 34 -89.53 -25.24 26.21
C ILE H 34 -89.71 -26.10 27.45
N GLY H 35 -90.52 -27.16 27.33
CA GLY H 35 -90.85 -27.99 28.46
C GLY H 35 -91.97 -27.43 29.31
N ASP H 36 -93.19 -27.34 28.75
CA ASP H 36 -94.26 -26.63 29.42
C ASP H 36 -95.50 -27.46 29.77
N GLN H 37 -95.74 -28.59 29.10
CA GLN H 37 -96.85 -29.48 29.47
C GLN H 37 -98.21 -28.80 29.32
N ILE H 38 -98.64 -28.58 28.07
CA ILE H 38 -99.96 -27.99 27.82
C ILE H 38 -100.99 -29.08 27.61
N PRO H 39 -102.18 -28.99 28.20
CA PRO H 39 -103.21 -30.01 27.95
C PRO H 39 -103.69 -30.03 26.51
N VAL H 40 -104.02 -31.22 26.02
CA VAL H 40 -104.42 -31.38 24.63
C VAL H 40 -105.85 -30.92 24.42
N LYS H 41 -106.74 -31.27 25.34
CA LYS H 41 -108.17 -31.01 25.13
C LYS H 41 -108.46 -29.52 25.04
N GLU H 42 -107.81 -28.70 25.86
CA GLU H 42 -108.12 -27.28 25.87
C GLU H 42 -107.70 -26.62 24.57
N LEU H 43 -106.40 -26.68 24.26
CA LEU H 43 -105.94 -26.15 22.99
C LEU H 43 -106.52 -26.95 21.84
N GLY H 44 -106.21 -28.23 21.79
CA GLY H 44 -106.44 -29.04 20.62
C GLY H 44 -107.86 -29.16 20.13
N ILE H 45 -108.14 -28.52 19.00
CA ILE H 45 -109.28 -28.89 18.19
C ILE H 45 -109.03 -30.21 17.47
N ASN H 46 -107.77 -30.63 17.40
CA ASN H 46 -107.41 -31.91 16.80
C ASN H 46 -107.93 -33.05 17.66
N LEU H 47 -108.26 -34.16 17.00
CA LEU H 47 -109.00 -35.24 17.64
C LEU H 47 -108.09 -36.43 17.97
N ASN H 48 -108.69 -37.43 18.60
CA ASN H 48 -108.06 -38.70 18.95
C ASN H 48 -108.01 -39.59 17.72
N GLU H 49 -107.35 -39.11 16.67
CA GLU H 49 -107.26 -39.83 15.41
C GLU H 49 -105.81 -39.88 14.95
N LEU H 50 -105.62 -40.17 13.67
CA LEU H 50 -104.34 -40.14 12.99
C LEU H 50 -103.36 -41.15 13.59
N PHE H 51 -103.69 -41.74 14.74
CA PHE H 51 -102.81 -42.66 15.44
C PHE H 51 -103.45 -44.01 15.71
N GLY H 52 -104.77 -44.08 15.82
CA GLY H 52 -105.41 -45.35 16.08
C GLY H 52 -106.52 -45.32 17.11
N LYS H 53 -106.81 -44.14 17.68
CA LYS H 53 -107.94 -43.96 18.59
C LYS H 53 -107.81 -44.88 19.81
N GLU H 54 -106.86 -44.53 20.66
CA GLU H 54 -106.64 -45.28 21.89
C GLU H 54 -106.28 -44.44 23.11
N PHE H 55 -106.09 -43.13 22.96
CA PHE H 55 -105.51 -42.35 24.03
C PHE H 55 -106.54 -42.04 25.11
N PRO H 56 -106.09 -41.88 26.37
CA PRO H 56 -107.00 -41.45 27.44
C PRO H 56 -107.48 -40.02 27.25
N GLU H 57 -108.18 -39.47 28.24
CA GLU H 57 -108.73 -38.13 28.09
C GLU H 57 -107.93 -37.07 28.82
N ASP H 58 -106.93 -37.45 29.61
CA ASP H 58 -106.13 -36.50 30.38
C ASP H 58 -104.72 -36.35 29.83
N VAL H 59 -104.53 -36.60 28.53
CA VAL H 59 -103.20 -36.55 27.95
C VAL H 59 -102.78 -35.10 27.75
N LYS H 60 -101.48 -34.86 27.77
CA LYS H 60 -100.98 -33.51 27.54
C LYS H 60 -99.57 -33.59 26.97
N MET H 61 -99.22 -32.60 26.16
CA MET H 61 -97.96 -32.53 25.44
C MET H 61 -97.16 -31.32 25.90
N GLU H 62 -95.85 -31.36 25.66
CA GLU H 62 -94.98 -30.25 26.02
C GLU H 62 -94.10 -29.87 24.85
N ILE H 63 -93.48 -28.70 24.96
CA ILE H 63 -92.68 -28.12 23.90
C ILE H 63 -91.27 -28.66 23.99
N ARG H 64 -90.72 -29.04 22.84
CA ARG H 64 -89.35 -29.54 22.76
C ARG H 64 -88.44 -28.64 21.94
N GLY H 65 -88.78 -28.36 20.70
CA GLY H 65 -87.96 -27.52 19.85
C GLY H 65 -88.78 -26.86 18.79
N GLY H 66 -88.13 -26.51 17.68
CA GLY H 66 -88.82 -25.87 16.58
C GLY H 66 -87.91 -24.92 15.82
N THR H 67 -88.12 -24.85 14.52
CA THR H 67 -87.28 -24.03 13.66
C THR H 67 -87.86 -22.62 13.58
N ASP H 68 -87.40 -21.85 12.60
CA ASP H 68 -87.75 -20.45 12.52
C ASP H 68 -88.30 -20.15 11.13
N LYS H 69 -88.63 -18.88 10.91
CA LYS H 69 -89.27 -18.47 9.67
C LYS H 69 -88.33 -18.63 8.48
N ASP H 70 -87.03 -18.46 8.69
CA ASP H 70 -86.04 -18.64 7.65
C ASP H 70 -85.36 -19.99 7.68
N GLY H 71 -85.33 -20.67 8.83
CA GLY H 71 -84.85 -22.02 8.89
C GLY H 71 -83.81 -22.29 9.96
N PHE H 72 -83.78 -21.47 10.99
CA PHE H 72 -82.82 -21.58 12.07
C PHE H 72 -83.44 -22.33 13.25
N PRO H 73 -82.68 -23.13 13.99
CA PRO H 73 -83.27 -23.89 15.08
C PRO H 73 -83.44 -23.08 16.34
N MET H 74 -84.01 -23.69 17.37
CA MET H 74 -84.26 -23.05 18.66
C MET H 74 -83.33 -23.69 19.67
N ARG H 75 -82.41 -22.92 20.20
CA ARG H 75 -81.40 -23.35 21.14
C ARG H 75 -81.94 -23.23 22.56
N PRO H 76 -82.30 -24.34 23.21
CA PRO H 76 -82.97 -24.24 24.51
C PRO H 76 -82.08 -23.80 25.65
N ASP H 77 -81.38 -22.69 25.48
CA ASP H 77 -80.56 -22.15 26.56
C ASP H 77 -80.63 -20.64 26.57
N ILE H 78 -80.91 -20.04 25.43
CA ILE H 78 -81.00 -18.59 25.29
C ILE H 78 -82.45 -18.21 25.54
N HIS H 79 -82.76 -17.79 26.76
CA HIS H 79 -84.12 -17.42 27.06
C HIS H 79 -84.45 -16.07 26.47
N GLY H 80 -85.70 -15.93 26.01
CA GLY H 80 -86.12 -14.76 25.28
C GLY H 80 -86.46 -15.12 23.86
N PRO H 81 -87.43 -14.44 23.28
CA PRO H 81 -87.79 -14.73 21.89
C PRO H 81 -86.99 -13.94 20.87
N ARG H 82 -85.68 -13.90 21.01
CA ARG H 82 -84.81 -13.12 20.16
C ARG H 82 -83.92 -14.04 19.33
N ARG H 83 -83.23 -13.47 18.35
CA ARG H 83 -82.36 -14.22 17.44
C ARG H 83 -80.92 -13.76 17.61
N VAL H 84 -80.00 -14.72 17.84
CA VAL H 84 -78.61 -14.37 18.06
C VAL H 84 -77.70 -15.21 17.18
N ARG H 85 -76.41 -14.87 17.22
CA ARG H 85 -75.36 -15.52 16.44
C ARG H 85 -74.19 -15.80 17.36
N ILE H 86 -74.07 -17.04 17.83
CA ILE H 86 -73.09 -17.40 18.85
C ILE H 86 -72.17 -18.49 18.34
N LEU H 87 -71.04 -18.65 19.03
CA LEU H 87 -70.04 -19.65 18.68
C LEU H 87 -70.29 -20.95 19.43
N LEU H 88 -70.55 -22.02 18.69
CA LEU H 88 -71.00 -23.29 19.26
C LEU H 88 -69.91 -24.34 19.21
N SER H 89 -70.09 -25.39 20.00
CA SER H 89 -69.19 -26.53 19.96
C SER H 89 -69.95 -27.86 19.89
N LYS H 90 -71.22 -27.87 20.30
CA LYS H 90 -72.08 -29.04 20.13
C LYS H 90 -73.53 -28.60 20.23
N GLY H 91 -74.42 -29.55 20.44
CA GLY H 91 -75.77 -29.26 20.87
C GLY H 91 -76.67 -28.86 19.74
N PRO H 92 -77.95 -28.63 20.05
CA PRO H 92 -78.91 -28.23 19.01
C PRO H 92 -78.46 -26.96 18.32
N GLY H 93 -78.24 -27.06 17.01
CA GLY H 93 -77.79 -25.96 16.22
C GLY H 93 -76.42 -26.13 15.60
N PHE H 94 -75.78 -27.27 15.77
CA PHE H 94 -74.45 -27.50 15.20
C PHE H 94 -74.24 -28.98 14.97
N ARG H 95 -73.68 -29.33 13.82
CA ARG H 95 -73.29 -30.69 13.50
C ARG H 95 -71.80 -30.72 13.25
N PRO H 96 -70.97 -31.07 14.23
CA PRO H 96 -69.54 -30.77 14.16
C PRO H 96 -68.81 -31.38 12.97
N LYS H 97 -68.71 -32.71 12.92
CA LYS H 97 -68.04 -33.38 11.80
C LYS H 97 -66.56 -33.01 11.74
N GLU H 98 -65.92 -33.04 12.90
CA GLU H 98 -64.47 -32.95 13.08
C GLU H 98 -64.23 -33.15 14.57
N LYS H 99 -62.99 -33.01 15.02
CA LYS H 99 -62.65 -33.18 16.42
C LYS H 99 -62.11 -31.87 16.96
N GLY H 100 -62.71 -31.39 18.05
CA GLY H 100 -62.26 -30.17 18.67
C GLY H 100 -62.53 -28.92 17.88
N GLU H 101 -63.53 -28.93 17.02
CA GLU H 101 -63.76 -27.78 16.16
C GLU H 101 -64.99 -27.01 16.60
N ARG H 102 -65.04 -25.76 16.15
CA ARG H 102 -66.05 -24.80 16.56
C ARG H 102 -66.52 -24.05 15.34
N ARG H 103 -67.63 -23.33 15.48
CA ARG H 103 -68.17 -22.55 14.37
C ARG H 103 -69.19 -21.56 14.93
N LYS H 104 -69.53 -20.58 14.12
CA LYS H 104 -70.36 -19.45 14.53
C LYS H 104 -71.71 -19.53 13.83
N LYS H 105 -72.65 -20.24 14.44
CA LYS H 105 -73.95 -20.48 13.82
C LYS H 105 -75.02 -19.62 14.45
N THR H 106 -76.02 -19.27 13.65
CA THR H 106 -77.13 -18.40 14.03
C THR H 106 -78.28 -19.23 14.58
N VAL H 107 -78.72 -18.93 15.81
CA VAL H 107 -79.78 -19.68 16.46
C VAL H 107 -80.81 -18.73 17.04
N ARG H 108 -81.90 -19.31 17.52
CA ARG H 108 -83.07 -18.60 18.01
C ARG H 108 -83.25 -18.90 19.49
N GLY H 109 -83.97 -18.03 20.19
CA GLY H 109 -84.08 -18.11 21.63
C GLY H 109 -84.88 -19.28 22.18
N ASN H 110 -85.59 -19.07 23.29
CA ASN H 110 -86.35 -20.12 23.94
C ASN H 110 -87.87 -19.96 23.86
N THR H 111 -88.39 -18.74 23.95
CA THR H 111 -89.83 -18.49 23.99
C THR H 111 -90.40 -18.46 22.58
N ILE H 112 -91.56 -19.08 22.40
CA ILE H 112 -92.20 -19.09 21.10
C ILE H 112 -92.66 -17.69 20.73
N SER H 113 -92.75 -17.44 19.43
CA SER H 113 -92.94 -16.12 18.88
C SER H 113 -93.87 -16.22 17.68
N PRO H 114 -94.36 -15.11 17.14
CA PRO H 114 -95.11 -15.21 15.88
C PRO H 114 -94.22 -15.40 14.66
N GLU H 115 -92.92 -15.64 14.87
CA GLU H 115 -92.02 -16.00 13.78
C GLU H 115 -91.84 -17.50 13.60
N ILE H 116 -91.88 -18.29 14.66
CA ILE H 116 -91.70 -19.74 14.62
C ILE H 116 -92.70 -20.34 13.64
N VAL H 117 -92.25 -21.28 12.82
CA VAL H 117 -93.19 -21.91 11.89
C VAL H 117 -93.44 -23.36 12.26
N GLN H 118 -92.41 -24.07 12.73
CA GLN H 118 -92.53 -25.47 13.12
C GLN H 118 -92.37 -25.60 14.63
N VAL H 119 -93.22 -26.42 15.24
CA VAL H 119 -93.14 -26.70 16.67
C VAL H 119 -93.12 -28.20 16.89
N ASN H 120 -92.18 -28.66 17.71
CA ASN H 120 -91.96 -30.08 18.00
C ASN H 120 -92.49 -30.41 19.38
N VAL H 121 -93.32 -31.44 19.49
CA VAL H 121 -93.95 -31.82 20.75
C VAL H 121 -93.99 -33.34 20.85
N LYS H 122 -94.11 -33.83 22.08
CA LYS H 122 -94.33 -35.25 22.32
C LYS H 122 -95.39 -35.42 23.40
N LEU H 123 -96.04 -36.58 23.37
CA LEU H 123 -97.22 -36.86 24.19
C LEU H 123 -96.81 -37.70 25.40
N VAL H 124 -96.75 -37.07 26.55
CA VAL H 124 -96.67 -37.80 27.82
C VAL H 124 -98.09 -38.06 28.29
N TYR H 125 -98.31 -39.22 28.88
CA TYR H 125 -99.67 -39.55 29.31
C TYR H 125 -99.87 -39.16 30.76
N THR I 2 14.98 8.71 15.71
CA THR I 2 15.93 8.03 16.56
C THR I 2 16.38 6.73 15.93
N LEU I 3 17.02 5.87 16.72
CA LEU I 3 17.50 4.59 16.23
C LEU I 3 16.46 3.52 16.56
N LEU I 4 16.09 2.71 15.57
CA LEU I 4 15.09 1.68 15.78
C LEU I 4 15.54 0.30 15.36
N ASP I 5 16.57 0.18 14.52
CA ASP I 5 16.99 -1.10 13.96
C ASP I 5 18.47 -1.05 13.70
N PRO I 6 19.27 -1.72 14.53
CA PRO I 6 20.70 -1.79 14.27
C PRO I 6 21.11 -2.81 13.21
N LEU I 7 20.20 -3.66 12.73
CA LEU I 7 20.54 -4.65 11.71
C LEU I 7 20.32 -4.10 10.30
N ALA I 8 19.23 -3.36 10.12
CA ALA I 8 18.99 -2.70 8.85
C ALA I 8 20.09 -1.70 8.54
N ASN I 9 20.53 -0.93 9.53
CA ASN I 9 21.61 0.03 9.28
C ASN I 9 22.85 -0.68 8.77
N ALA I 10 23.17 -1.83 9.34
CA ALA I 10 24.35 -2.56 8.90
C ALA I 10 24.21 -3.02 7.46
N LEU I 11 23.06 -3.60 7.11
CA LEU I 11 22.97 -4.18 5.78
C LEU I 11 22.93 -3.10 4.71
N SER I 12 22.27 -1.99 4.98
CA SER I 12 22.33 -0.89 4.02
C SER I 12 23.73 -0.29 3.93
N HIS I 13 24.45 -0.22 5.05
CA HIS I 13 25.82 0.29 5.01
C HIS I 13 26.69 -0.61 4.14
N ILE I 14 26.53 -1.92 4.27
CA ILE I 14 27.33 -2.86 3.48
C ILE I 14 27.04 -2.70 2.00
N THR I 15 25.76 -2.67 1.61
CA THR I 15 25.46 -2.56 0.19
C THR I 15 25.72 -1.17 -0.37
N ASN I 16 25.81 -0.14 0.45
CA ASN I 16 26.21 1.19 -0.04
C ASN I 16 27.71 1.28 -0.21
N SER I 17 28.46 0.65 0.68
CA SER I 17 29.91 0.72 0.63
C SER I 17 30.44 -0.10 -0.53
N GLU I 18 29.99 -1.34 -0.65
CA GLU I 18 30.56 -2.20 -1.68
C GLU I 18 30.20 -1.74 -3.09
N ARG I 19 29.24 -0.84 -3.24
CA ARG I 19 28.83 -0.39 -4.56
C ARG I 19 29.74 0.69 -5.10
N VAL I 20 30.55 1.29 -4.26
CA VAL I 20 31.50 2.31 -4.69
C VAL I 20 32.93 1.81 -4.61
N GLY I 21 33.17 0.61 -4.12
CA GLY I 21 34.46 -0.03 -4.27
C GLY I 21 35.25 -0.22 -3.00
N LYS I 22 34.66 0.04 -1.85
CA LYS I 22 35.41 -0.03 -0.60
C LYS I 22 35.78 -1.45 -0.27
N ARG I 23 36.78 -1.60 0.59
CA ARG I 23 37.28 -2.90 0.99
C ARG I 23 37.19 -3.17 2.48
N GLU I 24 36.65 -2.25 3.27
CA GLU I 24 36.48 -2.47 4.70
C GLU I 24 35.34 -1.60 5.19
N VAL I 25 34.58 -2.10 6.15
CA VAL I 25 33.50 -1.34 6.78
C VAL I 25 33.56 -1.53 8.29
N TYR I 26 32.83 -0.68 8.99
CA TYR I 26 32.71 -0.72 10.45
C TYR I 26 31.23 -0.70 10.80
N ILE I 27 30.72 -1.82 11.29
CA ILE I 27 29.33 -1.94 11.73
C ILE I 27 29.28 -1.50 13.19
N LYS I 28 28.84 -0.26 13.46
CA LYS I 28 29.17 0.29 14.77
C LYS I 28 28.36 -0.35 15.89
N PRO I 29 27.03 -0.17 16.03
CA PRO I 29 26.35 -0.86 17.13
C PRO I 29 26.22 -2.34 16.83
N ALA I 30 26.86 -3.17 17.66
CA ALA I 30 27.07 -4.58 17.34
C ALA I 30 26.29 -5.47 18.30
N SER I 31 25.14 -5.95 17.85
CA SER I 31 24.41 -6.98 18.59
C SER I 31 25.16 -8.29 18.49
N LYS I 32 24.53 -9.36 18.92
CA LYS I 32 25.00 -10.68 18.52
C LYS I 32 24.11 -11.31 17.46
N LEU I 33 22.95 -10.72 17.20
CA LEU I 33 22.20 -11.07 16.00
C LEU I 33 22.95 -10.61 14.74
N ILE I 34 23.54 -9.42 14.80
CA ILE I 34 24.37 -8.95 13.70
C ILE I 34 25.52 -9.91 13.45
N GLY I 35 26.19 -10.34 14.52
CA GLY I 35 27.27 -11.30 14.37
C GLY I 35 26.79 -12.63 13.85
N GLU I 36 25.61 -13.06 14.26
CA GLU I 36 25.07 -14.31 13.78
C GLU I 36 24.71 -14.27 12.32
N VAL I 37 24.34 -13.10 11.79
CA VAL I 37 24.01 -13.02 10.37
C VAL I 37 25.27 -12.88 9.54
N LEU I 38 26.29 -12.21 10.08
CA LEU I 38 27.59 -12.21 9.42
C LEU I 38 28.13 -13.63 9.29
N ARG I 39 27.92 -14.45 10.30
CA ARG I 39 28.44 -15.82 10.25
C ARG I 39 27.91 -16.57 9.03
N VAL I 40 26.63 -16.40 8.69
CA VAL I 40 26.07 -17.13 7.55
C VAL I 40 26.21 -16.37 6.24
N MET I 41 26.49 -15.08 6.27
CA MET I 41 26.93 -14.42 5.06
C MET I 41 28.35 -14.83 4.68
N GLN I 42 29.12 -15.32 5.65
CA GLN I 42 30.47 -15.76 5.35
C GLN I 42 30.54 -17.15 4.76
N LYS I 43 29.81 -18.11 5.33
CA LYS I 43 29.93 -19.51 4.90
C LYS I 43 29.54 -19.69 3.44
N TYR I 44 28.71 -18.82 2.92
CA TYR I 44 28.31 -18.86 1.52
C TYR I 44 29.17 -17.99 0.63
N GLY I 45 30.26 -17.43 1.17
CA GLY I 45 31.21 -16.68 0.37
C GLY I 45 30.76 -15.31 -0.07
N TYR I 46 30.38 -14.42 0.85
CA TYR I 46 30.06 -13.05 0.49
C TYR I 46 30.98 -12.02 1.12
N ILE I 47 31.56 -12.31 2.26
CA ILE I 47 32.45 -11.40 2.95
C ILE I 47 33.72 -12.17 3.32
N GLY I 48 34.69 -11.46 3.84
CA GLY I 48 35.96 -12.12 4.13
C GLY I 48 36.04 -12.64 5.55
N GLU I 49 36.76 -11.94 6.40
CA GLU I 49 36.88 -12.30 7.79
C GLU I 49 36.50 -11.10 8.64
N PHE I 50 36.02 -11.36 9.85
CA PHE I 50 35.52 -10.31 10.71
C PHE I 50 35.98 -10.53 12.13
N GLU I 51 36.07 -9.44 12.89
CA GLU I 51 36.51 -9.48 14.27
C GLU I 51 35.70 -8.50 15.11
N PHE I 52 35.58 -8.81 16.39
CA PHE I 52 34.82 -7.98 17.32
C PHE I 52 35.80 -7.15 18.14
N ILE I 53 35.69 -5.83 18.05
CA ILE I 53 36.54 -4.92 18.79
C ILE I 53 35.69 -4.28 19.87
N ASP I 54 36.15 -4.31 21.11
CA ASP I 54 35.42 -3.69 22.19
C ASP I 54 35.90 -2.26 22.41
N ASP I 55 34.95 -1.35 22.65
CA ASP I 55 35.28 0.04 22.82
C ASP I 55 34.64 0.62 24.08
N GLY I 56 34.20 -0.23 25.00
CA GLY I 56 33.55 0.23 26.20
C GLY I 56 32.07 0.46 26.08
N ARG I 57 31.54 0.62 24.86
CA ARG I 57 30.14 0.92 24.66
C ARG I 57 29.62 0.05 23.51
N ALA I 58 29.22 -1.18 23.83
CA ALA I 58 28.56 -2.09 22.90
C ALA I 58 29.42 -2.66 21.77
N GLY I 59 30.63 -2.17 21.58
CA GLY I 59 31.56 -2.75 20.62
C GLY I 59 31.24 -2.45 19.16
N VAL I 60 32.22 -2.75 18.31
CA VAL I 60 32.19 -2.50 16.87
C VAL I 60 32.54 -3.79 16.14
N TYR I 61 32.36 -3.81 14.81
CA TYR I 61 32.68 -4.95 13.96
C TYR I 61 33.46 -4.47 12.75
N ARG I 62 34.63 -5.04 12.52
CA ARG I 62 35.37 -4.81 11.30
C ARG I 62 35.16 -6.00 10.36
N VAL I 63 34.83 -5.72 9.11
CA VAL I 63 34.53 -6.73 8.11
C VAL I 63 35.20 -6.30 6.81
N GLN I 64 35.83 -7.23 6.12
CA GLN I 64 36.43 -6.91 4.84
C GLN I 64 35.55 -7.47 3.72
N LEU I 65 35.34 -6.64 2.70
CA LEU I 65 34.50 -7.02 1.58
C LEU I 65 35.34 -7.59 0.46
N LEU I 66 34.71 -8.40 -0.38
CA LEU I 66 35.38 -9.02 -1.52
C LEU I 66 34.83 -8.58 -2.85
N GLY I 67 33.81 -7.72 -2.86
CA GLY I 67 33.15 -7.37 -4.10
C GLY I 67 32.47 -8.57 -4.72
N LYS I 68 31.66 -9.27 -3.93
CA LYS I 68 31.02 -10.48 -4.41
C LYS I 68 29.51 -10.48 -4.17
N ILE I 69 28.93 -9.34 -3.81
CA ILE I 69 27.49 -9.29 -3.57
C ILE I 69 26.87 -8.23 -4.46
N ASN I 70 25.64 -8.48 -4.89
CA ASN I 70 24.87 -7.55 -5.69
C ASN I 70 23.99 -6.68 -4.82
N LYS I 71 23.33 -7.28 -3.84
CA LYS I 71 22.38 -6.54 -3.01
C LYS I 71 22.13 -7.27 -1.70
N ALA I 72 22.03 -6.53 -0.62
CA ALA I 72 21.68 -7.06 0.69
C ALA I 72 20.74 -6.06 1.37
N GLY I 73 19.85 -6.58 2.21
CA GLY I 73 18.87 -5.73 2.83
C GLY I 73 18.14 -6.49 3.92
N ALA I 74 17.20 -5.83 4.56
CA ALA I 74 16.44 -6.43 5.65
C ALA I 74 14.98 -6.62 5.22
N ILE I 75 14.43 -7.79 5.52
CA ILE I 75 13.01 -8.08 5.34
C ILE I 75 12.33 -7.57 6.61
N LYS I 76 11.69 -6.44 6.53
CA LYS I 76 11.52 -5.85 7.85
C LYS I 76 10.36 -6.45 8.62
N PRO I 77 9.06 -6.30 8.21
CA PRO I 77 7.98 -6.70 9.12
C PRO I 77 8.14 -8.06 9.75
N ARG I 78 9.09 -8.87 9.28
CA ARG I 78 9.45 -10.14 9.90
C ARG I 78 8.27 -11.10 9.91
N PHE I 79 7.84 -11.46 8.70
CA PHE I 79 6.72 -12.37 8.55
C PHE I 79 7.13 -13.77 8.99
N PRO I 80 6.18 -14.60 9.40
CA PRO I 80 6.49 -16.01 9.65
C PRO I 80 6.21 -16.88 8.43
N VAL I 81 6.89 -18.01 8.38
CA VAL I 81 6.79 -18.94 7.25
C VAL I 81 6.59 -20.35 7.75
N LYS I 82 5.75 -21.11 7.06
CA LYS I 82 5.65 -22.54 7.29
C LYS I 82 6.74 -23.27 6.53
N ALA I 83 7.03 -24.49 6.96
CA ALA I 83 8.16 -25.24 6.43
C ALA I 83 7.92 -25.77 5.03
N ARG I 84 6.77 -25.48 4.43
CA ARG I 84 6.46 -25.90 3.08
C ARG I 84 6.01 -24.74 2.21
N ASP I 85 6.32 -23.50 2.59
CA ASP I 85 5.83 -22.32 1.90
C ASP I 85 6.97 -21.37 1.59
N TYR I 86 8.13 -21.90 1.25
CA TYR I 86 9.29 -21.06 1.04
C TYR I 86 9.31 -20.45 -0.35
N GLU I 87 8.95 -21.22 -1.37
CA GLU I 87 9.06 -20.75 -2.75
C GLU I 87 8.23 -19.48 -2.97
N ARG I 88 7.13 -19.35 -2.25
CA ARG I 88 6.29 -18.16 -2.41
C ARG I 88 7.07 -16.90 -2.09
N TRP I 89 8.06 -16.99 -1.20
CA TRP I 89 8.87 -15.84 -0.81
C TRP I 89 10.16 -15.75 -1.59
N GLU I 90 10.67 -16.89 -2.05
CA GLU I 90 11.86 -16.92 -2.86
C GLU I 90 11.58 -16.38 -4.24
N LYS I 91 10.34 -16.48 -4.69
CA LYS I 91 9.91 -15.87 -5.95
C LYS I 91 9.65 -14.38 -5.84
N ARG I 92 9.71 -13.81 -4.64
CA ARG I 92 9.47 -12.39 -4.43
C ARG I 92 10.72 -11.58 -4.23
N PHE I 93 11.79 -12.18 -3.71
CA PHE I 93 12.99 -11.45 -3.31
C PHE I 93 14.20 -11.74 -4.18
N LEU I 94 14.34 -12.95 -4.69
CA LEU I 94 15.53 -13.43 -5.39
C LEU I 94 15.27 -13.56 -6.88
N PRO I 95 16.31 -13.63 -7.71
CA PRO I 95 16.13 -13.51 -9.18
C PRO I 95 16.11 -14.79 -9.99
N ALA I 96 16.34 -15.96 -9.41
CA ALA I 96 16.23 -17.23 -10.13
C ALA I 96 16.12 -18.35 -9.10
N PHE I 97 15.98 -19.58 -9.57
CA PHE I 97 15.45 -20.60 -8.68
C PHE I 97 16.40 -21.08 -7.61
N GLU I 98 17.66 -20.64 -7.57
CA GLU I 98 18.44 -20.85 -6.37
C GLU I 98 19.43 -19.73 -6.15
N PHE I 99 19.14 -18.54 -6.64
CA PHE I 99 20.10 -17.45 -6.68
C PHE I 99 20.19 -16.77 -5.32
N GLY I 100 21.16 -17.18 -4.54
CA GLY I 100 21.33 -16.53 -3.27
C GLY I 100 20.55 -17.17 -2.13
N ILE I 101 20.71 -16.56 -0.95
CA ILE I 101 20.13 -17.12 0.27
C ILE I 101 19.10 -16.17 0.85
N LEU I 102 18.24 -16.75 1.69
CA LEU I 102 17.16 -16.07 2.39
C LEU I 102 17.34 -16.49 3.84
N ILE I 103 17.62 -15.53 4.72
CA ILE I 103 18.00 -15.82 6.09
C ILE I 103 16.77 -15.91 6.98
N VAL I 104 16.71 -16.94 7.81
CA VAL I 104 15.52 -17.30 8.57
C VAL I 104 15.90 -17.46 10.03
N SER I 105 15.06 -16.97 10.93
CA SER I 105 15.34 -17.00 12.37
C SER I 105 14.58 -18.17 12.99
N THR I 106 15.04 -19.37 12.70
CA THR I 106 14.34 -20.57 13.11
C THR I 106 14.56 -20.85 14.58
N SER I 107 13.82 -21.79 15.14
CA SER I 107 13.84 -22.04 16.57
C SER I 107 15.10 -22.74 17.05
N GLN I 108 16.06 -22.95 16.15
CA GLN I 108 17.34 -23.57 16.46
C GLN I 108 18.49 -22.70 16.01
N GLY I 109 18.29 -21.40 16.02
CA GLY I 109 19.32 -20.48 15.61
C GLY I 109 18.96 -19.76 14.32
N VAL I 110 19.97 -19.16 13.72
CA VAL I 110 19.86 -18.43 12.47
C VAL I 110 20.50 -19.25 11.37
N MET I 111 19.82 -19.36 10.24
CA MET I 111 20.29 -20.21 9.16
C MET I 111 19.61 -19.79 7.87
N SER I 112 20.14 -20.26 6.75
CA SER I 112 19.55 -19.98 5.46
C SER I 112 18.42 -20.96 5.16
N HIS I 113 17.49 -20.54 4.30
CA HIS I 113 16.29 -21.34 4.08
C HIS I 113 16.62 -22.68 3.47
N LYS I 114 17.78 -22.79 2.83
CA LYS I 114 18.20 -24.06 2.26
C LYS I 114 18.50 -25.10 3.32
N GLU I 115 18.94 -24.70 4.51
CA GLU I 115 19.11 -25.65 5.61
C GLU I 115 17.88 -25.79 6.50
N ALA I 116 16.94 -24.87 6.41
CA ALA I 116 15.66 -25.07 7.08
C ALA I 116 14.82 -26.10 6.34
N ARG I 117 14.87 -26.12 5.01
CA ARG I 117 14.09 -27.11 4.29
C ARG I 117 14.61 -28.52 4.45
N GLU I 118 15.85 -28.70 4.91
CA GLU I 118 16.36 -30.05 5.09
C GLU I 118 15.89 -30.65 6.42
N LYS I 119 15.69 -29.81 7.43
CA LYS I 119 15.08 -30.26 8.67
C LYS I 119 13.57 -30.14 8.65
N GLY I 120 13.03 -29.30 7.79
CA GLY I 120 11.60 -29.10 7.69
C GLY I 120 11.03 -28.26 8.81
N ILE I 121 11.54 -27.05 8.99
CA ILE I 121 11.06 -26.13 10.01
C ILE I 121 10.88 -24.75 9.41
N GLY I 122 10.37 -23.83 10.22
CA GLY I 122 10.11 -22.48 9.76
C GLY I 122 10.58 -21.43 10.75
N GLY I 123 9.99 -20.25 10.70
CA GLY I 123 10.39 -19.19 11.61
C GLY I 123 10.19 -17.82 11.02
N ARG I 124 10.89 -16.83 11.53
CA ARG I 124 10.76 -15.48 11.01
C ARG I 124 11.86 -15.19 10.00
N LEU I 125 11.49 -14.58 8.89
CA LEU I 125 12.49 -14.08 7.95
C LEU I 125 13.02 -12.73 8.41
N ILE I 126 14.35 -12.61 8.45
CA ILE I 126 14.95 -11.37 8.94
C ILE I 126 15.65 -10.61 7.82
N ALA I 127 16.25 -11.30 6.86
CA ALA I 127 17.03 -10.63 5.82
C ALA I 127 17.19 -11.54 4.61
N TYR I 128 17.88 -11.03 3.59
CA TYR I 128 18.19 -11.78 2.38
C TYR I 128 19.44 -11.21 1.73
N VAL I 129 20.28 -12.07 1.18
CA VAL I 129 21.49 -11.66 0.49
C VAL I 129 21.58 -12.41 -0.82
N TYR I 130 22.06 -11.73 -1.86
CA TYR I 130 22.32 -12.45 -3.09
C TYR I 130 23.36 -11.79 -3.97
N ALA J 2 -52.67 -14.11 27.19
CA ALA J 2 -51.66 -13.55 26.29
C ALA J 2 -50.45 -13.12 27.10
N ILE J 3 -49.84 -14.07 27.80
CA ILE J 3 -48.67 -13.81 28.63
C ILE J 3 -47.48 -14.47 27.94
N TRP J 4 -46.77 -13.72 27.12
CA TRP J 4 -45.67 -14.23 26.31
C TRP J 4 -44.39 -14.17 27.12
N GLN J 5 -43.72 -15.31 27.27
CA GLN J 5 -42.49 -15.36 28.05
C GLN J 5 -41.26 -15.57 27.19
N GLY J 6 -41.25 -15.00 26.01
CA GLY J 6 -40.14 -15.13 25.08
C GLY J 6 -38.97 -14.25 25.46
N ARG J 7 -38.36 -13.65 24.43
CA ARG J 7 -37.19 -12.81 24.64
C ARG J 7 -37.61 -11.42 25.07
N SER J 8 -36.64 -10.51 25.09
CA SER J 8 -36.88 -9.11 25.41
C SER J 8 -36.77 -8.27 24.14
N LEU J 9 -37.21 -7.02 24.24
CA LEU J 9 -37.21 -6.09 23.11
C LEU J 9 -36.30 -4.91 23.35
N ARG J 10 -35.16 -5.14 23.98
CA ARG J 10 -34.27 -4.06 24.35
C ARG J 10 -32.91 -4.67 24.66
N LYS J 11 -31.89 -4.29 23.90
CA LYS J 11 -30.56 -4.83 24.07
C LYS J 11 -29.94 -4.33 25.36
N PRO J 12 -28.97 -5.05 25.92
CA PRO J 12 -28.30 -4.57 27.14
C PRO J 12 -27.66 -3.20 27.00
N SER J 13 -27.54 -2.68 25.78
CA SER J 13 -26.99 -1.37 25.57
C SER J 13 -28.04 -0.29 25.57
N GLY J 14 -29.29 -0.64 25.26
CA GLY J 14 -30.38 0.32 25.27
C GLY J 14 -31.02 0.57 23.93
N GLY J 15 -30.68 -0.19 22.91
CA GLY J 15 -31.32 -0.06 21.62
C GLY J 15 -32.46 -1.05 21.47
N ARG J 16 -33.44 -0.65 20.68
CA ARG J 16 -34.66 -1.42 20.54
C ARG J 16 -34.50 -2.48 19.47
N ILE J 17 -35.30 -3.53 19.58
CA ILE J 17 -35.26 -4.67 18.68
C ILE J 17 -36.59 -4.80 17.96
N VAL J 18 -36.53 -5.06 16.66
CA VAL J 18 -37.70 -5.30 15.83
C VAL J 18 -37.86 -6.80 15.68
N LEU J 19 -39.00 -7.34 16.14
CA LEU J 19 -39.23 -8.77 16.09
C LEU J 19 -39.30 -9.24 14.65
N ALA J 20 -38.73 -10.42 14.41
CA ALA J 20 -38.61 -10.94 13.05
C ALA J 20 -39.62 -12.03 12.72
N ARG J 21 -40.30 -12.59 13.71
CA ARG J 21 -41.24 -13.68 13.50
C ARG J 21 -42.49 -13.35 14.29
N LYS J 22 -43.31 -14.37 14.58
CA LYS J 22 -44.45 -14.18 15.46
C LYS J 22 -44.24 -14.99 16.74
N LYS J 23 -45.25 -14.96 17.60
CA LYS J 23 -45.19 -15.64 18.88
C LYS J 23 -45.52 -17.10 18.69
N ARG J 24 -44.64 -17.97 19.13
CA ARG J 24 -44.88 -19.39 19.05
C ARG J 24 -45.77 -19.85 20.20
N LYS J 25 -46.58 -20.86 19.94
CA LYS J 25 -47.50 -21.33 20.96
C LYS J 25 -46.76 -22.01 22.10
N ARG J 26 -45.51 -22.38 21.90
CA ARG J 26 -44.72 -23.07 22.90
C ARG J 26 -44.01 -22.13 23.86
N GLU J 27 -44.23 -20.83 23.77
CA GLU J 27 -43.57 -19.87 24.64
C GLU J 27 -44.46 -19.18 25.65
N LEU J 28 -45.73 -19.55 25.74
CA LEU J 28 -46.69 -18.72 26.46
C LEU J 28 -46.72 -19.06 27.94
N GLY J 29 -47.41 -18.18 28.71
CA GLY J 29 -47.54 -18.35 30.14
C GLY J 29 -49.00 -18.28 30.57
N ARG J 30 -49.21 -18.58 31.84
CA ARG J 30 -50.54 -18.71 32.41
C ARG J 30 -50.70 -17.74 33.59
N GLU J 31 -51.85 -17.82 34.25
CA GLU J 31 -52.22 -16.87 35.28
C GLU J 31 -51.71 -17.32 36.64
N PRO J 32 -51.29 -16.41 37.51
CA PRO J 32 -50.88 -16.81 38.85
C PRO J 32 -52.05 -17.36 39.63
N SER J 33 -51.85 -18.54 40.22
CA SER J 33 -52.91 -19.18 41.00
C SER J 33 -52.72 -18.77 42.44
N ASN J 34 -53.37 -17.69 42.83
CA ASN J 34 -53.20 -17.15 44.16
C ASN J 34 -53.94 -18.04 45.15
N THR J 35 -53.19 -18.71 46.02
CA THR J 35 -53.82 -19.59 46.98
C THR J 35 -54.36 -18.76 48.16
N ARG J 36 -55.57 -19.09 48.57
CA ARG J 36 -56.24 -18.41 49.66
C ARG J 36 -56.39 -19.37 50.83
N VAL J 37 -56.91 -18.87 51.93
CA VAL J 37 -57.35 -19.74 53.03
C VAL J 37 -58.85 -19.87 52.94
N ALA J 38 -59.36 -21.09 53.12
CA ALA J 38 -60.79 -21.34 53.08
C ALA J 38 -61.08 -22.57 53.92
N GLU J 39 -62.35 -22.94 53.99
CA GLU J 39 -62.79 -24.10 54.76
C GLU J 39 -62.92 -25.34 53.89
N GLN J 40 -62.63 -25.22 52.60
CA GLN J 40 -62.58 -26.39 51.72
C GLN J 40 -61.63 -26.06 50.59
N ASP J 41 -60.69 -26.97 50.32
CA ASP J 41 -59.65 -26.70 49.34
C ASP J 41 -60.12 -27.15 47.96
N LYS J 42 -59.99 -26.27 46.99
CA LYS J 42 -60.32 -26.57 45.60
C LYS J 42 -59.05 -26.60 44.76
N ARG J 43 -59.00 -27.51 43.80
CA ARG J 43 -57.84 -27.64 42.93
C ARG J 43 -58.27 -28.20 41.59
N LYS J 44 -57.58 -27.79 40.53
CA LYS J 44 -57.87 -28.22 39.18
C LYS J 44 -56.67 -28.96 38.59
N ILE J 45 -56.86 -29.45 37.37
CA ILE J 45 -55.86 -30.24 36.68
C ILE J 45 -55.68 -29.69 35.27
N ILE J 46 -54.44 -29.50 34.86
CA ILE J 46 -54.10 -28.89 33.58
C ILE J 46 -53.41 -29.92 32.71
N ARG J 47 -53.54 -29.78 31.40
CA ARG J 47 -52.75 -30.56 30.45
C ARG J 47 -51.65 -29.67 29.89
N THR J 48 -50.41 -30.17 29.96
CA THR J 48 -49.22 -29.38 29.72
C THR J 48 -48.50 -29.85 28.46
N TYR J 49 -47.45 -29.13 28.10
CA TYR J 49 -46.66 -29.43 26.91
C TYR J 49 -46.20 -30.87 26.90
N GLY J 50 -46.67 -31.62 25.91
CA GLY J 50 -46.31 -33.00 25.77
C GLY J 50 -47.34 -33.96 26.31
N GLY J 51 -48.39 -33.48 26.94
CA GLY J 51 -49.43 -34.33 27.46
C GLY J 51 -49.32 -34.65 28.92
N ASN J 52 -48.45 -33.97 29.66
CA ASN J 52 -48.27 -34.22 31.08
C ASN J 52 -49.41 -33.57 31.84
N LYS J 53 -49.27 -33.40 33.15
CA LYS J 53 -50.30 -32.75 33.94
C LYS J 53 -49.66 -31.88 35.02
N LYS J 54 -50.47 -30.99 35.58
CA LYS J 54 -50.02 -30.14 36.68
C LYS J 54 -51.20 -29.92 37.62
N VAL J 55 -51.07 -30.37 38.84
CA VAL J 55 -52.10 -30.16 39.86
C VAL J 55 -51.92 -28.77 40.44
N ARG J 56 -53.03 -28.03 40.57
CA ARG J 56 -53.00 -26.59 40.77
C ARG J 56 -53.89 -26.22 41.95
N LEU J 57 -53.31 -26.01 43.13
CA LEU J 57 -54.10 -25.68 44.30
C LEU J 57 -54.60 -24.23 44.25
N THR J 58 -55.81 -24.01 44.76
CA THR J 58 -56.44 -22.71 44.65
C THR J 58 -56.99 -22.18 45.97
N ALA J 59 -57.34 -23.07 46.89
CA ALA J 59 -57.75 -22.70 48.23
C ALA J 59 -57.15 -23.72 49.17
N ALA J 60 -56.81 -23.28 50.38
CA ALA J 60 -56.05 -24.14 51.29
C ALA J 60 -56.81 -24.38 52.57
N ALA J 61 -56.70 -25.61 53.08
CA ALA J 61 -57.37 -26.01 54.31
C ALA J 61 -56.45 -26.66 55.32
N TYR J 62 -55.51 -27.48 54.88
CA TYR J 62 -54.63 -28.20 55.79
C TYR J 62 -53.18 -27.84 55.49
N ALA J 63 -52.26 -28.35 56.30
CA ALA J 63 -50.92 -27.77 56.30
C ALA J 63 -49.78 -28.76 56.21
N ASN J 64 -49.95 -29.99 56.71
CA ASN J 64 -48.88 -30.98 56.65
C ASN J 64 -47.61 -30.45 57.33
N VAL J 65 -47.75 -30.07 58.58
CA VAL J 65 -46.64 -29.48 59.30
C VAL J 65 -45.66 -30.56 59.72
N PHE J 66 -44.38 -30.21 59.78
CA PHE J 66 -43.31 -31.17 60.00
C PHE J 66 -42.45 -30.74 61.19
N ASP J 67 -41.46 -31.56 61.50
CA ASP J 67 -40.68 -31.41 62.72
C ASP J 67 -39.23 -31.75 62.42
N LYS J 68 -38.42 -31.86 63.47
CA LYS J 68 -37.00 -32.17 63.32
C LYS J 68 -36.72 -33.66 63.36
N SER J 69 -37.62 -34.45 63.94
CA SER J 69 -37.47 -35.90 63.98
C SER J 69 -38.30 -36.58 62.89
N GLY J 70 -38.72 -35.84 61.87
CA GLY J 70 -39.52 -36.38 60.80
C GLY J 70 -40.87 -36.91 61.26
N LYS J 71 -41.65 -36.07 61.92
CA LYS J 71 -42.97 -36.43 62.42
C LYS J 71 -43.96 -35.38 61.90
N GLY J 72 -44.69 -35.73 60.86
CA GLY J 72 -45.67 -34.81 60.32
C GLY J 72 -47.01 -34.92 61.03
N ARG J 73 -47.85 -33.93 60.78
CA ARG J 73 -49.21 -33.93 61.32
C ARG J 73 -50.08 -33.05 60.43
N LYS J 74 -51.21 -33.57 60.00
CA LYS J 74 -52.11 -32.83 59.13
C LYS J 74 -53.02 -31.97 59.98
N VAL J 75 -52.71 -30.69 60.09
CA VAL J 75 -53.51 -29.75 60.87
C VAL J 75 -53.85 -28.56 60.00
N ARG J 76 -54.95 -27.90 60.34
CA ARG J 76 -55.45 -26.82 59.49
C ARG J 76 -54.87 -25.49 59.90
N ILE J 77 -54.92 -24.53 58.98
CA ILE J 77 -54.25 -23.25 59.18
C ILE J 77 -55.27 -22.17 59.52
N ILE J 78 -54.76 -21.09 60.08
CA ILE J 78 -55.59 -20.02 60.60
C ILE J 78 -55.44 -18.78 59.72
N ARG J 79 -54.21 -18.32 59.56
CA ARG J 79 -53.96 -17.15 58.74
C ARG J 79 -52.46 -17.01 58.49
N VAL J 80 -52.12 -16.16 57.54
CA VAL J 80 -50.74 -15.92 57.13
C VAL J 80 -50.24 -14.67 57.82
N ILE J 81 -48.96 -14.67 58.19
CA ILE J 81 -48.31 -13.51 58.79
C ILE J 81 -46.92 -13.35 58.18
N GLU J 82 -46.65 -12.16 57.62
CA GLU J 82 -45.34 -11.81 57.08
C GLU J 82 -44.93 -12.73 55.92
N ASN J 83 -45.55 -12.50 54.78
CA ASN J 83 -45.05 -13.07 53.52
C ASN J 83 -44.04 -12.13 52.89
N PRO J 84 -42.74 -12.47 52.86
CA PRO J 84 -41.74 -11.52 52.35
C PRO J 84 -41.78 -11.34 50.84
N ALA J 85 -42.45 -12.26 50.15
CA ALA J 85 -42.54 -12.18 48.70
C ALA J 85 -43.20 -10.88 48.28
N ASN J 86 -44.43 -10.66 48.71
CA ASN J 86 -45.17 -9.48 48.34
C ASN J 86 -45.61 -8.72 49.57
N ARG J 87 -45.76 -7.41 49.41
CA ARG J 87 -45.97 -6.56 50.56
C ARG J 87 -47.37 -6.64 51.09
N GLN J 88 -48.34 -7.03 50.27
CA GLN J 88 -49.74 -6.99 50.69
C GLN J 88 -50.38 -8.36 50.52
N PHE J 89 -49.60 -9.41 50.73
CA PHE J 89 -50.10 -10.78 50.72
C PHE J 89 -50.55 -11.26 52.09
N ALA J 90 -49.75 -11.01 53.12
CA ALA J 90 -50.10 -11.49 54.46
C ALA J 90 -51.45 -10.95 54.90
N ARG J 91 -51.85 -9.80 54.37
CA ARG J 91 -53.17 -9.26 54.67
C ARG J 91 -54.28 -10.03 53.98
N ARG J 92 -54.13 -10.32 52.69
CA ARG J 92 -55.19 -10.98 51.93
C ARG J 92 -55.16 -12.47 52.07
N ASN J 93 -54.19 -13.01 52.82
CA ASN J 93 -54.00 -14.44 53.01
C ASN J 93 -53.73 -15.14 51.68
N ILE J 94 -52.59 -14.80 51.09
CA ILE J 94 -52.06 -15.49 49.93
C ILE J 94 -50.80 -16.23 50.39
N ILE J 95 -50.77 -17.54 50.14
CA ILE J 95 -49.69 -18.40 50.58
C ILE J 95 -48.79 -18.64 49.38
N THR J 96 -47.55 -18.15 49.41
CA THR J 96 -46.70 -18.47 48.25
C THR J 96 -45.61 -19.51 48.51
N LYS J 97 -44.48 -19.15 49.12
CA LYS J 97 -43.54 -20.21 49.47
C LYS J 97 -42.69 -19.87 50.67
N GLY J 98 -42.60 -18.59 51.01
CA GLY J 98 -41.80 -18.22 52.15
C GLY J 98 -42.71 -17.86 53.29
N ALA J 99 -44.01 -17.98 53.01
CA ALA J 99 -45.03 -17.54 53.95
C ALA J 99 -44.78 -18.15 55.32
N ILE J 100 -45.17 -17.42 56.35
CA ILE J 100 -45.07 -17.92 57.73
C ILE J 100 -46.50 -18.30 58.12
N ILE J 101 -46.78 -19.60 58.03
CA ILE J 101 -48.10 -20.12 58.36
C ILE J 101 -48.24 -20.24 59.87
N GLU J 102 -49.45 -20.00 60.35
CA GLU J 102 -49.77 -20.08 61.77
C GLU J 102 -50.74 -21.23 61.97
N THR J 103 -50.21 -22.44 62.11
CA THR J 103 -51.04 -23.62 62.31
C THR J 103 -51.65 -23.56 63.70
N GLU J 104 -52.46 -24.53 64.03
CA GLU J 104 -53.04 -24.62 65.36
C GLU J 104 -52.15 -25.37 66.35
N ILE J 105 -50.87 -25.56 66.02
CA ILE J 105 -49.88 -26.10 66.93
C ILE J 105 -48.62 -25.26 66.97
N GLY J 106 -48.70 -24.00 66.57
CA GLY J 106 -47.59 -23.09 66.63
C GLY J 106 -47.53 -22.24 65.37
N LYS J 107 -46.31 -21.93 64.96
CA LYS J 107 -46.04 -21.32 63.67
C LYS J 107 -45.37 -22.35 62.77
N ALA J 108 -45.17 -21.98 61.51
CA ALA J 108 -44.50 -22.86 60.56
C ALA J 108 -44.12 -22.06 59.34
N LYS J 109 -43.13 -22.55 58.61
CA LYS J 109 -42.69 -21.95 57.35
C LYS J 109 -42.94 -22.90 56.20
N VAL J 110 -43.60 -22.40 55.15
CA VAL J 110 -43.94 -23.21 53.99
C VAL J 110 -42.67 -23.56 53.24
N THR J 111 -42.55 -24.82 52.81
CA THR J 111 -41.38 -25.21 52.05
C THR J 111 -41.75 -25.89 50.74
N SER J 112 -42.94 -25.63 50.21
CA SER J 112 -43.34 -26.23 48.95
C SER J 112 -44.04 -25.18 48.12
N ARG J 113 -44.12 -25.42 46.83
CA ARG J 113 -44.81 -24.52 45.94
C ARG J 113 -46.24 -24.99 45.74
N PRO J 114 -47.23 -24.31 46.32
CA PRO J 114 -48.60 -24.83 46.21
C PRO J 114 -49.15 -24.79 44.80
N GLY J 115 -48.93 -23.72 44.06
CA GLY J 115 -49.47 -23.62 42.72
C GLY J 115 -48.90 -24.60 41.73
N GLN J 116 -47.88 -25.36 42.10
CA GLN J 116 -47.25 -26.35 41.23
C GLN J 116 -47.48 -27.77 41.68
N ASP J 117 -47.51 -28.02 42.99
CA ASP J 117 -47.72 -29.36 43.50
C ASP J 117 -49.14 -29.62 43.96
N GLY J 118 -49.85 -28.60 44.42
CA GLY J 118 -51.16 -28.84 44.97
C GLY J 118 -51.17 -29.37 46.38
N VAL J 119 -50.14 -29.07 47.16
CA VAL J 119 -50.14 -29.34 48.59
C VAL J 119 -49.42 -28.20 49.29
N VAL J 120 -49.64 -28.10 50.60
CA VAL J 120 -48.91 -27.16 51.45
C VAL J 120 -48.10 -27.98 52.44
N ASN J 121 -46.80 -27.72 52.51
CA ASN J 121 -45.90 -28.37 53.46
C ASN J 121 -45.24 -27.29 54.28
N ALA J 122 -44.79 -27.61 55.48
CA ALA J 122 -44.17 -26.63 56.34
C ALA J 122 -43.26 -27.28 57.37
N ILE J 123 -42.34 -26.48 57.88
CA ILE J 123 -41.50 -26.90 59.01
C ILE J 123 -41.88 -26.07 60.23
N LEU J 124 -41.81 -26.70 61.39
CA LEU J 124 -42.26 -26.06 62.63
C LEU J 124 -41.26 -25.01 63.02
N LEU J 125 -41.52 -23.78 62.60
CA LEU J 125 -40.65 -22.65 62.91
C LEU J 125 -40.42 -22.56 64.40
N GLU J 126 -39.18 -22.33 64.80
CA GLU J 126 -38.89 -22.11 66.21
C GLU J 126 -39.03 -20.63 66.54
N GLU J 127 -39.33 -20.36 67.81
CA GLU J 127 -39.52 -19.00 68.29
C GLU J 127 -38.18 -18.26 68.33
N LYS K 10 41.54 97.72 7.53
CA LYS K 10 41.13 96.48 6.90
C LYS K 10 40.49 96.76 5.55
N LYS K 11 39.25 97.25 5.57
CA LYS K 11 38.48 97.64 4.40
C LYS K 11 38.12 96.46 3.49
N GLU K 12 38.26 95.22 3.97
CA GLU K 12 37.98 94.01 3.18
C GLU K 12 36.63 93.44 3.62
N LYS K 13 35.67 93.44 2.70
CA LYS K 13 34.33 92.99 3.02
C LYS K 13 33.97 91.75 2.22
N TRP K 14 33.56 90.70 2.92
CA TRP K 14 33.22 89.44 2.27
C TRP K 14 31.76 89.15 2.55
N GLY K 15 31.29 88.01 2.04
CA GLY K 15 29.90 87.66 2.20
C GLY K 15 29.69 86.22 1.81
N ILE K 16 28.42 85.81 1.80
CA ILE K 16 28.09 84.43 1.46
C ILE K 16 27.06 84.43 0.33
N ALA K 17 27.20 83.44 -0.55
CA ALA K 17 26.27 83.20 -1.64
C ALA K 17 25.58 81.87 -1.41
N HIS K 18 24.28 81.93 -1.12
CA HIS K 18 23.44 80.77 -0.98
C HIS K 18 22.81 80.48 -2.33
N ILE K 19 23.05 79.28 -2.86
CA ILE K 19 22.56 78.92 -4.19
C ILE K 19 21.68 77.69 -4.05
N TYR K 20 20.38 77.87 -4.30
CA TYR K 20 19.38 76.83 -4.12
C TYR K 20 18.96 76.31 -5.49
N SER K 21 19.19 75.04 -5.76
CA SER K 21 18.91 74.48 -7.08
C SER K 21 18.11 73.21 -6.96
N SER K 22 17.05 73.11 -7.77
CA SER K 22 16.23 71.91 -7.85
C SER K 22 16.00 71.58 -9.32
N TYR K 23 15.07 70.68 -9.59
CA TYR K 23 14.72 70.34 -10.96
C TYR K 23 13.77 71.33 -11.60
N ASN K 24 13.27 72.31 -10.84
CA ASN K 24 12.26 73.21 -11.36
C ASN K 24 12.62 74.67 -11.23
N ASN K 25 13.71 75.03 -10.57
CA ASN K 25 14.11 76.43 -10.50
C ASN K 25 15.52 76.53 -9.92
N THR K 26 15.94 77.76 -9.66
CA THR K 26 17.23 78.07 -9.07
C THR K 26 17.17 79.48 -8.48
N ILE K 27 17.78 79.69 -7.33
CA ILE K 27 17.73 80.95 -6.58
C ILE K 27 19.12 81.29 -6.10
N ILE K 28 19.59 82.50 -6.41
CA ILE K 28 20.89 82.97 -5.96
C ILE K 28 20.68 84.11 -4.97
N HIS K 29 21.36 84.05 -3.83
CA HIS K 29 21.09 84.92 -2.69
C HIS K 29 22.41 85.36 -2.08
N ILE K 30 22.70 86.65 -2.10
CA ILE K 30 23.97 87.18 -1.60
C ILE K 30 23.68 87.97 -0.34
N THR K 31 24.27 87.52 0.78
CA THR K 31 24.10 88.11 2.10
C THR K 31 25.46 88.43 2.71
N ASP K 32 25.46 89.14 3.83
CA ASP K 32 26.70 89.50 4.50
C ASP K 32 27.27 88.30 5.24
N ILE K 33 28.33 88.52 6.01
CA ILE K 33 29.14 87.42 6.55
C ILE K 33 28.37 86.60 7.56
N THR K 34 27.24 87.10 8.06
CA THR K 34 26.46 86.33 9.02
C THR K 34 25.20 85.76 8.41
N GLY K 35 24.74 86.33 7.31
CA GLY K 35 23.49 85.92 6.72
C GLY K 35 22.26 86.66 7.22
N ALA K 36 22.45 87.68 8.05
CA ALA K 36 21.34 88.34 8.72
C ALA K 36 20.87 89.58 8.00
N GLU K 37 21.61 90.06 7.01
CA GLU K 37 21.24 91.23 6.23
C GLU K 37 21.45 90.84 4.78
N THR K 38 20.39 90.73 4.00
CA THR K 38 20.64 90.34 2.62
C THR K 38 20.95 91.54 1.76
N ILE K 39 21.62 91.28 0.66
CA ILE K 39 22.11 92.31 -0.24
C ILE K 39 21.50 92.19 -1.63
N SER K 40 21.40 90.97 -2.15
CA SER K 40 20.80 90.83 -3.47
C SER K 40 20.27 89.42 -3.68
N ARG K 41 19.02 89.30 -4.15
CA ARG K 41 18.38 87.99 -4.30
C ARG K 41 17.66 87.92 -5.64
N TRP K 42 18.05 86.95 -6.48
CA TRP K 42 17.46 86.76 -7.81
C TRP K 42 17.12 85.30 -8.00
N SER K 43 16.16 85.04 -8.89
CA SER K 43 15.69 83.68 -9.13
C SER K 43 15.82 83.30 -10.60
N GLY K 44 15.18 82.23 -11.01
CA GLY K 44 15.26 81.80 -12.38
C GLY K 44 14.13 82.32 -13.21
N GLY K 45 12.97 82.49 -12.60
CA GLY K 45 11.83 83.01 -13.31
C GLY K 45 11.71 84.50 -13.32
N MET K 46 12.59 85.20 -12.64
CA MET K 46 12.65 86.65 -12.72
C MET K 46 13.41 87.13 -13.95
N VAL K 47 13.93 86.21 -14.76
CA VAL K 47 14.85 86.54 -15.83
C VAL K 47 14.31 86.07 -17.18
N VAL K 48 14.03 84.77 -17.30
CA VAL K 48 13.38 84.25 -18.50
C VAL K 48 11.92 84.64 -18.45
N LYS K 49 11.17 84.36 -19.49
CA LYS K 49 9.75 84.70 -19.45
C LYS K 49 8.81 83.53 -19.31
N ALA K 50 9.15 82.37 -19.88
CA ALA K 50 8.26 81.22 -19.84
C ALA K 50 8.69 80.24 -18.76
N ASP K 51 7.80 79.30 -18.44
CA ASP K 51 8.00 78.37 -17.33
C ASP K 51 8.93 77.21 -17.66
N ARG K 52 9.30 77.04 -18.93
CA ARG K 52 9.95 75.80 -19.38
C ARG K 52 11.40 75.70 -18.90
N ASP K 53 12.25 76.61 -19.37
CA ASP K 53 13.66 76.58 -19.03
C ASP K 53 14.01 77.52 -17.91
N GLU K 54 13.03 77.85 -17.08
CA GLU K 54 13.32 78.40 -15.77
C GLU K 54 14.42 77.66 -15.02
N PRO K 55 14.59 76.34 -15.12
CA PRO K 55 15.74 75.69 -14.49
C PRO K 55 17.00 75.57 -15.33
N SER K 56 16.99 75.97 -16.59
CA SER K 56 18.12 75.74 -17.49
C SER K 56 19.40 76.36 -16.94
N PRO K 57 20.58 75.95 -17.41
CA PRO K 57 21.81 76.59 -16.94
C PRO K 57 21.97 78.01 -17.45
N TYR K 58 21.33 78.35 -18.55
CA TYR K 58 21.44 79.71 -19.09
C TYR K 58 20.72 80.70 -18.19
N ALA K 59 19.55 80.34 -17.66
CA ALA K 59 18.84 81.21 -16.75
C ALA K 59 19.63 81.43 -15.47
N ALA K 60 20.32 80.37 -15.01
CA ALA K 60 21.19 80.53 -13.85
C ALA K 60 22.36 81.44 -14.18
N MET K 61 22.91 81.31 -15.38
CA MET K 61 23.97 82.20 -15.82
C MET K 61 23.54 83.65 -15.76
N LEU K 62 22.31 83.94 -16.19
CA LEU K 62 21.82 85.32 -16.15
C LEU K 62 21.50 85.80 -14.75
N ALA K 63 20.90 84.96 -13.92
CA ALA K 63 20.55 85.37 -12.56
C ALA K 63 21.79 85.65 -11.73
N ALA K 64 22.79 84.79 -11.81
CA ALA K 64 24.01 85.05 -11.08
C ALA K 64 24.71 86.30 -11.54
N ARG K 65 24.61 86.64 -12.82
CA ARG K 65 25.22 87.82 -13.38
C ARG K 65 24.55 89.08 -12.86
N ARG K 66 23.21 89.11 -12.88
CA ARG K 66 22.47 90.23 -12.35
C ARG K 66 22.59 90.38 -10.84
N ALA K 67 22.81 89.29 -10.10
CA ALA K 67 22.99 89.41 -8.65
C ALA K 67 24.37 89.94 -8.30
N ALA K 68 25.39 89.47 -8.99
CA ALA K 68 26.73 89.96 -8.74
C ALA K 68 26.84 91.43 -9.12
N GLU K 69 26.20 91.84 -10.21
CA GLU K 69 26.23 93.25 -10.59
C GLU K 69 25.71 94.13 -9.46
N GLU K 70 24.61 93.72 -8.83
CA GLU K 70 24.01 94.53 -7.78
C GLU K 70 24.75 94.45 -6.46
N ALA K 71 25.42 93.34 -6.18
CA ALA K 71 26.14 93.24 -4.92
C ALA K 71 27.53 93.87 -4.97
N LEU K 72 28.19 93.85 -6.12
CA LEU K 72 29.53 94.40 -6.23
C LEU K 72 29.60 95.87 -5.89
N GLU K 73 28.54 96.63 -6.17
CA GLU K 73 28.61 98.07 -5.96
C GLU K 73 28.32 98.48 -4.53
N LYS K 74 27.58 97.66 -3.79
CA LYS K 74 27.29 97.96 -2.39
C LYS K 74 28.49 97.75 -1.50
N GLY K 75 29.56 97.12 -2.01
CA GLY K 75 30.82 97.03 -1.29
C GLY K 75 31.38 95.65 -1.13
N ILE K 76 30.76 94.63 -1.72
CA ILE K 76 31.27 93.27 -1.61
C ILE K 76 32.45 93.09 -2.54
N VAL K 77 33.45 92.30 -2.11
CA VAL K 77 34.61 92.00 -2.93
C VAL K 77 34.74 90.49 -3.19
N GLY K 78 34.44 89.65 -2.20
CA GLY K 78 34.46 88.21 -2.39
C GLY K 78 33.29 87.55 -1.69
N VAL K 79 33.07 86.28 -2.01
CA VAL K 79 31.94 85.52 -1.47
C VAL K 79 32.36 84.07 -1.30
N HIS K 80 31.98 83.48 -0.17
CA HIS K 80 32.03 82.04 0.01
C HIS K 80 30.78 81.42 -0.60
N ILE K 81 30.82 80.12 -0.86
CA ILE K 81 29.79 79.45 -1.65
C ILE K 81 29.12 78.37 -0.82
N ARG K 82 27.79 78.33 -0.84
CA ARG K 82 27.05 77.25 -0.19
C ARG K 82 25.95 76.78 -1.15
N VAL K 83 26.09 75.55 -1.64
CA VAL K 83 25.20 75.00 -2.66
C VAL K 83 24.23 74.04 -2.00
N ARG K 84 22.95 74.10 -2.39
CA ARG K 84 21.93 73.33 -1.72
C ARG K 84 20.93 72.77 -2.72
N ALA K 85 20.49 71.54 -2.47
CA ALA K 85 19.40 70.82 -3.09
C ALA K 85 18.16 70.88 -2.21
N PRO K 86 16.98 70.53 -2.71
CA PRO K 86 15.83 70.44 -1.82
C PRO K 86 16.14 69.56 -0.62
N GLY K 87 16.62 68.35 -0.87
CA GLY K 87 17.05 67.49 0.20
C GLY K 87 15.94 67.19 1.17
N GLY K 88 16.26 66.77 2.37
CA GLY K 88 15.23 66.46 3.33
C GLY K 88 14.50 65.23 2.92
N SER K 89 13.22 65.38 2.58
CA SER K 89 12.41 64.25 2.15
C SER K 89 12.22 64.18 0.65
N LYS K 90 13.13 64.77 -0.11
CA LYS K 90 13.01 64.86 -1.55
C LYS K 90 14.37 64.54 -2.15
N SER K 91 14.62 64.99 -3.38
CA SER K 91 15.84 64.61 -4.07
C SER K 91 17.08 65.12 -3.34
N LYS K 92 18.19 64.39 -3.51
CA LYS K 92 19.43 64.67 -2.80
C LYS K 92 20.55 65.18 -3.69
N THR K 93 20.29 65.48 -4.96
CA THR K 93 21.35 65.89 -5.87
C THR K 93 21.05 67.23 -6.49
N PRO K 94 22.01 68.15 -6.54
CA PRO K 94 21.73 69.45 -7.17
C PRO K 94 21.49 69.31 -8.65
N GLY K 95 20.59 70.14 -9.17
CA GLY K 95 20.14 70.01 -10.54
C GLY K 95 21.16 70.45 -11.57
N PRO K 96 20.68 71.06 -12.66
CA PRO K 96 21.56 71.41 -13.77
C PRO K 96 22.19 72.80 -13.68
N GLY K 97 21.68 73.69 -12.85
CA GLY K 97 22.17 75.06 -12.87
C GLY K 97 23.22 75.41 -11.84
N ALA K 98 23.54 74.51 -10.92
CA ALA K 98 24.42 74.87 -9.81
C ALA K 98 25.79 75.31 -10.32
N GLN K 99 26.52 74.41 -10.98
CA GLN K 99 27.85 74.74 -11.46
C GLN K 99 27.83 75.88 -12.46
N ALA K 100 26.73 76.07 -13.16
CA ALA K 100 26.66 77.14 -14.15
C ALA K 100 26.48 78.50 -13.46
N ALA K 101 25.88 78.52 -12.29
CA ALA K 101 25.84 79.75 -11.50
C ALA K 101 27.15 79.98 -10.78
N ILE K 102 27.87 78.91 -10.45
CA ILE K 102 29.16 79.11 -9.79
C ILE K 102 30.22 79.60 -10.78
N ARG K 103 30.23 79.08 -12.00
CA ARG K 103 31.24 79.48 -12.96
C ARG K 103 31.03 80.88 -13.50
N ALA K 104 29.81 81.40 -13.44
CA ALA K 104 29.50 82.74 -13.94
C ALA K 104 29.37 83.75 -12.83
N LEU K 105 29.70 83.38 -11.60
CA LEU K 105 29.76 84.31 -10.50
C LEU K 105 31.12 84.95 -10.34
N ALA K 106 32.19 84.17 -10.49
CA ALA K 106 33.54 84.70 -10.47
C ALA K 106 33.91 85.40 -11.75
N ARG K 107 33.23 85.10 -12.84
CA ARG K 107 33.52 85.78 -14.09
C ARG K 107 33.14 87.25 -14.07
N ALA K 108 32.19 87.63 -13.23
CA ALA K 108 31.67 88.98 -13.20
C ALA K 108 32.39 89.88 -12.20
N GLY K 109 33.56 89.47 -11.72
CA GLY K 109 34.41 90.34 -10.93
C GLY K 109 34.65 89.89 -9.51
N LEU K 110 33.77 89.07 -8.95
CA LEU K 110 33.92 88.66 -7.57
C LEU K 110 35.09 87.69 -7.43
N LYS K 111 35.59 87.58 -6.21
CA LYS K 111 36.52 86.54 -5.83
C LYS K 111 35.72 85.32 -5.40
N ILE K 112 36.40 84.26 -4.99
CA ILE K 112 35.73 83.09 -4.45
C ILE K 112 36.57 82.52 -3.32
N GLY K 113 35.99 82.38 -2.14
CA GLY K 113 36.61 81.66 -1.06
C GLY K 113 36.27 80.20 -1.15
N ARG K 114 36.08 79.54 -0.01
CA ARG K 114 35.91 78.10 0.02
C ARG K 114 34.48 77.72 -0.37
N VAL K 115 34.30 76.45 -0.74
CA VAL K 115 33.10 75.94 -1.40
C VAL K 115 32.62 74.70 -0.66
N GLU K 116 31.30 74.61 -0.44
CA GLU K 116 30.77 73.45 0.26
C GLU K 116 29.30 73.28 -0.09
N ASP K 117 28.81 72.05 0.09
CA ASP K 117 27.41 71.71 -0.12
C ASP K 117 26.75 71.47 1.23
N VAL K 118 25.52 71.96 1.39
CA VAL K 118 24.89 71.93 2.70
C VAL K 118 23.49 71.35 2.60
N THR K 119 23.30 70.43 1.67
CA THR K 119 22.02 69.76 1.51
C THR K 119 21.63 69.08 2.81
N PRO K 120 20.36 69.16 3.24
CA PRO K 120 19.93 68.47 4.46
C PRO K 120 19.77 66.97 4.26
N ILE K 121 20.27 66.18 5.20
CA ILE K 121 20.21 64.74 5.12
C ILE K 121 19.65 64.18 6.42
N PRO K 122 18.61 63.34 6.37
CA PRO K 122 18.05 62.79 7.59
C PRO K 122 18.74 61.51 8.00
N HIS K 123 18.69 61.23 9.31
CA HIS K 123 19.17 59.96 9.83
C HIS K 123 17.97 59.04 10.06
N ASP K 124 17.38 58.63 8.94
CA ASP K 124 16.07 57.99 8.85
C ASP K 124 14.95 58.91 9.34
N GLY K 125 14.57 59.84 8.48
CA GLY K 125 13.48 60.75 8.74
C GLY K 125 12.11 60.29 8.25
N THR K 126 11.31 61.24 7.77
CA THR K 126 9.89 61.05 7.54
C THR K 126 9.63 60.50 6.13
N ARG K 127 8.35 60.40 5.75
CA ARG K 127 7.94 59.54 4.63
C ARG K 127 7.62 60.34 3.36
N PRO K 128 8.11 59.88 2.20
CA PRO K 128 7.96 60.65 0.97
C PRO K 128 6.72 60.30 0.16
N LYS K 129 6.46 61.03 -0.92
CA LYS K 129 5.21 60.93 -1.65
C LYS K 129 5.15 59.66 -2.50
N GLY K 130 4.07 59.51 -3.26
CA GLY K 130 3.86 58.33 -4.09
C GLY K 130 3.06 57.25 -3.40
N GLY K 131 3.77 56.36 -2.73
CA GLY K 131 3.17 55.34 -1.90
C GLY K 131 3.31 53.97 -2.47
N ARG K 132 4.36 53.27 -2.06
CA ARG K 132 4.50 51.83 -2.25
C ARG K 132 4.55 51.43 -3.72
N ARG K 133 4.28 52.33 -4.62
CA ARG K 133 4.39 52.00 -6.03
C ARG K 133 5.03 53.09 -6.85
N GLY K 134 5.20 54.29 -6.32
CA GLY K 134 5.80 55.40 -7.01
C GLY K 134 4.84 56.10 -7.96
N ARG K 135 5.43 56.90 -8.86
CA ARG K 135 4.69 57.53 -9.94
C ARG K 135 4.64 56.54 -11.09
N ARG K 136 3.48 55.93 -11.29
CA ARG K 136 3.33 55.04 -12.42
C ARG K 136 3.02 55.86 -13.66
N VAL K 137 3.89 56.78 -14.01
CA VAL K 137 3.75 57.51 -15.25
C VAL K 137 4.34 56.64 -16.34
N PRO L 2 8.59 13.79 1.92
CA PRO L 2 7.77 12.68 2.42
C PRO L 2 8.61 11.53 2.93
N GLY L 3 8.09 10.82 3.91
CA GLY L 3 8.86 9.77 4.52
C GLY L 3 8.65 8.46 3.79
N LYS L 4 8.50 7.38 4.54
CA LYS L 4 8.54 6.08 3.87
C LYS L 4 7.16 5.67 3.40
N LYS L 5 6.26 5.37 4.33
CA LYS L 5 4.85 5.11 4.07
C LYS L 5 4.25 4.78 5.42
N ALA L 6 3.01 5.18 5.65
CA ALA L 6 2.66 5.50 7.03
C ALA L 6 2.54 4.28 7.92
N PRO L 7 1.53 3.41 7.81
CA PRO L 7 1.50 2.33 8.79
C PRO L 7 2.14 1.03 8.30
N ASN L 8 3.46 0.98 8.24
CA ASN L 8 4.15 -0.25 7.88
C ASN L 8 4.66 -0.99 9.10
N GLY L 9 3.76 -1.26 10.05
CA GLY L 9 4.11 -1.96 11.26
C GLY L 9 3.54 -3.35 11.21
N GLU L 10 3.86 -4.12 12.23
CA GLU L 10 3.31 -5.47 12.23
C GLU L 10 1.95 -5.53 12.89
N PHE L 11 1.73 -4.76 13.94
CA PHE L 11 0.44 -4.71 14.63
C PHE L 11 -0.33 -3.46 14.28
N ALA L 12 -0.22 -3.00 13.05
CA ALA L 12 -0.95 -1.84 12.59
C ALA L 12 -1.87 -2.22 11.45
N GLY L 13 -2.71 -3.24 11.65
CA GLY L 13 -3.63 -3.62 10.60
C GLY L 13 -4.84 -2.72 10.53
N ARG L 14 -5.36 -2.32 11.68
CA ARG L 14 -6.58 -1.53 11.75
C ARG L 14 -6.42 -0.20 11.05
N LYS L 15 -5.30 0.49 11.30
CA LYS L 15 -5.08 1.81 10.72
C LYS L 15 -4.86 1.72 9.22
N LEU L 16 -4.22 0.64 8.76
CA LEU L 16 -3.98 0.47 7.34
C LEU L 16 -5.29 0.23 6.58
N LYS L 17 -6.13 -0.67 7.10
CA LYS L 17 -7.45 -0.87 6.50
C LYS L 17 -8.26 0.42 6.51
N LEU L 18 -8.18 1.20 7.58
CA LEU L 18 -8.96 2.42 7.67
C LEU L 18 -8.48 3.46 6.67
N LYS L 19 -7.17 3.61 6.48
CA LYS L 19 -6.68 4.53 5.47
C LYS L 19 -7.15 4.15 4.08
N ARG L 20 -7.16 2.86 3.77
CA ARG L 20 -7.64 2.47 2.44
C ARG L 20 -9.13 2.77 2.28
N LYS L 21 -9.95 2.40 3.26
CA LYS L 21 -11.37 2.66 3.14
C LYS L 21 -11.67 4.14 3.10
N LYS L 22 -10.86 4.95 3.77
CA LYS L 22 -11.04 6.39 3.72
C LYS L 22 -10.75 6.97 2.36
N PHE L 23 -9.66 6.55 1.71
CA PHE L 23 -9.34 7.17 0.44
C PHE L 23 -10.01 6.52 -0.76
N ARG L 24 -10.68 5.39 -0.58
CA ARG L 24 -11.43 4.84 -1.70
C ARG L 24 -12.62 5.71 -2.09
N TRP L 25 -13.02 6.67 -1.25
CA TRP L 25 -14.19 7.48 -1.55
C TRP L 25 -13.87 8.70 -2.39
N SER L 26 -12.59 8.99 -2.61
CA SER L 26 -12.17 10.04 -3.54
C SER L 26 -12.27 9.58 -4.97
N ASP L 27 -12.82 8.40 -5.20
CA ASP L 27 -13.05 7.84 -6.52
C ASP L 27 -14.34 8.39 -7.10
N ILE L 28 -14.68 7.97 -8.32
CA ILE L 28 -15.98 8.29 -8.87
C ILE L 28 -16.71 7.08 -9.39
N ARG L 29 -16.03 6.03 -9.79
CA ARG L 29 -16.71 4.81 -10.18
C ARG L 29 -17.19 4.02 -8.98
N TYR L 30 -16.58 4.21 -7.82
CA TYR L 30 -16.97 3.46 -6.64
C TYR L 30 -18.04 4.18 -5.87
N LYS L 31 -17.86 5.48 -5.63
CA LYS L 31 -18.89 6.25 -4.96
C LYS L 31 -20.21 6.18 -5.71
N ARG L 32 -20.15 6.17 -7.03
CA ARG L 32 -21.35 6.15 -7.85
C ARG L 32 -22.00 4.78 -7.93
N ARG L 33 -21.31 3.73 -7.49
CA ARG L 33 -21.82 2.37 -7.50
C ARG L 33 -22.32 1.93 -6.15
N VAL L 34 -21.85 2.57 -5.08
CA VAL L 34 -22.25 2.20 -3.73
C VAL L 34 -23.40 3.08 -3.27
N LEU L 35 -23.40 4.35 -3.65
CA LEU L 35 -24.52 5.20 -3.31
C LEU L 35 -25.66 5.08 -4.30
N ARG L 36 -25.46 4.39 -5.42
CA ARG L 36 -26.49 4.20 -6.45
C ARG L 36 -27.04 5.54 -6.92
N LEU L 37 -26.18 6.34 -7.53
CA LEU L 37 -26.61 7.65 -8.00
C LEU L 37 -27.14 7.64 -9.42
N LYS L 38 -26.87 6.60 -10.21
CA LYS L 38 -27.39 6.57 -11.56
C LYS L 38 -28.90 6.40 -11.57
N GLU L 39 -29.39 5.34 -10.94
CA GLU L 39 -30.80 5.34 -10.57
C GLU L 39 -31.05 6.49 -9.62
N LYS L 40 -32.32 6.86 -9.51
CA LYS L 40 -32.85 8.05 -8.86
C LYS L 40 -32.75 9.28 -9.73
N SER L 41 -32.06 9.20 -10.86
CA SER L 41 -31.97 10.35 -11.76
C SER L 41 -32.05 9.91 -13.21
N ASP L 42 -32.56 8.73 -13.46
CA ASP L 42 -32.43 8.11 -14.76
C ASP L 42 -33.80 7.82 -15.36
N PRO L 43 -34.13 8.44 -16.50
CA PRO L 43 -35.49 8.30 -17.05
C PRO L 43 -35.86 6.88 -17.45
N LEU L 44 -34.91 5.98 -17.66
CA LEU L 44 -35.29 4.64 -18.13
C LEU L 44 -35.31 3.59 -17.03
N GLU L 45 -34.66 3.83 -15.90
CA GLU L 45 -34.76 3.02 -14.69
C GLU L 45 -34.08 1.66 -14.83
N GLY L 46 -32.82 1.68 -15.24
CA GLY L 46 -32.05 0.45 -15.24
C GLY L 46 -32.51 -0.58 -16.25
N ALA L 47 -33.10 -0.14 -17.35
CA ALA L 47 -33.53 -1.01 -18.42
C ALA L 47 -32.58 -0.87 -19.59
N PRO L 48 -32.48 -1.89 -20.43
CA PRO L 48 -31.79 -1.76 -21.72
C PRO L 48 -32.62 -1.12 -22.83
N GLN L 49 -33.95 -1.12 -22.72
CA GLN L 49 -34.83 -0.57 -23.74
C GLN L 49 -36.08 -0.04 -23.07
N ALA L 50 -36.87 0.72 -23.83
CA ALA L 50 -38.14 1.23 -23.32
C ALA L 50 -39.03 1.60 -24.48
N ARG L 51 -40.26 1.99 -24.17
CA ARG L 51 -41.25 2.26 -25.18
C ARG L 51 -41.95 3.58 -24.90
N GLY L 52 -42.25 4.33 -25.95
CA GLY L 52 -42.93 5.60 -25.80
C GLY L 52 -43.84 5.91 -26.96
N ILE L 53 -44.41 7.11 -26.93
CA ILE L 53 -45.38 7.57 -27.92
C ILE L 53 -44.99 8.97 -28.36
N VAL L 54 -44.75 9.15 -29.65
CA VAL L 54 -44.07 10.34 -30.14
C VAL L 54 -45.01 11.55 -30.16
N LEU L 55 -44.48 12.71 -29.76
CA LEU L 55 -45.24 13.94 -29.66
C LEU L 55 -45.00 14.90 -30.81
N GLU L 56 -43.76 15.13 -31.22
CA GLU L 56 -43.47 16.02 -32.34
C GLU L 56 -42.12 15.62 -32.93
N LYS L 57 -41.89 16.03 -34.17
CA LYS L 57 -40.67 15.73 -34.92
C LYS L 57 -39.85 16.99 -35.06
N ILE L 58 -38.54 16.88 -34.83
CA ILE L 58 -37.66 18.05 -34.71
C ILE L 58 -36.37 17.80 -35.48
N ALA L 59 -35.57 18.87 -35.60
CA ALA L 59 -34.28 18.86 -36.27
C ALA L 59 -33.27 19.64 -35.45
N VAL L 60 -32.07 19.08 -35.30
CA VAL L 60 -31.02 19.67 -34.50
C VAL L 60 -29.88 20.09 -35.42
N GLU L 61 -29.13 21.10 -34.99
CA GLU L 61 -27.94 21.55 -35.70
C GLU L 61 -26.71 20.83 -35.17
N ALA L 62 -25.74 20.59 -36.05
CA ALA L 62 -24.59 19.79 -35.68
C ALA L 62 -23.53 20.67 -35.03
N LYS L 63 -22.37 20.09 -34.76
CA LYS L 63 -21.32 20.74 -33.96
C LYS L 63 -20.61 21.78 -34.80
N GLN L 64 -19.49 22.31 -34.29
CA GLN L 64 -18.88 23.48 -34.93
C GLN L 64 -18.14 23.12 -36.21
N PRO L 65 -17.14 22.23 -36.21
CA PRO L 65 -16.47 21.87 -37.47
C PRO L 65 -17.32 20.90 -38.29
N ASN L 66 -18.60 21.22 -38.44
CA ASN L 66 -19.52 20.41 -39.23
C ASN L 66 -20.67 21.29 -39.69
N SER L 67 -21.57 20.70 -40.47
CA SER L 67 -22.71 21.42 -41.00
C SER L 67 -23.78 20.39 -41.33
N GLY L 68 -25.03 20.71 -41.07
CA GLY L 68 -26.11 19.80 -41.39
C GLY L 68 -27.05 19.67 -40.22
N MET L 69 -28.20 19.07 -40.51
CA MET L 69 -29.29 18.96 -39.55
C MET L 69 -29.65 17.51 -39.36
N ARG L 70 -29.65 17.07 -38.10
CA ARG L 70 -29.97 15.70 -37.73
C ARG L 70 -31.41 15.64 -37.24
N LYS L 71 -32.16 14.66 -37.76
CA LYS L 71 -33.59 14.57 -37.47
C LYS L 71 -33.84 13.70 -36.24
N ALA L 72 -34.84 14.08 -35.46
CA ALA L 72 -35.11 13.41 -34.19
C ALA L 72 -36.58 13.58 -33.85
N VAL L 73 -36.99 12.96 -32.73
CA VAL L 73 -38.36 13.02 -32.26
C VAL L 73 -38.36 13.20 -30.75
N ARG L 74 -39.53 13.55 -30.20
CA ARG L 74 -39.77 13.66 -28.78
C ARG L 74 -40.61 12.47 -28.36
N VAL L 75 -40.12 11.67 -27.44
CA VAL L 75 -40.83 10.48 -26.99
C VAL L 75 -41.35 10.73 -25.58
N GLN L 76 -42.55 10.24 -25.30
CA GLN L 76 -43.16 10.38 -23.99
C GLN L 76 -43.31 8.99 -23.39
N LEU L 77 -42.50 8.68 -22.40
CA LEU L 77 -42.38 7.31 -21.93
C LEU L 77 -43.70 6.86 -21.31
N ILE L 78 -43.80 5.58 -21.00
CA ILE L 78 -45.02 4.98 -20.50
C ILE L 78 -44.88 4.54 -19.06
N LYS L 79 -43.73 3.97 -18.70
CA LYS L 79 -43.52 3.55 -17.33
C LYS L 79 -43.33 4.72 -16.37
N ASN L 80 -42.88 5.86 -16.86
CA ASN L 80 -42.64 7.06 -16.06
C ASN L 80 -43.61 8.18 -16.38
N GLY L 81 -43.73 8.54 -17.64
CA GLY L 81 -44.39 9.77 -18.05
C GLY L 81 -43.44 10.88 -18.44
N LYS L 82 -42.13 10.62 -18.46
CA LYS L 82 -41.10 11.56 -18.85
C LYS L 82 -41.22 11.93 -20.33
N VAL L 83 -40.41 12.89 -20.76
CA VAL L 83 -40.31 13.28 -22.16
C VAL L 83 -38.83 13.35 -22.50
N VAL L 84 -38.39 12.52 -23.44
CA VAL L 84 -36.99 12.46 -23.87
C VAL L 84 -36.91 12.81 -25.35
N THR L 85 -35.68 12.95 -25.84
CA THR L 85 -35.39 13.31 -27.21
C THR L 85 -34.54 12.20 -27.84
N ALA L 86 -35.04 11.60 -28.91
CA ALA L 86 -34.44 10.41 -29.51
C ALA L 86 -34.16 10.58 -31.00
N PHE L 87 -33.12 9.92 -31.49
CA PHE L 87 -32.58 10.13 -32.84
C PHE L 87 -32.92 8.96 -33.76
N CYS L 88 -33.31 9.28 -35.01
CA CYS L 88 -33.79 8.29 -35.96
C CYS L 88 -32.71 7.93 -36.97
N PRO L 89 -31.98 6.84 -36.81
CA PRO L 89 -30.83 6.60 -37.68
C PRO L 89 -31.20 6.03 -39.04
N GLY L 90 -30.66 6.65 -40.07
CA GLY L 90 -30.79 6.10 -41.41
C GLY L 90 -31.17 7.13 -42.47
N ASP L 91 -30.94 6.80 -43.73
CA ASP L 91 -31.14 7.75 -44.83
C ASP L 91 -32.61 7.78 -45.21
N GLY L 92 -33.32 8.78 -44.73
CA GLY L 92 -34.73 8.93 -45.03
C GLY L 92 -35.65 8.30 -44.02
N ALA L 93 -35.21 8.09 -42.79
CA ALA L 93 -36.02 7.38 -41.84
C ALA L 93 -37.17 8.23 -41.32
N ILE L 94 -37.00 9.54 -41.28
CA ILE L 94 -37.98 10.39 -40.60
C ILE L 94 -39.31 10.37 -41.34
N LYS L 95 -39.30 9.93 -42.59
CA LYS L 95 -40.54 9.84 -43.36
C LYS L 95 -41.36 8.62 -43.02
N PHE L 96 -40.88 7.79 -42.09
CA PHE L 96 -41.62 6.63 -41.63
C PHE L 96 -42.16 6.80 -40.22
N ILE L 97 -41.74 7.83 -39.50
CA ILE L 97 -42.22 8.11 -38.15
C ILE L 97 -43.35 9.12 -38.25
N ASP L 98 -44.50 8.81 -37.70
CA ASP L 98 -45.60 9.74 -37.64
C ASP L 98 -46.08 9.91 -36.20
N GLU L 99 -46.70 11.04 -35.91
CA GLU L 99 -47.14 11.29 -34.55
C GLU L 99 -48.26 10.34 -34.17
N HIS L 100 -48.39 10.09 -32.87
CA HIS L 100 -49.28 9.06 -32.33
C HIS L 100 -48.81 7.65 -32.71
N ASP L 101 -47.50 7.47 -32.79
CA ASP L 101 -46.89 6.17 -33.04
C ASP L 101 -46.19 5.69 -31.79
N GLU L 102 -46.05 4.39 -31.64
CA GLU L 102 -45.29 3.81 -30.54
C GLU L 102 -43.92 3.44 -31.06
N VAL L 103 -42.89 3.81 -30.33
CA VAL L 103 -41.53 3.58 -30.74
C VAL L 103 -40.79 2.92 -29.58
N ILE L 104 -39.76 2.15 -29.93
CA ILE L 104 -38.87 1.51 -28.95
C ILE L 104 -37.56 2.27 -28.96
N ILE L 105 -36.91 2.32 -27.80
CA ILE L 105 -35.79 3.23 -27.54
C ILE L 105 -34.68 2.44 -26.87
N GLU L 106 -33.47 2.54 -27.42
CA GLU L 106 -32.21 2.05 -26.87
C GLU L 106 -31.30 3.22 -26.59
N GLY L 107 -30.15 2.95 -26.01
CA GLY L 107 -29.11 3.96 -25.89
C GLY L 107 -28.46 4.22 -27.23
N ILE L 108 -27.58 5.21 -27.26
CA ILE L 108 -26.95 5.59 -28.51
C ILE L 108 -25.48 5.16 -28.51
N GLY L 109 -25.00 4.67 -27.37
CA GLY L 109 -23.69 4.08 -27.33
C GLY L 109 -22.53 5.05 -27.46
N GLY L 110 -22.34 5.91 -26.47
CA GLY L 110 -21.26 6.85 -26.50
C GLY L 110 -20.32 6.64 -25.34
N PRO L 111 -19.45 7.60 -25.08
CA PRO L 111 -18.53 7.46 -23.95
C PRO L 111 -19.24 7.63 -22.62
N LYS L 112 -18.99 6.69 -21.71
CA LYS L 112 -19.55 6.68 -20.36
C LYS L 112 -21.06 6.47 -20.36
N GLY L 113 -21.63 6.07 -21.49
CA GLY L 113 -23.07 5.98 -21.62
C GLY L 113 -23.73 7.24 -22.14
N GLY L 114 -22.99 8.31 -22.35
CA GLY L 114 -23.60 9.56 -22.78
C GLY L 114 -23.92 9.58 -24.24
N SER L 115 -23.58 10.68 -24.90
CA SER L 115 -23.91 10.91 -26.30
C SER L 115 -22.69 10.61 -27.18
N MET L 116 -22.85 10.69 -28.49
CA MET L 116 -21.76 10.35 -29.39
C MET L 116 -21.70 11.37 -30.52
N GLY L 117 -20.50 11.60 -31.02
CA GLY L 117 -20.32 12.33 -32.24
C GLY L 117 -20.79 13.76 -32.15
N ASP L 118 -21.27 14.27 -33.28
CA ASP L 118 -21.62 15.69 -33.37
C ASP L 118 -23.03 15.98 -32.87
N ILE L 119 -23.85 14.97 -32.65
CA ILE L 119 -25.15 15.21 -32.01
C ILE L 119 -24.93 15.18 -30.51
N PRO L 120 -24.76 16.32 -29.86
CA PRO L 120 -24.16 16.31 -28.53
C PRO L 120 -25.14 16.10 -27.39
N GLY L 121 -26.40 16.49 -27.53
CA GLY L 121 -27.32 16.43 -26.43
C GLY L 121 -28.25 15.23 -26.44
N ILE L 122 -28.27 14.50 -27.54
CA ILE L 122 -29.15 13.35 -27.70
C ILE L 122 -28.47 12.12 -27.13
N ARG L 123 -29.23 11.29 -26.41
CA ARG L 123 -28.63 10.08 -25.86
C ARG L 123 -29.52 8.87 -26.02
N TYR L 124 -30.44 8.87 -26.98
CA TYR L 124 -31.21 7.67 -27.27
C TYR L 124 -31.44 7.61 -28.77
N LYS L 125 -31.76 6.42 -29.28
CA LYS L 125 -32.01 6.22 -30.70
C LYS L 125 -33.16 5.25 -30.91
N VAL L 126 -33.88 5.40 -32.03
CA VAL L 126 -35.07 4.63 -32.30
C VAL L 126 -34.72 3.33 -33.03
N VAL L 127 -35.32 2.22 -32.60
CA VAL L 127 -35.05 0.92 -33.21
C VAL L 127 -36.30 0.29 -33.83
N LYS L 128 -37.46 0.51 -33.24
CA LYS L 128 -38.67 -0.13 -33.73
C LYS L 128 -39.83 0.85 -33.80
N VAL L 129 -40.62 0.74 -34.87
CA VAL L 129 -41.80 1.57 -35.10
C VAL L 129 -42.98 0.64 -35.28
N ASN L 130 -44.02 0.80 -34.48
CA ASN L 130 -45.24 0.02 -34.59
C ASN L 130 -44.95 -1.49 -34.60
N ARG L 131 -44.00 -1.93 -33.78
CA ARG L 131 -43.61 -3.34 -33.69
C ARG L 131 -42.99 -3.87 -34.98
N VAL L 132 -42.43 -2.96 -35.77
CA VAL L 132 -41.77 -3.32 -37.03
C VAL L 132 -40.43 -2.62 -37.05
N SER L 133 -39.35 -3.38 -37.22
CA SER L 133 -38.01 -2.82 -37.11
C SER L 133 -37.82 -1.68 -38.09
N LEU L 134 -37.00 -0.71 -37.71
CA LEU L 134 -36.79 0.46 -38.55
C LEU L 134 -35.77 0.19 -39.64
N LYS L 135 -34.75 -0.60 -39.33
CA LYS L 135 -33.70 -0.91 -40.28
C LYS L 135 -34.27 -1.46 -41.57
N GLU L 136 -35.21 -2.39 -41.45
CA GLU L 136 -35.90 -2.91 -42.64
C GLU L 136 -36.59 -1.80 -43.40
N LEU L 137 -37.46 -1.04 -42.74
CA LEU L 137 -38.25 -0.05 -43.44
C LEU L 137 -37.37 0.89 -44.25
N VAL L 138 -36.21 1.25 -43.72
CA VAL L 138 -35.36 2.21 -44.44
C VAL L 138 -34.92 1.64 -45.78
N LYS L 139 -34.67 0.34 -45.87
CA LYS L 139 -34.16 -0.27 -47.09
C LYS L 139 -35.18 -1.19 -47.74
N GLY L 140 -36.40 -0.71 -47.93
CA GLY L 140 -37.42 -1.52 -48.56
C GLY L 140 -37.77 -2.71 -47.69
N ARG L 141 -37.91 -3.86 -48.33
CA ARG L 141 -37.76 -5.14 -47.65
C ARG L 141 -38.86 -5.44 -46.63
N LYS L 142 -39.72 -4.47 -46.31
CA LYS L 142 -40.80 -4.67 -45.36
C LYS L 142 -41.67 -3.42 -45.38
N GLU L 143 -42.96 -3.59 -45.09
CA GLU L 143 -43.93 -2.50 -45.19
C GLU L 143 -44.54 -2.17 -43.83
N LYS L 144 -44.89 -0.89 -43.66
CA LYS L 144 -45.27 -0.35 -42.36
C LYS L 144 -46.76 -0.50 -42.08
N PRO L 145 -47.12 -1.14 -40.97
CA PRO L 145 -48.53 -1.35 -40.62
C PRO L 145 -49.14 -0.08 -40.05
N ARG L 146 -50.46 -0.12 -39.88
CA ARG L 146 -51.23 0.99 -39.30
C ARG L 146 -50.94 2.28 -40.07
N ARG L 147 -51.36 2.28 -41.34
CA ARG L 147 -51.06 3.35 -42.31
C ARG L 147 -49.58 3.48 -42.62
N ALA M 2 18.87 15.11 17.53
CA ALA M 2 19.01 16.55 17.65
C ALA M 2 18.54 16.94 19.02
N ARG M 3 18.55 18.22 19.33
CA ARG M 3 18.02 18.68 20.60
C ARG M 3 16.52 18.44 20.65
N MET M 4 15.96 18.49 21.85
CA MET M 4 14.59 18.04 22.05
C MET M 4 13.59 19.02 21.45
N HIS M 5 13.79 20.31 21.69
CA HIS M 5 12.82 21.33 21.28
C HIS M 5 13.32 22.12 20.09
N ALA M 6 14.54 22.66 20.15
CA ALA M 6 15.19 23.08 18.94
C ALA M 6 15.60 21.84 18.15
N ARG M 7 16.23 22.04 17.01
CA ARG M 7 16.65 20.86 16.26
C ARG M 7 18.10 20.97 15.82
N LYS M 8 18.89 21.81 16.48
CA LYS M 8 20.32 21.83 16.24
C LYS M 8 20.95 20.53 16.69
N ARG M 9 22.03 20.14 16.02
CA ARG M 9 22.63 18.86 16.37
C ARG M 9 23.57 18.98 17.56
N GLY M 10 24.72 19.60 17.39
CA GLY M 10 25.61 19.72 18.51
C GLY M 10 26.25 18.39 18.83
N LYS M 11 27.52 18.37 19.18
CA LYS M 11 28.17 17.11 19.46
C LYS M 11 29.07 17.15 20.67
N SER M 12 29.20 18.29 21.33
CA SER M 12 30.14 18.47 22.42
C SER M 12 29.81 17.51 23.54
N GLY M 13 30.83 16.93 24.14
CA GLY M 13 30.60 15.99 25.22
C GLY M 13 31.91 15.42 25.72
N SER M 14 31.88 14.31 26.44
CA SER M 14 33.08 13.78 27.05
C SER M 14 33.32 12.37 26.54
N LYS M 15 34.56 12.14 26.12
CA LYS M 15 34.97 10.94 25.42
C LYS M 15 35.95 10.19 26.28
N ARG M 16 35.53 9.04 26.80
CA ARG M 16 36.24 8.28 27.81
C ARG M 16 37.03 7.13 27.18
N PRO M 17 38.13 6.72 27.81
CA PRO M 17 38.86 5.57 27.33
C PRO M 17 38.27 4.29 27.89
N PRO M 18 38.29 3.20 27.13
CA PRO M 18 37.80 1.92 27.66
C PRO M 18 38.79 1.34 28.65
N ARG M 19 38.30 0.98 29.83
CA ARG M 19 39.16 0.60 30.93
C ARG M 19 38.34 -0.10 32.00
N THR M 20 38.94 -1.10 32.64
CA THR M 20 38.27 -1.92 33.64
C THR M 20 38.76 -1.65 35.05
N ALA M 21 40.07 -1.63 35.27
CA ALA M 21 40.68 -1.45 36.57
C ALA M 21 41.19 -0.04 36.75
N PRO M 22 41.34 0.42 37.99
CA PRO M 22 41.89 1.76 38.22
C PRO M 22 43.30 1.88 37.66
N PRO M 23 43.80 3.10 37.47
CA PRO M 23 45.14 3.27 36.92
C PRO M 23 46.21 3.05 37.97
N ILE M 24 47.45 2.88 37.50
CA ILE M 24 48.52 2.42 38.38
C ILE M 24 49.00 3.55 39.28
N TRP M 25 48.91 4.78 38.82
CA TRP M 25 49.45 5.89 39.59
C TRP M 25 48.47 6.43 40.62
N LEU M 26 47.31 5.82 40.80
CA LEU M 26 46.41 6.21 41.87
C LEU M 26 46.91 5.67 43.20
N GLU M 27 46.50 6.34 44.27
CA GLU M 27 46.88 5.86 45.60
C GLU M 27 45.75 5.93 46.60
N TYR M 28 44.58 6.44 46.23
CA TYR M 28 43.47 6.59 47.16
C TYR M 28 42.69 5.28 47.21
N THR M 29 42.67 4.65 48.38
CA THR M 29 41.93 3.41 48.53
C THR M 29 40.44 3.74 48.68
N VAL M 30 39.61 2.69 48.62
CA VAL M 30 38.16 2.86 48.55
C VAL M 30 37.64 3.66 49.73
N GLU M 31 38.06 3.32 50.96
CA GLU M 31 37.52 4.01 52.12
C GLU M 31 38.00 5.46 52.17
N ASP M 32 39.24 5.70 51.75
CA ASP M 32 39.73 7.08 51.67
C ASP M 32 38.94 7.90 50.66
N ILE M 33 38.27 7.25 49.72
CA ILE M 33 37.44 7.96 48.75
C ILE M 33 36.01 8.11 49.25
N GLU M 34 35.50 7.13 50.00
CA GLU M 34 34.17 7.28 50.58
C GLU M 34 34.14 8.44 51.57
N ASN M 35 35.19 8.57 52.39
CA ASN M 35 35.23 9.69 53.31
C ASN M 35 35.33 11.02 52.57
N LEU M 36 36.05 11.05 51.45
CA LEU M 36 36.11 12.26 50.64
C LEU M 36 34.75 12.60 50.06
N VAL M 37 34.01 11.59 49.62
CA VAL M 37 32.71 11.83 49.01
C VAL M 37 31.75 12.39 50.04
N VAL M 38 31.79 11.85 51.25
CA VAL M 38 30.87 12.31 52.30
C VAL M 38 31.28 13.65 52.87
N LYS M 39 32.58 13.92 52.97
CA LYS M 39 33.03 15.22 53.48
C LYS M 39 32.52 16.38 52.66
N LEU M 40 32.46 16.24 51.34
CA LEU M 40 32.09 17.35 50.47
C LEU M 40 30.60 17.63 50.47
N ARG M 41 29.76 16.60 50.58
CA ARG M 41 28.32 16.82 50.59
C ARG M 41 27.89 17.70 51.74
N LYS M 42 28.60 17.64 52.87
CA LYS M 42 28.29 18.47 54.02
C LYS M 42 28.86 19.86 53.90
N GLU M 43 29.44 20.20 52.76
CA GLU M 43 29.71 21.58 52.40
C GLU M 43 28.67 22.13 51.44
N GLY M 44 27.63 21.36 51.15
CA GLY M 44 26.59 21.76 50.23
C GLY M 44 27.04 21.70 48.79
N TYR M 45 27.30 20.51 48.27
CA TYR M 45 27.72 20.33 46.90
C TYR M 45 26.77 19.38 46.18
N SER M 46 26.41 19.75 44.95
CA SER M 46 25.52 18.93 44.16
C SER M 46 26.25 17.68 43.67
N THR M 47 25.49 16.60 43.52
CA THR M 47 26.09 15.32 43.19
C THR M 47 26.83 15.33 41.86
N ALA M 48 26.60 16.33 41.02
CA ALA M 48 27.34 16.49 39.77
C ALA M 48 28.64 17.24 39.98
N MET M 49 28.65 18.17 40.93
CA MET M 49 29.79 19.01 41.24
C MET M 49 30.66 18.43 42.33
N ILE M 50 30.34 17.23 42.84
CA ILE M 50 31.28 16.49 43.65
C ILE M 50 32.33 15.83 42.78
N GLY M 51 31.90 15.24 41.67
CA GLY M 51 32.84 14.57 40.79
C GLY M 51 33.80 15.51 40.11
N THR M 52 33.32 16.68 39.70
CA THR M 52 34.22 17.69 39.13
C THR M 52 35.39 17.97 40.07
N ILE M 53 35.13 18.11 41.37
CA ILE M 53 36.19 18.50 42.28
C ILE M 53 37.15 17.36 42.52
N LEU M 54 36.64 16.15 42.72
CA LEU M 54 37.51 14.99 42.85
C LEU M 54 38.45 14.87 41.66
N ARG M 55 37.92 15.07 40.45
CA ARG M 55 38.73 14.92 39.26
C ARG M 55 39.73 16.06 39.10
N ASP M 56 39.31 17.28 39.41
CA ASP M 56 40.17 18.43 39.17
C ASP M 56 41.29 18.50 40.19
N GLN M 57 40.94 18.46 41.48
CA GLN M 57 41.89 18.76 42.54
C GLN M 57 42.53 17.52 43.16
N TYR M 58 41.76 16.48 43.45
CA TYR M 58 42.30 15.31 44.11
C TYR M 58 42.87 14.30 43.14
N GLY M 59 42.65 14.49 41.84
CA GLY M 59 43.24 13.63 40.84
C GLY M 59 42.64 12.25 40.74
N ILE M 60 41.37 12.09 41.07
CA ILE M 60 40.69 10.80 40.98
C ILE M 60 39.87 10.79 39.70
N PRO M 61 40.23 9.99 38.70
CA PRO M 61 39.31 9.78 37.58
C PRO M 61 38.07 9.10 38.11
N THR M 62 37.01 9.10 37.29
CA THR M 62 35.67 8.78 37.76
C THR M 62 35.64 7.62 38.75
N VAL M 63 34.74 7.73 39.74
CA VAL M 63 34.70 6.78 40.83
C VAL M 63 34.08 5.46 40.41
N LYS M 64 33.58 5.37 39.18
CA LYS M 64 33.05 4.11 38.66
C LYS M 64 34.15 3.23 38.12
N LEU M 65 35.24 3.10 38.86
CA LEU M 65 36.31 2.17 38.55
C LEU M 65 36.46 1.09 39.60
N PHE M 66 35.90 1.31 40.78
CA PHE M 66 35.97 0.40 41.91
C PHE M 66 34.65 -0.33 42.00
N ARG M 67 34.66 -1.53 42.55
CA ARG M 67 33.42 -2.23 42.76
C ARG M 67 32.75 -1.75 44.03
N ASP M 68 31.48 -2.12 44.21
CA ASP M 68 30.80 -1.85 45.47
C ASP M 68 31.39 -2.76 46.54
N PRO M 69 31.84 -2.20 47.67
CA PRO M 69 32.40 -3.08 48.72
C PRO M 69 31.44 -4.13 49.22
N ASP M 70 30.16 -3.82 49.35
CA ASP M 70 29.19 -4.74 49.94
C ASP M 70 28.49 -5.61 48.92
N ASN M 71 28.91 -5.60 47.66
CA ASN M 71 28.15 -6.21 46.59
C ASN M 71 29.07 -6.35 45.38
N PRO M 72 29.26 -7.56 44.86
CA PRO M 72 30.14 -7.69 43.68
C PRO M 72 29.45 -7.35 42.37
N ASN M 73 28.12 -7.20 42.35
CA ASN M 73 27.43 -6.98 41.09
C ASN M 73 27.56 -5.56 40.62
N ARG M 74 27.14 -4.61 41.45
CA ARG M 74 27.12 -3.21 41.08
C ARG M 74 28.53 -2.63 41.06
N LYS M 75 28.65 -1.44 40.49
CA LYS M 75 29.87 -0.65 40.59
C LYS M 75 29.56 0.61 41.38
N LEU M 76 30.61 1.27 41.85
CA LEU M 76 30.44 2.39 42.75
C LEU M 76 30.01 3.62 41.99
N THR M 77 28.99 4.31 42.49
CA THR M 77 28.55 5.58 41.94
C THR M 77 28.29 6.51 43.10
N ILE M 78 28.39 7.83 42.86
CA ILE M 78 28.30 8.78 43.96
C ILE M 78 26.99 8.62 44.72
N THR M 79 25.88 8.56 44.00
CA THR M 79 24.59 8.43 44.66
C THR M 79 24.48 7.14 45.47
N ARG M 80 25.22 6.10 45.12
CA ARG M 80 25.20 4.88 45.90
C ARG M 80 26.12 4.94 47.12
N ILE M 81 26.97 5.96 47.21
CA ILE M 81 27.72 6.21 48.44
C ILE M 81 26.87 7.04 49.39
N LEU M 82 26.20 8.07 48.88
CA LEU M 82 25.39 8.91 49.74
C LEU M 82 24.30 8.11 50.42
N GLU M 83 23.59 7.28 49.68
CA GLU M 83 22.54 6.50 50.32
C GLU M 83 23.08 5.49 51.30
N LYS M 84 24.39 5.26 51.32
CA LYS M 84 24.99 4.40 52.32
C LYS M 84 25.06 5.07 53.68
N HIS M 85 25.14 6.39 53.72
CA HIS M 85 25.23 7.15 54.95
C HIS M 85 23.95 7.89 55.28
N GLY M 86 22.99 7.93 54.35
CA GLY M 86 21.74 8.62 54.57
C GLY M 86 21.72 10.06 54.16
N LEU M 87 22.61 10.49 53.27
CA LEU M 87 22.69 11.88 52.85
C LEU M 87 22.04 12.15 51.50
N ALA M 88 21.62 11.10 50.80
CA ALA M 88 21.11 11.23 49.44
C ALA M 88 19.85 12.08 49.42
N PRO M 89 19.62 12.79 48.31
CA PRO M 89 18.50 13.72 48.24
C PRO M 89 17.15 13.04 48.42
N GLU M 90 16.15 13.84 48.77
CA GLU M 90 14.79 13.36 48.96
C GLU M 90 13.94 13.47 47.71
N ILE M 91 14.53 13.86 46.60
CA ILE M 91 13.84 13.95 45.32
C ILE M 91 14.93 13.97 44.25
N PRO M 92 14.77 13.26 43.15
CA PRO M 92 15.82 13.23 42.13
C PRO M 92 16.25 14.61 41.68
N GLU M 93 17.53 14.94 41.76
CA GLU M 93 17.93 16.34 41.65
C GLU M 93 17.83 16.89 40.23
N ASP M 94 17.72 16.03 39.23
CA ASP M 94 17.30 16.50 37.92
C ASP M 94 16.00 17.27 38.04
N LEU M 95 14.98 16.62 38.59
CA LEU M 95 13.68 17.20 38.81
C LEU M 95 13.77 18.46 39.67
N MET M 96 14.63 18.45 40.67
CA MET M 96 14.70 19.59 41.58
C MET M 96 15.30 20.80 40.89
N PHE M 97 16.34 20.61 40.09
CA PHE M 97 16.93 21.73 39.37
C PHE M 97 15.94 22.31 38.39
N LEU M 98 15.21 21.45 37.69
CA LEU M 98 14.22 21.95 36.74
C LEU M 98 13.10 22.71 37.44
N ILE M 99 12.64 22.20 38.59
CA ILE M 99 11.54 22.84 39.29
C ILE M 99 11.97 24.15 39.90
N LYS M 100 13.18 24.21 40.45
CA LYS M 100 13.66 25.45 41.03
C LYS M 100 13.90 26.52 39.98
N ARG M 101 14.29 26.12 38.76
CA ARG M 101 14.47 27.09 37.69
C ARG M 101 13.17 27.61 37.11
N ALA M 102 12.03 27.04 37.48
CA ALA M 102 10.74 27.47 36.96
C ALA M 102 9.93 28.16 38.03
N VAL M 103 10.58 28.65 39.07
CA VAL M 103 9.88 29.36 40.12
C VAL M 103 10.29 30.82 40.20
N ASN M 104 11.51 31.18 39.82
CA ASN M 104 11.81 32.60 39.75
C ASN M 104 11.65 33.14 38.34
N LEU M 105 11.36 32.28 37.37
CA LEU M 105 10.85 32.74 36.10
C LEU M 105 9.37 33.02 36.20
N ARG M 106 8.70 32.40 37.15
CA ARG M 106 7.28 32.59 37.31
C ARG M 106 6.94 33.80 38.16
N LYS M 107 7.92 34.40 38.82
CA LYS M 107 7.72 35.68 39.46
C LYS M 107 8.35 36.82 38.68
N HIS M 108 9.19 36.54 37.70
CA HIS M 108 9.55 37.54 36.71
C HIS M 108 8.36 37.79 35.79
N LEU M 109 7.66 36.74 35.42
CA LEU M 109 6.57 36.88 34.48
C LEU M 109 5.36 37.54 35.11
N GLU M 110 5.46 37.95 36.37
CA GLU M 110 4.34 38.57 37.03
C GLU M 110 4.44 40.09 37.01
N GLN M 111 5.63 40.64 36.82
CA GLN M 111 5.80 42.06 36.62
C GLN M 111 5.93 42.45 35.16
N HIS M 112 6.43 41.55 34.32
CA HIS M 112 6.45 41.74 32.88
C HIS M 112 5.52 40.75 32.22
N PRO M 113 4.24 41.03 32.12
CA PRO M 113 3.31 40.09 31.50
C PRO M 113 3.21 40.17 29.98
N LYS M 114 3.89 41.13 29.35
CA LYS M 114 3.96 41.23 27.91
C LYS M 114 5.23 40.63 27.34
N ASP M 115 6.10 40.11 28.20
CA ASP M 115 7.29 39.41 27.77
C ASP M 115 6.87 38.06 27.22
N LEU M 116 6.28 38.09 26.03
CA LEU M 116 5.69 36.87 25.47
C LEU M 116 6.71 35.87 24.97
N HIS M 117 7.97 36.26 24.79
CA HIS M 117 8.99 35.34 24.32
C HIS M 117 9.66 34.57 25.45
N SER M 118 9.56 35.07 26.68
CA SER M 118 10.04 34.34 27.83
C SER M 118 9.04 33.32 28.34
N MET M 119 7.75 33.61 28.24
CA MET M 119 6.73 32.68 28.70
C MET M 119 6.59 31.46 27.81
N ARG M 120 7.35 31.37 26.73
CA ARG M 120 7.40 30.12 25.99
C ARG M 120 8.46 29.19 26.57
N GLY M 121 9.56 29.73 27.06
CA GLY M 121 10.50 28.93 27.79
C GLY M 121 9.89 28.28 29.01
N LEU M 122 8.90 28.95 29.61
CA LEU M 122 8.23 28.37 30.77
C LEU M 122 7.42 27.14 30.38
N GLN M 123 6.68 27.23 29.28
CA GLN M 123 5.94 26.08 28.80
C GLN M 123 6.87 24.93 28.47
N LEU M 124 8.03 25.23 27.93
CA LEU M 124 8.98 24.17 27.58
C LEU M 124 9.60 23.52 28.82
N ILE M 125 9.90 24.32 29.85
CA ILE M 125 10.39 23.75 31.11
C ILE M 125 9.34 22.85 31.73
N GLU M 126 8.09 23.30 31.77
CA GLU M 126 7.07 22.47 32.38
C GLU M 126 6.84 21.18 31.61
N SER M 127 6.93 21.23 30.29
CA SER M 127 6.90 19.99 29.51
C SER M 127 7.97 19.03 29.96
N LYS M 128 9.18 19.52 30.19
CA LYS M 128 10.23 18.63 30.66
C LYS M 128 9.93 18.07 32.04
N ILE M 129 9.44 18.90 32.96
CA ILE M 129 9.12 18.42 34.30
C ILE M 129 8.12 17.27 34.22
N ARG M 130 7.09 17.43 33.41
CA ARG M 130 6.09 16.37 33.35
C ARG M 130 6.63 15.12 32.66
N ARG M 131 7.46 15.29 31.64
CA ARG M 131 8.11 14.14 31.01
C ARG M 131 8.90 13.33 32.04
N LEU M 132 9.50 14.00 33.01
CA LEU M 132 10.29 13.30 34.02
C LEU M 132 9.41 12.71 35.11
N VAL M 133 8.34 13.39 35.49
CA VAL M 133 7.46 12.87 36.53
C VAL M 133 6.77 11.60 36.07
N LYS M 134 6.34 11.53 34.81
CA LYS M 134 5.75 10.31 34.30
C LYS M 134 6.70 9.13 34.51
N TYR M 135 7.97 9.31 34.17
CA TYR M 135 8.95 8.23 34.28
C TYR M 135 9.21 7.87 35.74
N TYR M 136 9.39 8.88 36.59
CA TYR M 136 9.71 8.59 37.99
C TYR M 136 8.55 7.88 38.68
N LYS M 137 7.32 8.33 38.46
CA LYS M 137 6.17 7.62 38.99
C LYS M 137 6.14 6.18 38.49
N ARG M 138 6.50 5.96 37.23
CA ARG M 138 6.47 4.59 36.71
C ARG M 138 7.52 3.71 37.39
N LYS M 139 8.69 4.26 37.71
CA LYS M 139 9.74 3.47 38.32
C LYS M 139 9.67 3.46 39.84
N GLY M 140 8.63 4.01 40.44
CA GLY M 140 8.49 3.94 41.87
C GLY M 140 9.44 4.79 42.67
N LYS M 141 10.10 5.76 42.05
CA LYS M 141 10.93 6.68 42.81
C LYS M 141 10.13 7.82 43.43
N LEU M 142 8.89 8.00 42.98
CA LEU M 142 8.02 9.09 43.45
C LEU M 142 6.67 8.54 43.87
N PRO M 143 6.17 8.92 45.04
CA PRO M 143 4.85 8.44 45.46
C PRO M 143 3.74 8.98 44.58
N LYS M 144 2.73 8.13 44.34
CA LYS M 144 1.67 8.35 43.36
C LYS M 144 0.73 9.48 43.75
N ASP M 145 0.81 9.99 44.98
CA ASP M 145 0.04 11.13 45.44
C ASP M 145 0.81 12.45 45.31
N TRP M 146 1.52 12.63 44.22
CA TRP M 146 2.39 13.78 44.01
C TRP M 146 2.07 14.34 42.63
N ARG M 147 1.90 15.64 42.54
CA ARG M 147 1.62 16.32 41.29
C ARG M 147 2.35 17.66 41.26
N TYR M 148 2.76 18.07 40.07
CA TYR M 148 3.38 19.37 39.94
C TYR M 148 2.30 20.43 39.95
N ASP M 149 2.16 21.12 41.08
CA ASP M 149 1.20 22.20 41.23
C ASP M 149 1.97 23.50 41.37
N PRO M 150 1.92 24.40 40.38
CA PRO M 150 2.84 25.54 40.37
C PRO M 150 2.58 26.55 41.46
N GLU M 151 1.37 26.59 41.99
CA GLU M 151 0.99 27.65 42.93
C GLU M 151 1.70 27.49 44.27
N GLN M 152 2.30 26.34 44.52
CA GLN M 152 3.10 26.14 45.71
C GLN M 152 4.59 26.33 45.38
N ALA M 153 5.38 26.50 46.44
CA ALA M 153 6.81 26.77 46.33
C ALA M 153 7.06 28.10 45.63
N VAL N 2 -9.29 -31.94 50.82
CA VAL N 2 -9.65 -30.75 50.08
C VAL N 2 -10.53 -31.11 48.87
N ARG N 3 -11.61 -30.36 48.70
CA ARG N 3 -12.55 -30.68 47.64
C ARG N 3 -12.08 -30.12 46.31
N ASP N 4 -12.33 -30.90 45.25
CA ASP N 4 -12.09 -30.49 43.89
C ASP N 4 -13.43 -30.47 43.18
N ILE N 5 -13.50 -29.73 42.08
CA ILE N 5 -14.70 -29.65 41.28
C ILE N 5 -14.46 -30.08 39.84
N GLY N 6 -13.26 -30.54 39.51
CA GLY N 6 -12.95 -30.90 38.15
C GLY N 6 -12.10 -29.86 37.46
N LEU N 7 -11.19 -29.23 38.19
CA LEU N 7 -10.32 -28.23 37.59
C LEU N 7 -8.87 -28.40 37.98
N ARG N 8 -8.59 -29.25 38.95
CA ARG N 8 -7.24 -29.52 39.41
C ARG N 8 -6.55 -28.23 39.87
N ILE N 9 -7.20 -27.56 40.81
CA ILE N 9 -6.76 -26.29 41.35
C ILE N 9 -7.15 -26.24 42.82
N GLN N 10 -6.66 -25.15 43.56
CA GLN N 10 -6.78 -25.19 45.01
C GLN N 10 -7.91 -24.32 45.53
N PRO N 11 -8.67 -24.84 46.49
CA PRO N 11 -9.91 -24.18 46.92
C PRO N 11 -9.63 -22.93 47.73
N PRO N 12 -10.65 -22.08 47.95
CA PRO N 12 -10.44 -20.84 48.70
C PRO N 12 -10.31 -21.09 50.19
N ALA N 13 -9.76 -20.14 50.92
CA ALA N 13 -9.38 -20.38 52.32
C ALA N 13 -10.49 -19.99 53.29
N GLU N 14 -11.73 -19.88 52.83
CA GLU N 14 -12.82 -19.49 53.72
C GLU N 14 -14.04 -20.33 53.37
N LYS N 15 -15.17 -20.00 53.99
CA LYS N 15 -16.42 -20.68 53.71
C LYS N 15 -17.45 -19.61 53.33
N CYS N 16 -18.39 -19.98 52.48
CA CYS N 16 -19.35 -19.04 51.94
C CYS N 16 -20.70 -19.26 52.60
N ASP N 17 -21.68 -18.56 52.09
CA ASP N 17 -23.08 -18.66 52.51
C ASP N 17 -23.97 -19.16 51.39
N ASP N 18 -23.95 -18.49 50.24
CA ASP N 18 -25.00 -18.57 49.25
C ASP N 18 -24.97 -19.91 48.53
N PRO N 19 -26.00 -20.23 47.77
CA PRO N 19 -26.00 -21.47 46.99
C PRO N 19 -25.54 -21.33 45.55
N LYS N 20 -25.20 -20.12 45.11
CA LYS N 20 -24.68 -19.90 43.76
C LYS N 20 -23.17 -19.90 43.74
N CYS N 21 -22.53 -20.60 44.68
CA CYS N 21 -21.09 -20.72 44.74
C CYS N 21 -20.71 -22.12 44.31
N PRO N 22 -19.76 -22.31 43.40
CA PRO N 22 -19.44 -23.69 42.99
C PRO N 22 -18.71 -24.47 44.04
N TRP N 23 -17.99 -23.82 44.95
CA TRP N 23 -17.15 -24.51 45.92
C TRP N 23 -17.91 -24.96 47.14
N HIS N 24 -18.87 -24.17 47.59
CA HIS N 24 -19.59 -24.40 48.83
C HIS N 24 -21.07 -24.62 48.65
N GLY N 25 -21.59 -24.43 47.43
CA GLY N 25 -23.02 -24.46 47.23
C GLY N 25 -23.52 -25.51 46.26
N HIS N 26 -24.60 -25.18 45.55
CA HIS N 26 -25.29 -26.12 44.69
C HIS N 26 -25.23 -25.71 43.22
N LEU N 27 -24.10 -25.19 42.78
CA LEU N 27 -23.92 -24.82 41.39
C LEU N 27 -22.96 -25.79 40.72
N LYS N 28 -23.18 -26.04 39.44
CA LYS N 28 -22.35 -26.93 38.64
C LYS N 28 -21.76 -26.15 37.50
N ILE N 29 -20.47 -26.32 37.24
CA ILE N 29 -19.77 -25.61 36.17
C ILE N 29 -19.41 -26.60 35.08
N HIS N 30 -19.52 -26.18 33.83
CA HIS N 30 -19.26 -27.06 32.69
C HIS N 30 -19.17 -26.24 31.42
N GLY N 31 -18.01 -26.26 30.76
CA GLY N 31 -17.85 -25.53 29.52
C GLY N 31 -16.47 -24.98 29.24
N ARG N 32 -16.39 -23.69 28.93
CA ARG N 32 -15.13 -23.02 28.64
C ARG N 32 -14.49 -22.52 29.93
N VAL N 33 -13.19 -22.23 29.86
CA VAL N 33 -12.40 -21.82 31.01
C VAL N 33 -11.47 -20.71 30.54
N PHE N 34 -11.70 -19.50 31.00
CA PHE N 34 -11.01 -18.34 30.46
C PHE N 34 -10.10 -17.74 31.53
N GLU N 35 -9.63 -16.52 31.28
CA GLU N 35 -8.65 -15.89 32.14
C GLU N 35 -8.47 -14.44 31.72
N GLY N 36 -8.63 -13.51 32.64
CA GLY N 36 -8.56 -12.11 32.30
C GLY N 36 -8.26 -11.26 33.52
N ILE N 37 -8.57 -9.97 33.43
CA ILE N 37 -8.37 -9.04 34.53
C ILE N 37 -9.60 -8.16 34.68
N VAL N 38 -9.91 -7.84 35.92
CA VAL N 38 -11.17 -7.20 36.29
C VAL N 38 -11.12 -5.72 35.97
N VAL N 39 -12.22 -5.18 35.43
CA VAL N 39 -12.30 -3.78 35.03
C VAL N 39 -13.39 -3.02 35.76
N SER N 40 -14.26 -3.70 36.51
CA SER N 40 -15.19 -3.01 37.39
C SER N 40 -15.81 -4.03 38.33
N ASP N 41 -16.06 -3.65 39.58
CA ASP N 41 -17.05 -4.33 40.40
C ASP N 41 -17.86 -3.28 41.14
N LYS N 42 -18.77 -2.64 40.44
CA LYS N 42 -19.65 -1.65 41.06
C LYS N 42 -20.92 -2.26 41.63
N PRO N 43 -21.68 -3.07 40.89
CA PRO N 43 -22.90 -3.64 41.43
C PRO N 43 -22.62 -4.90 42.25
N ARG N 44 -23.68 -5.41 42.86
CA ARG N 44 -23.53 -6.41 43.91
C ARG N 44 -23.23 -7.79 43.33
N LYS N 45 -22.13 -8.38 43.78
CA LYS N 45 -21.73 -9.77 43.49
C LYS N 45 -21.39 -10.03 42.03
N THR N 46 -21.21 -9.00 41.21
CA THR N 46 -20.89 -9.17 39.80
C THR N 46 -19.65 -8.37 39.44
N VAL N 47 -18.82 -8.91 38.56
CA VAL N 47 -17.65 -8.20 38.07
C VAL N 47 -17.70 -8.09 36.54
N THR N 48 -16.69 -7.45 35.95
CA THR N 48 -16.53 -7.41 34.50
C THR N 48 -15.10 -7.75 34.19
N VAL N 49 -14.89 -8.78 33.37
CA VAL N 49 -13.57 -9.34 33.10
C VAL N 49 -13.23 -9.12 31.64
N GLU N 50 -11.99 -8.73 31.37
CA GLU N 50 -11.54 -8.39 30.02
C GLU N 50 -10.40 -9.30 29.62
N ARG N 51 -10.40 -9.73 28.36
CA ARG N 51 -9.26 -10.46 27.80
C ARG N 51 -9.00 -10.00 26.37
N GLN N 52 -7.76 -10.14 25.95
CA GLN N 52 -7.28 -9.62 24.68
C GLN N 52 -6.67 -10.72 23.82
N TYR N 53 -6.82 -10.57 22.52
CA TYR N 53 -6.27 -11.49 21.54
C TYR N 53 -5.96 -10.73 20.27
N TYR N 54 -5.36 -11.42 19.31
CA TYR N 54 -4.94 -10.83 18.06
C TYR N 54 -5.72 -11.41 16.90
N HIS N 55 -6.24 -10.54 16.05
CA HIS N 55 -6.90 -10.95 14.82
C HIS N 55 -5.92 -10.79 13.67
N TYR N 56 -5.89 -11.75 12.77
CA TYR N 56 -4.96 -11.75 11.66
C TYR N 56 -5.72 -11.43 10.38
N LEU N 57 -5.53 -10.24 9.85
CA LEU N 57 -6.10 -9.91 8.57
C LEU N 57 -5.39 -10.69 7.48
N LYS N 58 -6.01 -10.81 6.36
CA LYS N 58 -5.43 -11.68 5.37
C LYS N 58 -4.95 -10.94 4.13
N LYS N 59 -5.62 -9.85 3.75
CA LYS N 59 -5.20 -9.09 2.58
C LYS N 59 -3.92 -8.33 2.85
N TYR N 60 -3.85 -7.63 3.97
CA TYR N 60 -2.69 -6.85 4.34
C TYR N 60 -1.64 -7.67 5.07
N GLU N 61 -1.96 -8.89 5.46
CA GLU N 61 -1.11 -9.74 6.30
C GLU N 61 -0.39 -8.93 7.37
N ARG N 62 -1.18 -8.45 8.31
CA ARG N 62 -0.69 -7.92 9.57
C ARG N 62 -1.68 -8.34 10.65
N TYR N 63 -1.47 -7.89 11.87
CA TYR N 63 -2.31 -8.28 13.00
C TYR N 63 -3.10 -7.07 13.49
N GLU N 64 -3.84 -7.26 14.58
CA GLU N 64 -4.79 -6.26 15.05
C GLU N 64 -5.28 -6.66 16.43
N LEU N 65 -5.34 -5.71 17.34
CA LEU N 65 -5.66 -6.00 18.74
C LEU N 65 -7.16 -6.00 18.96
N ARG N 66 -7.68 -7.03 19.66
CA ARG N 66 -9.10 -7.18 19.93
C ARG N 66 -9.35 -7.49 21.40
N ARG N 67 -10.58 -7.22 21.84
CA ARG N 67 -11.01 -7.36 23.22
C ARG N 67 -12.23 -8.23 23.34
N SER N 68 -12.63 -8.49 24.58
CA SER N 68 -13.91 -9.14 24.85
C SER N 68 -14.26 -8.90 26.32
N ARG N 69 -15.36 -8.22 26.59
CA ARG N 69 -15.82 -7.98 27.95
C ARG N 69 -17.02 -8.85 28.29
N ILE N 70 -16.91 -9.60 29.37
CA ILE N 70 -18.02 -10.43 29.85
C ILE N 70 -18.28 -10.11 31.32
N HIS N 71 -19.31 -10.76 31.87
CA HIS N 71 -19.79 -10.51 33.22
C HIS N 71 -19.88 -11.82 33.97
N ALA N 72 -19.47 -11.81 35.23
CA ALA N 72 -19.33 -13.03 35.99
C ALA N 72 -19.85 -12.84 37.40
N HIS N 73 -20.43 -13.89 37.98
CA HIS N 73 -20.81 -13.91 39.38
C HIS N 73 -19.56 -13.98 40.26
N ASN N 74 -19.65 -13.34 41.41
CA ASN N 74 -18.49 -13.10 42.28
C ASN N 74 -18.83 -13.56 43.69
N PRO N 75 -18.66 -14.83 43.99
CA PRO N 75 -19.09 -15.37 45.29
C PRO N 75 -18.40 -14.68 46.44
N PRO N 76 -19.03 -14.63 47.62
CA PRO N 76 -18.51 -13.82 48.71
C PRO N 76 -17.26 -14.37 49.39
N CYS N 77 -16.72 -15.48 48.92
CA CYS N 77 -15.54 -16.02 49.58
C CYS N 77 -14.25 -15.64 48.84
N ILE N 78 -14.37 -15.11 47.63
CA ILE N 78 -13.19 -14.72 46.87
C ILE N 78 -13.35 -13.35 46.24
N ASN N 79 -14.06 -12.45 46.92
CA ASN N 79 -14.51 -11.20 46.29
C ASN N 79 -13.35 -10.43 45.68
N ALA N 80 -13.38 -10.29 44.36
CA ALA N 80 -12.28 -9.75 43.59
C ALA N 80 -12.49 -8.27 43.32
N LYS N 81 -11.42 -7.50 43.43
CA LYS N 81 -11.45 -6.06 43.22
C LYS N 81 -11.04 -5.75 41.79
N VAL N 82 -10.77 -4.50 41.51
CA VAL N 82 -10.31 -4.10 40.19
C VAL N 82 -8.81 -4.27 40.09
N GLY N 83 -8.37 -4.89 39.01
CA GLY N 83 -6.96 -5.07 38.75
C GLY N 83 -6.37 -6.34 39.33
N ASP N 84 -6.86 -7.49 38.91
CA ASP N 84 -6.30 -8.76 39.34
C ASP N 84 -6.77 -9.87 38.42
N ARG N 85 -5.92 -10.88 38.26
CA ARG N 85 -6.21 -11.98 37.36
C ARG N 85 -7.22 -12.92 38.00
N VAL N 86 -8.12 -13.45 37.18
CA VAL N 86 -9.11 -14.39 37.67
C VAL N 86 -9.30 -15.48 36.63
N LEU N 87 -9.60 -16.68 37.12
CA LEU N 87 -10.03 -17.79 36.29
C LEU N 87 -11.54 -17.88 36.38
N ILE N 88 -12.21 -17.97 35.24
CA ILE N 88 -13.67 -18.04 35.22
C ILE N 88 -14.13 -19.23 34.39
N ALA N 89 -15.28 -19.79 34.77
CA ALA N 89 -15.82 -20.98 34.14
C ALA N 89 -17.24 -20.71 33.69
N GLU N 90 -17.80 -21.63 32.92
CA GLU N 90 -19.09 -21.42 32.28
C GLU N 90 -20.15 -22.30 32.92
N THR N 91 -21.35 -21.78 33.03
CA THR N 91 -22.48 -22.55 33.54
C THR N 91 -23.78 -21.94 33.04
N ARG N 92 -24.90 -22.32 33.65
CA ARG N 92 -26.23 -21.99 33.16
C ARG N 92 -26.48 -20.49 33.29
N PRO N 93 -27.54 -19.97 32.67
CA PRO N 93 -27.84 -18.54 32.80
C PRO N 93 -28.21 -18.13 34.21
N LEU N 94 -27.44 -17.20 34.78
CA LEU N 94 -27.69 -16.67 36.11
C LEU N 94 -28.55 -15.43 36.14
N SER N 95 -28.53 -14.62 35.08
CA SER N 95 -29.33 -13.41 34.99
C SER N 95 -29.52 -13.13 33.50
N LYS N 96 -29.89 -11.90 33.16
CA LYS N 96 -29.99 -11.60 31.74
C LYS N 96 -28.65 -11.71 31.05
N THR N 97 -27.58 -11.22 31.68
CA THR N 97 -26.29 -11.18 31.01
C THR N 97 -25.13 -11.73 31.83
N LYS N 98 -25.38 -12.61 32.80
CA LYS N 98 -24.32 -13.30 33.55
C LYS N 98 -24.43 -14.78 33.25
N HIS N 99 -23.41 -15.32 32.58
CA HIS N 99 -23.38 -16.73 32.28
C HIS N 99 -22.07 -17.40 32.68
N PHE N 100 -21.20 -16.71 33.42
CA PHE N 100 -19.95 -17.27 33.90
C PHE N 100 -19.85 -17.07 35.41
N VAL N 101 -18.83 -17.65 36.02
CA VAL N 101 -18.63 -17.58 37.46
C VAL N 101 -17.14 -17.55 37.74
N VAL N 102 -16.74 -16.78 38.74
CA VAL N 102 -15.34 -16.71 39.12
C VAL N 102 -15.03 -17.86 40.05
N VAL N 103 -13.91 -18.55 39.81
CA VAL N 103 -13.55 -19.71 40.61
C VAL N 103 -12.22 -19.55 41.35
N ALA N 104 -11.31 -18.73 40.87
CA ALA N 104 -10.03 -18.62 41.56
C ALA N 104 -9.38 -17.31 41.18
N VAL N 105 -8.70 -16.70 42.13
CA VAL N 105 -8.09 -15.39 41.96
C VAL N 105 -6.58 -15.53 42.02
N LEU N 106 -5.90 -14.91 41.06
CA LEU N 106 -4.45 -14.95 40.92
C LEU N 106 -3.92 -13.53 40.85
N GLU N 107 -2.89 -13.23 41.62
CA GLU N 107 -2.24 -11.92 41.60
C GLU N 107 -3.22 -10.81 42.00
N ARG N 108 -3.51 -10.76 43.30
CA ARG N 108 -4.44 -9.77 43.84
C ARG N 108 -4.04 -8.34 43.46
N ALA N 109 -2.92 -7.86 43.99
CA ALA N 109 -2.77 -6.41 44.11
C ALA N 109 -2.21 -5.79 42.84
N GLU N 110 -1.05 -6.25 42.40
CA GLU N 110 -0.36 -5.72 41.23
C GLU N 110 -0.70 -6.52 39.96
N MET O 1 -28.49 -65.40 -37.08
CA MET O 1 -28.27 -64.93 -35.72
C MET O 1 -27.72 -66.05 -34.86
N GLU O 2 -26.59 -65.81 -34.19
CA GLU O 2 -26.01 -66.79 -33.30
C GLU O 2 -26.00 -66.27 -31.87
N ILE O 3 -26.32 -67.14 -30.92
CA ILE O 3 -26.61 -66.77 -29.54
C ILE O 3 -25.59 -67.43 -28.64
N LYS O 4 -25.20 -66.72 -27.59
CA LYS O 4 -24.27 -67.23 -26.58
C LYS O 4 -24.74 -66.78 -25.21
N ILE O 5 -25.21 -67.72 -24.41
CA ILE O 5 -25.65 -67.42 -23.05
C ILE O 5 -24.42 -67.12 -22.22
N THR O 6 -24.50 -66.08 -21.41
CA THR O 6 -23.33 -65.56 -20.72
C THR O 6 -23.37 -65.74 -19.21
N GLU O 7 -24.55 -65.86 -18.60
CA GLU O 7 -24.56 -66.09 -17.15
C GLU O 7 -25.91 -66.63 -16.71
N VAL O 8 -25.92 -67.81 -16.11
CA VAL O 8 -27.12 -68.41 -15.56
C VAL O 8 -26.98 -68.42 -14.04
N LYS O 9 -27.91 -67.73 -13.37
CA LYS O 9 -27.81 -67.45 -11.94
C LYS O 9 -29.04 -67.98 -11.24
N GLU O 10 -28.84 -68.65 -10.10
CA GLU O 10 -29.95 -69.28 -9.41
C GLU O 10 -30.52 -68.35 -8.36
N ASN O 11 -31.80 -68.57 -8.02
CA ASN O 11 -32.45 -67.74 -7.02
C ASN O 11 -33.44 -68.62 -6.28
N LYS O 12 -33.13 -68.95 -5.03
CA LYS O 12 -34.01 -69.82 -4.26
C LYS O 12 -35.05 -69.06 -3.49
N LEU O 13 -34.80 -67.79 -3.19
CA LEU O 13 -35.80 -66.98 -2.50
C LEU O 13 -36.99 -66.71 -3.40
N ILE O 14 -36.77 -65.95 -4.48
CA ILE O 14 -37.85 -65.63 -5.39
C ILE O 14 -38.25 -66.86 -6.20
N GLY O 15 -37.35 -67.82 -6.31
CA GLY O 15 -37.69 -69.08 -6.96
C GLY O 15 -37.64 -69.06 -8.47
N ARG O 16 -36.44 -68.87 -9.03
CA ARG O 16 -36.30 -68.76 -10.47
C ARG O 16 -34.82 -68.84 -10.83
N LYS O 17 -34.53 -68.61 -12.10
CA LYS O 17 -33.15 -68.52 -12.57
C LYS O 17 -33.06 -67.42 -13.60
N GLU O 18 -32.12 -66.49 -13.41
CA GLU O 18 -31.91 -65.40 -14.34
C GLU O 18 -30.88 -65.80 -15.37
N ILE O 19 -31.17 -65.48 -16.63
CA ILE O 19 -30.39 -65.90 -17.78
C ILE O 19 -29.92 -64.67 -18.51
N TYR O 20 -28.61 -64.59 -18.76
CA TYR O 20 -27.99 -63.47 -19.45
C TYR O 20 -27.37 -64.00 -20.73
N PHE O 21 -27.87 -63.55 -21.88
CA PHE O 21 -27.34 -63.98 -23.16
C PHE O 21 -26.88 -62.80 -24.01
N GLU O 22 -26.50 -63.07 -25.26
CA GLU O 22 -26.20 -62.00 -26.22
C GLU O 22 -26.17 -62.58 -27.62
N ILE O 23 -26.58 -61.78 -28.59
CA ILE O 23 -26.83 -62.21 -29.96
C ILE O 23 -25.85 -61.51 -30.90
N TYR O 24 -25.43 -62.23 -31.93
CA TYR O 24 -24.42 -61.77 -32.88
C TYR O 24 -24.98 -61.90 -34.28
N HIS O 25 -25.32 -60.79 -34.91
CA HIS O 25 -26.10 -60.80 -36.15
C HIS O 25 -25.67 -59.69 -37.09
N PRO O 26 -24.57 -59.87 -37.82
CA PRO O 26 -24.18 -58.86 -38.81
C PRO O 26 -25.02 -59.02 -40.07
N GLY O 27 -25.67 -57.95 -40.50
CA GLY O 27 -26.43 -57.94 -41.72
C GLY O 27 -27.90 -58.29 -41.60
N GLU O 28 -28.41 -58.45 -40.39
CA GLU O 28 -29.81 -58.75 -40.14
C GLU O 28 -30.40 -57.71 -39.20
N PRO O 29 -31.72 -57.60 -39.12
CA PRO O 29 -32.33 -56.71 -38.13
C PRO O 29 -32.34 -57.33 -36.74
N THR O 30 -32.72 -56.56 -35.73
CA THR O 30 -32.73 -57.07 -34.36
C THR O 30 -33.75 -58.20 -34.25
N PRO O 31 -33.38 -59.34 -33.68
CA PRO O 31 -34.31 -60.48 -33.60
C PRO O 31 -35.69 -60.14 -33.06
N SER O 32 -36.68 -60.95 -33.35
CA SER O 32 -37.99 -60.84 -32.75
C SER O 32 -37.97 -61.43 -31.36
N ARG O 33 -39.10 -61.40 -30.67
CA ARG O 33 -39.17 -62.06 -29.39
C ARG O 33 -39.54 -63.54 -29.54
N LYS O 34 -40.33 -63.85 -30.57
CA LYS O 34 -40.60 -65.25 -30.86
C LYS O 34 -39.33 -66.03 -31.16
N ASP O 35 -38.45 -65.46 -31.99
CA ASP O 35 -37.22 -66.13 -32.39
C ASP O 35 -36.30 -66.36 -31.20
N VAL O 36 -36.05 -65.30 -30.45
CA VAL O 36 -35.21 -65.40 -29.27
C VAL O 36 -35.73 -66.46 -28.33
N LYS O 37 -37.03 -66.42 -28.06
CA LYS O 37 -37.60 -67.36 -27.10
C LYS O 37 -37.48 -68.79 -27.59
N GLY O 38 -37.69 -69.03 -28.89
CA GLY O 38 -37.58 -70.37 -29.41
C GLY O 38 -36.19 -70.95 -29.26
N LYS O 39 -35.19 -70.20 -29.72
CA LYS O 39 -33.82 -70.71 -29.60
C LYS O 39 -33.42 -70.91 -28.14
N LEU O 40 -33.92 -70.04 -27.25
CA LEU O 40 -33.61 -70.21 -25.83
C LEU O 40 -34.18 -71.50 -25.30
N VAL O 41 -35.48 -71.73 -25.50
CA VAL O 41 -36.13 -72.90 -24.93
C VAL O 41 -35.65 -74.19 -25.57
N ALA O 42 -35.03 -74.11 -26.75
CA ALA O 42 -34.39 -75.30 -27.31
C ALA O 42 -33.00 -75.52 -26.72
N MET O 43 -32.23 -74.45 -26.57
CA MET O 43 -30.84 -74.57 -26.14
C MET O 43 -30.75 -74.98 -24.67
N LEU O 44 -31.52 -74.35 -23.80
CA LEU O 44 -31.47 -74.71 -22.39
C LEU O 44 -32.54 -75.72 -21.99
N ASP O 45 -33.43 -76.10 -22.90
CA ASP O 45 -34.48 -77.07 -22.64
C ASP O 45 -35.34 -76.64 -21.44
N LEU O 46 -36.14 -75.61 -21.68
CA LEU O 46 -37.02 -75.04 -20.67
C LEU O 46 -38.46 -75.30 -21.05
N ASN O 47 -39.36 -74.98 -20.14
CA ASN O 47 -40.78 -74.93 -20.45
C ASN O 47 -41.08 -73.61 -21.17
N PRO O 48 -41.67 -73.64 -22.36
CA PRO O 48 -41.78 -72.42 -23.16
C PRO O 48 -42.89 -71.48 -22.75
N GLU O 49 -43.55 -71.68 -21.63
CA GLU O 49 -44.65 -70.80 -21.25
C GLU O 49 -44.44 -70.12 -19.90
N THR O 50 -43.42 -70.52 -19.15
CA THR O 50 -43.07 -69.80 -17.93
C THR O 50 -41.82 -68.95 -18.09
N THR O 51 -41.34 -68.73 -19.32
CA THR O 51 -40.20 -67.84 -19.52
C THR O 51 -40.69 -66.49 -20.03
N VAL O 52 -40.08 -65.42 -19.52
CA VAL O 52 -40.36 -64.08 -19.99
C VAL O 52 -39.05 -63.46 -20.45
N ILE O 53 -39.11 -62.67 -21.50
CA ILE O 53 -37.97 -61.94 -22.02
C ILE O 53 -38.09 -60.52 -21.48
N GLN O 54 -37.31 -60.21 -20.46
CA GLN O 54 -37.40 -58.90 -19.86
C GLN O 54 -36.99 -57.81 -20.85
N TYR O 55 -35.88 -57.98 -21.55
CA TYR O 55 -35.56 -57.00 -22.61
C TYR O 55 -34.54 -57.60 -23.56
N ILE O 56 -34.45 -56.99 -24.74
CA ILE O 56 -33.29 -57.14 -25.62
C ILE O 56 -33.05 -55.77 -26.23
N ARG O 57 -31.79 -55.41 -26.45
CA ARG O 57 -31.53 -54.11 -27.02
C ARG O 57 -30.22 -54.11 -27.79
N SER O 58 -30.15 -53.24 -28.78
CA SER O 58 -29.04 -53.15 -29.70
C SER O 58 -28.42 -51.75 -29.66
N TYR O 59 -27.10 -51.71 -29.76
CA TYR O 59 -26.31 -50.52 -29.47
C TYR O 59 -25.97 -49.77 -30.74
N PHE O 60 -25.13 -48.76 -30.60
CA PHE O 60 -24.74 -47.93 -31.73
C PHE O 60 -23.67 -48.64 -32.54
N GLY O 61 -23.97 -48.90 -33.81
CA GLY O 61 -23.02 -49.43 -34.76
C GLY O 61 -22.16 -50.56 -34.25
N SER O 62 -22.77 -51.66 -33.83
CA SER O 62 -22.00 -52.77 -33.30
C SER O 62 -22.51 -54.15 -33.68
N TYR O 63 -23.54 -54.28 -34.49
CA TYR O 63 -24.06 -55.58 -34.95
C TYR O 63 -23.97 -56.65 -33.86
N LYS O 64 -24.63 -56.37 -32.73
CA LYS O 64 -24.58 -57.23 -31.55
C LYS O 64 -25.62 -56.74 -30.56
N SER O 65 -26.34 -57.67 -29.95
CA SER O 65 -27.45 -57.35 -29.07
C SER O 65 -27.23 -57.98 -27.71
N LYS O 66 -27.82 -57.37 -26.69
CA LYS O 66 -27.77 -57.87 -25.33
C LYS O 66 -29.19 -58.03 -24.81
N GLY O 67 -29.49 -59.17 -24.20
CA GLY O 67 -30.81 -59.44 -23.69
C GLY O 67 -30.77 -59.93 -22.25
N TYR O 68 -31.97 -60.06 -21.67
CA TYR O 68 -32.13 -60.51 -20.30
C TYR O 68 -33.51 -61.14 -20.16
N ALA O 69 -33.55 -62.39 -19.69
CA ALA O 69 -34.77 -63.18 -19.57
C ALA O 69 -34.73 -64.02 -18.30
N LYS O 70 -35.91 -64.37 -17.80
CA LYS O 70 -36.08 -65.06 -16.53
C LYS O 70 -37.05 -66.21 -16.69
N TYR O 71 -36.86 -67.26 -15.90
CA TYR O 71 -37.62 -68.50 -16.06
C TYR O 71 -38.04 -69.06 -14.70
N TYR O 72 -39.35 -69.20 -14.49
CA TYR O 72 -39.92 -69.56 -13.20
C TYR O 72 -40.27 -71.04 -13.15
N TYR O 73 -40.04 -71.66 -12.00
CA TYR O 73 -40.34 -73.08 -11.86
C TYR O 73 -41.84 -73.34 -11.79
N ASP O 74 -42.55 -72.61 -10.94
CA ASP O 74 -44.00 -72.76 -10.87
C ASP O 74 -44.69 -71.68 -11.67
N LYS O 75 -45.88 -72.00 -12.18
CA LYS O 75 -46.55 -71.08 -13.10
C LYS O 75 -47.27 -69.96 -12.37
N ASP O 76 -47.96 -70.26 -11.27
CA ASP O 76 -48.78 -69.23 -10.65
C ASP O 76 -47.96 -68.30 -9.76
N ARG O 77 -46.75 -68.70 -9.39
CA ARG O 77 -45.81 -67.77 -8.77
C ARG O 77 -45.36 -66.72 -9.77
N MET O 78 -45.18 -67.13 -11.03
CA MET O 78 -44.88 -66.17 -12.07
C MET O 78 -46.00 -65.16 -12.21
N LEU O 79 -47.21 -65.58 -11.91
CA LEU O 79 -48.37 -64.71 -12.01
C LEU O 79 -48.61 -63.93 -10.74
N TYR O 80 -47.70 -63.99 -9.78
CA TYR O 80 -47.80 -63.25 -8.53
C TYR O 80 -46.76 -62.15 -8.40
N ILE O 81 -45.49 -62.45 -8.67
CA ILE O 81 -44.45 -61.45 -8.51
C ILE O 81 -44.11 -60.70 -9.79
N GLU O 82 -44.48 -61.22 -10.95
CA GLU O 82 -44.14 -60.52 -12.17
C GLU O 82 -45.14 -59.39 -12.40
N PRO O 83 -44.67 -58.26 -12.91
CA PRO O 83 -45.60 -57.16 -13.19
C PRO O 83 -46.63 -57.53 -14.24
N GLU O 84 -47.56 -56.63 -14.52
CA GLU O 84 -48.60 -56.96 -15.47
C GLU O 84 -48.20 -56.67 -16.90
N TYR O 85 -47.50 -55.55 -17.11
CA TYR O 85 -47.23 -55.12 -18.47
C TYR O 85 -46.25 -56.03 -19.17
N ILE O 86 -45.55 -56.89 -18.44
CA ILE O 86 -44.54 -57.70 -19.10
C ILE O 86 -45.15 -58.98 -19.66
N LEU O 87 -46.17 -59.52 -19.01
CA LEU O 87 -46.81 -60.72 -19.52
C LEU O 87 -47.67 -60.39 -20.73
N ILE O 88 -48.00 -59.11 -20.93
CA ILE O 88 -48.74 -58.73 -22.12
C ILE O 88 -47.79 -58.53 -23.30
N ARG O 89 -46.59 -58.01 -23.05
CA ARG O 89 -45.60 -57.93 -24.12
C ARG O 89 -45.09 -59.30 -24.53
N ASP O 90 -44.92 -60.21 -23.58
CA ASP O 90 -44.47 -61.54 -23.93
C ASP O 90 -45.62 -62.53 -24.09
N GLY O 91 -46.81 -62.08 -24.46
CA GLY O 91 -47.89 -62.96 -24.85
C GLY O 91 -48.30 -64.03 -23.85
N ILE O 92 -47.82 -63.98 -22.61
CA ILE O 92 -48.15 -65.00 -21.62
C ILE O 92 -49.63 -64.95 -21.30
N ILE O 93 -50.13 -63.76 -20.98
CA ILE O 93 -51.56 -63.55 -20.80
C ILE O 93 -52.01 -62.62 -21.92
N GLU O 94 -53.28 -62.25 -21.94
CA GLU O 94 -53.74 -61.20 -22.85
C GLU O 94 -54.59 -60.18 -22.11
N ALA P 2 44.26 4.09 9.44
CA ALA P 2 44.07 2.91 10.26
C ALA P 2 43.49 3.26 11.62
N LEU P 3 42.53 2.46 12.05
CA LEU P 3 41.80 2.65 13.30
C LEU P 3 41.35 4.10 13.40
N PRO P 4 40.37 4.49 12.59
CA PRO P 4 39.89 5.89 12.64
C PRO P 4 39.45 6.29 14.03
N ARG P 5 39.52 7.59 14.29
CA ARG P 5 39.02 8.12 15.56
C ARG P 5 37.54 7.84 15.76
N ASN P 6 36.78 7.72 14.67
CA ASN P 6 35.34 7.52 14.76
C ASN P 6 34.99 6.22 15.47
N VAL P 7 35.95 5.30 15.59
CA VAL P 7 35.76 4.06 16.32
C VAL P 7 36.80 4.02 17.45
N ILE P 8 36.33 3.71 18.65
CA ILE P 8 37.12 3.85 19.87
C ILE P 8 37.63 5.28 19.98
N PRO P 9 36.84 6.25 20.40
CA PRO P 9 37.36 7.61 20.62
C PRO P 9 38.28 7.66 21.84
N MET P 10 39.21 8.62 21.80
CA MET P 10 40.20 8.79 22.85
C MET P 10 40.37 10.26 23.20
N PRO P 11 40.56 10.59 24.48
CA PRO P 11 40.63 11.99 24.87
C PRO P 11 41.86 12.69 24.35
N ARG P 12 41.94 13.98 24.64
CA ARG P 12 43.05 14.83 24.26
C ARG P 12 43.65 15.55 25.46
N SER P 13 43.18 15.26 26.66
CA SER P 13 43.55 15.97 27.87
C SER P 13 44.19 15.00 28.86
N ARG P 14 45.11 15.50 29.68
CA ARG P 14 45.98 14.67 30.46
C ARG P 14 45.79 14.90 31.95
N PHE P 15 46.38 14.02 32.74
CA PHE P 15 46.59 14.21 34.18
C PHE P 15 48.05 14.51 34.44
N LEU P 16 48.30 15.61 35.13
CA LEU P 16 49.66 16.08 35.39
C LEU P 16 50.07 15.76 36.82
N ARG P 17 51.35 15.92 37.09
CA ARG P 17 51.95 15.72 38.41
C ARG P 17 52.65 16.98 38.87
N VAL P 18 51.89 18.08 38.87
CA VAL P 18 52.45 19.38 39.20
C VAL P 18 53.07 19.36 40.60
N LYS P 19 53.87 20.38 40.88
CA LYS P 19 54.60 20.50 42.14
C LYS P 19 54.57 21.95 42.60
N CYS P 20 54.14 22.18 43.84
CA CYS P 20 53.84 23.53 44.29
C CYS P 20 55.11 24.38 44.35
N ILE P 21 54.92 25.68 44.61
CA ILE P 21 56.03 26.62 44.67
C ILE P 21 56.34 27.02 46.09
N ASP P 22 55.38 27.66 46.76
CA ASP P 22 55.57 28.11 48.13
C ASP P 22 55.13 27.06 49.15
N CYS P 23 55.00 25.81 48.73
CA CYS P 23 54.64 24.71 49.62
C CYS P 23 55.48 23.46 49.43
N GLY P 24 56.11 23.27 48.28
CA GLY P 24 56.84 22.06 47.99
C GLY P 24 55.99 20.83 47.78
N ASN P 25 54.69 20.91 48.01
CA ASN P 25 53.83 19.73 47.93
C ASN P 25 53.71 19.24 46.49
N GLU P 26 53.49 17.94 46.34
CA GLU P 26 53.32 17.31 45.03
C GLU P 26 51.90 16.80 44.88
N GLN P 27 51.30 17.01 43.71
CA GLN P 27 49.90 16.68 43.51
C GLN P 27 49.59 16.12 42.13
N ILE P 28 48.33 15.77 41.90
CA ILE P 28 47.82 15.45 40.57
C ILE P 28 46.64 16.35 40.29
N VAL P 29 46.55 16.85 39.07
CA VAL P 29 45.51 17.78 38.68
C VAL P 29 45.03 17.39 37.29
N PHE P 30 44.06 18.15 36.77
CA PHE P 30 43.52 17.96 35.43
C PHE P 30 44.01 19.09 34.55
N SER P 31 44.08 18.83 33.25
CA SER P 31 44.58 19.83 32.31
C SER P 31 43.50 20.80 31.84
N HIS P 32 42.24 20.37 31.72
CA HIS P 32 41.14 21.24 31.31
C HIS P 32 40.16 21.42 32.46
N PRO P 33 40.59 22.02 33.58
CA PRO P 33 39.75 22.01 34.77
C PRO P 33 38.51 22.86 34.58
N ALA P 34 37.53 22.66 35.46
CA ALA P 34 36.32 23.47 35.47
C ALA P 34 36.19 24.29 36.74
N THR P 35 37.18 24.21 37.63
CA THR P 35 37.18 24.96 38.88
C THR P 35 38.55 25.58 39.06
N ARG P 36 38.81 26.10 40.24
CA ARG P 36 40.05 26.80 40.56
C ARG P 36 40.87 25.90 41.47
N VAL P 37 41.85 25.22 40.89
CA VAL P 37 42.62 24.22 41.63
C VAL P 37 43.62 24.90 42.54
N ARG P 38 43.40 24.81 43.85
CA ARG P 38 44.28 25.40 44.82
C ARG P 38 44.94 24.28 45.62
N CYS P 39 46.07 24.61 46.24
CA CYS P 39 46.89 23.61 46.91
C CYS P 39 46.13 22.98 48.07
N ASN P 40 46.54 21.76 48.44
CA ASN P 40 45.82 21.03 49.47
C ASN P 40 46.41 21.21 50.86
N VAL P 41 47.41 22.06 51.03
CA VAL P 41 47.81 22.45 52.38
C VAL P 41 47.79 23.96 52.51
N CYS P 42 48.34 24.68 51.54
CA CYS P 42 48.64 26.10 51.75
C CYS P 42 47.55 27.02 51.20
N GLY P 43 47.02 26.71 50.01
CA GLY P 43 45.91 27.46 49.47
C GLY P 43 46.22 28.26 48.22
N ALA P 44 47.48 28.35 47.80
CA ALA P 44 47.78 29.06 46.56
C ALA P 44 47.26 28.27 45.37
N THR P 45 46.83 28.98 44.33
CA THR P 45 46.23 28.30 43.18
C THR P 45 47.30 27.53 42.40
N LEU P 46 46.85 26.52 41.67
CA LEU P 46 47.74 25.73 40.83
C LEU P 46 47.39 25.86 39.35
N VAL P 47 46.10 25.83 39.03
CA VAL P 47 45.63 25.97 37.66
C VAL P 47 44.55 27.05 37.65
N GLU P 48 44.15 27.48 36.45
CA GLU P 48 43.05 28.42 36.32
C GLU P 48 42.13 28.00 35.19
N PRO P 49 40.82 28.23 35.30
CA PRO P 49 39.90 27.82 34.23
C PRO P 49 39.75 28.90 33.17
N THR P 50 40.03 28.55 31.92
CA THR P 50 39.91 29.49 30.79
C THR P 50 39.45 28.73 29.55
N GLY P 51 38.14 28.70 29.32
CA GLY P 51 37.66 28.27 28.02
C GLY P 51 37.95 26.82 27.67
N GLY P 52 39.01 26.58 26.94
CA GLY P 52 39.48 25.24 26.71
C GLY P 52 40.44 24.66 27.72
N LYS P 53 41.70 25.10 27.74
CA LYS P 53 42.74 24.43 28.51
C LYS P 53 43.27 25.37 29.57
N GLY P 54 43.48 24.86 30.77
CA GLY P 54 43.93 25.69 31.86
C GLY P 54 45.32 26.22 31.63
N ILE P 55 45.68 27.22 32.42
CA ILE P 55 46.98 27.87 32.33
C ILE P 55 47.67 27.71 33.67
N ILE P 56 48.49 26.67 33.80
CA ILE P 56 48.98 26.20 35.08
C ILE P 56 49.99 27.19 35.64
N ARG P 57 50.25 27.09 36.93
CA ARG P 57 51.11 28.05 37.62
C ARG P 57 52.06 27.38 38.60
N ALA P 58 52.73 26.31 38.19
CA ALA P 58 53.63 25.60 39.08
C ALA P 58 54.63 24.82 38.22
N LYS P 59 55.34 23.88 38.82
CA LYS P 59 56.34 23.09 38.12
C LYS P 59 55.82 21.69 37.83
N ILE P 60 56.03 21.23 36.60
CA ILE P 60 55.50 19.93 36.16
C ILE P 60 56.61 18.90 36.29
N LEU P 61 56.25 17.71 36.75
CA LEU P 61 57.21 16.61 36.83
C LEU P 61 56.94 15.50 35.83
N GLU P 62 55.68 15.30 35.44
CA GLU P 62 55.36 14.18 34.57
C GLU P 62 54.09 14.54 33.80
N VAL P 63 53.67 13.63 32.93
CA VAL P 63 52.44 13.82 32.15
C VAL P 63 51.51 12.64 32.40
N LEU P 64 52.03 11.62 33.09
CA LEU P 64 51.22 10.49 33.52
C LEU P 64 50.51 9.81 32.35
N MET Q 1 -10.99 30.82 2.66
CA MET Q 1 -12.08 30.47 1.77
C MET Q 1 -11.73 29.17 1.08
N LYS Q 2 -10.56 28.63 1.37
CA LYS Q 2 -10.12 27.36 0.79
C LYS Q 2 -10.01 27.48 -0.73
N ARG Q 3 -9.03 28.26 -1.15
CA ARG Q 3 -8.80 28.46 -2.57
C ARG Q 3 -7.58 27.69 -3.06
N ARG Q 4 -7.49 27.56 -4.38
CA ARG Q 4 -6.57 26.63 -5.02
C ARG Q 4 -5.71 27.38 -6.03
N PRO Q 5 -4.38 27.31 -5.94
CA PRO Q 5 -3.53 28.22 -6.69
C PRO Q 5 -3.53 27.99 -8.19
N ARG Q 6 -4.34 27.09 -8.69
CA ARG Q 6 -4.46 26.86 -10.12
C ARG Q 6 -5.23 27.97 -10.80
N LYS Q 7 -5.97 28.77 -10.05
CA LYS Q 7 -6.89 29.75 -10.59
C LYS Q 7 -6.31 31.14 -10.62
N TRP Q 8 -5.16 31.36 -10.01
CA TRP Q 8 -4.45 32.61 -10.14
C TRP Q 8 -3.65 32.68 -11.43
N LYS Q 9 -3.92 31.80 -12.40
CA LYS Q 9 -3.04 31.65 -13.55
C LYS Q 9 -3.45 32.44 -14.78
N LYS Q 10 -4.65 33.00 -14.83
CA LYS Q 10 -4.94 34.16 -15.67
C LYS Q 10 -4.97 33.88 -17.17
N LYS Q 11 -4.73 32.66 -17.62
CA LYS Q 11 -4.61 32.43 -19.05
C LYS Q 11 -5.91 32.71 -19.79
N GLY Q 12 -6.94 31.93 -19.54
CA GLY Q 12 -8.19 32.15 -20.21
C GLY Q 12 -9.30 32.49 -19.25
N ARG Q 13 -9.13 33.53 -18.44
CA ARG Q 13 -10.11 33.91 -17.44
C ARG Q 13 -9.91 35.37 -17.04
N MET Q 14 -10.62 35.80 -16.01
CA MET Q 14 -10.42 37.08 -15.35
C MET Q 14 -9.72 36.86 -14.02
N ARG Q 15 -9.40 37.95 -13.34
CA ARG Q 15 -8.59 37.85 -12.12
C ARG Q 15 -9.42 37.26 -10.99
N TRP Q 16 -8.75 36.53 -10.10
CA TRP Q 16 -9.46 35.80 -9.05
C TRP Q 16 -9.70 36.67 -7.83
N LYS Q 17 -8.79 37.59 -7.55
CA LYS Q 17 -9.03 38.58 -6.51
C LYS Q 17 -10.33 39.33 -6.74
N TRP Q 18 -10.79 39.38 -7.98
CA TRP Q 18 -12.03 40.06 -8.34
C TRP Q 18 -13.21 39.12 -8.53
N ILE Q 19 -12.99 37.81 -8.63
CA ILE Q 19 -14.09 36.85 -8.58
C ILE Q 19 -14.49 36.61 -7.13
N LYS Q 20 -13.51 36.57 -6.23
CA LYS Q 20 -13.81 36.47 -4.81
C LYS Q 20 -14.74 37.59 -4.37
N LYS Q 21 -14.40 38.82 -4.71
CA LYS Q 21 -15.17 39.98 -4.29
C LYS Q 21 -16.58 39.96 -4.82
N ARG Q 22 -16.84 39.21 -5.88
CA ARG Q 22 -18.16 39.13 -6.48
C ARG Q 22 -18.97 37.96 -5.97
N ILE Q 23 -18.31 36.86 -5.59
CA ILE Q 23 -18.99 35.79 -4.88
C ILE Q 23 -19.42 36.26 -3.50
N ARG Q 24 -18.63 37.11 -2.86
CA ARG Q 24 -18.98 37.56 -1.52
C ARG Q 24 -20.24 38.40 -1.53
N ARG Q 25 -20.44 39.21 -2.57
CA ARG Q 25 -21.64 40.04 -2.65
C ARG Q 25 -22.91 39.22 -2.81
N LEU Q 26 -22.85 38.07 -3.48
CA LEU Q 26 -24.02 37.21 -3.58
C LEU Q 26 -24.26 36.41 -2.32
N LYS Q 27 -23.20 35.91 -1.70
CA LYS Q 27 -23.37 35.27 -0.42
C LYS Q 27 -23.95 36.21 0.61
N ARG Q 28 -23.82 37.53 0.41
CA ARG Q 28 -24.54 38.49 1.25
C ARG Q 28 -26.01 38.61 0.90
N GLN Q 29 -26.35 38.81 -0.37
CA GLN Q 29 -27.74 38.98 -0.77
C GLN Q 29 -28.58 37.77 -0.44
N ARG Q 30 -28.04 36.57 -0.53
CA ARG Q 30 -28.83 35.42 -0.13
C ARG Q 30 -29.04 35.39 1.36
N LYS Q 31 -28.23 36.12 2.12
CA LYS Q 31 -28.33 36.12 3.58
C LYS Q 31 -29.35 37.13 4.07
N LYS Q 32 -29.22 38.38 3.64
CA LYS Q 32 -30.17 39.39 4.09
C LYS Q 32 -31.54 39.16 3.50
N GLU Q 33 -31.61 39.03 2.18
CA GLU Q 33 -32.92 38.93 1.54
C GLU Q 33 -33.57 37.61 1.89
N ARG Q 34 -34.01 37.51 3.15
CA ARG Q 34 -34.68 36.33 3.66
C ARG Q 34 -33.81 35.09 3.48
N GLY Q 35 -32.68 35.09 4.18
CA GLY Q 35 -31.86 33.90 4.28
C GLY Q 35 -32.04 33.24 5.63
N LEU Q 36 -33.28 33.23 6.09
CA LEU Q 36 -33.59 32.92 7.47
C LEU Q 36 -34.53 31.73 7.60
N VAL S 13 -33.85 35.09 -71.00
CA VAL S 13 -34.19 36.29 -70.25
C VAL S 13 -33.11 36.55 -69.20
N ILE S 14 -33.22 35.88 -68.05
CA ILE S 14 -32.37 36.15 -66.90
C ILE S 14 -32.48 34.97 -65.93
N ARG S 15 -31.50 34.85 -65.02
CA ARG S 15 -31.51 33.82 -63.98
C ARG S 15 -31.58 34.47 -62.60
N VAL S 16 -32.75 34.43 -61.98
CA VAL S 16 -32.96 34.97 -60.65
C VAL S 16 -33.69 33.92 -59.82
N PRO S 17 -33.45 33.83 -58.51
CA PRO S 17 -34.28 32.98 -57.66
C PRO S 17 -35.63 33.60 -57.35
N LEU S 18 -36.61 33.39 -58.21
CA LEU S 18 -37.98 33.86 -58.01
C LEU S 18 -38.59 33.11 -56.83
N PRO S 19 -39.88 33.30 -56.52
CA PRO S 19 -40.54 32.28 -55.69
C PRO S 19 -40.75 31.00 -56.50
N GLU S 20 -39.89 30.01 -56.32
CA GLU S 20 -40.01 28.74 -57.03
C GLU S 20 -39.99 27.61 -56.01
N GLY S 21 -41.07 26.84 -55.97
CA GLY S 21 -41.16 25.75 -55.02
C GLY S 21 -41.95 26.15 -53.79
N ASN S 22 -41.25 26.46 -52.71
CA ASN S 22 -41.92 26.90 -51.48
C ASN S 22 -41.15 28.03 -50.82
N GLN S 23 -40.60 28.93 -51.63
CA GLN S 23 -39.79 30.01 -51.09
C GLN S 23 -40.65 31.05 -50.39
N LEU S 24 -39.98 31.97 -49.70
CA LEU S 24 -40.55 33.17 -49.14
C LEU S 24 -39.64 34.35 -49.47
N PHE S 25 -40.12 35.55 -49.19
CA PHE S 25 -39.35 36.78 -49.33
C PHE S 25 -39.12 37.36 -47.95
N GLY S 26 -37.91 37.81 -47.68
CA GLY S 26 -37.57 38.25 -46.35
C GLY S 26 -36.96 39.63 -46.27
N VAL S 27 -37.62 40.51 -45.51
CA VAL S 27 -37.14 41.85 -45.21
C VAL S 27 -37.25 42.02 -43.69
N VAL S 28 -36.12 42.10 -43.02
CA VAL S 28 -36.13 42.06 -41.57
C VAL S 28 -36.46 43.43 -41.01
N GLU S 29 -36.92 43.45 -39.77
CA GLU S 29 -37.11 44.67 -39.00
C GLU S 29 -35.91 45.01 -38.12
N GLN S 30 -35.34 44.00 -37.47
CA GLN S 30 -34.21 44.15 -36.56
C GLN S 30 -33.71 42.76 -36.22
N ALA S 31 -32.38 42.59 -36.22
CA ALA S 31 -31.76 41.31 -35.94
C ALA S 31 -31.55 41.20 -34.43
N LEU S 32 -32.21 40.23 -33.81
CA LEU S 32 -31.93 39.94 -32.41
C LEU S 32 -30.52 39.37 -32.25
N GLY S 33 -30.01 38.71 -33.28
CA GLY S 33 -28.63 38.25 -33.27
C GLY S 33 -28.47 36.75 -33.19
N ALA S 34 -27.23 36.28 -33.18
CA ALA S 34 -26.88 34.88 -32.97
C ALA S 34 -27.43 33.97 -34.08
N GLY S 35 -27.65 34.53 -35.27
CA GLY S 35 -28.19 33.80 -36.40
C GLY S 35 -29.65 34.10 -36.68
N TRP S 36 -30.46 34.23 -35.65
CA TRP S 36 -31.90 34.46 -35.81
C TRP S 36 -32.14 35.80 -36.49
N MET S 37 -32.85 35.77 -37.61
CA MET S 37 -33.19 36.98 -38.36
C MET S 37 -34.69 37.23 -38.23
N ASP S 38 -35.07 38.43 -37.81
CA ASP S 38 -36.49 38.74 -37.57
C ASP S 38 -37.08 39.52 -38.75
N VAL S 39 -37.95 38.85 -39.52
CA VAL S 39 -38.45 39.39 -40.78
C VAL S 39 -39.91 39.82 -40.64
N ARG S 40 -40.24 40.93 -41.31
CA ARG S 40 -41.61 41.42 -41.44
C ARG S 40 -42.07 41.00 -42.83
N CYS S 41 -42.56 39.77 -42.93
CA CYS S 41 -43.07 39.26 -44.19
C CYS S 41 -44.49 39.77 -44.42
N GLU S 42 -44.95 39.63 -45.64
CA GLU S 42 -46.38 39.87 -45.78
C GLU S 42 -47.20 38.59 -45.70
N ASP S 43 -46.64 37.52 -45.12
CA ASP S 43 -47.39 36.30 -44.87
C ASP S 43 -48.36 36.46 -43.72
N GLY S 44 -48.05 37.34 -42.78
CA GLY S 44 -48.98 37.63 -41.71
C GLY S 44 -48.36 37.53 -40.33
N LYS S 45 -47.33 36.70 -40.22
CA LYS S 45 -46.71 36.41 -38.94
C LYS S 45 -45.36 37.08 -38.82
N ILE S 46 -44.84 37.11 -37.58
CA ILE S 46 -43.44 37.42 -37.31
C ILE S 46 -42.62 36.15 -37.50
N ARG S 47 -41.62 36.21 -38.39
CA ARG S 47 -40.84 35.03 -38.73
C ARG S 47 -39.37 35.21 -38.36
N ARG S 48 -38.72 34.09 -38.05
CA ARG S 48 -37.35 34.06 -37.54
C ARG S 48 -36.54 33.02 -38.32
N CYS S 49 -35.46 33.47 -38.94
CA CYS S 49 -34.70 32.66 -39.90
C CYS S 49 -33.31 32.29 -39.37
N ARG S 50 -32.72 31.27 -39.99
CA ARG S 50 -31.37 30.81 -39.68
C ARG S 50 -30.61 30.56 -40.99
N ILE S 51 -29.28 30.42 -40.88
CA ILE S 51 -28.41 30.42 -42.05
C ILE S 51 -27.75 29.06 -42.29
N PRO S 52 -27.77 28.53 -43.53
CA PRO S 52 -27.00 27.31 -43.84
C PRO S 52 -25.50 27.52 -43.93
N GLY S 53 -24.75 26.44 -44.16
CA GLY S 53 -23.32 26.42 -43.93
C GLY S 53 -22.43 26.90 -45.07
N LYS S 54 -23.01 27.67 -45.98
CA LYS S 54 -22.28 28.05 -47.19
C LYS S 54 -22.18 29.57 -47.34
N LEU S 55 -23.10 30.32 -46.74
CA LEU S 55 -23.22 31.75 -47.01
C LEU S 55 -22.79 32.63 -45.84
N ARG S 56 -22.19 32.06 -44.80
CA ARG S 56 -21.67 32.85 -43.69
C ARG S 56 -20.26 33.34 -43.97
N ARG S 57 -19.87 33.40 -45.26
CA ARG S 57 -18.51 33.80 -45.64
C ARG S 57 -18.47 35.03 -46.55
N ARG S 58 -19.19 35.00 -47.67
CA ARG S 58 -18.94 35.96 -48.75
C ARG S 58 -19.85 37.19 -48.71
N VAL S 59 -20.91 37.19 -47.91
CA VAL S 59 -21.98 38.18 -48.06
C VAL S 59 -22.24 38.96 -46.78
N TRP S 60 -23.32 39.76 -46.77
CA TRP S 60 -23.57 40.70 -45.68
C TRP S 60 -25.06 41.03 -45.67
N ILE S 61 -25.73 40.71 -44.57
CA ILE S 61 -27.18 40.90 -44.42
C ILE S 61 -27.47 41.90 -43.32
N ARG S 62 -28.23 42.96 -43.66
CA ARG S 62 -28.53 44.05 -42.72
C ARG S 62 -29.99 44.45 -42.89
N VAL S 63 -30.50 45.26 -41.96
CA VAL S 63 -31.88 45.74 -42.03
C VAL S 63 -31.99 46.88 -43.03
N GLY S 64 -33.09 46.89 -43.78
CA GLY S 64 -33.17 47.64 -45.02
C GLY S 64 -32.83 46.84 -46.26
N ASP S 65 -32.49 45.55 -46.10
CA ASP S 65 -32.13 44.67 -47.22
C ASP S 65 -33.26 43.68 -47.48
N LEU S 66 -33.58 43.49 -48.76
CA LEU S 66 -34.52 42.46 -49.17
C LEU S 66 -33.75 41.23 -49.64
N VAL S 67 -34.20 40.06 -49.23
CA VAL S 67 -33.61 38.80 -49.67
C VAL S 67 -34.75 37.84 -49.97
N ILE S 68 -34.38 36.68 -50.50
CA ILE S 68 -35.29 35.55 -50.58
C ILE S 68 -34.88 34.57 -49.50
N VAL S 69 -35.87 33.99 -48.82
CA VAL S 69 -35.64 33.01 -47.79
C VAL S 69 -36.41 31.74 -48.17
N GLN S 70 -36.21 30.68 -47.39
CA GLN S 70 -36.94 29.45 -47.61
C GLN S 70 -37.40 28.99 -46.23
N PRO S 71 -38.67 28.69 -46.06
CA PRO S 71 -39.13 28.14 -44.77
C PRO S 71 -39.19 26.62 -44.73
N TRP S 72 -39.53 26.09 -43.55
CA TRP S 72 -39.96 24.71 -43.35
C TRP S 72 -41.43 24.78 -42.96
N PRO S 73 -42.23 23.77 -43.27
CA PRO S 73 -43.69 23.92 -43.12
C PRO S 73 -44.22 24.06 -41.70
N VAL S 74 -43.37 24.11 -40.69
CA VAL S 74 -43.81 24.01 -39.31
C VAL S 74 -44.43 25.34 -38.88
N GLN S 75 -45.71 25.30 -38.51
CA GLN S 75 -46.40 26.31 -37.70
C GLN S 75 -46.69 27.60 -38.46
N SER S 76 -46.13 27.74 -39.65
CA SER S 76 -46.41 28.88 -40.53
C SER S 76 -46.34 30.23 -39.81
N ASP S 77 -45.64 30.30 -38.68
CA ASP S 77 -45.58 31.52 -37.88
C ASP S 77 -44.18 32.10 -37.86
N LYS S 78 -43.17 31.31 -37.45
CA LYS S 78 -41.79 31.79 -37.31
C LYS S 78 -40.88 30.86 -38.10
N ARG S 79 -40.67 31.14 -39.39
CA ARG S 79 -39.90 30.27 -40.26
C ARG S 79 -38.94 31.10 -41.10
N GLY S 80 -38.29 30.44 -42.06
CA GLY S 80 -37.34 31.10 -42.93
C GLY S 80 -35.92 30.53 -42.91
N ASP S 81 -35.25 30.51 -44.06
CA ASP S 81 -33.86 30.09 -44.17
C ASP S 81 -33.23 30.83 -45.33
N ILE S 82 -32.14 31.54 -45.08
CA ILE S 82 -31.44 32.29 -46.12
C ILE S 82 -30.87 31.34 -47.17
N VAL S 83 -31.21 31.59 -48.44
CA VAL S 83 -30.70 30.78 -49.53
C VAL S 83 -30.09 31.69 -50.61
N TYR S 84 -30.43 32.97 -50.56
CA TYR S 84 -29.92 33.92 -51.54
C TYR S 84 -30.20 35.34 -51.04
N ARG S 85 -29.19 36.19 -51.13
CA ARG S 85 -29.34 37.61 -50.83
C ARG S 85 -29.48 38.38 -52.14
N TYR S 86 -30.07 39.58 -52.07
CA TYR S 86 -30.32 40.38 -53.26
C TYR S 86 -29.33 41.54 -53.31
N THR S 87 -28.88 41.86 -54.52
CA THR S 87 -27.87 42.87 -54.78
C THR S 87 -28.55 44.22 -55.05
N GLN S 88 -27.75 45.29 -55.00
CA GLN S 88 -28.21 46.61 -55.44
C GLN S 88 -28.55 46.64 -56.92
N THR S 89 -28.34 45.54 -57.65
CA THR S 89 -28.65 45.44 -59.07
C THR S 89 -30.06 44.90 -59.32
N GLN S 90 -30.59 44.07 -58.42
CA GLN S 90 -31.87 43.41 -58.63
C GLN S 90 -32.94 43.77 -57.62
N VAL S 91 -32.59 44.40 -56.49
CA VAL S 91 -33.58 44.70 -55.46
C VAL S 91 -34.71 45.56 -56.02
N ASP S 92 -34.35 46.62 -56.75
CA ASP S 92 -35.33 47.50 -57.38
C ASP S 92 -35.64 47.11 -58.82
N TRP S 93 -34.87 46.16 -59.36
CA TRP S 93 -35.23 45.56 -60.64
C TRP S 93 -36.42 44.62 -60.51
N LEU S 94 -36.63 44.06 -59.30
CA LEU S 94 -37.83 43.30 -59.03
C LEU S 94 -39.03 44.17 -58.69
N LEU S 95 -39.01 45.46 -59.08
CA LEU S 95 -40.07 46.40 -58.79
C LEU S 95 -40.98 46.68 -59.99
N ARG S 96 -40.41 47.05 -61.14
CA ARG S 96 -41.23 47.37 -62.31
C ARG S 96 -42.10 46.20 -62.73
N LYS S 97 -41.56 44.99 -62.64
CA LYS S 97 -42.34 43.79 -62.96
C LYS S 97 -43.35 43.44 -61.86
N GLY S 98 -43.36 44.17 -60.76
CA GLY S 98 -44.45 44.07 -59.81
C GLY S 98 -44.51 42.77 -59.05
N LYS S 99 -43.46 41.95 -59.13
CA LYS S 99 -43.41 40.74 -58.32
C LYS S 99 -43.49 41.07 -56.84
N ILE S 100 -42.98 42.25 -56.46
CA ILE S 100 -43.21 42.84 -55.15
C ILE S 100 -43.39 44.34 -55.34
N THR S 101 -44.39 44.91 -54.66
CA THR S 101 -44.55 46.35 -54.60
C THR S 101 -44.00 46.86 -53.28
N GLN S 102 -43.34 48.02 -53.32
CA GLN S 102 -42.62 48.50 -52.16
C GLN S 102 -43.50 49.19 -51.13
N GLU S 103 -44.84 49.11 -51.27
CA GLU S 103 -45.68 49.67 -50.23
C GLU S 103 -45.65 48.87 -48.94
N PHE S 104 -45.06 47.68 -48.95
CA PHE S 104 -44.96 46.82 -47.78
C PHE S 104 -43.59 46.85 -47.14
N LEU S 105 -42.82 47.91 -47.37
CA LEU S 105 -41.52 48.09 -46.71
C LEU S 105 -41.39 49.38 -45.93
N THR S 106 -42.35 50.30 -46.02
CA THR S 106 -42.34 51.53 -45.24
C THR S 106 -43.76 51.92 -44.82
N GLY S 107 -44.75 51.12 -45.21
CA GLY S 107 -46.13 51.40 -44.87
C GLY S 107 -47.08 50.27 -45.23
MG MG T . 0.06 8.59 -10.17
MG MG U . 0.31 22.65 -7.00
MG MG V . -37.09 -14.56 -22.56
MG MG W . -1.67 27.64 -30.54
MG MG X . -17.11 -31.52 1.04
MG MG Y . -13.48 -41.67 -20.70
MG MG Z . -19.86 -37.69 -10.28
MG MG AA . -4.79 18.45 14.56
MG MG BA . -0.82 46.83 -17.88
MG MG CA . -46.82 -26.82 5.90
MG MG DA . -82.10 -38.78 17.25
MG MG EA . -16.85 -47.77 -24.23
MG MG FA . 7.28 36.35 4.31
MG MG GA . -31.32 -0.54 11.15
MG MG HA . -14.89 -33.57 -16.24
MG MG IA . -4.47 45.48 -22.38
MG MG JA . -3.07 62.36 -4.63
MG MG KA . -34.35 -15.22 41.22
MG MG LA . -4.76 -3.27 -43.23
MG MG MA . -1.80 44.24 -32.59
MG MG NA . 16.09 -5.28 21.43
MG MG OA . -35.97 -7.29 1.60
MG MG PA . -37.77 -18.94 -9.97
MG MG QA . -19.11 0.09 -50.88
ZN ZN RA . 55.06 -6.01 -11.24
ZN ZN SA . 38.05 -3.17 -11.11
ZN ZN TA . 14.54 -23.82 -19.84
ZN ZN UA . -17.43 -20.57 48.35
ZN ZN VA . 51.04 24.56 47.73
MG MG WA . 2.33 57.53 -22.56
#